data_1GT8
#
_entry.id   1GT8
#
_cell.length_a   82.030
_cell.length_b   159.530
_cell.length_c   166.020
_cell.angle_alpha   90.00
_cell.angle_beta   97.16
_cell.angle_gamma   90.00
#
_symmetry.space_group_name_H-M   'P 1 21 1'
#
loop_
_entity.id
_entity.type
_entity.pdbx_description
1 polymer 'DIHYDROPYRIMIDINE DEHYDROGENASE'
2 non-polymer 'IRON/SULFUR CLUSTER'
3 non-polymer 'FLAVIN MONONUCLEOTIDE'
4 non-polymer 'FLAVIN-ADENINE DINUCLEOTIDE'
5 non-polymer 'NADPH DIHYDRO-NICOTINAMIDE-ADENINE-DINUCLEOTIDE PHOSPHATE'
6 non-polymer 'URACIL-6-ACETIC ACID'
#
_entity_poly.entity_id   1
_entity_poly.type   'polypeptide(L)'
_entity_poly.pdbx_seq_one_letter_code
;MAPVLSKDVADIESILALNPRTQSHAALHSTLAKKLDKKHWKRNPDKNCFHCEKLENNFDDIKHTTLGERGALREAMRCL
KCADAPCQKSCPTHLDIKSFITSISNKNYYGAAKMIFSDNPLGLTCGMVCPTSDLCVGGCNLYATEEGSINIGGLQQFAS
EVFKAMNIPQIRNPCLPSQEKMPEAYSAKIALLGAGPASISCASFLARLGYSDITIFEKQEYVGGLSTSEIPQFRLPYDV
VNFEIELMKDLGVKIICGKSLSENEITLNTLKEEGYKAAFIGIGLPEPKTDDIFQGLTQDQGFYTSKDFLPLVAKSSKAG
MCACHSPLPSIRGAVIVLGAGDTAFDCATSALRCGARRVFLVFRKGFVNIRAVPEEVELAKEEKCEFLPFLSPRKVIVKG
GRIVAVQFVRTEQDETGKWNEDEDQIVHLKADVVISAFGSVLRDPKVKEALSPIKFNRWDLPEVDPETMQTSEPWVFAGG
DIVGMANTTVESVNDGKQASWYIHKYIQAQYGASVSAKPELPLFYTPVDLVDISVEMAGLKFINPFGLASAAPTTSSSMI
RRAFEAGWGFALTKTFSLDKDIVTNVSPRIVRGTTSGPMYGPGQSSFLNIELISEKTAAYWCQSVTELKADFPDNIVIAS
IMCSYNKNDWMELSRKAEASGADALELNLSCPHGMGERGMGLACGQDPELVRNICRWVRQAVQIPFFAKLTPNVTDIVSI
ARAAKEGGADGVTATNTVSGLMGLKADGTPWPAVGAGKRTTYGGVSGTAIRPIALRAVTTIARALPGFPILATGGIDSAE
SGLQFLHSGASVLQVCSAVQNQDFTVIQDYCTGLKALLYLKSIEELQGWDGQSPGTESHQKGKPVPRIAELMGKKLPNFG
PYLEQRKKIIAEEKMRLKEQNAAFPPLERKPFIPKKPIPAIKDVIGKALQYLGTFGELSNIEQVVAVIDEEMCINCGKCY
MTCNDSGYQAIQFDPETHLPTVTDTCTGCTLCLSVCPIIDCIRMVSRTTPYEPKRGLPLAVNPVC
;
_entity_poly.pdbx_strand_id   A,B,C,D
#
# COMPACT_ATOMS: atom_id res chain seq x y z
N ALA A 2 -5.97 25.02 50.07
CA ALA A 2 -5.31 23.98 49.23
C ALA A 2 -4.21 23.26 50.03
N PRO A 3 -4.57 22.19 50.77
CA PRO A 3 -3.58 21.43 51.57
C PRO A 3 -2.30 21.24 50.77
N VAL A 4 -1.24 20.71 51.37
CA VAL A 4 -0.03 20.51 50.57
C VAL A 4 -0.23 19.20 49.81
N LEU A 5 -0.46 19.34 48.51
CA LEU A 5 -0.73 18.21 47.64
C LEU A 5 0.35 17.16 47.54
N SER A 6 1.61 17.58 47.48
CA SER A 6 2.72 16.63 47.36
C SER A 6 3.26 16.12 48.69
N LYS A 7 2.37 15.88 49.64
CA LYS A 7 2.73 15.40 50.97
C LYS A 7 1.72 14.36 51.43
N ASP A 8 2.20 13.23 51.92
CA ASP A 8 1.30 12.19 52.41
C ASP A 8 0.56 12.69 53.65
N VAL A 9 -0.74 12.40 53.74
CA VAL A 9 -1.51 12.81 54.90
C VAL A 9 -1.21 11.82 56.04
N ALA A 10 -1.53 12.21 57.27
CA ALA A 10 -1.25 11.39 58.43
C ALA A 10 -1.60 9.91 58.24
N ASP A 11 -2.78 9.62 57.71
CA ASP A 11 -3.18 8.23 57.52
C ASP A 11 -2.26 7.45 56.58
N ILE A 12 -1.82 8.08 55.51
CA ILE A 12 -0.96 7.41 54.55
C ILE A 12 0.48 7.28 55.03
N GLU A 13 0.93 8.25 55.81
CA GLU A 13 2.29 8.20 56.34
C GLU A 13 2.34 7.01 57.29
N SER A 14 1.20 6.76 57.93
CA SER A 14 1.09 5.67 58.86
C SER A 14 1.11 4.33 58.12
N ILE A 15 0.47 4.29 56.96
CA ILE A 15 0.42 3.05 56.19
C ILE A 15 1.78 2.70 55.61
N LEU A 16 2.62 3.71 55.43
CA LEU A 16 3.97 3.54 54.87
C LEU A 16 5.01 3.29 55.95
N ALA A 17 4.55 3.18 57.19
CA ALA A 17 5.45 2.95 58.32
C ALA A 17 6.53 1.90 58.09
N LEU A 18 6.18 0.79 57.45
CA LEU A 18 7.14 -0.27 57.20
C LEU A 18 7.76 -0.25 55.80
N ASN A 19 7.42 0.77 55.02
CA ASN A 19 7.98 0.87 53.68
C ASN A 19 9.47 1.11 53.82
N PRO A 20 10.28 0.53 52.93
CA PRO A 20 11.73 0.73 53.02
C PRO A 20 12.22 2.14 52.72
N ARG A 21 13.14 2.62 53.56
CA ARG A 21 13.77 3.94 53.43
C ARG A 21 15.22 3.74 53.87
N THR A 22 16.18 4.23 53.10
CA THR A 22 17.59 4.03 53.48
C THR A 22 17.99 4.85 54.69
N GLN A 23 18.72 4.21 55.58
CA GLN A 23 19.20 4.84 56.81
C GLN A 23 20.41 5.76 56.65
N SER A 24 20.46 6.78 57.51
CA SER A 24 21.51 7.78 57.52
C SER A 24 22.62 7.44 58.48
N HIS A 25 22.30 6.63 59.49
CA HIS A 25 23.27 6.22 60.49
C HIS A 25 23.17 4.73 60.75
N ALA A 26 24.12 4.20 61.49
CA ALA A 26 24.12 2.77 61.83
C ALA A 26 23.06 2.52 62.88
N ALA A 27 22.53 1.31 62.89
CA ALA A 27 21.48 0.93 63.83
C ALA A 27 21.99 0.62 65.22
N LEU A 28 21.24 1.05 66.23
CA LEU A 28 21.60 0.77 67.61
C LEU A 28 20.56 -0.14 68.24
N HIS A 29 20.97 -1.37 68.54
CA HIS A 29 20.09 -2.36 69.15
C HIS A 29 20.92 -3.25 70.05
N SER A 30 20.69 -3.16 71.35
CA SER A 30 21.43 -3.95 72.31
C SER A 30 21.37 -5.43 71.97
N THR A 31 22.43 -6.15 72.34
CA THR A 31 22.50 -7.59 72.07
C THR A 31 21.34 -8.29 72.75
N LEU A 32 20.91 -7.76 73.88
CA LEU A 32 19.81 -8.35 74.62
C LEU A 32 18.51 -8.17 73.89
N ALA A 33 18.25 -6.93 73.48
CA ALA A 33 17.03 -6.61 72.76
C ALA A 33 16.90 -7.52 71.56
N LYS A 34 18.02 -7.79 70.91
CA LYS A 34 18.02 -8.66 69.76
C LYS A 34 17.57 -10.07 70.14
N LYS A 35 18.20 -10.63 71.16
CA LYS A 35 17.87 -11.98 71.63
C LYS A 35 16.37 -12.17 71.83
N LEU A 36 15.75 -11.23 72.54
CA LEU A 36 14.33 -11.33 72.83
C LEU A 36 13.47 -11.29 71.58
N ASP A 37 13.91 -10.51 70.60
CA ASP A 37 13.20 -10.28 69.34
C ASP A 37 13.36 -11.37 68.31
N LYS A 38 14.50 -12.03 68.32
CA LYS A 38 14.82 -13.08 67.38
C LYS A 38 13.78 -14.22 67.28
N LYS A 39 13.22 -14.63 68.42
CA LYS A 39 12.23 -15.73 68.46
C LYS A 39 10.89 -15.44 67.79
N HIS A 40 10.61 -14.17 67.52
CA HIS A 40 9.35 -13.80 66.90
C HIS A 40 9.30 -14.10 65.41
N TRP A 41 10.45 -14.14 64.75
CA TRP A 41 10.50 -14.42 63.32
C TRP A 41 11.02 -15.81 62.99
N LYS A 42 11.47 -16.56 64.00
CA LYS A 42 11.98 -17.91 63.76
C LYS A 42 11.11 -18.65 62.75
N ARG A 43 11.75 -19.15 61.71
CA ARG A 43 11.09 -19.87 60.64
C ARG A 43 11.41 -21.36 60.68
N ASN A 44 12.67 -21.67 60.93
CA ASN A 44 13.19 -23.02 60.98
C ASN A 44 13.32 -23.54 62.40
N PRO A 45 13.76 -24.80 62.57
CA PRO A 45 13.92 -25.42 63.88
C PRO A 45 14.84 -24.67 64.84
N ASP A 46 14.48 -24.74 66.14
CA ASP A 46 15.24 -24.11 67.23
C ASP A 46 16.26 -25.14 67.72
N LYS A 47 17.53 -24.93 67.42
CA LYS A 47 18.57 -25.87 67.82
C LYS A 47 18.59 -26.08 69.32
N ASN A 48 17.93 -25.18 70.04
CA ASN A 48 17.89 -25.26 71.48
C ASN A 48 16.64 -25.95 72.01
N CYS A 49 15.66 -26.17 71.16
CA CYS A 49 14.46 -26.83 71.62
C CYS A 49 14.71 -28.34 71.51
N PHE A 50 14.38 -29.06 72.57
CA PHE A 50 14.60 -30.51 72.64
C PHE A 50 13.38 -31.38 72.38
N HIS A 51 12.31 -30.80 71.86
CA HIS A 51 11.12 -31.61 71.57
C HIS A 51 10.34 -31.16 70.33
N CYS A 52 10.10 -32.12 69.44
CA CYS A 52 9.35 -31.89 68.20
C CYS A 52 7.86 -31.98 68.51
N GLU A 53 7.07 -31.10 67.88
CA GLU A 53 5.62 -31.09 68.08
C GLU A 53 5.10 -32.53 68.17
N LYS A 54 3.95 -32.72 68.81
CA LYS A 54 3.36 -34.04 68.94
C LYS A 54 2.90 -34.52 67.56
N LEU A 55 3.22 -35.76 67.22
CA LEU A 55 2.86 -36.31 65.92
C LEU A 55 1.87 -37.46 65.97
N GLU A 56 1.26 -37.68 67.13
CA GLU A 56 0.33 -38.79 67.25
C GLU A 56 -0.75 -38.74 66.17
N ASN A 57 -0.94 -39.86 65.49
CA ASN A 57 -1.92 -40.00 64.43
C ASN A 57 -1.78 -38.91 63.39
N ASN A 58 -0.56 -38.47 63.13
CA ASN A 58 -0.34 -37.42 62.14
C ASN A 58 0.39 -37.99 60.93
N PHE A 59 -0.39 -38.36 59.92
CA PHE A 59 0.21 -38.95 58.74
C PHE A 59 0.28 -38.04 57.55
N ASP A 60 0.56 -36.76 57.81
CA ASP A 60 0.67 -35.81 56.73
C ASP A 60 2.03 -36.03 56.09
N ASP A 61 2.14 -35.64 54.82
CA ASP A 61 3.36 -35.80 54.06
C ASP A 61 4.51 -35.03 54.68
N ILE A 62 5.60 -35.73 54.99
CA ILE A 62 6.76 -35.11 55.60
C ILE A 62 7.95 -35.00 54.68
N LYS A 63 7.81 -35.51 53.47
CA LYS A 63 8.87 -35.48 52.46
C LYS A 63 9.38 -34.05 52.25
N HIS A 64 10.70 -33.88 52.31
CA HIS A 64 11.29 -32.56 52.12
C HIS A 64 11.35 -32.20 50.64
N THR A 65 11.21 -33.18 49.77
CA THR A 65 11.29 -32.97 48.34
C THR A 65 10.01 -32.57 47.62
N THR A 66 8.84 -32.91 48.19
CA THR A 66 7.56 -32.56 47.56
C THR A 66 7.54 -31.13 47.02
N LEU A 67 7.17 -30.99 45.74
CA LEU A 67 7.13 -29.68 45.10
C LEU A 67 5.74 -29.27 44.65
N GLY A 68 5.53 -27.96 44.55
CA GLY A 68 4.26 -27.41 44.09
C GLY A 68 4.52 -26.96 42.67
N GLU A 69 3.53 -26.51 41.90
CA GLU A 69 3.86 -26.10 40.54
C GLU A 69 4.83 -24.95 40.48
N ARG A 70 4.57 -23.90 41.23
CA ARG A 70 5.47 -22.74 41.23
C ARG A 70 6.89 -23.21 41.44
N GLY A 71 7.11 -24.00 42.49
CA GLY A 71 8.44 -24.50 42.80
C GLY A 71 8.98 -25.48 41.77
N ALA A 72 8.12 -26.33 41.24
CA ALA A 72 8.55 -27.31 40.25
C ALA A 72 9.08 -26.59 39.03
N LEU A 73 8.41 -25.51 38.66
CA LEU A 73 8.83 -24.75 37.50
C LEU A 73 10.17 -24.08 37.67
N ARG A 74 10.53 -23.69 38.89
CA ARG A 74 11.84 -23.06 39.07
C ARG A 74 12.91 -24.10 38.90
N GLU A 75 12.81 -25.17 39.68
CA GLU A 75 13.77 -26.26 39.62
C GLU A 75 13.90 -26.79 38.21
N ALA A 76 12.77 -26.99 37.55
CA ALA A 76 12.77 -27.52 36.19
C ALA A 76 13.62 -26.65 35.30
N MET A 77 13.54 -25.34 35.53
CA MET A 77 14.30 -24.38 34.76
C MET A 77 15.76 -24.35 35.17
N ARG A 78 16.02 -24.70 36.42
CA ARG A 78 17.39 -24.69 36.95
C ARG A 78 18.21 -25.83 36.37
N CYS A 79 17.52 -26.91 36.03
CA CYS A 79 18.12 -28.10 35.46
C CYS A 79 18.88 -27.75 34.19
N LEU A 80 20.13 -28.21 34.07
CA LEU A 80 20.94 -27.92 32.89
C LEU A 80 20.49 -28.78 31.70
N LYS A 81 19.76 -29.86 31.99
CA LYS A 81 19.24 -30.74 30.95
C LYS A 81 20.41 -31.23 30.12
N CYS A 82 21.40 -31.76 30.84
CA CYS A 82 22.64 -32.26 30.31
C CYS A 82 22.62 -33.36 29.25
N ALA A 83 23.68 -33.42 28.46
CA ALA A 83 23.81 -34.42 27.42
C ALA A 83 24.36 -35.68 28.07
N ASP A 84 23.97 -36.85 27.56
CA ASP A 84 24.42 -38.13 28.14
C ASP A 84 24.39 -37.95 29.64
N ALA A 85 23.30 -37.39 30.14
CA ALA A 85 23.16 -37.11 31.56
C ALA A 85 23.53 -38.23 32.53
N PRO A 86 24.34 -37.90 33.55
CA PRO A 86 24.82 -38.83 34.57
C PRO A 86 23.75 -39.28 35.56
N CYS A 87 22.74 -38.45 35.77
CA CYS A 87 21.65 -38.75 36.68
C CYS A 87 20.83 -39.90 36.15
N GLN A 88 20.72 -39.97 34.82
CA GLN A 88 19.99 -41.03 34.16
C GLN A 88 20.76 -42.32 34.25
N LYS A 89 22.08 -42.19 34.18
CA LYS A 89 22.99 -43.34 34.28
C LYS A 89 22.94 -43.85 35.70
N SER A 90 22.65 -42.95 36.63
CA SER A 90 22.55 -43.29 38.03
C SER A 90 21.14 -43.77 38.39
N CYS A 91 20.21 -43.69 37.44
CA CYS A 91 18.85 -44.16 37.67
C CYS A 91 18.74 -45.61 37.25
N PRO A 92 18.23 -46.47 38.14
CA PRO A 92 18.09 -47.89 37.82
C PRO A 92 17.14 -48.23 36.67
N THR A 93 16.20 -47.34 36.38
CA THR A 93 15.25 -47.54 35.28
C THR A 93 15.60 -46.73 34.05
N HIS A 94 16.74 -46.08 34.10
CA HIS A 94 17.22 -45.30 32.98
C HIS A 94 16.25 -44.23 32.50
N LEU A 95 15.49 -43.63 33.41
CA LEU A 95 14.54 -42.58 33.04
C LEU A 95 15.23 -41.42 32.33
N ASP A 96 14.71 -41.02 31.16
CA ASP A 96 15.30 -39.90 30.44
C ASP A 96 14.95 -38.64 31.23
N ILE A 97 15.69 -38.41 32.30
CA ILE A 97 15.47 -37.25 33.15
C ILE A 97 15.59 -35.94 32.39
N LYS A 98 16.66 -35.77 31.63
CA LYS A 98 16.84 -34.55 30.84
C LYS A 98 15.54 -34.20 30.12
N SER A 99 14.99 -35.16 29.40
CA SER A 99 13.77 -34.94 28.65
C SER A 99 12.55 -34.62 29.50
N PHE A 100 12.26 -35.42 30.53
CA PHE A 100 11.06 -35.13 31.32
C PHE A 100 11.18 -33.86 32.14
N ILE A 101 12.40 -33.46 32.47
CA ILE A 101 12.57 -32.23 33.22
C ILE A 101 12.42 -31.08 32.24
N THR A 102 12.80 -31.32 30.99
CA THR A 102 12.69 -30.27 30.00
C THR A 102 11.23 -30.00 29.74
N SER A 103 10.43 -31.06 29.71
CA SER A 103 8.99 -30.94 29.46
C SER A 103 8.35 -30.18 30.62
N ILE A 104 8.85 -30.41 31.82
CA ILE A 104 8.28 -29.73 32.97
C ILE A 104 8.56 -28.26 32.87
N SER A 105 9.78 -27.89 32.54
CA SER A 105 10.12 -26.49 32.46
C SER A 105 9.28 -25.83 31.40
N ASN A 106 8.73 -26.62 30.48
CA ASN A 106 7.91 -26.07 29.42
C ASN A 106 6.44 -26.25 29.69
N LYS A 107 6.11 -26.53 30.94
CA LYS A 107 4.73 -26.69 31.33
C LYS A 107 4.01 -27.84 30.62
N ASN A 108 4.77 -28.78 30.08
CA ASN A 108 4.17 -29.92 29.40
C ASN A 108 4.21 -31.15 30.33
N TYR A 109 3.47 -31.07 31.41
CA TYR A 109 3.40 -32.13 32.42
C TYR A 109 3.04 -33.50 31.87
N TYR A 110 2.15 -33.56 30.89
CA TYR A 110 1.79 -34.84 30.29
C TYR A 110 3.02 -35.46 29.63
N GLY A 111 3.69 -34.68 28.78
CA GLY A 111 4.89 -35.17 28.13
C GLY A 111 5.87 -35.67 29.16
N ALA A 112 6.06 -34.91 30.23
CA ALA A 112 6.96 -35.28 31.33
C ALA A 112 6.50 -36.60 31.92
N ALA A 113 5.22 -36.65 32.27
CA ALA A 113 4.60 -37.82 32.86
C ALA A 113 4.73 -39.03 31.96
N LYS A 114 4.62 -38.81 30.65
CA LYS A 114 4.69 -39.88 29.68
C LYS A 114 6.08 -40.46 29.67
N MET A 115 7.07 -39.58 29.62
CA MET A 115 8.47 -39.99 29.59
C MET A 115 8.86 -40.86 30.78
N ILE A 116 8.48 -40.42 31.96
CA ILE A 116 8.76 -41.12 33.18
C ILE A 116 8.11 -42.49 33.17
N PHE A 117 6.82 -42.54 32.89
CA PHE A 117 6.13 -43.82 32.89
C PHE A 117 6.55 -44.71 31.76
N SER A 118 7.21 -44.16 30.75
CA SER A 118 7.62 -45.02 29.67
C SER A 118 8.68 -45.97 30.15
N ASP A 119 9.50 -45.52 31.11
CA ASP A 119 10.56 -46.36 31.66
C ASP A 119 10.35 -46.82 33.09
N ASN A 120 9.32 -46.29 33.75
CA ASN A 120 9.02 -46.66 35.13
C ASN A 120 7.51 -46.65 35.38
N PRO A 121 6.86 -47.81 35.26
CA PRO A 121 5.42 -47.91 35.47
C PRO A 121 5.00 -47.42 36.85
N LEU A 122 5.96 -47.38 37.77
CA LEU A 122 5.72 -46.92 39.13
C LEU A 122 6.35 -45.53 39.30
N GLY A 123 6.28 -44.72 38.24
CA GLY A 123 6.83 -43.37 38.27
C GLY A 123 6.45 -42.56 39.49
N LEU A 124 5.18 -42.38 39.73
CA LEU A 124 4.78 -41.59 40.88
C LEU A 124 5.34 -42.10 42.20
N THR A 125 5.33 -43.42 42.41
CA THR A 125 5.86 -43.95 43.66
C THR A 125 7.35 -43.67 43.79
N CYS A 126 8.12 -44.09 42.80
CA CYS A 126 9.56 -43.88 42.82
C CYS A 126 9.91 -42.45 43.11
N GLY A 127 9.19 -41.53 42.48
CA GLY A 127 9.48 -40.11 42.68
C GLY A 127 9.36 -39.65 44.12
N MET A 128 8.63 -40.42 44.92
CA MET A 128 8.43 -40.09 46.31
C MET A 128 9.36 -40.88 47.22
N VAL A 129 9.76 -42.06 46.79
CA VAL A 129 10.61 -42.86 47.65
C VAL A 129 12.03 -43.11 47.20
N CYS A 130 12.31 -43.01 45.93
CA CYS A 130 13.66 -43.27 45.52
C CYS A 130 14.63 -42.52 46.40
N PRO A 131 15.65 -43.21 46.92
CA PRO A 131 16.68 -42.61 47.78
C PRO A 131 17.68 -41.90 46.85
N THR A 132 17.13 -40.99 46.06
CA THR A 132 17.87 -40.21 45.08
C THR A 132 19.33 -39.88 45.44
N SER A 133 19.59 -39.56 46.71
CA SER A 133 20.90 -39.18 47.13
C SER A 133 21.88 -40.31 46.75
N ASP A 134 21.34 -41.50 46.74
CA ASP A 134 22.16 -42.65 46.44
C ASP A 134 22.01 -43.12 45.01
N LEU A 135 21.08 -42.50 44.28
CA LEU A 135 20.82 -42.86 42.89
C LEU A 135 21.03 -41.71 41.94
N CYS A 136 19.97 -41.35 41.24
CA CYS A 136 20.01 -40.31 40.25
C CYS A 136 20.70 -39.04 40.71
N VAL A 137 20.20 -38.46 41.79
CA VAL A 137 20.75 -37.23 42.33
C VAL A 137 22.23 -37.33 42.65
N GLY A 138 22.69 -38.55 42.88
CA GLY A 138 24.09 -38.77 43.23
C GLY A 138 25.07 -38.36 42.16
N GLY A 139 24.64 -38.41 40.91
CA GLY A 139 25.53 -38.03 39.84
C GLY A 139 25.17 -36.75 39.16
N CYS A 140 24.22 -36.00 39.73
CA CYS A 140 23.80 -34.74 39.14
C CYS A 140 24.93 -33.74 38.99
N ASN A 141 25.19 -33.33 37.76
CA ASN A 141 26.24 -32.36 37.48
C ASN A 141 26.09 -31.08 38.30
N LEU A 142 24.86 -30.64 38.52
CA LEU A 142 24.67 -29.42 39.29
C LEU A 142 25.14 -29.56 40.73
N TYR A 143 25.63 -30.73 41.11
CA TYR A 143 26.15 -30.91 42.45
C TYR A 143 27.41 -30.05 42.51
N ALA A 144 27.98 -29.81 41.34
CA ALA A 144 29.18 -29.02 41.24
C ALA A 144 28.93 -27.53 41.23
N THR A 145 27.82 -27.13 41.83
CA THR A 145 27.49 -25.70 41.93
C THR A 145 27.12 -25.45 43.37
N GLU A 146 27.26 -24.20 43.80
CA GLU A 146 26.93 -23.88 45.18
C GLU A 146 25.48 -24.23 45.49
N GLU A 147 24.59 -23.98 44.53
CA GLU A 147 23.18 -24.25 44.71
C GLU A 147 22.85 -25.73 44.87
N GLY A 148 23.67 -26.59 44.30
CA GLY A 148 23.45 -28.02 44.47
C GLY A 148 22.65 -28.77 43.42
N SER A 149 22.60 -30.09 43.60
CA SER A 149 21.92 -30.97 42.68
C SER A 149 20.41 -30.75 42.55
N ILE A 150 19.88 -31.12 41.38
CA ILE A 150 18.47 -30.98 41.06
C ILE A 150 17.59 -31.98 41.80
N ASN A 151 16.49 -31.51 42.35
CA ASN A 151 15.55 -32.35 43.07
C ASN A 151 14.80 -33.22 42.10
N ILE A 152 15.50 -34.11 41.44
CA ILE A 152 14.86 -34.97 40.45
C ILE A 152 13.62 -35.66 41.00
N GLY A 153 13.75 -36.25 42.17
CA GLY A 153 12.61 -36.94 42.75
C GLY A 153 11.36 -36.08 42.79
N GLY A 154 11.46 -34.89 43.38
CA GLY A 154 10.29 -34.02 43.46
C GLY A 154 9.76 -33.69 42.09
N LEU A 155 10.65 -33.38 41.17
CA LEU A 155 10.24 -33.04 39.82
C LEU A 155 9.45 -34.16 39.19
N GLN A 156 9.84 -35.40 39.46
CA GLN A 156 9.13 -36.55 38.92
C GLN A 156 7.77 -36.67 39.62
N GLN A 157 7.79 -36.50 40.94
CA GLN A 157 6.58 -36.60 41.73
C GLN A 157 5.54 -35.66 41.17
N PHE A 158 5.91 -34.39 41.04
CA PHE A 158 4.99 -33.40 40.52
C PHE A 158 4.38 -33.75 39.16
N ALA A 159 5.21 -33.98 38.16
CA ALA A 159 4.71 -34.31 36.83
C ALA A 159 3.78 -35.50 36.92
N SER A 160 4.16 -36.48 37.71
CA SER A 160 3.32 -37.66 37.86
C SER A 160 2.01 -37.29 38.50
N GLU A 161 2.08 -36.49 39.56
CA GLU A 161 0.90 -36.04 40.29
C GLU A 161 -0.09 -35.29 39.41
N VAL A 162 0.41 -34.40 38.56
CA VAL A 162 -0.47 -33.66 37.68
C VAL A 162 -1.12 -34.61 36.70
N PHE A 163 -0.35 -35.55 36.19
CA PHE A 163 -0.89 -36.51 35.24
C PHE A 163 -2.01 -37.33 35.88
N LYS A 164 -1.77 -37.76 37.10
CA LYS A 164 -2.76 -38.57 37.79
C LYS A 164 -4.04 -37.77 37.90
N ALA A 165 -3.91 -36.48 38.14
CA ALA A 165 -5.07 -35.61 38.29
C ALA A 165 -5.88 -35.53 37.02
N MET A 166 -5.19 -35.55 35.87
CA MET A 166 -5.88 -35.48 34.58
C MET A 166 -6.79 -36.67 34.33
N ASN A 167 -6.59 -37.75 35.08
CA ASN A 167 -7.41 -38.94 34.91
C ASN A 167 -7.49 -39.42 33.48
N ILE A 168 -6.34 -39.82 32.96
CA ILE A 168 -6.23 -40.34 31.61
C ILE A 168 -5.80 -41.79 31.75
N PRO A 169 -6.41 -42.68 30.96
CA PRO A 169 -6.06 -44.09 31.03
C PRO A 169 -4.90 -44.49 30.13
N GLN A 170 -4.36 -45.68 30.36
CA GLN A 170 -3.27 -46.18 29.54
C GLN A 170 -3.93 -46.97 28.42
N ILE A 171 -3.23 -47.09 27.29
CA ILE A 171 -3.77 -47.83 26.16
C ILE A 171 -2.59 -48.55 25.52
N ARG A 172 -2.85 -49.66 24.84
CA ARG A 172 -1.76 -50.41 24.20
C ARG A 172 -1.18 -49.62 23.02
N ASN A 173 0.09 -49.88 22.69
CA ASN A 173 0.75 -49.16 21.59
C ASN A 173 -0.19 -49.06 20.40
N PRO A 174 -0.63 -47.84 20.09
CA PRO A 174 -1.53 -47.66 18.95
C PRO A 174 -1.06 -48.24 17.61
N CYS A 175 0.20 -48.67 17.53
CA CYS A 175 0.72 -49.25 16.30
C CYS A 175 0.83 -50.77 16.33
N LEU A 176 0.22 -51.38 17.34
CA LEU A 176 0.19 -52.84 17.47
C LEU A 176 -1.01 -53.31 16.67
N PRO A 177 -0.95 -54.54 16.15
CA PRO A 177 -2.05 -55.08 15.36
C PRO A 177 -3.27 -55.22 16.27
N SER A 178 -4.46 -55.23 15.68
CA SER A 178 -5.67 -55.37 16.47
C SER A 178 -5.65 -56.69 17.25
N GLN A 179 -6.26 -56.69 18.43
CA GLN A 179 -6.28 -57.87 19.27
C GLN A 179 -6.42 -59.21 18.56
N GLU A 180 -7.42 -59.31 17.70
CA GLU A 180 -7.68 -60.55 16.97
C GLU A 180 -6.57 -60.94 15.99
N LYS A 181 -5.83 -59.93 15.50
CA LYS A 181 -4.78 -60.20 14.53
C LYS A 181 -3.42 -60.45 15.19
N MET A 182 -3.42 -60.59 16.50
CA MET A 182 -2.19 -60.86 17.22
C MET A 182 -1.92 -62.35 17.16
N PRO A 183 -0.65 -62.74 16.91
CA PRO A 183 -0.25 -64.14 16.82
C PRO A 183 -0.77 -64.97 18.01
N GLU A 184 -0.76 -66.29 17.87
CA GLU A 184 -1.25 -67.16 18.94
C GLU A 184 -0.39 -66.93 20.16
N ALA A 185 0.92 -67.06 19.98
CA ALA A 185 1.86 -66.90 21.07
C ALA A 185 1.44 -65.93 22.19
N TYR A 186 0.92 -64.77 21.82
CA TYR A 186 0.53 -63.77 22.81
C TYR A 186 -0.65 -64.10 23.69
N SER A 187 -1.31 -65.21 23.43
CA SER A 187 -2.44 -65.57 24.26
C SER A 187 -2.00 -66.53 25.37
N ALA A 188 -0.70 -66.80 25.40
CA ALA A 188 -0.13 -67.71 26.38
C ALA A 188 -0.52 -67.26 27.77
N LYS A 189 -0.79 -68.21 28.65
CA LYS A 189 -1.16 -67.91 30.02
C LYS A 189 0.08 -67.59 30.84
N ILE A 190 0.20 -66.34 31.26
CA ILE A 190 1.35 -65.94 32.07
C ILE A 190 0.91 -65.73 33.50
N ALA A 191 1.80 -66.06 34.43
CA ALA A 191 1.47 -65.91 35.84
C ALA A 191 2.60 -65.28 36.63
N LEU A 192 2.23 -64.39 37.55
CA LEU A 192 3.22 -63.74 38.39
C LEU A 192 2.79 -63.87 39.84
N LEU A 193 3.75 -64.19 40.70
CA LEU A 193 3.49 -64.36 42.12
C LEU A 193 3.88 -63.11 42.88
N GLY A 194 2.96 -62.58 43.67
CA GLY A 194 3.20 -61.37 44.45
C GLY A 194 2.86 -60.12 43.66
N ALA A 195 1.92 -59.31 44.14
CA ALA A 195 1.57 -58.09 43.43
C ALA A 195 2.40 -56.95 43.97
N GLY A 196 3.71 -57.10 43.84
CA GLY A 196 4.64 -56.09 44.31
C GLY A 196 5.30 -55.38 43.14
N PRO A 197 5.95 -54.24 43.38
CA PRO A 197 6.62 -53.48 42.34
C PRO A 197 7.26 -54.30 41.24
N ALA A 198 8.00 -55.35 41.62
CA ALA A 198 8.65 -56.20 40.63
C ALA A 198 7.60 -56.75 39.66
N SER A 199 6.62 -57.45 40.20
CA SER A 199 5.56 -58.04 39.40
C SER A 199 4.76 -56.99 38.66
N ILE A 200 4.36 -55.94 39.37
CA ILE A 200 3.58 -54.88 38.76
C ILE A 200 4.28 -54.32 37.52
N SER A 201 5.58 -54.07 37.63
CA SER A 201 6.35 -53.55 36.52
C SER A 201 6.33 -54.58 35.42
N CYS A 202 6.79 -55.78 35.74
CA CYS A 202 6.84 -56.86 34.79
C CYS A 202 5.55 -57.10 33.99
N ALA A 203 4.47 -57.41 34.68
CA ALA A 203 3.20 -57.66 34.01
C ALA A 203 2.89 -56.52 33.06
N SER A 204 3.12 -55.30 33.52
CA SER A 204 2.85 -54.10 32.72
C SER A 204 3.56 -54.15 31.39
N PHE A 205 4.87 -54.34 31.41
CA PHE A 205 5.63 -54.39 30.18
C PHE A 205 5.14 -55.55 29.34
N LEU A 206 4.92 -56.70 29.98
CA LEU A 206 4.43 -57.86 29.25
C LEU A 206 3.15 -57.46 28.52
N ALA A 207 2.24 -56.79 29.22
CA ALA A 207 0.99 -56.34 28.64
C ALA A 207 1.21 -55.31 27.53
N ARG A 208 2.27 -54.52 27.66
CA ARG A 208 2.56 -53.53 26.64
C ARG A 208 2.94 -54.24 25.37
N LEU A 209 3.66 -55.35 25.50
CA LEU A 209 4.09 -56.11 24.34
C LEU A 209 2.93 -56.75 23.56
N GLY A 210 1.77 -56.89 24.20
CA GLY A 210 0.63 -57.48 23.53
C GLY A 210 -0.02 -58.67 24.21
N TYR A 211 0.71 -59.32 25.12
CA TYR A 211 0.19 -60.49 25.83
C TYR A 211 -1.16 -60.23 26.49
N SER A 212 -2.14 -61.08 26.19
CA SER A 212 -3.49 -60.93 26.71
C SER A 212 -3.92 -61.77 27.90
N ASP A 213 -3.06 -62.68 28.36
CA ASP A 213 -3.42 -63.50 29.50
C ASP A 213 -2.39 -63.42 30.63
N ILE A 214 -2.42 -62.32 31.38
CA ILE A 214 -1.49 -62.12 32.48
C ILE A 214 -2.24 -62.03 33.80
N THR A 215 -1.87 -62.89 34.74
CA THR A 215 -2.54 -62.91 36.03
C THR A 215 -1.54 -62.87 37.18
N ILE A 216 -1.77 -61.99 38.15
CA ILE A 216 -0.87 -61.88 39.30
C ILE A 216 -1.53 -62.50 40.53
N PHE A 217 -0.82 -63.40 41.19
CA PHE A 217 -1.36 -64.06 42.37
C PHE A 217 -0.79 -63.48 43.64
N GLU A 218 -1.58 -62.62 44.28
CA GLU A 218 -1.16 -61.99 45.51
C GLU A 218 -1.62 -62.76 46.73
N LYS A 219 -0.72 -62.93 47.68
CA LYS A 219 -1.03 -63.64 48.91
C LYS A 219 -2.04 -62.90 49.76
N GLN A 220 -1.70 -61.69 50.18
CA GLN A 220 -2.58 -60.89 51.03
C GLN A 220 -3.87 -60.45 50.35
N GLU A 221 -4.68 -59.67 51.06
CA GLU A 221 -5.95 -59.17 50.53
C GLU A 221 -5.75 -57.79 49.91
N TYR A 222 -4.53 -57.26 50.04
CA TYR A 222 -4.15 -55.94 49.52
C TYR A 222 -3.07 -56.02 48.44
N VAL A 223 -3.04 -55.05 47.55
CA VAL A 223 -2.06 -55.02 46.48
C VAL A 223 -1.00 -53.94 46.67
N GLY A 224 0.09 -54.04 45.91
CA GLY A 224 1.14 -53.05 46.00
C GLY A 224 2.38 -53.47 46.76
N GLY A 225 2.34 -54.62 47.42
CA GLY A 225 3.51 -55.07 48.15
C GLY A 225 4.00 -54.10 49.20
N LEU A 226 5.26 -54.24 49.60
CA LEU A 226 5.83 -53.37 50.63
C LEU A 226 5.35 -51.94 50.55
N SER A 227 5.29 -51.39 49.35
CA SER A 227 4.86 -50.02 49.13
C SER A 227 3.53 -49.75 49.78
N THR A 228 2.80 -50.81 50.11
CA THR A 228 1.52 -50.68 50.77
C THR A 228 1.63 -51.14 52.21
N SER A 229 2.14 -52.34 52.42
CA SER A 229 2.25 -52.91 53.76
C SER A 229 3.24 -52.30 54.74
N GLU A 230 4.28 -51.64 54.26
CA GLU A 230 5.23 -51.06 55.21
C GLU A 230 5.66 -49.60 55.07
N ILE A 231 6.00 -49.13 53.86
CA ILE A 231 6.40 -47.74 53.71
C ILE A 231 5.32 -46.83 54.27
N PRO A 232 5.68 -45.92 55.20
CA PRO A 232 4.76 -44.98 55.84
C PRO A 232 3.90 -44.11 54.94
N GLN A 233 2.64 -43.91 55.38
CA GLN A 233 1.69 -43.09 54.65
C GLN A 233 2.20 -41.67 54.56
N PHE A 234 2.99 -41.25 55.53
CA PHE A 234 3.51 -39.91 55.47
C PHE A 234 4.70 -39.76 54.53
N ARG A 235 5.06 -40.83 53.85
CA ARG A 235 6.15 -40.78 52.89
C ARG A 235 5.59 -41.12 51.52
N LEU A 236 4.69 -42.09 51.47
CA LEU A 236 4.07 -42.52 50.23
C LEU A 236 2.60 -42.87 50.45
N PRO A 237 1.68 -41.96 50.05
CA PRO A 237 0.23 -42.12 50.19
C PRO A 237 -0.29 -43.34 49.44
N TYR A 238 -1.09 -44.17 50.10
CA TYR A 238 -1.60 -45.37 49.46
C TYR A 238 -2.38 -45.08 48.18
N ASP A 239 -2.99 -43.91 48.06
CA ASP A 239 -3.72 -43.74 46.84
C ASP A 239 -2.84 -43.55 45.62
N VAL A 240 -1.53 -43.44 45.84
CA VAL A 240 -0.58 -43.32 44.73
C VAL A 240 -0.42 -44.75 44.22
N VAL A 241 -0.34 -45.69 45.15
CA VAL A 241 -0.17 -47.06 44.74
C VAL A 241 -1.35 -47.47 43.89
N ASN A 242 -2.56 -47.24 44.38
CA ASN A 242 -3.73 -47.62 43.61
C ASN A 242 -3.72 -47.00 42.23
N PHE A 243 -3.28 -45.75 42.15
CA PHE A 243 -3.21 -45.06 40.87
C PHE A 243 -2.42 -45.87 39.86
N GLU A 244 -1.21 -46.24 40.23
CA GLU A 244 -0.36 -46.99 39.34
C GLU A 244 -0.87 -48.38 39.04
N ILE A 245 -1.52 -49.01 40.02
CA ILE A 245 -2.05 -50.36 39.80
C ILE A 245 -3.15 -50.27 38.74
N GLU A 246 -4.02 -49.29 38.88
CA GLU A 246 -5.09 -49.12 37.92
C GLU A 246 -4.54 -48.93 36.52
N LEU A 247 -3.50 -48.10 36.39
CA LEU A 247 -2.89 -47.87 35.09
C LEU A 247 -2.49 -49.19 34.45
N MET A 248 -2.08 -50.15 35.27
CA MET A 248 -1.68 -51.46 34.78
C MET A 248 -2.91 -52.20 34.26
N LYS A 249 -3.94 -52.24 35.09
CA LYS A 249 -5.17 -52.91 34.74
C LYS A 249 -5.71 -52.42 33.42
N ASP A 250 -5.57 -51.12 33.14
CA ASP A 250 -6.03 -50.59 31.86
C ASP A 250 -5.49 -51.43 30.71
N LEU A 251 -4.38 -52.13 30.96
CA LEU A 251 -3.79 -52.96 29.91
C LEU A 251 -4.23 -54.42 30.00
N GLY A 252 -5.26 -54.66 30.79
CA GLY A 252 -5.77 -56.02 30.90
C GLY A 252 -5.19 -56.92 31.96
N VAL A 253 -4.07 -56.58 32.55
CA VAL A 253 -3.49 -57.42 33.59
C VAL A 253 -4.52 -57.74 34.67
N LYS A 254 -4.52 -58.97 35.16
CA LYS A 254 -5.46 -59.42 36.17
C LYS A 254 -4.78 -59.76 37.50
N ILE A 255 -5.40 -59.34 38.58
CA ILE A 255 -4.88 -59.59 39.92
C ILE A 255 -5.90 -60.35 40.74
N ILE A 256 -5.43 -61.40 41.40
CA ILE A 256 -6.28 -62.22 42.25
C ILE A 256 -5.66 -62.35 43.63
N CYS A 257 -6.27 -61.70 44.62
CA CYS A 257 -5.75 -61.78 45.97
C CYS A 257 -6.29 -63.02 46.64
N GLY A 258 -5.59 -63.50 47.66
CA GLY A 258 -6.04 -64.67 48.36
C GLY A 258 -5.36 -65.93 47.93
N LYS A 259 -4.54 -65.82 46.89
CA LYS A 259 -3.83 -66.98 46.39
C LYS A 259 -2.37 -66.87 46.79
N SER A 260 -1.80 -67.97 47.24
CA SER A 260 -0.44 -67.94 47.69
C SER A 260 0.44 -68.98 47.03
N LEU A 261 1.74 -68.71 47.00
CA LEU A 261 2.71 -69.62 46.39
C LEU A 261 3.26 -70.49 47.50
N SER A 262 2.57 -71.60 47.75
CA SER A 262 2.97 -72.51 48.80
C SER A 262 2.74 -73.93 48.41
N GLU A 263 3.55 -74.79 49.02
CA GLU A 263 3.45 -76.20 48.76
C GLU A 263 2.04 -76.78 48.83
N ASN A 264 1.07 -76.00 49.29
CA ASN A 264 -0.31 -76.52 49.38
C ASN A 264 -1.26 -76.07 48.28
N GLU A 265 -0.98 -74.90 47.75
CA GLU A 265 -1.84 -74.29 46.76
C GLU A 265 -1.22 -74.00 45.42
N ILE A 266 -0.46 -72.91 45.34
CA ILE A 266 0.14 -72.59 44.08
C ILE A 266 1.60 -72.99 44.04
N THR A 267 1.95 -73.72 43.00
CA THR A 267 3.31 -74.18 42.82
C THR A 267 3.65 -74.23 41.36
N LEU A 268 4.95 -74.17 41.08
CA LEU A 268 5.40 -74.20 39.71
C LEU A 268 4.73 -75.36 38.97
N ASN A 269 4.57 -76.49 39.64
CA ASN A 269 3.96 -77.65 39.00
C ASN A 269 2.48 -77.47 38.72
N THR A 270 1.75 -76.94 39.69
CA THR A 270 0.33 -76.73 39.51
C THR A 270 0.12 -75.78 38.34
N LEU A 271 1.00 -74.79 38.24
CA LEU A 271 0.91 -73.81 37.17
C LEU A 271 1.20 -74.46 35.83
N LYS A 272 2.28 -75.23 35.77
CA LYS A 272 2.63 -75.91 34.54
C LYS A 272 1.47 -76.81 34.15
N GLU A 273 1.03 -77.61 35.11
CA GLU A 273 -0.09 -78.51 34.83
C GLU A 273 -1.33 -77.75 34.39
N GLU A 274 -1.51 -76.53 34.88
CA GLU A 274 -2.67 -75.74 34.50
C GLU A 274 -2.55 -75.11 33.11
N GLY A 275 -1.38 -75.24 32.50
CA GLY A 275 -1.20 -74.69 31.17
C GLY A 275 -0.45 -73.38 31.02
N TYR A 276 0.06 -72.84 32.14
CA TYR A 276 0.81 -71.58 32.11
C TYR A 276 2.14 -71.81 31.42
N LYS A 277 2.43 -70.97 30.42
CA LYS A 277 3.67 -71.09 29.65
C LYS A 277 4.91 -70.45 30.28
N ALA A 278 4.70 -69.49 31.18
CA ALA A 278 5.81 -68.80 31.85
C ALA A 278 5.35 -68.15 33.13
N ALA A 279 6.24 -68.08 34.11
CA ALA A 279 5.88 -67.47 35.38
C ALA A 279 7.02 -66.66 35.96
N PHE A 280 6.63 -65.53 36.55
CA PHE A 280 7.58 -64.60 37.16
C PHE A 280 7.40 -64.57 38.68
N ILE A 281 8.46 -64.86 39.40
CA ILE A 281 8.38 -64.86 40.85
C ILE A 281 8.76 -63.51 41.42
N GLY A 282 7.86 -62.91 42.17
CA GLY A 282 8.15 -61.62 42.74
C GLY A 282 7.44 -61.53 44.07
N ILE A 283 7.81 -62.40 45.00
CA ILE A 283 7.19 -62.43 46.31
C ILE A 283 8.03 -61.71 47.34
N GLY A 284 9.23 -61.31 46.95
CA GLY A 284 10.09 -60.61 47.89
C GLY A 284 10.58 -61.47 49.05
N LEU A 285 10.77 -60.83 50.20
CA LEU A 285 11.24 -61.49 51.39
C LEU A 285 10.16 -61.27 52.44
N PRO A 286 9.13 -62.12 52.42
CA PRO A 286 7.94 -62.14 53.26
C PRO A 286 8.11 -62.30 54.76
N GLU A 287 9.23 -62.85 55.22
CA GLU A 287 9.39 -63.03 56.65
C GLU A 287 10.44 -62.15 57.26
N PRO A 288 10.27 -61.80 58.54
CA PRO A 288 11.19 -60.95 59.28
C PRO A 288 12.38 -61.75 59.77
N LYS A 289 13.53 -61.12 59.86
CA LYS A 289 14.71 -61.80 60.34
C LYS A 289 14.59 -61.83 61.85
N THR A 290 14.45 -63.04 62.39
CA THR A 290 14.27 -63.25 63.81
C THR A 290 15.59 -63.53 64.52
N ASP A 291 15.60 -63.33 65.84
CA ASP A 291 16.77 -63.61 66.64
C ASP A 291 16.30 -64.37 67.85
N ASP A 292 17.15 -65.24 68.37
CA ASP A 292 16.83 -66.05 69.51
C ASP A 292 16.36 -65.23 70.71
N ILE A 293 17.13 -64.22 71.09
CA ILE A 293 16.79 -63.40 72.24
C ILE A 293 15.37 -62.87 72.28
N PHE A 294 14.64 -62.99 71.18
CA PHE A 294 13.26 -62.48 71.13
C PHE A 294 12.25 -63.62 71.13
N GLN A 295 12.73 -64.80 71.45
CA GLN A 295 11.90 -66.00 71.49
C GLN A 295 10.81 -65.88 72.55
N GLY A 296 9.59 -66.21 72.17
CA GLY A 296 8.48 -66.18 73.11
C GLY A 296 7.80 -64.84 73.33
N LEU A 297 8.50 -63.74 73.06
CA LEU A 297 7.93 -62.41 73.24
C LEU A 297 6.75 -62.21 72.31
N THR A 298 5.73 -61.49 72.79
CA THR A 298 4.55 -61.22 71.98
C THR A 298 4.21 -59.74 71.96
N GLN A 299 3.31 -59.36 71.07
CA GLN A 299 2.90 -57.96 70.94
C GLN A 299 2.32 -57.41 72.23
N ASP A 300 1.54 -58.23 72.92
CA ASP A 300 0.93 -57.79 74.17
C ASP A 300 1.99 -57.39 75.18
N GLN A 301 3.15 -58.02 75.10
CA GLN A 301 4.24 -57.70 76.04
C GLN A 301 4.92 -56.43 75.58
N GLY A 302 4.82 -56.15 74.30
CA GLY A 302 5.43 -54.95 73.75
C GLY A 302 6.52 -55.25 72.75
N PHE A 303 6.44 -56.39 72.08
CA PHE A 303 7.46 -56.73 71.10
C PHE A 303 6.92 -56.91 69.70
N TYR A 304 7.64 -56.35 68.72
CA TYR A 304 7.27 -56.47 67.33
C TYR A 304 8.52 -56.53 66.48
N THR A 305 8.35 -56.94 65.23
CA THR A 305 9.44 -56.98 64.28
C THR A 305 8.87 -56.07 63.21
N SER A 306 9.73 -55.39 62.45
CA SER A 306 9.23 -54.49 61.44
C SER A 306 8.03 -55.10 60.73
N LYS A 307 8.16 -56.37 60.37
CA LYS A 307 7.10 -57.09 59.66
C LYS A 307 5.79 -57.21 60.44
N ASP A 308 5.85 -56.98 61.74
CA ASP A 308 4.67 -57.06 62.56
C ASP A 308 4.08 -55.67 62.75
N PHE A 309 4.95 -54.76 63.17
CA PHE A 309 4.56 -53.40 63.45
C PHE A 309 4.10 -52.56 62.26
N LEU A 310 5.00 -52.29 61.33
CA LEU A 310 4.66 -51.45 60.18
C LEU A 310 3.37 -51.79 59.47
N PRO A 311 3.10 -53.08 59.23
CA PRO A 311 1.85 -53.43 58.54
C PRO A 311 0.62 -53.04 59.33
N LEU A 312 0.75 -53.00 60.66
CA LEU A 312 -0.38 -52.61 61.50
C LEU A 312 -0.70 -51.13 61.30
N VAL A 313 0.32 -50.29 61.44
CA VAL A 313 0.18 -48.85 61.27
C VAL A 313 -0.29 -48.57 59.85
N ALA A 314 0.18 -49.38 58.91
CA ALA A 314 -0.21 -49.22 57.51
C ALA A 314 -1.70 -49.42 57.41
N LYS A 315 -2.16 -50.64 57.69
CA LYS A 315 -3.58 -50.96 57.63
C LYS A 315 -4.44 -49.91 58.33
N SER A 316 -3.90 -49.33 59.39
CA SER A 316 -4.65 -48.34 60.13
C SER A 316 -4.64 -46.94 59.55
N SER A 317 -3.52 -46.53 58.96
CA SER A 317 -3.38 -45.18 58.41
C SER A 317 -3.68 -45.05 56.92
N LYS A 318 -3.72 -46.16 56.19
CA LYS A 318 -3.98 -46.11 54.76
C LYS A 318 -5.38 -46.51 54.36
N ALA A 319 -6.21 -45.50 54.15
CA ALA A 319 -7.60 -45.70 53.77
C ALA A 319 -7.63 -46.30 52.39
N GLY A 320 -8.26 -47.45 52.23
CA GLY A 320 -8.32 -48.05 50.89
C GLY A 320 -7.49 -49.31 50.75
N MET A 321 -6.70 -49.61 51.78
CA MET A 321 -5.86 -50.79 51.80
C MET A 321 -6.77 -51.94 52.27
N CYS A 322 -7.02 -51.97 53.57
CA CYS A 322 -7.91 -52.97 54.17
C CYS A 322 -9.30 -52.38 54.19
N ALA A 323 -10.30 -53.20 53.89
CA ALA A 323 -11.66 -52.70 53.93
C ALA A 323 -11.98 -52.60 55.41
N CYS A 324 -11.46 -53.54 56.18
CA CYS A 324 -11.69 -53.60 57.62
C CYS A 324 -11.19 -52.37 58.35
N HIS A 325 -11.79 -52.09 59.51
CA HIS A 325 -11.37 -50.98 60.35
C HIS A 325 -10.21 -51.56 61.16
N SER A 326 -9.07 -50.87 61.14
CA SER A 326 -7.90 -51.34 61.87
C SER A 326 -7.46 -50.37 62.95
N PRO A 327 -7.24 -50.89 64.15
CA PRO A 327 -6.82 -50.07 65.28
C PRO A 327 -5.38 -49.60 65.14
N LEU A 328 -5.15 -48.35 65.53
CA LEU A 328 -3.81 -47.78 65.49
C LEU A 328 -3.14 -48.31 66.75
N PRO A 329 -2.09 -49.13 66.58
CA PRO A 329 -1.38 -49.70 67.72
C PRO A 329 -1.19 -48.69 68.84
N SER A 330 -1.48 -49.09 70.08
CA SER A 330 -1.29 -48.15 71.18
C SER A 330 0.09 -48.36 71.78
N ILE A 331 1.01 -47.50 71.35
CA ILE A 331 2.37 -47.55 71.82
C ILE A 331 2.61 -46.34 72.69
N ARG A 332 2.76 -46.59 73.99
CA ARG A 332 3.00 -45.53 74.97
C ARG A 332 4.26 -45.85 75.77
N GLY A 333 5.05 -44.83 76.07
CA GLY A 333 6.26 -45.06 76.83
C GLY A 333 7.48 -44.99 75.93
N ALA A 334 8.63 -45.42 76.42
CA ALA A 334 9.85 -45.39 75.64
C ALA A 334 9.88 -46.55 74.67
N VAL A 335 10.13 -46.24 73.40
CA VAL A 335 10.19 -47.26 72.37
C VAL A 335 11.64 -47.48 72.01
N ILE A 336 12.00 -48.72 71.76
CA ILE A 336 13.36 -49.03 71.38
C ILE A 336 13.36 -49.77 70.04
N VAL A 337 13.93 -49.16 69.02
CA VAL A 337 14.03 -49.77 67.70
C VAL A 337 15.43 -50.34 67.58
N LEU A 338 15.51 -51.65 67.40
CA LEU A 338 16.82 -52.26 67.29
C LEU A 338 17.22 -52.30 65.82
N GLY A 339 18.34 -51.66 65.50
CA GLY A 339 18.81 -51.64 64.13
C GLY A 339 18.97 -50.23 63.59
N ALA A 340 19.77 -50.10 62.53
CA ALA A 340 20.01 -48.80 61.93
C ALA A 340 19.77 -48.93 60.43
N GLY A 341 18.98 -49.92 60.05
CA GLY A 341 18.67 -50.11 58.65
C GLY A 341 17.71 -49.02 58.29
N ASP A 342 17.33 -48.88 57.04
CA ASP A 342 16.41 -47.82 56.72
C ASP A 342 15.01 -48.12 57.27
N THR A 343 14.68 -49.40 57.41
CA THR A 343 13.39 -49.76 57.94
C THR A 343 13.34 -49.36 59.40
N ALA A 344 14.44 -49.56 60.12
CA ALA A 344 14.50 -49.18 61.52
C ALA A 344 13.98 -47.76 61.66
N PHE A 345 14.35 -46.88 60.74
CA PHE A 345 13.92 -45.49 60.81
C PHE A 345 12.45 -45.24 60.52
N ASP A 346 11.85 -46.05 59.67
CA ASP A 346 10.42 -45.90 59.39
C ASP A 346 9.69 -46.35 60.65
N CYS A 347 10.30 -47.29 61.36
CA CYS A 347 9.71 -47.78 62.60
C CYS A 347 9.74 -46.68 63.65
N ALA A 348 10.88 -46.01 63.77
CA ALA A 348 11.00 -44.93 64.74
C ALA A 348 9.96 -43.85 64.47
N THR A 349 9.97 -43.30 63.27
CA THR A 349 9.03 -42.26 62.90
C THR A 349 7.59 -42.73 63.06
N SER A 350 7.30 -43.94 62.58
CA SER A 350 5.95 -44.46 62.71
C SER A 350 5.55 -44.57 64.17
N ALA A 351 6.44 -45.10 64.99
CA ALA A 351 6.16 -45.28 66.42
C ALA A 351 5.62 -44.00 67.01
N LEU A 352 6.23 -42.88 66.65
CA LEU A 352 5.77 -41.58 67.17
C LEU A 352 4.31 -41.35 66.83
N ARG A 353 3.91 -41.75 65.64
CA ARG A 353 2.53 -41.59 65.20
C ARG A 353 1.58 -42.42 66.04
N CYS A 354 2.09 -43.48 66.67
CA CYS A 354 1.23 -44.31 67.48
C CYS A 354 1.11 -43.80 68.89
N GLY A 355 1.86 -42.75 69.22
CA GLY A 355 1.77 -42.20 70.55
C GLY A 355 2.99 -42.38 71.44
N ALA A 356 4.04 -42.96 70.87
CA ALA A 356 5.25 -43.18 71.62
C ALA A 356 5.67 -41.91 72.35
N ARG A 357 6.11 -42.06 73.59
CA ARG A 357 6.54 -40.89 74.32
C ARG A 357 7.99 -40.54 73.94
N ARG A 358 8.81 -41.55 73.73
CA ARG A 358 10.21 -41.37 73.36
C ARG A 358 10.62 -42.52 72.47
N VAL A 359 11.53 -42.29 71.52
CA VAL A 359 11.98 -43.40 70.69
C VAL A 359 13.49 -43.42 70.55
N PHE A 360 14.09 -44.57 70.85
CA PHE A 360 15.54 -44.73 70.79
C PHE A 360 15.92 -45.68 69.69
N LEU A 361 16.86 -45.26 68.85
CA LEU A 361 17.32 -46.14 67.79
C LEU A 361 18.65 -46.62 68.35
N VAL A 362 18.76 -47.93 68.53
CA VAL A 362 19.94 -48.56 69.07
C VAL A 362 20.53 -49.55 68.07
N PHE A 363 21.74 -49.27 67.61
CA PHE A 363 22.43 -50.12 66.65
C PHE A 363 23.73 -50.65 67.24
N ARG A 364 24.19 -51.78 66.73
CA ARG A 364 25.40 -52.40 67.23
C ARG A 364 26.71 -51.81 66.74
N LYS A 365 26.65 -50.83 65.85
CA LYS A 365 27.88 -50.21 65.36
C LYS A 365 27.91 -48.73 65.62
N GLY A 366 28.78 -48.01 64.93
CA GLY A 366 28.87 -46.59 65.13
C GLY A 366 27.94 -45.76 64.27
N PHE A 367 27.98 -44.45 64.48
CA PHE A 367 27.16 -43.55 63.72
C PHE A 367 27.60 -43.58 62.27
N VAL A 368 28.91 -43.64 62.07
CA VAL A 368 29.49 -43.67 60.73
C VAL A 368 29.08 -44.94 60.00
N ASN A 369 28.66 -45.93 60.75
CA ASN A 369 28.28 -47.22 60.18
C ASN A 369 26.81 -47.35 59.76
N ILE A 370 25.99 -46.34 60.06
CA ILE A 370 24.58 -46.38 59.66
C ILE A 370 24.56 -46.35 58.14
N ARG A 371 23.92 -47.36 57.55
CA ARG A 371 23.86 -47.47 56.10
C ARG A 371 22.55 -47.03 55.48
N ALA A 372 21.68 -46.42 56.27
CA ALA A 372 20.41 -45.94 55.74
C ALA A 372 20.69 -44.65 54.99
N VAL A 373 19.94 -44.38 53.94
CA VAL A 373 20.18 -43.14 53.20
C VAL A 373 19.97 -41.96 54.16
N PRO A 374 20.82 -40.94 54.07
CA PRO A 374 20.77 -39.74 54.90
C PRO A 374 19.44 -39.04 54.99
N GLU A 375 18.75 -38.90 53.86
CA GLU A 375 17.47 -38.23 53.86
C GLU A 375 16.50 -38.91 54.81
N GLU A 376 16.59 -40.24 54.87
CA GLU A 376 15.73 -41.04 55.72
C GLU A 376 16.12 -40.89 57.19
N VAL A 377 17.42 -40.82 57.46
CA VAL A 377 17.91 -40.65 58.82
C VAL A 377 17.50 -39.30 59.37
N GLU A 378 17.68 -38.24 58.58
CA GLU A 378 17.31 -36.91 59.03
C GLU A 378 15.85 -36.78 59.45
N LEU A 379 14.97 -37.54 58.82
CA LEU A 379 13.56 -37.49 59.18
C LEU A 379 13.43 -37.82 60.64
N ALA A 380 14.00 -38.95 61.04
CA ALA A 380 13.94 -39.36 62.43
C ALA A 380 14.60 -38.30 63.32
N LYS A 381 15.85 -37.97 63.01
CA LYS A 381 16.61 -37.01 63.78
C LYS A 381 15.86 -35.73 64.04
N GLU A 382 15.13 -35.25 63.05
CA GLU A 382 14.39 -34.02 63.22
C GLU A 382 13.11 -34.17 64.00
N GLU A 383 12.55 -35.37 64.06
CA GLU A 383 11.35 -35.56 64.85
C GLU A 383 11.78 -35.95 66.25
N LYS A 384 13.04 -35.61 66.54
CA LYS A 384 13.70 -35.83 67.81
C LYS A 384 13.93 -37.25 68.31
N CYS A 385 14.21 -38.17 67.41
CA CYS A 385 14.48 -39.53 67.83
C CYS A 385 15.91 -39.56 68.35
N GLU A 386 16.16 -40.32 69.40
CA GLU A 386 17.47 -40.39 69.99
C GLU A 386 18.25 -41.56 69.42
N PHE A 387 19.57 -41.42 69.38
CA PHE A 387 20.42 -42.47 68.84
C PHE A 387 21.40 -42.97 69.89
N LEU A 388 21.60 -44.28 69.92
CA LEU A 388 22.50 -44.94 70.87
C LEU A 388 23.34 -45.94 70.09
N PRO A 389 24.60 -45.58 69.77
CA PRO A 389 25.50 -46.47 69.03
C PRO A 389 26.34 -47.42 69.88
N PHE A 390 26.96 -48.37 69.20
CA PHE A 390 27.79 -49.37 69.84
C PHE A 390 27.10 -50.15 70.93
N LEU A 391 25.95 -50.74 70.62
CA LEU A 391 25.19 -51.54 71.58
C LEU A 391 24.53 -52.72 70.88
N SER A 392 24.83 -53.93 71.35
CA SER A 392 24.23 -55.13 70.77
C SER A 392 23.25 -55.69 71.81
N PRO A 393 22.01 -56.02 71.40
CA PRO A 393 21.03 -56.56 72.34
C PRO A 393 21.44 -57.93 72.83
N ARG A 394 21.00 -58.29 74.02
CA ARG A 394 21.34 -59.58 74.62
C ARG A 394 20.18 -60.22 75.36
N LYS A 395 19.31 -59.40 75.94
CA LYS A 395 18.19 -59.94 76.69
C LYS A 395 17.06 -58.94 76.81
N VAL A 396 15.83 -59.45 76.86
CA VAL A 396 14.63 -58.61 76.97
C VAL A 396 13.91 -58.93 78.28
N ILE A 397 13.83 -57.94 79.18
CA ILE A 397 13.17 -58.11 80.48
C ILE A 397 11.67 -57.88 80.50
N VAL A 398 10.93 -58.78 81.14
CA VAL A 398 9.48 -58.67 81.22
C VAL A 398 8.94 -58.81 82.64
N LYS A 399 8.08 -57.89 83.03
CA LYS A 399 7.48 -57.85 84.36
C LYS A 399 5.99 -57.52 84.38
N GLY A 400 5.16 -58.50 84.71
CA GLY A 400 3.73 -58.28 84.75
C GLY A 400 3.19 -58.77 83.42
N GLY A 401 4.12 -59.14 82.54
CA GLY A 401 3.73 -59.60 81.23
C GLY A 401 3.80 -58.42 80.29
N ARG A 402 4.77 -57.54 80.55
CA ARG A 402 4.99 -56.35 79.73
C ARG A 402 6.49 -56.13 79.71
N ILE A 403 7.02 -55.66 78.60
CA ILE A 403 8.45 -55.41 78.54
C ILE A 403 8.69 -54.19 79.39
N VAL A 404 9.91 -54.05 79.90
CA VAL A 404 10.25 -52.90 80.72
C VAL A 404 11.71 -52.48 80.60
N ALA A 405 12.51 -53.30 79.93
CA ALA A 405 13.92 -52.97 79.73
C ALA A 405 14.59 -53.94 78.77
N VAL A 406 15.70 -53.51 78.20
CA VAL A 406 16.44 -54.36 77.27
C VAL A 406 17.91 -54.32 77.70
N GLN A 407 18.53 -55.48 77.74
CA GLN A 407 19.91 -55.57 78.15
C GLN A 407 20.86 -55.60 76.96
N PHE A 408 21.84 -54.71 76.96
CA PHE A 408 22.80 -54.65 75.87
C PHE A 408 24.23 -54.89 76.35
N VAL A 409 25.15 -54.96 75.38
CA VAL A 409 26.56 -55.14 75.64
C VAL A 409 27.24 -54.19 74.66
N ARG A 410 28.35 -53.59 75.08
CA ARG A 410 29.07 -52.66 74.23
C ARG A 410 29.80 -53.38 73.12
N THR A 411 29.97 -52.68 72.01
CA THR A 411 30.68 -53.22 70.87
C THR A 411 31.80 -52.26 70.57
N GLU A 412 32.75 -52.67 69.74
CA GLU A 412 33.86 -51.80 69.38
C GLU A 412 34.70 -52.46 68.32
N GLN A 413 35.57 -51.67 67.70
CA GLN A 413 36.45 -52.17 66.66
C GLN A 413 37.90 -52.19 67.13
N ASP A 414 38.61 -53.25 66.77
CA ASP A 414 40.03 -53.34 67.11
C ASP A 414 40.79 -52.78 65.91
N GLU A 415 42.09 -52.61 66.06
CA GLU A 415 42.93 -52.06 65.00
C GLU A 415 42.82 -52.85 63.69
N THR A 416 42.26 -54.05 63.74
CA THR A 416 42.11 -54.89 62.55
C THR A 416 40.75 -54.71 61.88
N GLY A 417 39.93 -53.84 62.47
CA GLY A 417 38.61 -53.59 61.91
C GLY A 417 37.56 -54.65 62.23
N LYS A 418 37.82 -55.49 63.20
CA LYS A 418 36.85 -56.51 63.56
C LYS A 418 36.05 -56.03 64.75
N TRP A 419 34.75 -56.33 64.75
CA TRP A 419 33.88 -55.89 65.85
C TRP A 419 33.82 -56.93 66.96
N ASN A 420 34.11 -56.49 68.18
CA ASN A 420 34.06 -57.37 69.33
C ASN A 420 33.00 -56.88 70.28
N GLU A 421 32.41 -57.81 71.03
CA GLU A 421 31.37 -57.46 71.98
C GLU A 421 31.84 -57.83 73.37
N ASP A 422 32.16 -56.81 74.17
CA ASP A 422 32.66 -57.03 75.52
C ASP A 422 31.57 -57.49 76.48
N GLU A 423 31.43 -58.81 76.58
CA GLU A 423 30.44 -59.49 77.42
C GLU A 423 30.39 -58.99 78.86
N ASP A 424 31.40 -58.25 79.27
CA ASP A 424 31.49 -57.77 80.64
C ASP A 424 30.70 -56.48 80.87
N GLN A 425 30.73 -55.57 79.89
CA GLN A 425 30.03 -54.29 80.03
C GLN A 425 28.56 -54.38 79.63
N ILE A 426 27.72 -54.75 80.58
CA ILE A 426 26.29 -54.85 80.30
C ILE A 426 25.65 -53.48 80.34
N VAL A 427 24.48 -53.37 79.72
CA VAL A 427 23.77 -52.10 79.65
C VAL A 427 22.27 -52.28 79.82
N HIS A 428 21.72 -51.62 80.83
CA HIS A 428 20.28 -51.70 81.06
C HIS A 428 19.65 -50.44 80.51
N LEU A 429 18.72 -50.64 79.58
CA LEU A 429 18.04 -49.53 78.96
C LEU A 429 16.55 -49.72 79.17
N LYS A 430 15.89 -48.71 79.71
CA LYS A 430 14.46 -48.83 79.95
C LYS A 430 13.74 -48.93 78.63
N ALA A 431 12.53 -49.48 78.64
CA ALA A 431 11.78 -49.62 77.40
C ALA A 431 10.41 -50.22 77.64
N ASP A 432 9.38 -49.64 77.03
CA ASP A 432 8.02 -50.15 77.19
C ASP A 432 7.63 -50.90 75.94
N VAL A 433 8.41 -50.73 74.88
CA VAL A 433 8.16 -51.40 73.61
C VAL A 433 9.46 -51.61 72.86
N VAL A 434 9.56 -52.75 72.17
CA VAL A 434 10.75 -53.05 71.38
C VAL A 434 10.33 -53.52 69.98
N ILE A 435 10.99 -52.98 68.97
CA ILE A 435 10.72 -53.33 67.58
C ILE A 435 12.06 -53.68 66.93
N SER A 436 12.18 -54.89 66.40
CA SER A 436 13.42 -55.31 65.80
C SER A 436 13.35 -55.13 64.28
N ALA A 437 14.30 -54.38 63.74
CA ALA A 437 14.35 -54.15 62.32
C ALA A 437 15.64 -54.71 61.78
N PHE A 438 15.82 -56.01 61.93
CA PHE A 438 17.02 -56.68 61.47
C PHE A 438 16.92 -57.09 60.00
N GLY A 439 15.75 -56.91 59.40
CA GLY A 439 15.59 -57.27 58.00
C GLY A 439 14.50 -58.27 57.69
N SER A 440 14.56 -58.86 56.49
CA SER A 440 13.57 -59.83 56.05
C SER A 440 14.24 -60.98 55.29
N VAL A 441 13.54 -62.10 55.18
CA VAL A 441 14.07 -63.28 54.49
C VAL A 441 12.98 -64.21 54.00
N LEU A 442 13.42 -65.30 53.39
CA LEU A 442 12.52 -66.32 52.86
C LEU A 442 12.90 -67.60 53.58
N ARG A 443 12.07 -68.05 54.52
CA ARG A 443 12.36 -69.27 55.25
C ARG A 443 11.29 -70.34 55.13
N ASP A 444 10.03 -69.94 55.26
CA ASP A 444 8.89 -70.86 55.17
C ASP A 444 9.15 -71.95 54.14
N PRO A 445 9.45 -73.17 54.60
CA PRO A 445 9.73 -74.28 53.69
C PRO A 445 8.60 -74.64 52.76
N LYS A 446 7.37 -74.24 53.13
CA LYS A 446 6.23 -74.51 52.28
C LYS A 446 6.34 -73.71 50.99
N VAL A 447 6.84 -72.48 51.12
CA VAL A 447 7.03 -71.63 49.96
C VAL A 447 8.25 -72.11 49.18
N LYS A 448 9.40 -72.14 49.85
CA LYS A 448 10.62 -72.58 49.18
C LYS A 448 10.41 -73.84 48.36
N GLU A 449 9.45 -74.65 48.79
CA GLU A 449 9.15 -75.89 48.10
C GLU A 449 8.35 -75.61 46.83
N ALA A 450 7.33 -74.77 46.94
CA ALA A 450 6.47 -74.44 45.82
C ALA A 450 7.27 -73.95 44.62
N LEU A 451 8.55 -73.70 44.83
CA LEU A 451 9.42 -73.22 43.76
C LEU A 451 10.26 -74.33 43.13
N SER A 452 10.13 -75.56 43.66
CA SER A 452 10.87 -76.70 43.13
C SER A 452 10.53 -76.82 41.63
N PRO A 453 11.52 -77.19 40.81
CA PRO A 453 12.89 -77.52 41.19
C PRO A 453 13.91 -76.43 40.86
N ILE A 454 13.54 -75.16 41.00
CA ILE A 454 14.48 -74.09 40.68
C ILE A 454 15.65 -74.13 41.64
N LYS A 455 16.84 -73.88 41.11
CA LYS A 455 18.06 -73.90 41.90
C LYS A 455 18.24 -72.66 42.74
N PHE A 456 18.65 -72.84 43.99
CA PHE A 456 18.89 -71.72 44.89
C PHE A 456 20.39 -71.53 45.10
N ASN A 457 20.83 -70.28 45.23
CA ASN A 457 22.24 -70.00 45.45
C ASN A 457 22.55 -70.13 46.92
N ARG A 458 23.74 -69.69 47.32
CA ARG A 458 24.09 -69.80 48.74
C ARG A 458 23.41 -68.80 49.68
N TRP A 459 22.77 -67.78 49.12
CA TRP A 459 22.07 -66.81 49.96
C TRP A 459 20.69 -67.36 50.24
N ASP A 460 20.48 -68.61 49.84
CA ASP A 460 19.21 -69.29 50.03
C ASP A 460 18.06 -68.56 49.36
N LEU A 461 18.35 -68.01 48.18
CA LEU A 461 17.37 -67.28 47.38
C LEU A 461 17.43 -67.82 45.96
N PRO A 462 16.30 -67.81 45.24
CA PRO A 462 16.37 -68.32 43.88
C PRO A 462 17.52 -67.70 43.10
N GLU A 463 18.18 -68.50 42.27
CA GLU A 463 19.29 -68.03 41.46
C GLU A 463 18.76 -67.73 40.08
N VAL A 464 19.14 -66.58 39.53
CA VAL A 464 18.72 -66.18 38.19
C VAL A 464 19.90 -65.57 37.49
N ASP A 465 19.89 -65.61 36.16
CA ASP A 465 20.94 -65.01 35.34
C ASP A 465 20.71 -63.51 35.51
N PRO A 466 21.71 -62.80 36.06
CA PRO A 466 21.60 -61.36 36.29
C PRO A 466 21.12 -60.56 35.10
N GLU A 467 21.29 -61.10 33.90
CA GLU A 467 20.86 -60.40 32.71
C GLU A 467 19.49 -60.77 32.22
N THR A 468 19.13 -62.04 32.31
CA THR A 468 17.83 -62.50 31.82
C THR A 468 16.78 -62.70 32.90
N MET A 469 17.21 -62.72 34.16
CA MET A 469 16.28 -62.90 35.27
C MET A 469 15.63 -64.28 35.23
N GLN A 470 16.24 -65.14 34.43
CA GLN A 470 15.80 -66.52 34.21
C GLN A 470 16.40 -67.47 35.25
N THR A 471 15.55 -68.28 35.89
CA THR A 471 16.02 -69.22 36.90
C THR A 471 16.47 -70.48 36.17
N SER A 472 16.85 -71.50 36.93
CA SER A 472 17.28 -72.76 36.32
C SER A 472 16.25 -73.38 35.36
N GLU A 473 14.98 -73.00 35.52
CA GLU A 473 13.92 -73.50 34.67
C GLU A 473 13.54 -72.42 33.66
N PRO A 474 13.85 -72.65 32.39
CA PRO A 474 13.57 -71.72 31.29
C PRO A 474 12.24 -70.95 31.27
N TRP A 475 11.16 -71.54 31.79
CA TRP A 475 9.86 -70.88 31.80
C TRP A 475 9.62 -70.08 33.08
N VAL A 476 10.60 -70.08 33.96
CA VAL A 476 10.47 -69.37 35.22
C VAL A 476 11.52 -68.29 35.46
N PHE A 477 11.05 -67.07 35.74
CA PHE A 477 11.92 -65.94 36.02
C PHE A 477 11.56 -65.35 37.37
N ALA A 478 12.50 -64.66 37.98
CA ALA A 478 12.28 -64.04 39.30
C ALA A 478 12.82 -62.62 39.28
N GLY A 479 12.47 -61.83 40.29
CA GLY A 479 12.95 -60.46 40.33
C GLY A 479 12.48 -59.69 41.56
N GLY A 480 13.18 -58.62 41.87
CA GLY A 480 12.81 -57.85 43.02
C GLY A 480 13.58 -58.30 44.24
N ASP A 481 12.97 -58.13 45.41
CA ASP A 481 13.62 -58.50 46.64
C ASP A 481 13.97 -59.98 46.72
N ILE A 482 13.08 -60.84 46.25
CA ILE A 482 13.31 -62.27 46.30
C ILE A 482 14.67 -62.72 45.77
N VAL A 483 15.24 -61.97 44.83
CA VAL A 483 16.53 -62.31 44.25
C VAL A 483 17.70 -61.78 45.08
N GLY A 484 17.44 -60.79 45.91
CA GLY A 484 18.48 -60.24 46.78
C GLY A 484 19.45 -59.17 46.30
N MET A 485 19.27 -58.66 45.08
CA MET A 485 20.15 -57.61 44.56
C MET A 485 19.54 -56.22 44.75
N ALA A 486 18.26 -56.09 44.41
CA ALA A 486 17.59 -54.81 44.54
C ALA A 486 17.39 -54.42 45.99
N ASN A 487 17.64 -53.15 46.26
CA ASN A 487 17.50 -52.59 47.59
C ASN A 487 16.45 -51.47 47.53
N THR A 488 15.89 -51.24 46.36
CA THR A 488 14.92 -50.16 46.19
C THR A 488 13.70 -50.54 45.37
N THR A 489 12.69 -49.67 45.36
CA THR A 489 11.50 -49.92 44.59
C THR A 489 11.91 -49.80 43.13
N VAL A 490 12.60 -48.73 42.82
CA VAL A 490 13.03 -48.49 41.46
C VAL A 490 13.83 -49.65 40.89
N GLU A 491 14.60 -50.32 41.74
CA GLU A 491 15.41 -51.45 41.27
C GLU A 491 14.61 -52.72 41.04
N SER A 492 13.58 -52.92 41.86
CA SER A 492 12.72 -54.09 41.76
C SER A 492 11.81 -53.87 40.55
N VAL A 493 11.49 -52.61 40.28
CA VAL A 493 10.66 -52.28 39.14
C VAL A 493 11.45 -52.68 37.91
N ASN A 494 12.72 -52.31 37.91
CA ASN A 494 13.64 -52.59 36.83
C ASN A 494 13.80 -54.09 36.63
N ASP A 495 13.78 -54.85 37.71
CA ASP A 495 13.93 -56.29 37.59
C ASP A 495 12.75 -56.81 36.80
N GLY A 496 11.55 -56.43 37.22
CA GLY A 496 10.36 -56.88 36.53
C GLY A 496 10.50 -56.54 35.07
N LYS A 497 10.92 -55.29 34.81
CA LYS A 497 11.12 -54.76 33.47
C LYS A 497 12.14 -55.60 32.70
N GLN A 498 13.33 -55.75 33.27
CA GLN A 498 14.41 -56.53 32.66
C GLN A 498 13.89 -57.91 32.30
N ALA A 499 13.27 -58.57 33.27
CA ALA A 499 12.74 -59.89 33.08
C ALA A 499 11.67 -59.93 31.98
N SER A 500 10.84 -58.90 31.92
CA SER A 500 9.78 -58.83 30.92
C SER A 500 10.25 -59.20 29.52
N TRP A 501 11.25 -58.49 29.03
CA TRP A 501 11.76 -58.75 27.70
C TRP A 501 12.07 -60.21 27.41
N TYR A 502 12.91 -60.77 28.25
CA TYR A 502 13.33 -62.15 28.09
C TYR A 502 12.21 -63.17 28.26
N ILE A 503 11.23 -62.87 29.10
CA ILE A 503 10.10 -63.76 29.26
C ILE A 503 9.49 -63.76 27.87
N HIS A 504 9.45 -62.57 27.28
CA HIS A 504 8.90 -62.35 25.94
C HIS A 504 9.64 -63.22 24.95
N LYS A 505 10.96 -63.05 24.91
CA LYS A 505 11.80 -63.82 24.02
C LYS A 505 11.49 -65.31 24.15
N TYR A 506 11.47 -65.80 25.38
CA TYR A 506 11.17 -67.19 25.64
C TYR A 506 9.79 -67.58 25.11
N ILE A 507 8.72 -66.96 25.61
CA ILE A 507 7.39 -67.32 25.13
C ILE A 507 7.32 -67.36 23.61
N GLN A 508 7.88 -66.36 22.94
CA GLN A 508 7.85 -66.36 21.49
C GLN A 508 8.53 -67.62 20.95
N ALA A 509 9.75 -67.87 21.39
CA ALA A 509 10.49 -69.04 20.95
C ALA A 509 9.62 -70.30 21.06
N GLN A 510 9.00 -70.50 22.21
CA GLN A 510 8.14 -71.66 22.43
C GLN A 510 7.07 -71.81 21.35
N TYR A 511 6.80 -70.72 20.63
CA TYR A 511 5.81 -70.76 19.55
C TYR A 511 6.47 -70.70 18.19
N GLY A 512 7.77 -71.00 18.18
CA GLY A 512 8.56 -71.00 16.96
C GLY A 512 8.78 -69.64 16.33
N ALA A 513 8.71 -68.61 17.16
CA ALA A 513 8.89 -67.25 16.68
C ALA A 513 10.09 -66.63 17.35
N SER A 514 10.77 -65.75 16.61
CA SER A 514 11.93 -65.06 17.13
C SER A 514 11.59 -63.60 17.36
N VAL A 515 12.44 -62.93 18.14
CA VAL A 515 12.24 -61.53 18.47
C VAL A 515 13.46 -60.75 18.01
N SER A 516 13.30 -59.44 17.84
CA SER A 516 14.39 -58.58 17.40
C SER A 516 15.65 -58.86 18.19
N ALA A 517 16.80 -58.56 17.60
CA ALA A 517 18.09 -58.77 18.26
C ALA A 517 18.25 -57.73 19.37
N LYS A 518 17.84 -56.51 19.05
CA LYS A 518 17.92 -55.39 19.98
C LYS A 518 16.59 -55.24 20.73
N PRO A 519 16.62 -55.31 22.07
CA PRO A 519 15.45 -55.18 22.94
C PRO A 519 14.54 -54.03 22.58
N GLU A 520 13.26 -54.33 22.38
CA GLU A 520 12.30 -53.32 22.00
C GLU A 520 11.07 -53.25 22.91
N LEU A 521 11.27 -52.90 24.18
CA LEU A 521 10.17 -52.79 25.12
C LEU A 521 9.42 -51.51 24.76
N PRO A 522 8.09 -51.59 24.64
CA PRO A 522 7.23 -50.46 24.29
C PRO A 522 7.27 -49.27 25.24
N LEU A 523 6.90 -48.10 24.73
CA LEU A 523 6.82 -46.90 25.53
C LEU A 523 5.46 -46.90 26.20
N PHE A 524 5.17 -45.83 26.92
CA PHE A 524 3.91 -45.69 27.63
C PHE A 524 2.96 -44.90 26.73
N TYR A 525 1.73 -45.36 26.55
CA TYR A 525 0.78 -44.63 25.70
C TYR A 525 -0.58 -44.30 26.32
N THR A 526 -1.16 -43.19 25.90
CA THR A 526 -2.45 -42.75 26.39
C THR A 526 -3.22 -42.15 25.22
N PRO A 527 -4.55 -42.01 25.35
CA PRO A 527 -5.38 -41.46 24.29
C PRO A 527 -4.87 -40.14 23.77
N VAL A 528 -4.18 -39.39 24.61
CA VAL A 528 -3.63 -38.11 24.18
C VAL A 528 -2.69 -38.26 22.99
N ASP A 529 -2.00 -39.39 22.92
CA ASP A 529 -1.08 -39.66 21.83
C ASP A 529 -1.77 -39.88 20.49
N LEU A 530 -3.09 -40.00 20.50
CA LEU A 530 -3.84 -40.23 19.26
C LEU A 530 -4.27 -38.90 18.65
N VAL A 531 -4.27 -37.85 19.46
CA VAL A 531 -4.64 -36.51 19.00
C VAL A 531 -3.94 -36.19 17.67
N ASP A 532 -4.67 -35.57 16.75
CA ASP A 532 -4.10 -35.23 15.45
C ASP A 532 -3.65 -33.78 15.48
N ILE A 533 -2.35 -33.55 15.30
CA ILE A 533 -1.82 -32.19 15.30
C ILE A 533 -1.28 -31.77 13.94
N SER A 534 -1.91 -32.24 12.87
CA SER A 534 -1.48 -31.85 11.53
C SER A 534 -2.24 -30.62 11.09
N VAL A 535 -1.71 -29.91 10.10
CA VAL A 535 -2.37 -28.71 9.61
C VAL A 535 -2.00 -28.37 8.18
N GLU A 536 -2.99 -27.85 7.45
CA GLU A 536 -2.81 -27.46 6.07
C GLU A 536 -2.68 -25.95 5.96
N MET A 537 -1.71 -25.49 5.18
CA MET A 537 -1.51 -24.08 5.02
C MET A 537 -0.95 -23.73 3.65
N ALA A 538 -1.70 -22.92 2.90
CA ALA A 538 -1.28 -22.50 1.59
C ALA A 538 -1.11 -23.72 0.68
N GLY A 539 -1.94 -24.72 0.90
CA GLY A 539 -1.86 -25.91 0.07
C GLY A 539 -0.79 -26.91 0.46
N LEU A 540 -0.02 -26.61 1.50
CA LEU A 540 1.02 -27.50 2.00
C LEU A 540 0.49 -28.28 3.20
N LYS A 541 0.78 -29.57 3.25
CA LYS A 541 0.31 -30.37 4.38
C LYS A 541 1.42 -30.62 5.40
N PHE A 542 1.26 -30.03 6.59
CA PHE A 542 2.23 -30.18 7.67
C PHE A 542 1.87 -31.32 8.61
N ILE A 543 2.79 -32.25 8.82
CA ILE A 543 2.55 -33.40 9.69
C ILE A 543 2.36 -32.97 11.14
N ASN A 544 2.86 -31.78 11.46
CA ASN A 544 2.73 -31.14 12.78
C ASN A 544 3.22 -29.72 12.52
N PRO A 545 2.64 -28.73 13.20
CA PRO A 545 3.03 -27.33 13.01
C PRO A 545 4.41 -26.82 13.38
N PHE A 546 5.22 -27.64 14.04
CA PHE A 546 6.55 -27.18 14.44
C PHE A 546 7.64 -27.28 13.38
N GLY A 547 8.47 -26.25 13.25
CA GLY A 547 9.51 -26.30 12.24
C GLY A 547 10.70 -25.44 12.56
N LEU A 548 11.84 -25.76 11.95
CA LEU A 548 13.06 -25.01 12.19
C LEU A 548 13.10 -23.78 11.33
N ALA A 549 13.30 -22.64 11.96
CA ALA A 549 13.38 -21.38 11.25
C ALA A 549 14.77 -21.17 10.72
N SER A 550 14.78 -20.56 9.54
CA SER A 550 15.98 -20.26 8.81
C SER A 550 16.99 -19.63 9.76
N ALA A 551 17.94 -20.40 10.27
CA ALA A 551 18.93 -19.85 11.18
C ALA A 551 19.99 -20.87 11.56
N ALA A 552 20.75 -20.63 12.63
CA ALA A 552 21.79 -21.58 13.07
C ALA A 552 21.32 -23.04 13.10
N PRO A 553 20.18 -23.36 13.77
CA PRO A 553 19.77 -24.76 13.77
C PRO A 553 19.68 -25.39 12.37
N THR A 554 19.75 -24.58 11.32
CA THR A 554 19.70 -25.13 9.96
C THR A 554 20.88 -24.62 9.14
N THR A 555 22.05 -24.65 9.75
CA THR A 555 23.26 -24.19 9.09
C THR A 555 23.71 -25.16 7.99
N SER A 556 23.39 -26.43 8.18
CA SER A 556 23.77 -27.45 7.23
C SER A 556 22.60 -28.38 7.04
N SER A 557 22.35 -28.78 5.78
CA SER A 557 21.23 -29.67 5.49
C SER A 557 21.34 -30.95 6.30
N SER A 558 22.55 -31.32 6.69
CA SER A 558 22.76 -32.53 7.49
C SER A 558 21.97 -32.40 8.78
N MET A 559 21.94 -31.18 9.31
CA MET A 559 21.20 -30.93 10.54
C MET A 559 19.70 -31.06 10.30
N ILE A 560 19.20 -30.47 9.21
CA ILE A 560 17.77 -30.55 8.90
C ILE A 560 17.35 -32.00 8.84
N ARG A 561 18.24 -32.83 8.32
CA ARG A 561 17.99 -34.25 8.20
C ARG A 561 17.73 -34.83 9.57
N ARG A 562 18.66 -34.63 10.46
CA ARG A 562 18.49 -35.15 11.79
C ARG A 562 17.21 -34.56 12.39
N ALA A 563 16.98 -33.27 12.14
CA ALA A 563 15.79 -32.62 12.66
C ALA A 563 14.54 -33.36 12.20
N PHE A 564 14.46 -33.68 10.92
CA PHE A 564 13.30 -34.42 10.43
C PHE A 564 13.29 -35.77 11.09
N GLU A 565 14.46 -36.39 11.19
CA GLU A 565 14.53 -37.69 11.83
C GLU A 565 13.97 -37.61 13.24
N ALA A 566 14.21 -36.48 13.91
CA ALA A 566 13.70 -36.28 15.27
C ALA A 566 12.19 -36.15 15.25
N GLY A 567 11.65 -35.74 14.11
CA GLY A 567 10.21 -35.61 13.97
C GLY A 567 9.69 -34.21 13.71
N TRP A 568 10.57 -33.25 13.41
CA TRP A 568 10.10 -31.89 13.15
C TRP A 568 9.20 -31.83 11.92
N GLY A 569 8.09 -31.11 12.03
CA GLY A 569 7.18 -31.01 10.92
C GLY A 569 7.75 -30.40 9.66
N PHE A 570 8.64 -29.43 9.79
CA PHE A 570 9.19 -28.80 8.60
C PHE A 570 10.43 -28.01 8.94
N ALA A 571 11.12 -27.52 7.93
CA ALA A 571 12.33 -26.76 8.18
C ALA A 571 12.63 -25.78 7.08
N LEU A 572 13.43 -24.78 7.43
CA LEU A 572 13.84 -23.73 6.52
C LEU A 572 15.31 -23.91 6.28
N THR A 573 15.73 -23.73 5.04
CA THR A 573 17.15 -23.83 4.75
C THR A 573 17.73 -22.49 5.18
N LYS A 574 18.94 -22.49 5.72
CA LYS A 574 19.53 -21.22 6.09
C LYS A 574 19.36 -20.41 4.80
N THR A 575 19.24 -19.09 4.90
CA THR A 575 19.05 -18.27 3.71
C THR A 575 20.27 -18.32 2.79
N PHE A 576 20.04 -18.60 1.50
CA PHE A 576 21.12 -18.68 0.52
C PHE A 576 20.87 -17.78 -0.68
N SER A 577 21.93 -17.43 -1.38
CA SER A 577 21.82 -16.55 -2.54
C SER A 577 22.71 -16.98 -3.72
N LEU A 578 22.62 -16.23 -4.82
CA LEU A 578 23.42 -16.51 -6.02
C LEU A 578 24.91 -16.35 -5.71
N ASP A 579 25.75 -17.04 -6.47
CA ASP A 579 27.20 -17.00 -6.28
C ASP A 579 27.81 -15.60 -6.10
N LYS A 580 27.36 -14.64 -6.89
CA LYS A 580 27.89 -13.27 -6.84
C LYS A 580 27.66 -12.57 -5.51
N ASP A 581 26.70 -13.07 -4.75
CA ASP A 581 26.37 -12.49 -3.46
C ASP A 581 26.92 -13.30 -2.27
N ILE A 582 27.90 -14.15 -2.52
CA ILE A 582 28.49 -14.97 -1.45
C ILE A 582 28.99 -14.05 -0.34
N VAL A 583 28.70 -14.43 0.91
CA VAL A 583 29.11 -13.64 2.07
C VAL A 583 30.13 -14.36 2.95
N THR A 584 30.72 -13.62 3.88
CA THR A 584 31.70 -14.19 4.80
C THR A 584 31.44 -13.62 6.19
N ASN A 585 31.21 -14.53 7.14
CA ASN A 585 30.92 -14.14 8.52
C ASN A 585 32.12 -13.77 9.35
N VAL A 586 31.84 -12.99 10.39
CA VAL A 586 32.84 -12.51 11.35
C VAL A 586 32.65 -13.25 12.68
N SER A 587 33.57 -13.06 13.61
CA SER A 587 33.42 -13.73 14.90
C SER A 587 34.18 -13.05 16.04
N PRO A 588 33.60 -13.05 17.27
CA PRO A 588 32.32 -13.66 17.63
C PRO A 588 31.10 -13.04 16.94
N ARG A 589 30.02 -13.81 16.81
CA ARG A 589 28.83 -13.28 16.16
C ARG A 589 27.50 -13.64 16.80
N ILE A 590 27.50 -14.56 17.76
CA ILE A 590 26.25 -14.93 18.43
C ILE A 590 26.47 -14.86 19.93
N VAL A 591 25.74 -13.98 20.61
CA VAL A 591 25.91 -13.86 22.07
C VAL A 591 24.58 -14.01 22.83
N ARG A 592 24.71 -14.27 24.13
CA ARG A 592 23.56 -14.45 25.03
C ARG A 592 22.90 -13.13 25.39
N GLY A 593 21.64 -13.21 25.78
CA GLY A 593 20.93 -12.03 26.15
C GLY A 593 21.04 -11.61 27.61
N THR A 594 21.14 -10.30 27.81
CA THR A 594 21.23 -9.72 29.14
C THR A 594 19.83 -9.26 29.56
N THR A 595 18.85 -9.60 28.76
CA THR A 595 17.47 -9.23 29.02
C THR A 595 16.88 -9.83 30.30
N SER A 596 17.56 -10.80 30.90
CA SER A 596 17.05 -11.42 32.12
C SER A 596 18.02 -11.42 33.31
N GLY A 597 19.00 -10.51 33.28
CA GLY A 597 19.97 -10.44 34.35
C GLY A 597 21.11 -11.42 34.18
N PRO A 598 21.97 -11.51 35.20
CA PRO A 598 23.12 -12.42 35.17
C PRO A 598 22.72 -13.87 35.39
N MET A 599 21.89 -14.42 34.51
CA MET A 599 21.50 -15.81 34.62
C MET A 599 22.20 -16.56 33.49
N TYR A 600 23.08 -17.47 33.85
CA TYR A 600 23.82 -18.23 32.85
C TYR A 600 23.35 -19.69 32.79
N GLY A 601 23.53 -20.32 31.63
CA GLY A 601 23.13 -21.71 31.50
C GLY A 601 21.94 -21.99 30.61
N PRO A 602 21.01 -22.84 31.06
CA PRO A 602 19.83 -23.14 30.25
C PRO A 602 18.81 -22.03 30.28
N GLY A 603 17.91 -22.04 29.29
CA GLY A 603 16.87 -21.04 29.19
C GLY A 603 17.26 -19.58 29.09
N GLN A 604 18.04 -19.22 28.06
CA GLN A 604 18.43 -17.83 27.89
C GLN A 604 17.23 -17.03 27.33
N SER A 605 16.90 -15.92 27.96
CA SER A 605 15.77 -15.10 27.52
C SER A 605 15.91 -14.52 26.11
N SER A 606 17.11 -14.57 25.55
CA SER A 606 17.36 -14.06 24.22
C SER A 606 18.80 -14.23 23.77
N PHE A 607 19.02 -13.98 22.49
CA PHE A 607 20.33 -14.07 21.89
C PHE A 607 20.39 -12.88 20.93
N LEU A 608 21.59 -12.38 20.67
CA LEU A 608 21.75 -11.29 19.72
C LEU A 608 22.81 -11.80 18.77
N ASN A 609 22.61 -11.60 17.48
CA ASN A 609 23.61 -12.11 16.56
C ASN A 609 23.85 -11.21 15.37
N ILE A 610 25.10 -11.19 14.91
CA ILE A 610 25.53 -10.37 13.78
C ILE A 610 25.94 -11.28 12.65
N GLU A 611 25.22 -12.39 12.55
CA GLU A 611 25.46 -13.40 11.52
C GLU A 611 24.77 -13.02 10.22
N LEU A 612 25.43 -13.24 9.09
CA LEU A 612 24.86 -12.93 7.78
C LEU A 612 24.16 -14.19 7.29
N ILE A 613 23.73 -14.17 6.03
CA ILE A 613 23.07 -15.32 5.46
C ILE A 613 24.03 -16.52 5.42
N SER A 614 23.66 -17.55 4.67
CA SER A 614 24.45 -18.76 4.58
C SER A 614 25.77 -18.53 3.84
N GLU A 615 26.82 -19.25 4.27
CA GLU A 615 28.12 -19.14 3.61
C GLU A 615 28.23 -20.29 2.61
N LYS A 616 27.22 -21.15 2.61
CA LYS A 616 27.17 -22.30 1.71
C LYS A 616 26.47 -21.92 0.42
N THR A 617 26.99 -22.42 -0.70
CA THR A 617 26.46 -22.13 -2.02
C THR A 617 25.06 -22.63 -2.31
N ALA A 618 24.40 -21.92 -3.23
CA ALA A 618 23.05 -22.26 -3.65
C ALA A 618 23.10 -23.64 -4.27
N ALA A 619 24.28 -23.99 -4.77
CA ALA A 619 24.51 -25.28 -5.40
C ALA A 619 24.28 -26.31 -4.31
N TYR A 620 24.99 -26.10 -3.20
CA TYR A 620 24.91 -26.97 -2.03
C TYR A 620 23.48 -27.13 -1.55
N TRP A 621 22.80 -26.01 -1.33
CA TRP A 621 21.44 -26.04 -0.83
C TRP A 621 20.45 -26.73 -1.74
N CYS A 622 20.43 -26.33 -3.00
CA CYS A 622 19.53 -26.92 -3.95
C CYS A 622 19.72 -28.42 -4.07
N GLN A 623 20.96 -28.90 -4.01
CA GLN A 623 21.12 -30.34 -4.09
C GLN A 623 20.60 -30.88 -2.78
N SER A 624 20.96 -30.22 -1.69
CA SER A 624 20.53 -30.63 -0.37
C SER A 624 19.01 -30.75 -0.34
N VAL A 625 18.33 -29.77 -0.92
CA VAL A 625 16.87 -29.80 -0.91
C VAL A 625 16.41 -31.06 -1.62
N THR A 626 16.93 -31.29 -2.81
CA THR A 626 16.53 -32.47 -3.57
C THR A 626 16.71 -33.76 -2.78
N GLU A 627 17.87 -33.93 -2.13
CA GLU A 627 18.16 -35.10 -1.32
C GLU A 627 17.20 -35.19 -0.14
N LEU A 628 16.98 -34.07 0.53
CA LEU A 628 16.07 -34.04 1.68
C LEU A 628 14.66 -34.42 1.30
N LYS A 629 14.11 -33.76 0.28
CA LYS A 629 12.76 -34.08 -0.12
C LYS A 629 12.65 -35.49 -0.64
N ALA A 630 13.76 -36.04 -1.11
CA ALA A 630 13.81 -37.40 -1.63
C ALA A 630 13.65 -38.40 -0.49
N ASP A 631 14.35 -38.14 0.62
CA ASP A 631 14.34 -39.00 1.81
C ASP A 631 13.19 -38.72 2.78
N PHE A 632 12.72 -37.47 2.79
CA PHE A 632 11.64 -37.06 3.68
C PHE A 632 10.52 -36.36 2.92
N PRO A 633 9.70 -37.14 2.19
CA PRO A 633 8.57 -36.70 1.37
C PRO A 633 7.45 -35.99 2.11
N ASP A 634 7.28 -36.32 3.40
CA ASP A 634 6.21 -35.72 4.16
C ASP A 634 6.63 -34.54 5.05
N ASN A 635 7.92 -34.28 5.08
CA ASN A 635 8.43 -33.17 5.84
C ASN A 635 8.60 -32.03 4.86
N ILE A 636 7.92 -30.92 5.13
CA ILE A 636 7.96 -29.75 4.26
C ILE A 636 9.32 -29.05 4.33
N VAL A 637 9.93 -28.80 3.17
CA VAL A 637 11.20 -28.12 3.13
C VAL A 637 10.98 -26.80 2.44
N ILE A 638 11.30 -25.71 3.13
CA ILE A 638 11.13 -24.37 2.58
C ILE A 638 12.50 -23.72 2.40
N ALA A 639 12.83 -23.31 1.18
CA ALA A 639 14.11 -22.67 0.94
C ALA A 639 14.01 -21.17 1.16
N SER A 640 14.96 -20.60 1.90
CA SER A 640 15.00 -19.16 2.19
C SER A 640 16.03 -18.54 1.26
N ILE A 641 15.56 -17.72 0.31
CA ILE A 641 16.44 -17.08 -0.66
C ILE A 641 16.50 -15.56 -0.49
N MET A 642 17.58 -14.95 -0.97
CA MET A 642 17.76 -13.51 -0.86
C MET A 642 18.60 -12.89 -1.98
N CYS A 643 18.06 -11.86 -2.64
CA CYS A 643 18.75 -11.17 -3.74
C CYS A 643 18.56 -9.67 -3.62
N SER A 644 19.43 -8.89 -4.24
CA SER A 644 19.33 -7.45 -4.20
C SER A 644 18.03 -7.07 -4.88
N TYR A 645 17.77 -5.78 -5.02
CA TYR A 645 16.55 -5.33 -5.69
C TYR A 645 16.82 -5.43 -7.20
N ASN A 646 16.68 -6.64 -7.72
CA ASN A 646 16.95 -6.92 -9.11
C ASN A 646 16.07 -8.07 -9.59
N LYS A 647 15.15 -7.76 -10.49
CA LYS A 647 14.21 -8.76 -11.00
C LYS A 647 14.82 -10.03 -11.54
N ASN A 648 15.81 -9.91 -12.42
CA ASN A 648 16.44 -11.09 -12.97
C ASN A 648 16.93 -12.02 -11.87
N ASP A 649 17.65 -11.46 -10.90
CA ASP A 649 18.18 -12.26 -9.80
C ASP A 649 17.11 -12.93 -8.96
N TRP A 650 16.13 -12.16 -8.53
CA TRP A 650 15.07 -12.75 -7.75
C TRP A 650 14.42 -13.89 -8.52
N MET A 651 14.24 -13.73 -9.83
CA MET A 651 13.61 -14.79 -10.61
C MET A 651 14.55 -15.97 -10.89
N GLU A 652 15.83 -15.70 -11.07
CA GLU A 652 16.80 -16.77 -11.31
C GLU A 652 16.79 -17.67 -10.10
N LEU A 653 17.23 -17.10 -8.98
CA LEU A 653 17.32 -17.83 -7.73
C LEU A 653 16.03 -18.52 -7.36
N SER A 654 14.93 -17.81 -7.43
CA SER A 654 13.65 -18.39 -7.05
C SER A 654 13.28 -19.59 -7.90
N ARG A 655 13.74 -19.63 -9.14
CA ARG A 655 13.41 -20.77 -9.99
C ARG A 655 14.32 -21.93 -9.66
N LYS A 656 15.60 -21.62 -9.44
CA LYS A 656 16.59 -22.63 -9.10
C LYS A 656 16.10 -23.37 -7.87
N ALA A 657 15.63 -22.62 -6.88
CA ALA A 657 15.12 -23.20 -5.65
C ALA A 657 13.97 -24.15 -5.96
N GLU A 658 12.90 -23.63 -6.56
CA GLU A 658 11.75 -24.47 -6.89
C GLU A 658 12.22 -25.69 -7.68
N ALA A 659 13.22 -25.48 -8.52
CA ALA A 659 13.79 -26.53 -9.36
C ALA A 659 14.31 -27.69 -8.55
N SER A 660 14.92 -27.37 -7.41
CA SER A 660 15.50 -28.40 -6.53
C SER A 660 14.41 -29.25 -5.89
N GLY A 661 13.17 -28.78 -5.96
CA GLY A 661 12.07 -29.54 -5.40
C GLY A 661 11.48 -29.01 -4.11
N ALA A 662 11.90 -27.80 -3.71
CA ALA A 662 11.42 -27.16 -2.49
C ALA A 662 9.89 -27.06 -2.46
N ASP A 663 9.30 -27.44 -1.33
CA ASP A 663 7.84 -27.38 -1.16
C ASP A 663 7.32 -25.96 -1.31
N ALA A 664 8.12 -24.99 -0.88
CA ALA A 664 7.76 -23.60 -0.96
C ALA A 664 9.00 -22.75 -0.72
N LEU A 665 8.86 -21.44 -0.83
CA LEU A 665 10.00 -20.53 -0.66
C LEU A 665 9.70 -19.46 0.38
N GLU A 666 10.76 -18.90 0.96
CA GLU A 666 10.62 -17.84 1.95
C GLU A 666 11.55 -16.72 1.51
N LEU A 667 10.99 -15.54 1.32
CA LEU A 667 11.75 -14.39 0.86
C LEU A 667 12.34 -13.61 2.02
N ASN A 668 13.67 -13.55 2.04
CA ASN A 668 14.41 -12.85 3.07
C ASN A 668 14.62 -11.40 2.66
N LEU A 669 13.70 -10.55 3.07
CA LEU A 669 13.75 -9.14 2.68
C LEU A 669 14.63 -8.31 3.59
N SER A 670 15.84 -8.81 3.83
CA SER A 670 16.79 -8.10 4.69
C SER A 670 17.97 -7.50 3.93
N CYS A 671 17.87 -7.46 2.61
CA CYS A 671 18.94 -6.86 1.79
C CYS A 671 18.66 -5.36 1.74
N PRO A 672 19.73 -4.55 1.76
CA PRO A 672 19.51 -3.10 1.70
C PRO A 672 18.98 -2.70 0.32
N HIS A 673 18.43 -1.49 0.23
CA HIS A 673 17.97 -0.89 -1.00
C HIS A 673 18.73 0.43 -0.94
N GLY A 674 19.99 0.37 -1.34
CA GLY A 674 20.87 1.54 -1.32
C GLY A 674 20.35 2.86 -1.87
N MET A 675 19.04 3.06 -1.99
CA MET A 675 18.46 4.31 -2.50
C MET A 675 18.20 5.36 -1.38
N GLY A 676 18.80 6.55 -1.51
CA GLY A 676 18.66 7.65 -0.56
C GLY A 676 17.70 7.59 0.63
N GLU A 677 16.81 8.57 0.73
CA GLU A 677 15.84 8.69 1.80
C GLU A 677 14.44 8.94 1.24
N MET A 680 11.62 5.30 5.06
CA MET A 680 11.56 3.86 5.37
C MET A 680 12.90 3.15 5.34
N GLY A 681 13.70 3.44 6.36
CA GLY A 681 15.02 2.84 6.55
C GLY A 681 15.87 2.41 5.37
N LEU A 682 16.71 1.40 5.61
CA LEU A 682 17.63 0.89 4.61
C LEU A 682 17.29 -0.45 3.93
N ALA A 683 16.63 -1.33 4.67
CA ALA A 683 16.29 -2.65 4.14
C ALA A 683 15.06 -2.69 3.22
N CYS A 684 15.04 -3.63 2.28
CA CYS A 684 13.91 -3.75 1.37
C CYS A 684 12.64 -4.04 2.16
N GLY A 685 12.71 -4.94 3.12
CA GLY A 685 11.53 -5.29 3.88
C GLY A 685 10.85 -4.19 4.68
N GLN A 686 11.38 -2.99 4.61
CA GLN A 686 10.85 -1.85 5.34
C GLN A 686 10.03 -0.92 4.44
N ASP A 687 10.08 -1.16 3.14
CA ASP A 687 9.36 -0.34 2.16
C ASP A 687 8.28 -1.14 1.42
N PRO A 688 7.00 -0.89 1.70
CA PRO A 688 5.92 -1.63 1.03
C PRO A 688 6.01 -1.72 -0.49
N GLU A 689 6.40 -0.62 -1.14
CA GLU A 689 6.51 -0.63 -2.58
C GLU A 689 7.48 -1.74 -3.00
N LEU A 690 8.69 -1.71 -2.45
CA LEU A 690 9.71 -2.71 -2.78
C LEU A 690 9.27 -4.12 -2.43
N VAL A 691 8.57 -4.27 -1.32
CA VAL A 691 8.12 -5.59 -0.95
C VAL A 691 7.11 -6.10 -1.97
N ARG A 692 6.15 -5.26 -2.33
CA ARG A 692 5.14 -5.66 -3.31
C ARG A 692 5.79 -6.09 -4.62
N ASN A 693 6.77 -5.34 -5.07
CA ASN A 693 7.47 -5.64 -6.33
C ASN A 693 8.23 -6.97 -6.31
N ILE A 694 9.08 -7.15 -5.30
CA ILE A 694 9.86 -8.39 -5.20
C ILE A 694 8.89 -9.56 -5.17
N CYS A 695 7.76 -9.39 -4.51
CA CYS A 695 6.78 -10.44 -4.47
C CYS A 695 6.20 -10.69 -5.86
N ARG A 696 6.12 -9.65 -6.70
CA ARG A 696 5.57 -9.84 -8.05
C ARG A 696 6.55 -10.60 -8.92
N TRP A 697 7.81 -10.24 -8.84
CA TRP A 697 8.85 -10.91 -9.60
C TRP A 697 8.82 -12.42 -9.32
N VAL A 698 8.84 -12.78 -8.05
CA VAL A 698 8.82 -14.18 -7.66
C VAL A 698 7.53 -14.88 -8.01
N ARG A 699 6.42 -14.15 -7.98
CA ARG A 699 5.13 -14.77 -8.30
C ARG A 699 5.12 -15.27 -9.75
N GLN A 700 5.65 -14.45 -10.65
CA GLN A 700 5.68 -14.82 -12.05
C GLN A 700 6.82 -15.74 -12.42
N ALA A 701 7.79 -15.93 -11.51
CA ALA A 701 8.91 -16.81 -11.81
C ALA A 701 8.63 -18.28 -11.45
N VAL A 702 7.97 -18.51 -10.31
CA VAL A 702 7.69 -19.88 -9.88
C VAL A 702 6.21 -20.14 -9.63
N GLN A 703 5.86 -21.40 -9.40
CA GLN A 703 4.46 -21.74 -9.15
C GLN A 703 4.21 -22.25 -7.74
N ILE A 704 5.23 -22.79 -7.08
CA ILE A 704 5.07 -23.26 -5.72
C ILE A 704 4.82 -22.06 -4.82
N PRO A 705 4.07 -22.24 -3.74
CA PRO A 705 3.83 -21.10 -2.85
C PRO A 705 5.12 -20.53 -2.24
N PHE A 706 5.12 -19.24 -1.96
CA PHE A 706 6.28 -18.61 -1.37
C PHE A 706 5.75 -17.59 -0.37
N PHE A 707 6.53 -17.31 0.65
CA PHE A 707 6.11 -16.37 1.67
C PHE A 707 7.14 -15.28 1.88
N ALA A 708 6.69 -14.14 2.38
CA ALA A 708 7.59 -13.03 2.65
C ALA A 708 7.84 -12.99 4.17
N LYS A 709 9.11 -13.03 4.56
CA LYS A 709 9.44 -12.98 5.98
C LYS A 709 9.60 -11.52 6.33
N LEU A 710 8.56 -10.98 6.96
CA LEU A 710 8.52 -9.59 7.36
C LEU A 710 9.44 -9.26 8.51
N THR A 711 9.92 -8.02 8.53
CA THR A 711 10.79 -7.56 9.60
C THR A 711 9.93 -6.76 10.57
N PRO A 712 10.18 -6.90 11.88
CA PRO A 712 9.42 -6.18 12.89
C PRO A 712 9.83 -4.73 13.05
N ASN A 713 11.02 -4.40 12.56
CA ASN A 713 11.56 -3.05 12.68
C ASN A 713 10.95 -2.08 11.68
N VAL A 714 9.64 -1.97 11.71
CA VAL A 714 8.92 -1.07 10.82
C VAL A 714 7.82 -0.36 11.59
N THR A 715 7.50 0.86 11.19
CA THR A 715 6.46 1.62 11.86
C THR A 715 5.08 0.96 11.77
N ASP A 716 4.81 0.25 10.67
CA ASP A 716 3.54 -0.45 10.49
C ASP A 716 3.83 -1.76 9.72
N ILE A 717 3.82 -2.88 10.41
CA ILE A 717 4.11 -4.15 9.75
C ILE A 717 2.96 -4.58 8.86
N VAL A 718 1.74 -4.19 9.20
CA VAL A 718 0.62 -4.62 8.38
C VAL A 718 0.73 -4.07 6.98
N SER A 719 1.34 -2.91 6.82
CA SER A 719 1.48 -2.33 5.49
C SER A 719 2.41 -3.15 4.63
N ILE A 720 3.47 -3.70 5.22
CA ILE A 720 4.40 -4.49 4.44
C ILE A 720 3.82 -5.85 4.21
N ALA A 721 2.94 -6.27 5.11
CA ALA A 721 2.29 -7.56 5.01
C ALA A 721 1.27 -7.53 3.90
N ARG A 722 0.57 -6.42 3.79
CA ARG A 722 -0.43 -6.26 2.74
C ARG A 722 0.30 -6.19 1.42
N ALA A 723 1.31 -5.34 1.35
CA ALA A 723 2.11 -5.14 0.14
C ALA A 723 2.62 -6.45 -0.46
N ALA A 724 2.83 -7.45 0.40
CA ALA A 724 3.31 -8.74 -0.04
C ALA A 724 2.12 -9.55 -0.52
N LYS A 725 0.97 -9.38 0.12
CA LYS A 725 -0.20 -10.11 -0.29
C LYS A 725 -0.61 -9.58 -1.66
N GLU A 726 -0.44 -8.27 -1.86
CA GLU A 726 -0.77 -7.62 -3.12
C GLU A 726 0.27 -8.01 -4.17
N GLY A 727 1.51 -8.20 -3.74
CA GLY A 727 2.56 -8.58 -4.65
C GLY A 727 2.45 -10.02 -5.12
N GLY A 728 1.50 -10.77 -4.55
CA GLY A 728 1.30 -12.15 -4.94
C GLY A 728 1.64 -13.25 -3.93
N ALA A 729 2.36 -12.91 -2.87
CA ALA A 729 2.74 -13.89 -1.87
C ALA A 729 1.55 -14.71 -1.36
N ASP A 730 1.82 -15.96 -1.00
CA ASP A 730 0.80 -16.85 -0.50
C ASP A 730 0.73 -16.79 1.02
N GLY A 731 1.56 -15.94 1.61
CA GLY A 731 1.59 -15.80 3.06
C GLY A 731 2.83 -15.06 3.53
N VAL A 732 2.84 -14.69 4.80
CA VAL A 732 3.99 -14.00 5.37
C VAL A 732 4.50 -14.68 6.63
N THR A 733 5.80 -14.53 6.85
CA THR A 733 6.45 -15.08 8.03
C THR A 733 6.68 -13.89 8.95
N ALA A 734 6.22 -13.99 10.19
CA ALA A 734 6.38 -12.89 11.13
C ALA A 734 6.81 -13.40 12.49
N THR A 735 7.89 -12.87 13.03
CA THR A 735 8.67 -11.84 12.38
C THR A 735 10.14 -12.19 12.52
N ASN A 736 10.99 -11.40 11.90
CA ASN A 736 12.42 -11.63 11.97
C ASN A 736 12.90 -11.02 13.29
N THR A 737 14.21 -11.08 13.54
CA THR A 737 14.79 -10.53 14.77
C THR A 737 14.62 -9.04 14.88
N VAL A 738 14.49 -8.56 16.12
CA VAL A 738 14.33 -7.14 16.44
C VAL A 738 15.71 -6.50 16.54
N SER A 739 15.89 -5.37 15.89
CA SER A 739 17.17 -4.69 15.89
C SER A 739 17.49 -4.10 17.25
N GLY A 740 18.68 -4.41 17.77
CA GLY A 740 19.08 -3.87 19.05
C GLY A 740 20.54 -4.09 19.36
N LEU A 741 20.99 -3.52 20.47
CA LEU A 741 22.36 -3.64 20.91
C LEU A 741 22.27 -4.42 22.22
N MET A 742 23.05 -5.47 22.37
CA MET A 742 22.95 -6.27 23.60
C MET A 742 23.75 -5.81 24.81
N GLY A 743 24.50 -4.72 24.69
CA GLY A 743 25.25 -4.25 25.83
C GLY A 743 26.71 -3.95 25.64
N LEU A 744 27.31 -3.39 26.70
CA LEU A 744 28.72 -3.02 26.72
C LEU A 744 29.33 -3.48 28.03
N LYS A 745 30.67 -3.56 28.09
CA LYS A 745 31.33 -3.95 29.32
C LYS A 745 31.56 -2.67 30.09
N ALA A 746 32.17 -2.75 31.27
CA ALA A 746 32.38 -1.55 32.06
C ALA A 746 33.28 -0.56 31.35
N ASP A 747 34.22 -1.08 30.56
CA ASP A 747 35.17 -0.24 29.84
C ASP A 747 34.60 0.39 28.58
N GLY A 748 33.32 0.13 28.32
CA GLY A 748 32.69 0.71 27.16
C GLY A 748 32.75 -0.14 25.91
N THR A 749 33.59 -1.16 25.89
CA THR A 749 33.69 -1.99 24.71
C THR A 749 32.45 -2.85 24.62
N PRO A 750 32.00 -3.15 23.40
CA PRO A 750 30.80 -3.98 23.25
C PRO A 750 31.03 -5.48 23.37
N TRP A 751 29.99 -6.20 22.99
CA TRP A 751 29.96 -7.66 22.95
C TRP A 751 28.70 -8.05 22.16
N PRO A 752 28.86 -8.81 21.05
CA PRO A 752 30.14 -9.31 20.53
C PRO A 752 31.13 -8.23 20.14
N ALA A 753 32.41 -8.52 20.33
CA ALA A 753 33.48 -7.58 19.99
C ALA A 753 34.39 -8.25 18.97
N VAL A 754 34.32 -7.79 17.73
CA VAL A 754 35.10 -8.33 16.63
C VAL A 754 36.45 -7.63 16.45
N GLY A 755 37.51 -8.43 16.37
CA GLY A 755 38.84 -7.89 16.18
C GLY A 755 39.44 -7.17 17.37
N ALA A 756 40.73 -6.88 17.29
CA ALA A 756 41.44 -6.19 18.37
C ALA A 756 40.94 -4.76 18.57
N GLY A 757 40.15 -4.29 17.60
CA GLY A 757 39.59 -2.95 17.67
C GLY A 757 38.29 -3.00 18.43
N LYS A 758 37.89 -4.22 18.77
CA LYS A 758 36.66 -4.47 19.52
C LYS A 758 35.47 -3.73 18.96
N ARG A 759 35.21 -3.90 17.67
CA ARG A 759 34.10 -3.23 17.04
C ARG A 759 32.90 -4.17 16.92
N THR A 760 31.75 -3.61 16.58
CA THR A 760 30.53 -4.39 16.43
C THR A 760 29.53 -3.54 15.66
N THR A 761 28.35 -4.10 15.40
CA THR A 761 27.29 -3.41 14.68
C THR A 761 25.95 -3.80 15.28
N TYR A 762 24.88 -3.10 14.91
CA TYR A 762 23.56 -3.44 15.44
C TYR A 762 23.22 -4.85 14.98
N GLY A 763 22.92 -5.70 15.97
CA GLY A 763 22.57 -7.08 15.69
C GLY A 763 21.09 -7.34 15.83
N GLY A 764 20.74 -8.61 15.77
CA GLY A 764 19.34 -8.97 15.88
C GLY A 764 19.03 -9.73 17.16
N VAL A 765 17.98 -9.29 17.85
CA VAL A 765 17.56 -9.92 19.09
C VAL A 765 16.50 -10.97 18.85
N SER A 766 16.77 -12.20 19.28
CA SER A 766 15.85 -13.30 19.12
C SER A 766 15.67 -13.94 20.48
N GLY A 767 14.68 -14.81 20.58
CA GLY A 767 14.41 -15.48 21.84
C GLY A 767 13.10 -15.05 22.47
N THR A 768 12.88 -15.47 23.72
CA THR A 768 11.66 -15.13 24.43
C THR A 768 11.51 -13.64 24.69
N ALA A 769 12.61 -12.91 24.73
CA ALA A 769 12.54 -11.48 24.97
C ALA A 769 11.79 -10.68 23.89
N ILE A 770 11.57 -11.28 22.72
CA ILE A 770 10.88 -10.56 21.65
C ILE A 770 9.55 -11.17 21.31
N ARG A 771 9.10 -12.11 22.11
CA ARG A 771 7.83 -12.75 21.83
C ARG A 771 6.67 -11.73 21.86
N PRO A 772 6.68 -10.80 22.83
CA PRO A 772 5.63 -9.79 22.92
C PRO A 772 5.49 -8.97 21.64
N ILE A 773 6.61 -8.83 20.93
CA ILE A 773 6.64 -8.07 19.69
C ILE A 773 6.11 -8.93 18.55
N ALA A 774 6.63 -10.15 18.47
CA ALA A 774 6.22 -11.06 17.43
C ALA A 774 4.73 -11.39 17.55
N LEU A 775 4.27 -11.58 18.78
CA LEU A 775 2.87 -11.89 18.99
C LEU A 775 2.00 -10.74 18.49
N ARG A 776 2.31 -9.51 18.89
CA ARG A 776 1.53 -8.37 18.42
C ARG A 776 1.55 -8.43 16.90
N ALA A 777 2.74 -8.44 16.33
CA ALA A 777 2.90 -8.51 14.90
C ALA A 777 1.93 -9.52 14.27
N VAL A 778 1.92 -10.73 14.79
CA VAL A 778 1.05 -11.77 14.27
C VAL A 778 -0.43 -11.47 14.45
N THR A 779 -0.82 -11.08 15.65
CA THR A 779 -2.23 -10.79 15.89
C THR A 779 -2.73 -9.63 15.08
N THR A 780 -1.86 -8.65 14.84
CA THR A 780 -2.26 -7.47 14.09
C THR A 780 -2.41 -7.76 12.60
N ILE A 781 -1.50 -8.54 12.03
CA ILE A 781 -1.60 -8.93 10.63
C ILE A 781 -2.78 -9.90 10.47
N ALA A 782 -3.08 -10.63 11.53
CA ALA A 782 -4.17 -11.60 11.52
C ALA A 782 -5.55 -10.96 11.46
N ARG A 783 -5.69 -9.76 11.97
CA ARG A 783 -6.97 -9.09 11.97
C ARG A 783 -7.14 -8.26 10.71
N ALA A 784 -6.02 -7.74 10.22
CA ALA A 784 -6.04 -6.92 9.02
C ALA A 784 -6.31 -7.73 7.77
N LEU A 785 -5.56 -8.80 7.57
CA LEU A 785 -5.71 -9.65 6.40
C LEU A 785 -6.18 -11.04 6.83
N PRO A 786 -7.44 -11.16 7.28
CA PRO A 786 -7.97 -12.45 7.72
C PRO A 786 -7.80 -13.58 6.72
N GLY A 787 -7.48 -14.77 7.23
CA GLY A 787 -7.29 -15.92 6.37
C GLY A 787 -5.92 -15.97 5.73
N PHE A 788 -5.26 -14.82 5.62
CA PHE A 788 -3.92 -14.74 5.02
C PHE A 788 -2.95 -15.50 5.89
N PRO A 789 -2.30 -16.54 5.33
CA PRO A 789 -1.33 -17.41 5.98
C PRO A 789 -0.17 -16.73 6.68
N ILE A 790 0.00 -17.09 7.96
CA ILE A 790 1.09 -16.54 8.75
C ILE A 790 1.93 -17.62 9.39
N LEU A 791 3.21 -17.62 9.06
CA LEU A 791 4.16 -18.55 9.65
C LEU A 791 4.77 -17.73 10.78
N ALA A 792 4.43 -18.06 12.03
CA ALA A 792 4.93 -17.33 13.19
C ALA A 792 6.36 -17.72 13.57
N THR A 793 7.10 -16.74 14.09
CA THR A 793 8.48 -16.93 14.53
C THR A 793 8.88 -15.79 15.44
N GLY A 794 9.33 -16.14 16.64
CA GLY A 794 9.73 -15.13 17.59
C GLY A 794 9.40 -15.50 19.03
N GLY A 795 10.26 -16.30 19.65
CA GLY A 795 10.04 -16.67 21.04
C GLY A 795 9.32 -17.98 21.27
N ILE A 796 9.10 -18.78 20.22
CA ILE A 796 8.43 -20.04 20.48
C ILE A 796 9.43 -21.00 21.10
N ASP A 797 9.05 -21.60 22.22
CA ASP A 797 9.94 -22.53 22.93
C ASP A 797 9.20 -23.64 23.65
N SER A 798 7.90 -23.76 23.38
CA SER A 798 7.08 -24.79 24.01
C SER A 798 5.74 -24.92 23.33
N ALA A 799 5.07 -26.04 23.58
CA ALA A 799 3.77 -26.29 23.00
C ALA A 799 2.83 -25.15 23.34
N GLU A 800 2.75 -24.81 24.62
CA GLU A 800 1.88 -23.75 25.06
C GLU A 800 2.13 -22.43 24.36
N SER A 801 3.37 -21.99 24.27
CA SER A 801 3.61 -20.71 23.60
C SER A 801 3.21 -20.86 22.15
N GLY A 802 3.58 -21.98 21.54
CA GLY A 802 3.24 -22.21 20.15
C GLY A 802 1.74 -22.06 19.94
N LEU A 803 0.96 -22.64 20.85
CA LEU A 803 -0.50 -22.59 20.78
C LEU A 803 -0.97 -21.15 20.85
N GLN A 804 -0.18 -20.32 21.53
CA GLN A 804 -0.54 -18.91 21.66
C GLN A 804 -0.45 -18.23 20.29
N PHE A 805 0.50 -18.66 19.46
CA PHE A 805 0.60 -18.06 18.13
C PHE A 805 -0.47 -18.62 17.19
N LEU A 806 -0.88 -19.86 17.40
CA LEU A 806 -1.93 -20.45 16.58
C LEU A 806 -3.15 -19.64 16.95
N HIS A 807 -3.39 -19.47 18.24
CA HIS A 807 -4.53 -18.72 18.72
C HIS A 807 -4.51 -17.29 18.23
N SER A 808 -3.38 -16.80 17.76
CA SER A 808 -3.33 -15.43 17.30
C SER A 808 -3.34 -15.34 15.80
N GLY A 809 -3.68 -16.45 15.15
CA GLY A 809 -3.72 -16.43 13.69
C GLY A 809 -2.62 -17.11 12.88
N ALA A 810 -1.60 -17.66 13.53
CA ALA A 810 -0.55 -18.32 12.79
C ALA A 810 -0.96 -19.78 12.58
N SER A 811 -0.52 -20.38 11.48
CA SER A 811 -0.86 -21.76 11.16
C SER A 811 0.28 -22.73 11.38
N VAL A 812 1.51 -22.24 11.31
CA VAL A 812 2.66 -23.08 11.54
C VAL A 812 3.64 -22.26 12.38
N LEU A 813 4.45 -22.91 13.20
CA LEU A 813 5.37 -22.19 14.08
C LEU A 813 6.85 -22.48 13.85
N GLN A 814 7.64 -21.44 13.54
CA GLN A 814 9.07 -21.63 13.30
C GLN A 814 9.88 -21.51 14.59
N VAL A 815 10.95 -22.27 14.71
CA VAL A 815 11.73 -22.24 15.95
C VAL A 815 13.24 -22.08 15.76
N CYS A 816 13.90 -21.40 16.70
CA CYS A 816 15.34 -21.24 16.61
C CYS A 816 16.02 -21.15 17.96
N SER A 817 15.86 -20.01 18.63
CA SER A 817 16.47 -19.75 19.94
C SER A 817 16.28 -20.89 20.91
N ALA A 818 15.09 -21.49 20.87
CA ALA A 818 14.77 -22.59 21.75
C ALA A 818 15.67 -23.80 21.51
N VAL A 819 16.11 -24.00 20.28
CA VAL A 819 16.96 -25.15 19.96
C VAL A 819 18.41 -24.78 20.21
N GLN A 820 18.70 -23.49 20.17
CA GLN A 820 20.06 -23.03 20.43
C GLN A 820 20.29 -23.19 21.93
N ASN A 821 19.21 -23.10 22.69
CA ASN A 821 19.27 -23.24 24.14
C ASN A 821 19.24 -24.72 24.50
N GLN A 822 18.89 -25.58 23.52
CA GLN A 822 18.79 -27.01 23.81
C GLN A 822 19.24 -27.89 22.66
N ASP A 823 18.28 -28.54 22.00
CA ASP A 823 18.60 -29.41 20.87
C ASP A 823 17.35 -29.88 20.15
N PHE A 824 17.55 -30.51 19.00
CA PHE A 824 16.44 -30.99 18.19
C PHE A 824 15.35 -31.83 18.86
N THR A 825 15.64 -32.51 19.96
CA THR A 825 14.61 -33.34 20.57
C THR A 825 13.45 -32.58 21.21
N VAL A 826 13.61 -31.26 21.37
CA VAL A 826 12.51 -30.50 21.96
C VAL A 826 11.22 -30.77 21.19
N ILE A 827 11.36 -31.19 19.95
CA ILE A 827 10.19 -31.48 19.12
C ILE A 827 9.28 -32.46 19.80
N GLN A 828 9.86 -33.49 20.38
CA GLN A 828 9.09 -34.49 21.09
C GLN A 828 8.22 -33.80 22.12
N ASP A 829 8.81 -32.86 22.86
CA ASP A 829 8.08 -32.14 23.90
C ASP A 829 6.94 -31.36 23.29
N TYR A 830 7.26 -30.62 22.23
CA TYR A 830 6.27 -29.79 21.56
C TYR A 830 5.06 -30.58 21.08
N CYS A 831 5.29 -31.71 20.42
CA CYS A 831 4.17 -32.49 19.90
C CYS A 831 3.37 -33.12 21.02
N THR A 832 4.02 -33.84 21.91
CA THR A 832 3.27 -34.45 23.00
C THR A 832 2.60 -33.35 23.79
N GLY A 833 3.20 -32.16 23.78
CA GLY A 833 2.61 -31.05 24.52
C GLY A 833 1.33 -30.51 23.90
N LEU A 834 1.40 -30.18 22.61
CA LEU A 834 0.24 -29.66 21.88
C LEU A 834 -0.85 -30.70 21.93
N LYS A 835 -0.45 -31.96 21.87
CA LYS A 835 -1.40 -33.04 21.92
C LYS A 835 -2.21 -32.92 23.19
N ALA A 836 -1.52 -32.95 24.31
CA ALA A 836 -2.14 -32.84 25.62
C ALA A 836 -3.09 -31.67 25.68
N LEU A 837 -2.61 -30.51 25.24
CA LEU A 837 -3.41 -29.30 25.26
C LEU A 837 -4.75 -29.42 24.58
N LEU A 838 -4.74 -29.82 23.30
CA LEU A 838 -5.98 -29.96 22.57
C LEU A 838 -6.81 -31.04 23.24
N TYR A 839 -6.18 -32.15 23.64
CA TYR A 839 -6.95 -33.20 24.25
C TYR A 839 -7.71 -32.73 25.47
N LEU A 840 -7.06 -31.99 26.35
CA LEU A 840 -7.74 -31.54 27.56
C LEU A 840 -8.92 -30.62 27.30
N LYS A 841 -8.92 -29.92 26.18
CA LYS A 841 -10.00 -29.00 25.83
C LYS A 841 -11.33 -29.72 25.70
N SER A 842 -11.31 -31.04 25.67
CA SER A 842 -12.52 -31.79 25.52
C SER A 842 -12.96 -32.42 26.81
N ILE A 843 -12.17 -32.24 27.86
CA ILE A 843 -12.53 -32.81 29.14
C ILE A 843 -13.31 -31.80 29.94
N GLU A 844 -14.54 -32.15 30.25
CA GLU A 844 -15.43 -31.27 30.99
C GLU A 844 -15.02 -31.02 32.44
N GLU A 845 -14.65 -32.08 33.14
CA GLU A 845 -14.27 -31.97 34.54
C GLU A 845 -12.94 -31.27 34.82
N LEU A 846 -12.25 -30.84 33.77
CA LEU A 846 -10.96 -30.15 33.94
C LEU A 846 -10.98 -28.77 33.32
N GLN A 847 -12.07 -28.05 33.46
CA GLN A 847 -12.14 -26.72 32.88
C GLN A 847 -11.56 -25.64 33.79
N GLY A 848 -11.43 -25.95 35.07
CA GLY A 848 -10.87 -24.99 35.99
C GLY A 848 -9.38 -24.80 35.79
N TRP A 849 -8.78 -25.72 35.04
CA TRP A 849 -7.35 -25.71 34.76
C TRP A 849 -7.00 -24.69 33.69
N ASP A 850 -5.72 -24.30 33.63
CA ASP A 850 -5.24 -23.39 32.61
C ASP A 850 -4.29 -24.19 31.76
N GLY A 851 -4.84 -24.94 30.80
CA GLY A 851 -3.98 -25.77 29.99
C GLY A 851 -3.71 -27.01 30.81
N GLN A 852 -2.44 -27.30 31.08
CA GLN A 852 -2.06 -28.47 31.86
C GLN A 852 -1.85 -28.15 33.32
N SER A 853 -2.08 -26.89 33.68
CA SER A 853 -1.89 -26.44 35.05
C SER A 853 -3.20 -26.53 35.83
N PRO A 854 -3.23 -27.33 36.90
CA PRO A 854 -4.46 -27.43 37.68
C PRO A 854 -4.72 -26.08 38.36
N GLY A 855 -5.90 -25.90 38.92
CA GLY A 855 -6.17 -24.64 39.58
C GLY A 855 -5.35 -24.64 40.86
N THR A 856 -4.64 -23.56 41.13
CA THR A 856 -3.81 -23.47 42.33
C THR A 856 -4.62 -23.57 43.61
N GLU A 857 -4.14 -24.38 44.56
CA GLU A 857 -4.84 -24.56 45.84
C GLU A 857 -4.01 -23.94 46.96
N SER A 858 -4.66 -23.42 47.99
CA SER A 858 -3.97 -22.82 49.13
C SER A 858 -2.88 -23.76 49.62
N HIS A 859 -1.63 -23.36 49.47
CA HIS A 859 -0.52 -24.21 49.88
C HIS A 859 0.64 -23.48 50.52
N GLN A 860 1.60 -24.27 50.98
CA GLN A 860 2.82 -23.76 51.59
C GLN A 860 3.91 -24.78 51.30
N LYS A 861 4.95 -24.35 50.58
CA LYS A 861 6.07 -25.22 50.21
C LYS A 861 5.54 -26.41 49.42
N GLY A 862 4.53 -26.14 48.60
CA GLY A 862 3.94 -27.14 47.74
C GLY A 862 2.95 -28.10 48.34
N LYS A 863 2.64 -27.92 49.62
CA LYS A 863 1.71 -28.80 50.30
C LYS A 863 0.40 -28.08 50.57
N PRO A 864 -0.74 -28.75 50.40
CA PRO A 864 -2.03 -28.09 50.64
C PRO A 864 -2.13 -27.62 52.08
N VAL A 865 -2.92 -26.58 52.31
CA VAL A 865 -3.10 -26.09 53.66
C VAL A 865 -4.27 -26.82 54.30
N PRO A 866 -4.10 -27.28 55.54
CA PRO A 866 -5.19 -27.99 56.23
C PRO A 866 -6.36 -27.04 56.39
N ARG A 867 -7.55 -27.48 56.00
CA ARG A 867 -8.75 -26.64 56.13
C ARG A 867 -9.41 -26.88 57.48
N ILE A 868 -8.70 -26.50 58.55
CA ILE A 868 -9.20 -26.65 59.91
C ILE A 868 -9.90 -25.36 60.31
N ALA A 869 -11.15 -25.50 60.74
CA ALA A 869 -12.00 -24.38 61.13
C ALA A 869 -11.31 -23.41 62.08
N GLU A 870 -10.59 -24.00 63.03
CA GLU A 870 -9.88 -23.22 64.04
C GLU A 870 -8.55 -22.70 63.51
N LEU A 871 -8.40 -22.67 62.19
CA LEU A 871 -7.16 -22.19 61.56
C LEU A 871 -7.33 -21.12 60.50
N MET A 872 -8.52 -21.02 59.92
CA MET A 872 -8.79 -20.04 58.86
C MET A 872 -9.23 -18.68 59.38
N GLY A 873 -8.68 -17.62 58.78
CA GLY A 873 -9.03 -16.28 59.21
C GLY A 873 -8.60 -15.92 60.63
N LYS A 874 -7.57 -16.61 61.13
CA LYS A 874 -7.04 -16.37 62.48
C LYS A 874 -5.78 -15.53 62.43
N LYS A 875 -5.29 -15.29 61.21
CA LYS A 875 -4.10 -14.49 60.99
C LYS A 875 -2.88 -15.05 61.72
N LEU A 876 -2.58 -16.32 61.46
CA LEU A 876 -1.43 -16.99 62.07
C LEU A 876 -0.45 -17.29 60.95
N PRO A 877 0.55 -16.41 60.73
CA PRO A 877 1.55 -16.62 59.69
C PRO A 877 2.42 -17.80 60.08
N ASN A 878 3.14 -18.36 59.12
CA ASN A 878 3.97 -19.53 59.37
C ASN A 878 5.37 -19.28 59.97
N PHE A 879 5.43 -18.55 61.06
CA PHE A 879 6.70 -18.25 61.69
C PHE A 879 6.52 -17.85 63.13
N GLY A 880 7.58 -17.96 63.92
CA GLY A 880 7.51 -17.57 65.31
C GLY A 880 6.38 -18.22 66.09
N PRO A 881 5.92 -17.58 67.17
CA PRO A 881 4.84 -18.10 68.01
C PRO A 881 3.59 -18.46 67.24
N TYR A 882 3.39 -17.82 66.09
CA TYR A 882 2.22 -18.08 65.28
C TYR A 882 2.29 -19.50 64.76
N LEU A 883 3.50 -19.90 64.38
CA LEU A 883 3.72 -21.25 63.86
C LEU A 883 3.48 -22.24 64.98
N GLU A 884 3.89 -21.87 66.18
CA GLU A 884 3.73 -22.71 67.36
C GLU A 884 2.23 -23.00 67.56
N GLN A 885 1.41 -21.96 67.44
CA GLN A 885 -0.03 -22.09 67.62
C GLN A 885 -0.61 -22.95 66.52
N ARG A 886 -0.13 -22.75 65.31
CA ARG A 886 -0.62 -23.52 64.17
C ARG A 886 -0.41 -25.00 64.41
N LYS A 887 0.80 -25.37 64.79
CA LYS A 887 1.14 -26.77 65.03
C LYS A 887 0.28 -27.41 66.12
N LYS A 888 0.00 -26.64 67.17
CA LYS A 888 -0.84 -27.11 68.26
C LYS A 888 -2.23 -27.39 67.71
N ILE A 889 -2.81 -26.39 67.07
CA ILE A 889 -4.14 -26.51 66.49
C ILE A 889 -4.25 -27.70 65.57
N ILE A 890 -3.19 -27.98 64.82
CA ILE A 890 -3.21 -29.11 63.88
C ILE A 890 -3.09 -30.46 64.58
N ALA A 891 -2.33 -30.52 65.68
CA ALA A 891 -2.19 -31.76 66.42
C ALA A 891 -3.50 -32.04 67.15
N GLU A 892 -4.15 -30.97 67.64
CA GLU A 892 -5.42 -31.12 68.32
C GLU A 892 -6.40 -31.73 67.34
N GLU A 893 -6.38 -31.23 66.11
CA GLU A 893 -7.27 -31.71 65.06
C GLU A 893 -7.03 -33.19 64.74
N LYS A 894 -5.77 -33.63 64.76
CA LYS A 894 -5.45 -35.03 64.48
C LYS A 894 -5.98 -35.93 65.57
N MET A 895 -5.89 -35.47 66.82
CA MET A 895 -6.39 -36.22 67.95
C MET A 895 -7.89 -36.33 67.83
N ARG A 896 -8.52 -35.25 67.38
CA ARG A 896 -9.96 -35.22 67.23
C ARG A 896 -10.36 -36.26 66.18
N LEU A 897 -9.62 -36.29 65.08
CA LEU A 897 -9.89 -37.21 63.98
C LEU A 897 -9.70 -38.66 64.37
N LYS A 898 -8.90 -38.89 65.40
CA LYS A 898 -8.64 -40.24 65.86
C LYS A 898 -9.85 -40.70 66.69
N GLU A 899 -10.39 -39.79 67.49
CA GLU A 899 -11.54 -40.08 68.33
C GLU A 899 -12.74 -40.43 67.48
N GLN A 900 -12.63 -40.21 66.18
CA GLN A 900 -13.74 -40.50 65.28
C GLN A 900 -13.69 -41.94 64.77
N ASN A 901 -12.50 -42.48 64.63
CA ASN A 901 -12.33 -43.82 64.13
C ASN A 901 -13.23 -44.10 62.93
N ALA A 902 -13.69 -43.06 62.25
CA ALA A 902 -14.55 -43.22 61.07
C ALA A 902 -13.77 -43.97 59.99
N ALA A 903 -14.39 -44.96 59.33
CA ALA A 903 -13.71 -45.69 58.24
C ALA A 903 -13.78 -44.78 56.99
N PHE A 904 -12.69 -44.62 56.24
CA PHE A 904 -12.77 -43.77 55.07
C PHE A 904 -13.11 -44.51 53.76
N PRO A 905 -14.28 -44.20 53.12
CA PRO A 905 -14.74 -44.86 51.88
C PRO A 905 -13.62 -45.20 50.87
N PRO A 906 -13.69 -46.38 50.24
CA PRO A 906 -12.75 -46.93 49.25
C PRO A 906 -12.29 -45.97 48.15
N LEU A 907 -11.81 -46.50 47.01
CA LEU A 907 -11.36 -45.67 45.90
C LEU A 907 -12.18 -45.80 44.62
N GLU A 908 -12.58 -44.64 44.09
CA GLU A 908 -13.33 -44.54 42.86
C GLU A 908 -12.53 -43.76 41.83
N ARG A 909 -11.56 -44.45 41.23
CA ARG A 909 -10.75 -43.80 40.23
C ARG A 909 -11.34 -44.15 38.87
N LYS A 910 -12.07 -43.22 38.30
CA LYS A 910 -12.68 -43.45 36.99
C LYS A 910 -12.15 -42.45 35.99
N PRO A 911 -11.76 -42.93 34.82
CA PRO A 911 -11.22 -42.16 33.71
C PRO A 911 -12.15 -41.06 33.23
N PHE A 912 -11.57 -39.94 32.81
CA PHE A 912 -12.33 -38.83 32.27
C PHE A 912 -12.53 -39.10 30.79
N ILE A 913 -13.77 -38.96 30.33
CA ILE A 913 -14.10 -39.20 28.93
C ILE A 913 -14.38 -37.91 28.17
N PRO A 914 -13.77 -37.74 27.00
CA PRO A 914 -13.99 -36.54 26.21
C PRO A 914 -15.46 -36.34 25.88
N LYS A 915 -16.06 -35.30 26.44
CA LYS A 915 -17.47 -35.00 26.22
C LYS A 915 -17.67 -34.02 25.07
N LYS A 916 -16.79 -34.11 24.08
CA LYS A 916 -16.86 -33.27 22.89
C LYS A 916 -15.69 -33.64 21.99
N PRO A 917 -15.83 -33.42 20.67
CA PRO A 917 -14.72 -33.76 19.78
C PRO A 917 -13.45 -32.96 20.10
N ILE A 918 -12.31 -33.63 19.97
CA ILE A 918 -11.00 -33.03 20.21
C ILE A 918 -10.70 -32.03 19.10
N PRO A 919 -10.53 -30.74 19.43
CA PRO A 919 -10.24 -29.74 18.40
C PRO A 919 -9.02 -30.08 17.56
N ALA A 920 -8.95 -29.49 16.37
CA ALA A 920 -7.85 -29.69 15.44
C ALA A 920 -7.19 -28.33 15.24
N ILE A 921 -5.95 -28.31 14.78
CA ILE A 921 -5.27 -27.03 14.61
C ILE A 921 -6.17 -25.98 13.95
N LYS A 922 -6.77 -26.33 12.82
CA LYS A 922 -7.62 -25.37 12.13
C LYS A 922 -8.68 -24.81 13.06
N ASP A 923 -9.26 -25.66 13.89
CA ASP A 923 -10.30 -25.22 14.80
C ASP A 923 -9.85 -24.21 15.86
N VAL A 924 -8.54 -24.02 16.04
CA VAL A 924 -8.11 -23.07 17.06
C VAL A 924 -7.34 -21.91 16.49
N ILE A 925 -6.94 -21.97 15.23
CA ILE A 925 -6.20 -20.84 14.71
C ILE A 925 -7.03 -19.57 14.84
N GLY A 926 -6.39 -18.50 15.30
CA GLY A 926 -7.07 -17.22 15.45
C GLY A 926 -8.21 -17.08 16.45
N LYS A 927 -8.54 -18.15 17.19
CA LYS A 927 -9.62 -18.07 18.17
C LYS A 927 -9.45 -17.00 19.26
N ALA A 928 -8.23 -16.56 19.45
CA ALA A 928 -7.95 -15.55 20.47
C ALA A 928 -8.15 -14.13 19.96
N LEU A 929 -8.32 -13.99 18.66
CA LEU A 929 -8.47 -12.67 18.06
C LEU A 929 -9.73 -11.93 18.47
N GLN A 930 -10.76 -12.69 18.83
CA GLN A 930 -12.02 -12.09 19.24
C GLN A 930 -11.90 -11.15 20.42
N TYR A 931 -10.97 -11.48 21.32
CA TYR A 931 -10.76 -10.68 22.53
C TYR A 931 -9.98 -9.39 22.30
N LEU A 932 -9.26 -9.31 21.19
CA LEU A 932 -8.49 -8.11 20.90
C LEU A 932 -9.40 -7.02 20.38
N GLY A 933 -9.10 -5.78 20.79
CA GLY A 933 -9.87 -4.62 20.37
C GLY A 933 -9.08 -3.37 20.65
N THR A 934 -9.65 -2.22 20.35
CA THR A 934 -8.98 -0.96 20.60
C THR A 934 -9.07 -0.73 22.09
N PHE A 935 -8.56 0.39 22.58
CA PHE A 935 -8.64 0.66 24.01
C PHE A 935 -10.06 1.10 24.36
N GLY A 936 -10.71 1.79 23.43
CA GLY A 936 -12.07 2.25 23.67
C GLY A 936 -13.07 1.12 23.86
N GLU A 937 -12.76 -0.05 23.32
CA GLU A 937 -13.64 -1.19 23.45
C GLU A 937 -13.49 -1.86 24.82
N LEU A 938 -12.57 -1.34 25.63
CA LEU A 938 -12.29 -1.86 26.97
C LEU A 938 -13.18 -1.15 28.00
N SER A 939 -13.97 -1.94 28.74
CA SER A 939 -14.90 -1.40 29.74
C SER A 939 -14.26 -0.80 30.99
N ASN A 940 -14.47 0.50 31.22
CA ASN A 940 -13.89 1.12 32.41
C ASN A 940 -14.88 1.23 33.56
N ILE A 941 -15.92 0.42 33.52
CA ILE A 941 -16.91 0.41 34.59
C ILE A 941 -16.75 -0.93 35.31
N GLU A 942 -16.19 -1.90 34.61
CA GLU A 942 -15.93 -3.22 35.18
C GLU A 942 -14.50 -3.16 35.75
N GLN A 943 -14.38 -2.53 36.92
CA GLN A 943 -13.11 -2.38 37.61
C GLN A 943 -12.92 -3.54 38.55
N VAL A 944 -11.66 -3.79 38.91
CA VAL A 944 -11.30 -4.87 39.83
C VAL A 944 -10.33 -4.40 40.90
N VAL A 945 -10.10 -5.24 41.89
CA VAL A 945 -9.17 -4.96 42.97
C VAL A 945 -8.49 -6.26 43.33
N ALA A 946 -7.37 -6.18 44.02
CA ALA A 946 -6.63 -7.37 44.43
C ALA A 946 -7.10 -7.93 45.77
N VAL A 947 -7.07 -9.25 45.91
CA VAL A 947 -7.47 -9.89 47.15
C VAL A 947 -6.46 -10.98 47.49
N ILE A 948 -5.79 -10.83 48.63
CA ILE A 948 -4.75 -11.76 49.05
C ILE A 948 -5.17 -12.94 49.92
N ASP A 949 -4.56 -14.09 49.64
CA ASP A 949 -4.82 -15.34 50.35
C ASP A 949 -3.74 -15.48 51.40
N GLU A 950 -4.00 -15.00 52.62
CA GLU A 950 -3.04 -15.06 53.71
C GLU A 950 -2.44 -16.45 53.95
N GLU A 951 -3.18 -17.49 53.59
CA GLU A 951 -2.72 -18.86 53.76
C GLU A 951 -1.60 -19.24 52.80
N MET A 952 -1.53 -18.54 51.66
CA MET A 952 -0.53 -18.81 50.63
C MET A 952 0.67 -17.88 50.69
N CYS A 953 0.47 -16.71 51.30
CA CYS A 953 1.47 -15.68 51.45
C CYS A 953 2.72 -16.11 52.24
N ILE A 954 3.89 -15.62 51.82
CA ILE A 954 5.18 -15.91 52.50
C ILE A 954 5.77 -14.63 53.12
N ASN A 955 4.89 -13.69 53.41
CA ASN A 955 5.20 -12.45 54.08
C ASN A 955 6.39 -11.60 53.65
N CYS A 956 6.80 -11.68 52.39
CA CYS A 956 7.95 -10.88 51.96
C CYS A 956 7.64 -9.40 51.92
N GLY A 957 6.42 -9.03 51.59
CA GLY A 957 6.08 -7.63 51.55
C GLY A 957 6.35 -6.93 50.23
N LYS A 958 6.52 -7.71 49.16
CA LYS A 958 6.79 -7.11 47.87
C LYS A 958 5.59 -6.35 47.35
N CYS A 959 4.40 -6.90 47.51
CA CYS A 959 3.17 -6.23 47.04
C CYS A 959 3.09 -4.86 47.68
N TYR A 960 3.39 -4.85 48.97
CA TYR A 960 3.40 -3.64 49.79
C TYR A 960 4.28 -2.59 49.15
N MET A 961 5.53 -2.95 48.85
CA MET A 961 6.49 -2.02 48.28
C MET A 961 6.14 -1.52 46.87
N THR A 962 5.56 -2.40 46.05
CA THR A 962 5.18 -2.00 44.69
C THR A 962 4.14 -0.91 44.79
N CYS A 963 3.06 -1.22 45.49
CA CYS A 963 1.98 -0.27 45.67
C CYS A 963 2.43 0.99 46.40
N ASN A 964 3.47 0.88 47.21
CA ASN A 964 3.93 2.07 47.92
C ASN A 964 4.71 3.02 47.04
N ASP A 965 5.68 2.52 46.30
CA ASP A 965 6.48 3.38 45.43
C ASP A 965 6.15 3.30 43.95
N SER A 966 5.17 2.49 43.58
CA SER A 966 4.74 2.36 42.19
C SER A 966 3.24 2.23 42.14
N GLY A 967 2.57 2.50 43.25
CA GLY A 967 1.14 2.38 43.28
C GLY A 967 0.36 3.45 44.04
N TYR A 968 -0.67 3.01 44.76
CA TYR A 968 -1.52 3.91 45.50
C TYR A 968 -1.53 3.76 47.02
N GLN A 969 -0.44 3.23 47.58
CA GLN A 969 -0.37 3.05 49.01
C GLN A 969 -1.71 2.51 49.48
N ALA A 970 -2.08 1.36 48.95
CA ALA A 970 -3.35 0.74 49.26
C ALA A 970 -3.22 -0.50 50.13
N ILE A 971 -1.99 -0.90 50.41
CA ILE A 971 -1.80 -2.11 51.20
C ILE A 971 -1.23 -1.89 52.58
N GLN A 972 -1.82 -2.59 53.56
CA GLN A 972 -1.38 -2.53 54.95
C GLN A 972 -0.52 -3.74 55.18
N PHE A 973 0.63 -3.54 55.82
CA PHE A 973 1.55 -4.62 56.09
C PHE A 973 1.72 -4.69 57.61
N ASP A 974 0.98 -5.59 58.25
CA ASP A 974 1.06 -5.71 59.71
C ASP A 974 2.50 -5.83 60.15
N PRO A 975 2.88 -5.13 61.24
CA PRO A 975 4.23 -5.15 61.77
C PRO A 975 4.60 -6.37 62.63
N GLU A 976 3.63 -7.21 62.93
CA GLU A 976 3.88 -8.36 63.76
C GLU A 976 3.72 -9.67 63.01
N THR A 977 2.74 -9.74 62.11
CA THR A 977 2.51 -10.96 61.33
C THR A 977 2.98 -10.84 59.90
N HIS A 978 3.48 -9.67 59.54
CA HIS A 978 3.95 -9.46 58.18
C HIS A 978 2.97 -9.96 57.15
N LEU A 979 1.68 -9.79 57.43
CA LEU A 979 0.62 -10.19 56.53
C LEU A 979 0.05 -8.95 55.87
N PRO A 980 -0.10 -8.97 54.55
CA PRO A 980 -0.64 -7.82 53.82
C PRO A 980 -2.16 -7.83 53.73
N THR A 981 -2.74 -6.64 53.57
CA THR A 981 -4.19 -6.49 53.47
C THR A 981 -4.50 -5.32 52.54
N VAL A 982 -5.03 -5.62 51.37
CA VAL A 982 -5.37 -4.58 50.41
C VAL A 982 -6.57 -3.81 50.92
N THR A 983 -6.45 -2.49 50.98
CA THR A 983 -7.57 -1.69 51.45
C THR A 983 -8.45 -1.20 50.28
N ASP A 984 -9.49 -0.46 50.64
CA ASP A 984 -10.45 0.06 49.69
C ASP A 984 -9.90 1.12 48.76
N THR A 985 -8.66 1.54 49.00
CA THR A 985 -8.03 2.57 48.16
C THR A 985 -7.47 1.97 46.88
N CYS A 986 -7.43 0.64 46.82
CA CYS A 986 -6.92 -0.10 45.66
C CYS A 986 -7.62 0.32 44.39
N THR A 987 -6.86 0.39 43.30
CA THR A 987 -7.41 0.78 42.01
C THR A 987 -7.38 -0.38 41.02
N GLY A 988 -6.78 -1.49 41.44
CA GLY A 988 -6.70 -2.67 40.59
C GLY A 988 -5.63 -2.62 39.50
N CYS A 989 -4.67 -1.70 39.63
CA CYS A 989 -3.60 -1.59 38.65
C CYS A 989 -3.03 -2.96 38.35
N THR A 990 -2.94 -3.78 39.40
CA THR A 990 -2.45 -5.17 39.26
C THR A 990 -0.93 -5.34 39.37
N LEU A 991 -0.21 -4.29 39.78
CA LEU A 991 1.22 -4.44 39.90
C LEU A 991 1.59 -5.43 40.97
N CYS A 992 0.97 -5.31 42.14
CA CYS A 992 1.28 -6.23 43.22
C CYS A 992 1.20 -7.67 42.73
N LEU A 993 0.03 -8.09 42.28
CA LEU A 993 -0.11 -9.45 41.81
C LEU A 993 1.07 -9.79 40.92
N SER A 994 1.49 -8.82 40.12
CA SER A 994 2.60 -9.03 39.18
C SER A 994 3.94 -9.32 39.85
N VAL A 995 4.16 -8.76 41.02
CA VAL A 995 5.42 -8.97 41.72
C VAL A 995 5.36 -10.00 42.83
N CYS A 996 4.18 -10.50 43.15
CA CYS A 996 4.07 -11.50 44.19
C CYS A 996 4.88 -12.73 43.74
N PRO A 997 5.69 -13.30 44.62
CA PRO A 997 6.49 -14.46 44.29
C PRO A 997 5.73 -15.77 44.36
N ILE A 998 4.52 -15.73 44.90
CA ILE A 998 3.71 -16.94 45.03
C ILE A 998 2.60 -16.91 43.98
N ILE A 999 2.60 -17.92 43.13
CA ILE A 999 1.62 -17.97 42.07
C ILE A 999 0.20 -18.08 42.61
N ASP A 1000 -0.67 -17.19 42.14
CA ASP A 1000 -2.08 -17.16 42.53
C ASP A 1000 -2.34 -16.85 44.01
N CYS A 1001 -1.36 -16.23 44.67
CA CYS A 1001 -1.55 -15.86 46.07
C CYS A 1001 -2.42 -14.64 46.01
N ILE A 1002 -2.14 -13.78 45.03
CA ILE A 1002 -2.94 -12.58 44.84
C ILE A 1002 -3.80 -12.78 43.60
N ARG A 1003 -5.07 -12.41 43.69
CA ARG A 1003 -5.99 -12.56 42.57
C ARG A 1003 -6.78 -11.28 42.39
N MET A 1004 -7.23 -11.03 41.17
CA MET A 1004 -8.00 -9.83 40.89
C MET A 1004 -9.46 -10.25 40.87
N VAL A 1005 -10.28 -9.53 41.62
CA VAL A 1005 -11.69 -9.82 41.71
C VAL A 1005 -12.48 -8.58 41.35
N SER A 1006 -13.75 -8.76 41.03
CA SER A 1006 -14.62 -7.65 40.67
C SER A 1006 -14.84 -6.69 41.83
N ARG A 1007 -14.69 -5.40 41.54
CA ARG A 1007 -14.85 -4.40 42.57
C ARG A 1007 -16.29 -4.34 43.01
N THR A 1008 -16.49 -4.45 44.31
CA THR A 1008 -17.82 -4.40 44.89
C THR A 1008 -18.15 -2.95 45.25
N THR A 1009 -17.14 -2.17 45.61
CA THR A 1009 -17.37 -0.76 45.95
C THR A 1009 -17.17 0.11 44.70
N PRO A 1010 -18.02 1.14 44.50
CA PRO A 1010 -17.87 1.99 43.31
C PRO A 1010 -16.47 2.55 43.05
N TYR A 1011 -16.05 2.57 41.79
CA TYR A 1011 -14.73 3.10 41.49
C TYR A 1011 -14.90 4.58 41.18
N GLU A 1012 -13.97 5.37 41.71
CA GLU A 1012 -13.98 6.81 41.47
C GLU A 1012 -12.52 7.25 41.34
N PRO A 1013 -12.09 7.54 40.10
CA PRO A 1013 -10.71 7.97 39.81
C PRO A 1013 -10.21 9.06 40.73
N LYS A 1014 -8.91 9.05 41.02
CA LYS A 1014 -8.33 10.07 41.88
C LYS A 1014 -7.74 11.20 41.06
N ARG A 1015 -8.44 12.33 41.09
CA ARG A 1015 -8.03 13.52 40.33
C ARG A 1015 -7.06 14.41 41.09
N GLY A 1016 -6.95 14.20 42.39
CA GLY A 1016 -6.07 15.03 43.20
C GLY A 1016 -6.85 16.28 43.54
N LEU A 1017 -7.13 17.08 42.51
CA LEU A 1017 -7.91 18.30 42.65
C LEU A 1017 -9.13 18.14 41.75
N PRO A 1018 -10.33 18.37 42.30
CA PRO A 1018 -11.59 18.26 41.55
C PRO A 1018 -11.63 19.06 40.25
N LEU A 1019 -12.63 18.76 39.43
CA LEU A 1019 -12.81 19.42 38.13
C LEU A 1019 -13.90 20.50 38.14
N ALA A 1020 -13.79 21.44 37.21
CA ALA A 1020 -14.74 22.54 37.09
C ALA A 1020 -15.66 22.30 35.89
N ALA B 2 29.10 -36.75 -6.58
CA ALA B 2 28.77 -35.82 -5.44
C ALA B 2 28.22 -36.58 -4.22
N PRO B 3 29.04 -36.76 -3.16
CA PRO B 3 28.60 -37.48 -1.94
C PRO B 3 27.22 -37.02 -1.51
N VAL B 4 26.61 -37.67 -0.54
CA VAL B 4 25.30 -37.22 -0.09
C VAL B 4 25.55 -36.06 0.85
N LEU B 5 25.30 -34.84 0.36
CA LEU B 5 25.56 -33.61 1.13
C LEU B 5 24.83 -33.45 2.46
N SER B 6 23.58 -33.90 2.50
CA SER B 6 22.76 -33.77 3.69
C SER B 6 22.85 -34.98 4.62
N LYS B 7 24.05 -35.56 4.74
CA LYS B 7 24.24 -36.71 5.61
C LYS B 7 25.61 -36.60 6.27
N ASP B 8 25.65 -36.83 7.58
CA ASP B 8 26.91 -36.74 8.33
C ASP B 8 27.90 -37.81 7.89
N VAL B 9 29.16 -37.44 7.70
CA VAL B 9 30.18 -38.41 7.32
C VAL B 9 30.47 -39.26 8.55
N ALA B 10 31.12 -40.40 8.35
CA ALA B 10 31.45 -41.28 9.47
C ALA B 10 32.09 -40.55 10.65
N ASP B 11 33.06 -39.70 10.38
CA ASP B 11 33.75 -38.95 11.43
C ASP B 11 32.81 -38.14 12.31
N ILE B 12 31.89 -37.42 11.67
CA ILE B 12 30.91 -36.57 12.36
C ILE B 12 29.82 -37.35 13.08
N GLU B 13 29.41 -38.46 12.51
CA GLU B 13 28.40 -39.28 13.13
C GLU B 13 28.99 -39.79 14.43
N SER B 14 30.30 -40.04 14.41
CA SER B 14 31.02 -40.52 15.57
C SER B 14 31.10 -39.43 16.65
N ILE B 15 31.32 -38.19 16.23
CA ILE B 15 31.42 -37.07 17.18
C ILE B 15 30.09 -36.80 17.85
N LEU B 16 29.00 -37.14 17.16
CA LEU B 16 27.66 -36.94 17.67
C LEU B 16 27.18 -38.12 18.48
N ALA B 17 28.09 -39.06 18.76
CA ALA B 17 27.75 -40.27 19.51
C ALA B 17 26.94 -40.03 20.78
N LEU B 18 27.26 -38.96 21.51
CA LEU B 18 26.57 -38.66 22.75
C LEU B 18 25.50 -37.59 22.64
N ASN B 19 25.29 -37.09 21.43
CA ASN B 19 24.29 -36.05 21.23
C ASN B 19 22.92 -36.63 21.55
N PRO B 20 22.04 -35.84 22.17
CA PRO B 20 20.71 -36.29 22.52
C PRO B 20 19.79 -36.65 21.36
N ARG B 21 19.14 -37.81 21.47
CA ARG B 21 18.19 -38.32 20.46
C ARG B 21 17.06 -38.98 21.24
N THR B 22 15.80 -38.66 20.95
CA THR B 22 14.71 -39.30 21.69
C THR B 22 14.55 -40.76 21.28
N GLN B 23 14.37 -41.62 22.29
CA GLN B 23 14.24 -43.05 22.07
C GLN B 23 12.84 -43.45 21.64
N SER B 24 12.78 -44.58 20.94
CA SER B 24 11.53 -45.13 20.41
C SER B 24 10.98 -46.26 21.28
N HIS B 25 11.83 -46.79 22.15
CA HIS B 25 11.43 -47.87 23.04
C HIS B 25 12.01 -47.63 24.42
N ALA B 26 11.54 -48.39 25.40
CA ALA B 26 12.05 -48.24 26.76
C ALA B 26 13.40 -48.92 26.86
N ALA B 27 14.27 -48.35 27.68
CA ALA B 27 15.62 -48.89 27.85
C ALA B 27 15.68 -50.17 28.65
N LEU B 28 16.61 -51.03 28.26
CA LEU B 28 16.82 -52.30 28.93
C LEU B 28 18.21 -52.29 29.57
N HIS B 29 18.27 -52.34 30.90
CA HIS B 29 19.54 -52.35 31.62
C HIS B 29 19.35 -53.11 32.92
N SER B 30 19.97 -54.28 33.02
CA SER B 30 19.81 -55.08 34.22
C SER B 30 20.17 -54.29 35.47
N THR B 31 19.51 -54.61 36.57
CA THR B 31 19.77 -53.93 37.85
C THR B 31 21.24 -54.04 38.23
N LEU B 32 21.85 -55.17 37.87
CA LEU B 32 23.25 -55.43 38.17
C LEU B 32 24.15 -54.51 37.38
N ALA B 33 23.90 -54.40 36.08
CA ALA B 33 24.70 -53.54 35.23
C ALA B 33 24.64 -52.11 35.76
N LYS B 34 23.47 -51.72 36.25
CA LYS B 34 23.28 -50.39 36.79
C LYS B 34 24.18 -50.23 38.01
N LYS B 35 24.03 -51.13 38.97
CA LYS B 35 24.83 -51.09 40.18
C LYS B 35 26.31 -50.82 39.88
N LEU B 36 26.87 -51.61 38.97
CA LEU B 36 28.28 -51.47 38.61
C LEU B 36 28.64 -50.12 38.04
N ASP B 37 27.73 -49.59 37.24
CA ASP B 37 27.91 -48.31 36.56
C ASP B 37 27.67 -47.06 37.40
N LYS B 38 26.79 -47.15 38.39
CA LYS B 38 26.48 -46.02 39.24
C LYS B 38 27.70 -45.34 39.89
N LYS B 39 28.69 -46.13 40.29
CA LYS B 39 29.91 -45.63 40.95
C LYS B 39 30.73 -44.68 40.11
N HIS B 40 30.57 -44.79 38.79
CA HIS B 40 31.35 -43.98 37.87
C HIS B 40 31.03 -42.50 37.90
N TRP B 41 29.75 -42.18 38.09
CA TRP B 41 29.31 -40.78 38.10
C TRP B 41 29.08 -40.16 39.49
N LYS B 42 29.20 -40.96 40.55
CA LYS B 42 29.00 -40.48 41.92
C LYS B 42 29.64 -39.10 42.11
N ARG B 43 28.85 -38.13 42.54
CA ARG B 43 29.35 -36.78 42.75
C ARG B 43 29.44 -36.44 44.22
N ASN B 44 28.48 -36.95 45.00
CA ASN B 44 28.40 -36.68 46.43
C ASN B 44 28.89 -37.85 47.25
N PRO B 45 28.89 -37.72 48.59
CA PRO B 45 29.33 -38.77 49.52
C PRO B 45 28.68 -40.15 49.36
N ASP B 46 29.46 -41.21 49.60
CA ASP B 46 28.97 -42.59 49.49
C ASP B 46 28.45 -43.01 50.87
N LYS B 47 27.14 -43.14 51.03
CA LYS B 47 26.61 -43.54 52.34
C LYS B 47 27.15 -44.90 52.79
N ASN B 48 27.77 -45.64 51.87
CA ASN B 48 28.32 -46.97 52.15
C ASN B 48 29.84 -46.91 52.29
N CYS B 49 30.36 -45.70 52.46
CA CYS B 49 31.80 -45.47 52.61
C CYS B 49 32.08 -45.12 54.08
N PHE B 50 32.78 -46.01 54.78
CA PHE B 50 33.07 -45.80 56.20
C PHE B 50 34.28 -44.94 56.53
N HIS B 51 34.95 -44.43 55.50
CA HIS B 51 36.09 -43.55 55.69
C HIS B 51 35.84 -42.20 54.99
N CYS B 52 36.92 -41.55 54.60
CA CYS B 52 36.88 -40.26 53.90
C CYS B 52 38.35 -39.99 53.59
N GLU B 53 38.63 -39.08 52.67
CA GLU B 53 40.02 -38.78 52.33
C GLU B 53 40.81 -38.46 53.61
N LYS B 54 42.12 -38.30 53.46
CA LYS B 54 42.97 -37.97 54.60
C LYS B 54 43.03 -36.45 54.67
N LEU B 55 42.85 -35.90 55.87
CA LEU B 55 42.84 -34.45 56.06
C LEU B 55 44.04 -33.88 56.80
N GLU B 56 45.02 -34.72 57.08
CA GLU B 56 46.18 -34.25 57.81
C GLU B 56 46.76 -33.01 57.13
N ASN B 57 47.01 -31.98 57.95
CA ASN B 57 47.57 -30.73 57.47
C ASN B 57 46.81 -30.18 56.27
N ASN B 58 45.48 -30.36 56.25
CA ASN B 58 44.66 -29.84 55.15
C ASN B 58 43.76 -28.76 55.74
N PHE B 59 44.18 -27.50 55.55
CA PHE B 59 43.42 -26.40 56.08
C PHE B 59 42.74 -25.59 55.01
N ASP B 60 42.22 -26.29 54.00
CA ASP B 60 41.50 -25.63 52.92
C ASP B 60 40.12 -25.30 53.49
N ASP B 61 39.48 -24.30 52.90
CA ASP B 61 38.16 -23.86 53.33
C ASP B 61 37.14 -24.96 53.09
N ILE B 62 36.45 -25.36 54.17
CA ILE B 62 35.43 -26.41 54.10
C ILE B 62 34.02 -25.89 54.22
N LYS B 63 33.89 -24.57 54.36
CA LYS B 63 32.57 -23.95 54.49
C LYS B 63 31.67 -24.31 53.32
N HIS B 64 30.45 -24.74 53.61
CA HIS B 64 29.52 -25.10 52.56
C HIS B 64 28.88 -23.87 51.95
N THR B 65 28.95 -22.77 52.68
CA THR B 65 28.34 -21.54 52.23
C THR B 65 29.15 -20.68 51.24
N THR B 66 30.47 -20.78 51.27
CA THR B 66 31.29 -19.97 50.36
C THR B 66 30.74 -19.94 48.95
N LEU B 67 30.66 -18.74 48.38
CA LEU B 67 30.15 -18.55 47.03
C LEU B 67 31.14 -17.90 46.08
N GLY B 68 30.99 -18.21 44.79
CA GLY B 68 31.82 -17.62 43.74
C GLY B 68 30.95 -16.53 43.15
N GLU B 69 31.46 -15.71 42.24
CA GLU B 69 30.60 -14.65 41.69
C GLU B 69 29.35 -15.22 41.04
N ARG B 70 29.56 -16.13 40.10
CA ARG B 70 28.48 -16.79 39.38
C ARG B 70 27.39 -17.13 40.37
N GLY B 71 27.74 -17.97 41.34
CA GLY B 71 26.77 -18.39 42.34
C GLY B 71 26.23 -17.28 43.22
N ALA B 72 27.04 -16.27 43.51
CA ALA B 72 26.59 -15.17 44.35
C ALA B 72 25.47 -14.46 43.62
N LEU B 73 25.68 -14.21 42.33
CA LEU B 73 24.69 -13.52 41.53
C LEU B 73 23.35 -14.21 41.48
N ARG B 74 23.35 -15.54 41.42
CA ARG B 74 22.07 -16.24 41.36
C ARG B 74 21.32 -16.03 42.66
N GLU B 75 21.92 -16.46 43.77
CA GLU B 75 21.31 -16.34 45.08
C GLU B 75 20.89 -14.90 45.36
N ALA B 76 21.73 -13.96 44.97
CA ALA B 76 21.44 -12.55 45.19
C ALA B 76 20.14 -12.22 44.49
N MET B 77 19.95 -12.82 43.31
CA MET B 77 18.75 -12.60 42.51
C MET B 77 17.55 -13.36 43.04
N ARG B 78 17.81 -14.44 43.75
CA ARG B 78 16.74 -15.27 44.31
C ARG B 78 16.10 -14.59 45.52
N CYS B 79 16.91 -13.80 46.23
CA CYS B 79 16.46 -13.09 47.41
C CYS B 79 15.28 -12.22 47.08
N LEU B 80 14.25 -12.26 47.92
CA LEU B 80 13.03 -11.48 47.72
C LEU B 80 13.23 -10.00 48.08
N LYS B 81 14.29 -9.72 48.84
CA LYS B 81 14.61 -8.34 49.26
C LYS B 81 13.42 -7.73 49.98
N CYS B 82 12.90 -8.51 50.93
CA CYS B 82 11.73 -8.19 51.73
C CYS B 82 11.68 -6.85 52.43
N ALA B 83 10.46 -6.42 52.73
CA ALA B 83 10.20 -5.17 53.44
C ALA B 83 10.28 -5.52 54.92
N ASP B 84 10.78 -4.60 55.74
CA ASP B 84 10.94 -4.85 57.18
C ASP B 84 11.40 -6.30 57.31
N ALA B 85 12.43 -6.65 56.54
CA ALA B 85 12.95 -8.00 56.54
C ALA B 85 13.22 -8.58 57.92
N PRO B 86 12.81 -9.86 58.12
CA PRO B 86 12.96 -10.63 59.35
C PRO B 86 14.37 -11.13 59.57
N CYS B 87 15.11 -11.30 58.49
CA CYS B 87 16.48 -11.78 58.59
C CYS B 87 17.34 -10.71 59.25
N GLN B 88 17.05 -9.45 58.97
CA GLN B 88 17.78 -8.35 59.58
C GLN B 88 17.40 -8.25 61.03
N LYS B 89 16.15 -8.57 61.35
CA LYS B 89 15.68 -8.52 62.73
C LYS B 89 16.34 -9.64 63.49
N SER B 90 16.68 -10.70 62.78
CA SER B 90 17.31 -11.84 63.40
C SER B 90 18.85 -11.71 63.39
N CYS B 91 19.35 -10.59 62.89
CA CYS B 91 20.80 -10.35 62.86
C CYS B 91 21.17 -9.46 64.05
N PRO B 92 22.17 -9.89 64.84
CA PRO B 92 22.65 -9.18 66.03
C PRO B 92 23.08 -7.74 65.78
N THR B 93 23.56 -7.46 64.57
CA THR B 93 24.00 -6.12 64.26
C THR B 93 23.10 -5.36 63.32
N HIS B 94 21.90 -5.89 63.11
CA HIS B 94 20.88 -5.25 62.28
C HIS B 94 21.30 -4.90 60.83
N LEU B 95 22.18 -5.71 60.25
CA LEU B 95 22.65 -5.49 58.87
C LEU B 95 21.52 -5.33 57.91
N ASP B 96 21.54 -4.28 57.11
CA ASP B 96 20.47 -4.07 56.14
C ASP B 96 20.64 -5.11 55.04
N ILE B 97 20.32 -6.37 55.32
CA ILE B 97 20.45 -7.44 54.36
C ILE B 97 19.74 -7.17 53.04
N LYS B 98 18.48 -6.72 53.10
CA LYS B 98 17.71 -6.42 51.91
C LYS B 98 18.54 -5.55 50.98
N SER B 99 19.09 -4.48 51.54
CA SER B 99 19.89 -3.56 50.77
C SER B 99 21.19 -4.12 50.21
N PHE B 100 22.03 -4.73 51.06
CA PHE B 100 23.31 -5.23 50.56
C PHE B 100 23.14 -6.39 49.59
N ILE B 101 22.06 -7.16 49.74
CA ILE B 101 21.80 -8.26 48.84
C ILE B 101 21.26 -7.68 47.52
N THR B 102 20.55 -6.57 47.60
CA THR B 102 20.03 -5.96 46.39
C THR B 102 21.22 -5.47 45.59
N SER B 103 22.17 -4.86 46.29
CA SER B 103 23.39 -4.32 45.66
C SER B 103 24.18 -5.41 44.96
N ILE B 104 24.22 -6.59 45.56
CA ILE B 104 24.93 -7.70 44.96
C ILE B 104 24.24 -8.17 43.69
N SER B 105 22.92 -8.32 43.69
CA SER B 105 22.27 -8.79 42.48
C SER B 105 22.47 -7.77 41.37
N ASN B 106 22.84 -6.55 41.74
CA ASN B 106 23.07 -5.48 40.79
C ASN B 106 24.55 -5.34 40.47
N LYS B 107 25.36 -6.28 40.91
CA LYS B 107 26.78 -6.21 40.65
C LYS B 107 27.45 -5.01 41.29
N ASN B 108 26.85 -4.44 42.32
CA ASN B 108 27.44 -3.29 43.00
C ASN B 108 28.04 -3.77 44.31
N TYR B 109 29.08 -4.61 44.20
CA TYR B 109 29.75 -5.20 45.36
C TYR B 109 30.21 -4.21 46.40
N TYR B 110 30.75 -3.09 45.95
CA TYR B 110 31.21 -2.05 46.86
C TYR B 110 30.04 -1.63 47.71
N GLY B 111 28.98 -1.18 47.05
CA GLY B 111 27.78 -0.75 47.75
C GLY B 111 27.29 -1.78 48.75
N ALA B 112 27.38 -3.04 48.35
CA ALA B 112 26.99 -4.13 49.23
C ALA B 112 27.98 -4.17 50.40
N ALA B 113 29.27 -4.13 50.08
CA ALA B 113 30.33 -4.17 51.08
C ALA B 113 30.21 -3.01 52.03
N LYS B 114 29.88 -1.86 51.49
CA LYS B 114 29.74 -0.66 52.29
C LYS B 114 28.61 -0.80 53.28
N MET B 115 27.47 -1.32 52.82
CA MET B 115 26.30 -1.49 53.67
C MET B 115 26.55 -2.46 54.82
N ILE B 116 27.29 -3.52 54.55
CA ILE B 116 27.61 -4.54 55.54
C ILE B 116 28.54 -3.99 56.61
N PHE B 117 29.62 -3.34 56.19
CA PHE B 117 30.54 -2.80 57.17
C PHE B 117 29.98 -1.59 57.87
N SER B 118 28.93 -0.99 57.35
CA SER B 118 28.40 0.18 58.01
C SER B 118 27.86 -0.24 59.38
N ASP B 119 27.33 -1.46 59.47
CA ASP B 119 26.78 -1.93 60.73
C ASP B 119 27.60 -3.05 61.36
N ASN B 120 28.59 -3.57 60.64
CA ASN B 120 29.42 -4.65 61.19
C ASN B 120 30.87 -4.52 60.72
N PRO B 121 31.73 -3.93 61.56
CA PRO B 121 33.16 -3.70 61.31
C PRO B 121 33.89 -4.96 60.92
N LEU B 122 33.35 -6.10 61.34
CA LEU B 122 33.94 -7.40 61.03
C LEU B 122 33.06 -8.14 60.05
N GLY B 123 32.57 -7.40 59.06
CA GLY B 123 31.68 -7.96 58.05
C GLY B 123 32.16 -9.26 57.45
N LEU B 124 33.36 -9.25 56.89
CA LEU B 124 33.89 -10.44 56.26
C LEU B 124 33.97 -11.64 57.18
N THR B 125 34.41 -11.43 58.42
CA THR B 125 34.50 -12.56 59.36
C THR B 125 33.12 -13.12 59.69
N CYS B 126 32.21 -12.29 60.17
CA CYS B 126 30.87 -12.76 60.49
C CYS B 126 30.24 -13.49 59.32
N GLY B 127 30.42 -12.98 58.12
CA GLY B 127 29.85 -13.65 56.98
C GLY B 127 30.35 -15.08 56.83
N MET B 128 31.49 -15.35 57.44
CA MET B 128 32.10 -16.68 57.37
C MET B 128 31.82 -17.58 58.55
N VAL B 129 31.62 -16.98 59.72
CA VAL B 129 31.38 -17.77 60.92
C VAL B 129 30.01 -17.65 61.58
N CYS B 130 29.28 -16.56 61.34
CA CYS B 130 27.99 -16.45 61.95
C CYS B 130 27.17 -17.71 61.74
N PRO B 131 26.64 -18.27 62.83
CA PRO B 131 25.82 -19.49 62.81
C PRO B 131 24.43 -19.09 62.28
N THR B 132 24.41 -18.53 61.08
CA THR B 132 23.20 -18.03 60.44
C THR B 132 21.88 -18.79 60.69
N SER B 133 21.96 -20.13 60.75
CA SER B 133 20.77 -20.93 60.98
C SER B 133 20.05 -20.56 62.28
N ASP B 134 20.81 -20.10 63.27
CA ASP B 134 20.22 -19.73 64.55
C ASP B 134 20.03 -18.21 64.70
N LEU B 135 20.47 -17.45 63.69
CA LEU B 135 20.39 -15.99 63.61
C LEU B 135 19.54 -15.52 62.41
N CYS B 136 20.13 -14.78 61.48
CA CYS B 136 19.45 -14.23 60.29
C CYS B 136 18.71 -15.19 59.38
N VAL B 137 19.41 -16.23 58.93
CA VAL B 137 18.77 -17.19 58.04
C VAL B 137 17.61 -17.88 58.70
N GLY B 138 17.60 -17.85 60.04
CA GLY B 138 16.54 -18.49 60.78
C GLY B 138 15.20 -17.85 60.50
N GLY B 139 15.19 -16.56 60.17
CA GLY B 139 13.92 -15.89 59.92
C GLY B 139 13.66 -15.61 58.47
N CYS B 140 14.54 -16.09 57.60
CA CYS B 140 14.41 -15.87 56.18
C CYS B 140 13.07 -16.28 55.62
N ASN B 141 12.34 -15.33 55.05
CA ASN B 141 11.03 -15.61 54.46
C ASN B 141 11.08 -16.78 53.46
N LEU B 142 12.12 -16.82 52.64
CA LEU B 142 12.23 -17.89 51.65
C LEU B 142 12.37 -19.27 52.24
N TYR B 143 12.27 -19.38 53.56
CA TYR B 143 12.36 -20.68 54.18
C TYR B 143 11.02 -21.32 53.88
N ALA B 144 10.06 -20.47 53.56
CA ALA B 144 8.69 -20.90 53.25
C ALA B 144 8.52 -21.27 51.78
N THR B 145 9.61 -21.70 51.14
CA THR B 145 9.56 -22.14 49.75
C THR B 145 10.30 -23.44 49.71
N GLU B 146 10.06 -24.23 48.69
CA GLU B 146 10.72 -25.50 48.59
C GLU B 146 12.22 -25.32 48.46
N GLU B 147 12.64 -24.25 47.78
CA GLU B 147 14.07 -23.99 47.59
C GLU B 147 14.81 -23.61 48.88
N GLY B 148 14.12 -23.00 49.82
CA GLY B 148 14.78 -22.67 51.06
C GLY B 148 15.28 -21.26 51.27
N SER B 149 15.81 -21.02 52.45
CA SER B 149 16.32 -19.72 52.83
C SER B 149 17.57 -19.32 52.05
N ILE B 150 17.74 -18.00 51.92
CA ILE B 150 18.88 -17.40 51.22
C ILE B 150 20.17 -17.53 52.04
N ASN B 151 21.24 -17.93 51.38
CA ASN B 151 22.53 -18.07 52.02
C ASN B 151 23.08 -16.68 52.30
N ILE B 152 22.46 -15.99 53.24
CA ILE B 152 22.89 -14.64 53.57
C ILE B 152 24.38 -14.62 53.87
N GLY B 153 24.83 -15.57 54.69
CA GLY B 153 26.24 -15.63 55.05
C GLY B 153 27.23 -15.62 53.90
N GLY B 154 27.07 -16.54 52.97
CA GLY B 154 27.95 -16.59 51.83
C GLY B 154 27.85 -15.32 51.03
N LEU B 155 26.65 -14.79 50.85
CA LEU B 155 26.50 -13.57 50.08
C LEU B 155 27.30 -12.44 50.72
N GLN B 156 27.27 -12.35 52.05
CA GLN B 156 28.02 -11.31 52.75
C GLN B 156 29.50 -11.57 52.55
N GLN B 157 29.88 -12.82 52.69
CA GLN B 157 31.27 -13.23 52.52
C GLN B 157 31.77 -12.74 51.17
N PHE B 158 31.07 -13.09 50.10
CA PHE B 158 31.43 -12.69 48.75
C PHE B 158 31.62 -11.18 48.54
N ALA B 159 30.60 -10.39 48.85
CA ALA B 159 30.68 -8.95 48.68
C ALA B 159 31.88 -8.39 49.44
N SER B 160 32.09 -8.88 50.67
CA SER B 160 33.21 -8.41 51.48
C SER B 160 34.54 -8.81 50.85
N GLU B 161 34.64 -10.05 50.38
CA GLU B 161 35.84 -10.54 49.74
C GLU B 161 36.18 -9.71 48.50
N VAL B 162 35.17 -9.40 47.69
CA VAL B 162 35.41 -8.60 46.49
C VAL B 162 35.94 -7.25 46.92
N PHE B 163 35.35 -6.71 47.98
CA PHE B 163 35.75 -5.41 48.49
C PHE B 163 37.18 -5.41 48.99
N LYS B 164 37.52 -6.44 49.74
CA LYS B 164 38.86 -6.54 50.28
C LYS B 164 39.84 -6.59 49.13
N ALA B 165 39.46 -7.25 48.06
CA ALA B 165 40.34 -7.37 46.90
C ALA B 165 40.60 -6.03 46.24
N MET B 166 39.62 -5.14 46.28
CA MET B 166 39.76 -3.84 45.66
C MET B 166 40.83 -2.98 46.34
N ASN B 167 41.15 -3.33 47.57
CA ASN B 167 42.14 -2.60 48.34
C ASN B 167 41.84 -1.11 48.45
N ILE B 168 40.76 -0.83 49.14
CA ILE B 168 40.31 0.53 49.39
C ILE B 168 40.38 0.74 50.89
N PRO B 169 40.88 1.90 51.33
CA PRO B 169 41.00 2.20 52.76
C PRO B 169 39.75 2.86 53.33
N GLN B 170 39.63 2.85 54.65
CA GLN B 170 38.49 3.47 55.29
C GLN B 170 38.90 4.91 55.55
N ILE B 171 37.92 5.80 55.68
CA ILE B 171 38.18 7.22 55.93
C ILE B 171 37.08 7.74 56.83
N ARG B 172 37.39 8.78 57.61
CA ARG B 172 36.39 9.36 58.50
C ARG B 172 35.26 9.97 57.68
N ASN B 173 34.08 10.10 58.27
CA ASN B 173 32.96 10.69 57.54
C ASN B 173 33.42 12.01 56.91
N PRO B 174 33.23 12.17 55.60
CA PRO B 174 33.66 13.42 54.95
C PRO B 174 32.94 14.67 55.47
N CYS B 175 31.85 14.48 56.21
CA CYS B 175 31.09 15.61 56.72
C CYS B 175 31.60 16.11 58.07
N LEU B 176 32.38 15.28 58.75
CA LEU B 176 32.95 15.66 60.04
C LEU B 176 33.87 16.85 59.89
N PRO B 177 33.97 17.68 60.94
CA PRO B 177 34.83 18.87 60.92
C PRO B 177 36.27 18.39 60.77
N SER B 178 37.15 19.26 60.25
CA SER B 178 38.53 18.86 60.09
C SER B 178 39.16 18.59 61.46
N GLN B 179 40.14 17.69 61.46
CA GLN B 179 40.86 17.29 62.65
C GLN B 179 41.02 18.36 63.73
N GLU B 180 41.62 19.49 63.35
CA GLU B 180 41.88 20.60 64.26
C GLU B 180 40.63 21.28 64.80
N LYS B 181 39.57 21.27 64.00
CA LYS B 181 38.31 21.93 64.37
C LYS B 181 37.42 21.08 65.25
N MET B 182 37.91 19.90 65.63
CA MET B 182 37.14 19.02 66.49
C MET B 182 37.23 19.48 67.93
N PRO B 183 36.10 19.48 68.63
CA PRO B 183 36.06 19.89 70.03
C PRO B 183 37.15 19.20 70.87
N GLU B 184 37.45 19.76 72.03
CA GLU B 184 38.48 19.19 72.87
C GLU B 184 38.08 17.77 73.24
N ALA B 185 36.88 17.60 73.79
CA ALA B 185 36.38 16.29 74.22
C ALA B 185 36.86 15.11 73.41
N TYR B 186 36.92 15.25 72.09
CA TYR B 186 37.34 14.15 71.22
C TYR B 186 38.79 13.71 71.32
N SER B 187 39.59 14.43 72.09
CA SER B 187 40.99 14.04 72.20
C SER B 187 41.25 13.28 73.48
N ALA B 188 40.20 12.99 74.22
CA ALA B 188 40.33 12.25 75.46
C ALA B 188 40.97 10.91 75.18
N LYS B 189 41.78 10.45 76.12
CA LYS B 189 42.46 9.16 75.97
C LYS B 189 41.50 8.02 76.26
N ILE B 190 41.23 7.19 75.26
CA ILE B 190 40.35 6.06 75.45
C ILE B 190 41.20 4.80 75.43
N ALA B 191 40.82 3.84 76.25
CA ALA B 191 41.57 2.60 76.32
C ALA B 191 40.65 1.38 76.27
N LEU B 192 41.09 0.36 75.53
CA LEU B 192 40.34 -0.89 75.41
C LEU B 192 41.27 -2.04 75.76
N LEU B 193 40.76 -3.01 76.51
CA LEU B 193 41.53 -4.17 76.92
C LEU B 193 41.13 -5.38 76.10
N GLY B 194 42.08 -5.97 75.38
CA GLY B 194 41.79 -7.13 74.56
C GLY B 194 41.46 -6.74 73.13
N ALA B 195 42.26 -7.18 72.16
CA ALA B 195 42.01 -6.83 70.77
C ALA B 195 41.10 -7.85 70.13
N GLY B 196 39.94 -8.03 70.73
CA GLY B 196 38.99 -8.99 70.21
C GLY B 196 37.82 -8.32 69.53
N PRO B 197 36.95 -9.09 68.85
CA PRO B 197 35.79 -8.58 68.16
C PRO B 197 35.15 -7.43 68.90
N ALA B 198 34.81 -7.68 70.15
CA ALA B 198 34.19 -6.67 71.00
C ALA B 198 34.92 -5.35 70.91
N SER B 199 36.19 -5.37 71.31
CA SER B 199 37.03 -4.20 71.31
C SER B 199 37.27 -3.63 69.91
N ILE B 200 37.53 -4.51 68.94
CA ILE B 200 37.76 -4.04 67.59
C ILE B 200 36.54 -3.31 67.06
N SER B 201 35.37 -3.85 67.37
CA SER B 201 34.14 -3.24 66.96
C SER B 201 34.07 -1.89 67.62
N CYS B 202 34.06 -1.91 68.95
CA CYS B 202 33.99 -0.69 69.74
C CYS B 202 34.91 0.45 69.30
N ALA B 203 36.21 0.23 69.38
CA ALA B 203 37.16 1.26 69.00
C ALA B 203 36.86 1.82 67.60
N SER B 204 36.44 0.95 66.70
CA SER B 204 36.12 1.38 65.36
C SER B 204 35.04 2.46 65.37
N PHE B 205 33.89 2.17 66.00
CA PHE B 205 32.80 3.15 66.06
C PHE B 205 33.26 4.41 66.76
N LEU B 206 34.00 4.24 67.85
CA LEU B 206 34.53 5.36 68.59
C LEU B 206 35.36 6.22 67.65
N ALA B 207 36.15 5.57 66.81
CA ALA B 207 36.97 6.30 65.84
C ALA B 207 36.10 6.97 64.79
N ARG B 208 35.01 6.32 64.40
CA ARG B 208 34.12 6.91 63.40
C ARG B 208 33.54 8.22 63.91
N LEU B 209 33.21 8.25 65.19
CA LEU B 209 32.62 9.42 65.84
C LEU B 209 33.57 10.60 65.89
N GLY B 210 34.86 10.33 65.73
CA GLY B 210 35.83 11.42 65.75
C GLY B 210 36.96 11.32 66.75
N TYR B 211 36.81 10.50 67.78
CA TYR B 211 37.85 10.35 68.80
C TYR B 211 39.23 10.03 68.25
N SER B 212 40.20 10.87 68.62
CA SER B 212 41.57 10.75 68.15
C SER B 212 42.58 9.98 68.99
N ASP B 213 42.22 9.60 70.21
CA ASP B 213 43.18 8.86 71.02
C ASP B 213 42.63 7.56 71.56
N ILE B 214 42.61 6.55 70.71
CA ILE B 214 42.08 5.25 71.08
C ILE B 214 43.19 4.19 71.02
N THR B 215 43.43 3.52 72.14
CA THR B 215 44.47 2.51 72.23
C THR B 215 43.91 1.19 72.73
N ILE B 216 44.26 0.10 72.05
CA ILE B 216 43.79 -1.22 72.46
C ILE B 216 44.96 -1.98 73.05
N PHE B 217 44.80 -2.49 74.27
CA PHE B 217 45.86 -3.23 74.92
C PHE B 217 45.61 -4.72 74.88
N GLU B 218 46.33 -5.40 74.00
CA GLU B 218 46.18 -6.83 73.85
C GLU B 218 47.24 -7.58 74.61
N LYS B 219 46.82 -8.58 75.37
CA LYS B 219 47.76 -9.37 76.15
C LYS B 219 48.75 -10.13 75.27
N GLN B 220 48.24 -10.96 74.37
CA GLN B 220 49.11 -11.76 73.52
C GLN B 220 49.90 -10.93 72.51
N GLU B 221 50.64 -11.62 71.65
CA GLU B 221 51.46 -10.98 70.61
C GLU B 221 50.70 -10.89 69.29
N TYR B 222 49.52 -11.51 69.26
CA TYR B 222 48.67 -11.55 68.07
C TYR B 222 47.34 -10.82 68.31
N VAL B 223 46.74 -10.30 67.24
CA VAL B 223 45.47 -9.62 67.40
C VAL B 223 44.32 -10.40 66.83
N GLY B 224 43.10 -9.94 67.15
CA GLY B 224 41.91 -10.59 66.64
C GLY B 224 41.20 -11.51 67.61
N GLY B 225 41.79 -11.74 68.77
CA GLY B 225 41.15 -12.60 69.73
C GLY B 225 40.82 -13.99 69.19
N LEU B 226 39.87 -14.66 69.84
CA LEU B 226 39.43 -16.01 69.44
C LEU B 226 39.41 -16.27 67.94
N SER B 227 39.01 -15.25 67.18
CA SER B 227 38.91 -15.35 65.74
C SER B 227 40.25 -15.74 65.16
N THR B 228 41.31 -15.53 65.93
CA THR B 228 42.68 -15.89 65.52
C THR B 228 43.19 -17.06 66.34
N SER B 229 43.07 -16.99 67.65
CA SER B 229 43.58 -18.05 68.51
C SER B 229 42.88 -19.40 68.50
N GLU B 230 41.59 -19.48 68.12
CA GLU B 230 40.93 -20.78 68.13
C GLU B 230 40.09 -21.19 66.91
N ILE B 231 39.29 -20.30 66.33
CA ILE B 231 38.49 -20.65 65.15
C ILE B 231 39.40 -21.16 64.06
N PRO B 232 39.14 -22.38 63.55
CA PRO B 232 39.92 -23.04 62.49
C PRO B 232 40.23 -22.23 61.21
N GLN B 233 41.45 -22.43 60.70
CA GLN B 233 41.88 -21.78 59.47
C GLN B 233 40.93 -22.24 58.38
N PHE B 234 40.50 -23.48 58.47
CA PHE B 234 39.61 -23.98 57.44
C PHE B 234 38.17 -23.45 57.52
N ARG B 235 37.90 -22.55 58.47
CA ARG B 235 36.56 -21.95 58.55
C ARG B 235 36.74 -20.47 58.37
N LEU B 236 37.73 -19.89 59.03
CA LEU B 236 37.99 -18.45 58.94
C LEU B 236 39.48 -18.16 58.75
N PRO B 237 39.89 -17.85 57.51
CA PRO B 237 41.29 -17.54 57.19
C PRO B 237 41.84 -16.36 57.98
N TYR B 238 43.01 -16.53 58.59
CA TYR B 238 43.63 -15.46 59.38
C TYR B 238 43.76 -14.17 58.58
N ASP B 239 43.92 -14.32 57.27
CA ASP B 239 44.09 -13.19 56.37
C ASP B 239 42.89 -12.24 56.44
N VAL B 240 41.72 -12.82 56.73
CA VAL B 240 40.51 -12.03 56.84
C VAL B 240 40.59 -11.13 58.07
N VAL B 241 41.03 -11.72 59.17
CA VAL B 241 41.16 -10.95 60.39
C VAL B 241 42.04 -9.75 60.16
N ASN B 242 43.22 -9.98 59.61
CA ASN B 242 44.13 -8.87 59.38
C ASN B 242 43.45 -7.77 58.56
N PHE B 243 42.74 -8.17 57.52
CA PHE B 243 42.03 -7.22 56.65
C PHE B 243 41.15 -6.25 57.44
N GLU B 244 40.32 -6.81 58.32
CA GLU B 244 39.41 -6.03 59.13
C GLU B 244 40.15 -5.20 60.17
N ILE B 245 41.26 -5.72 60.68
CA ILE B 245 42.04 -4.98 61.67
C ILE B 245 42.65 -3.73 61.03
N GLU B 246 43.23 -3.92 59.85
CA GLU B 246 43.81 -2.79 59.17
C GLU B 246 42.76 -1.73 58.90
N LEU B 247 41.59 -2.14 58.40
CA LEU B 247 40.51 -1.20 58.13
C LEU B 247 40.31 -0.30 59.33
N MET B 248 40.40 -0.89 60.52
CA MET B 248 40.23 -0.16 61.76
C MET B 248 41.34 0.86 61.91
N LYS B 249 42.57 0.38 61.79
CA LYS B 249 43.73 1.26 61.92
C LYS B 249 43.62 2.46 61.00
N ASP B 250 43.02 2.29 59.82
CA ASP B 250 42.88 3.40 58.90
C ASP B 250 42.25 4.61 59.58
N LEU B 251 41.46 4.37 60.61
CA LEU B 251 40.83 5.47 61.34
C LEU B 251 41.65 5.88 62.52
N GLY B 252 42.91 5.48 62.56
CA GLY B 252 43.79 5.86 63.65
C GLY B 252 43.85 5.03 64.92
N VAL B 253 43.00 4.02 65.07
CA VAL B 253 43.02 3.21 66.27
C VAL B 253 44.41 2.64 66.48
N LYS B 254 44.86 2.60 67.73
CA LYS B 254 46.19 2.10 68.08
C LYS B 254 46.15 0.80 68.86
N ILE B 255 46.98 -0.15 68.44
CA ILE B 255 47.06 -1.44 69.11
C ILE B 255 48.45 -1.69 69.66
N ILE B 256 48.51 -2.13 70.91
CA ILE B 256 49.76 -2.42 71.61
C ILE B 256 49.70 -3.81 72.23
N CYS B 257 50.41 -4.76 71.63
CA CYS B 257 50.43 -6.12 72.13
C CYS B 257 51.47 -6.21 73.24
N GLY B 258 51.34 -7.23 74.08
CA GLY B 258 52.27 -7.41 75.17
C GLY B 258 51.86 -6.79 76.49
N LYS B 259 50.72 -6.10 76.48
CA LYS B 259 50.23 -5.45 77.68
C LYS B 259 49.01 -6.17 78.18
N SER B 260 48.99 -6.46 79.47
CA SER B 260 47.87 -7.19 80.05
C SER B 260 47.11 -6.43 81.13
N LEU B 261 45.89 -6.87 81.38
CA LEU B 261 45.05 -6.26 82.39
C LEU B 261 45.07 -7.17 83.60
N SER B 262 45.96 -6.87 84.54
CA SER B 262 46.06 -7.66 85.76
C SER B 262 46.84 -6.87 86.80
N GLU B 263 46.64 -7.20 88.06
CA GLU B 263 47.36 -6.49 89.08
C GLU B 263 48.83 -6.51 88.63
N ASN B 264 49.54 -5.44 88.98
CA ASN B 264 50.94 -5.22 88.64
C ASN B 264 51.15 -4.77 87.21
N GLU B 265 50.10 -4.88 86.41
CA GLU B 265 50.17 -4.43 85.04
C GLU B 265 49.13 -3.35 84.85
N ILE B 266 48.38 -3.39 83.77
CA ILE B 266 47.38 -2.38 83.57
C ILE B 266 46.20 -2.64 84.49
N THR B 267 45.69 -1.60 85.15
CA THR B 267 44.51 -1.72 86.01
C THR B 267 43.65 -0.49 85.84
N LEU B 268 42.38 -0.58 86.23
CA LEU B 268 41.50 0.58 86.09
C LEU B 268 42.16 1.78 86.75
N ASN B 269 42.85 1.54 87.87
CA ASN B 269 43.51 2.62 88.58
C ASN B 269 44.67 3.23 87.81
N THR B 270 45.57 2.40 87.32
CA THR B 270 46.70 2.93 86.58
C THR B 270 46.23 3.74 85.39
N LEU B 271 45.15 3.28 84.77
CA LEU B 271 44.61 3.98 83.61
C LEU B 271 44.02 5.31 84.04
N LYS B 272 43.23 5.31 85.12
CA LYS B 272 42.65 6.55 85.61
C LYS B 272 43.79 7.48 85.91
N GLU B 273 44.76 6.97 86.66
CA GLU B 273 45.95 7.72 87.04
C GLU B 273 46.71 8.26 85.83
N GLU B 274 46.72 7.51 84.74
CA GLU B 274 47.42 7.95 83.53
C GLU B 274 46.65 8.99 82.72
N GLY B 275 45.40 9.24 83.11
CA GLY B 275 44.61 10.24 82.40
C GLY B 275 43.58 9.76 81.41
N TYR B 276 43.33 8.45 81.39
CA TYR B 276 42.36 7.84 80.50
C TYR B 276 40.96 8.19 81.00
N LYS B 277 40.16 8.82 80.13
CA LYS B 277 38.81 9.25 80.49
C LYS B 277 37.74 8.18 80.46
N ALA B 278 38.00 7.08 79.76
CA ALA B 278 37.03 5.98 79.68
C ALA B 278 37.71 4.74 79.18
N ALA B 279 37.21 3.59 79.63
CA ALA B 279 37.80 2.31 79.24
C ALA B 279 36.77 1.22 78.96
N PHE B 280 37.04 0.45 77.92
CA PHE B 280 36.18 -0.65 77.49
C PHE B 280 36.86 -1.99 77.76
N ILE B 281 36.24 -2.82 78.58
CA ILE B 281 36.84 -4.11 78.86
C ILE B 281 36.30 -5.15 77.89
N GLY B 282 37.20 -5.79 77.16
CA GLY B 282 36.77 -6.80 76.22
C GLY B 282 37.82 -7.87 76.10
N ILE B 283 38.11 -8.54 77.20
CA ILE B 283 39.11 -9.60 77.22
C ILE B 283 38.50 -10.98 77.09
N GLY B 284 37.17 -11.04 77.07
CA GLY B 284 36.50 -12.32 76.95
C GLY B 284 36.64 -13.25 78.13
N LEU B 285 36.74 -14.54 77.84
CA LEU B 285 36.87 -15.57 78.86
C LEU B 285 38.15 -16.33 78.52
N PRO B 286 39.29 -15.78 78.97
CA PRO B 286 40.68 -16.22 78.81
C PRO B 286 41.09 -17.62 79.25
N GLU B 287 40.43 -18.15 80.27
CA GLU B 287 40.81 -19.45 80.79
C GLU B 287 39.81 -20.57 80.56
N PRO B 288 40.30 -21.80 80.41
CA PRO B 288 39.52 -23.00 80.17
C PRO B 288 38.81 -23.43 81.42
N LYS B 289 37.66 -24.06 81.23
CA LYS B 289 36.90 -24.54 82.35
C LYS B 289 37.52 -25.90 82.63
N THR B 290 38.18 -26.02 83.77
CA THR B 290 38.83 -27.27 84.15
C THR B 290 37.98 -28.12 85.06
N ASP B 291 38.34 -29.40 85.15
CA ASP B 291 37.63 -30.31 86.02
C ASP B 291 38.66 -31.13 86.79
N ASP B 292 38.28 -31.51 88.01
CA ASP B 292 39.11 -32.29 88.90
C ASP B 292 39.84 -33.42 88.20
N ILE B 293 39.05 -34.36 87.71
CA ILE B 293 39.58 -35.55 87.06
C ILE B 293 40.69 -35.36 86.05
N PHE B 294 41.00 -34.12 85.70
CA PHE B 294 42.06 -33.91 84.73
C PHE B 294 43.26 -33.25 85.38
N GLN B 295 43.29 -33.26 86.71
CA GLN B 295 44.41 -32.64 87.41
C GLN B 295 45.69 -33.44 87.29
N GLY B 296 46.77 -32.71 87.05
CA GLY B 296 48.08 -33.33 86.91
C GLY B 296 48.40 -33.75 85.47
N LEU B 297 47.37 -33.96 84.66
CA LEU B 297 47.54 -34.36 83.28
C LEU B 297 48.24 -33.29 82.46
N THR B 298 49.10 -33.69 81.54
CA THR B 298 49.84 -32.75 80.73
C THR B 298 49.81 -33.12 79.26
N GLN B 299 50.19 -32.17 78.41
CA GLN B 299 50.18 -32.40 76.98
C GLN B 299 51.02 -33.59 76.55
N ASP B 300 52.19 -33.75 77.18
CA ASP B 300 53.07 -34.86 76.85
C ASP B 300 52.31 -36.17 76.99
N GLN B 301 51.44 -36.22 77.99
CA GLN B 301 50.66 -37.41 78.27
C GLN B 301 49.58 -37.59 77.22
N GLY B 302 49.10 -36.47 76.70
CA GLY B 302 48.05 -36.52 75.69
C GLY B 302 46.79 -35.81 76.14
N PHE B 303 46.93 -34.85 77.04
CA PHE B 303 45.77 -34.12 77.51
C PHE B 303 45.81 -32.62 77.17
N TYR B 304 44.70 -32.12 76.64
CA TYR B 304 44.59 -30.72 76.27
C TYR B 304 43.20 -30.25 76.65
N THR B 305 43.04 -28.92 76.66
CA THR B 305 41.76 -28.30 76.90
C THR B 305 41.64 -27.44 75.66
N SER B 306 40.43 -27.24 75.17
CA SER B 306 40.25 -26.43 73.99
C SER B 306 41.30 -25.30 74.01
N LYS B 307 41.37 -24.60 75.13
CA LYS B 307 42.29 -23.47 75.30
C LYS B 307 43.77 -23.78 75.08
N ASP B 308 44.13 -25.05 75.17
CA ASP B 308 45.50 -25.50 74.96
C ASP B 308 45.71 -25.91 73.53
N PHE B 309 44.88 -26.85 73.12
CA PHE B 309 44.90 -27.43 71.80
C PHE B 309 44.71 -26.48 70.64
N LEU B 310 43.50 -25.97 70.46
CA LEU B 310 43.20 -25.09 69.34
C LEU B 310 44.23 -24.00 69.07
N PRO B 311 44.68 -23.28 70.10
CA PRO B 311 45.67 -22.23 69.85
C PRO B 311 46.94 -22.76 69.20
N LEU B 312 47.30 -24.01 69.50
CA LEU B 312 48.50 -24.59 68.92
C LEU B 312 48.35 -24.81 67.42
N VAL B 313 47.20 -25.35 67.04
CA VAL B 313 46.90 -25.62 65.64
C VAL B 313 46.79 -24.26 64.95
N ALA B 314 46.24 -23.29 65.67
CA ALA B 314 46.07 -21.95 65.11
C ALA B 314 47.43 -21.49 64.68
N LYS B 315 48.27 -21.18 65.68
CA LYS B 315 49.63 -20.71 65.46
C LYS B 315 50.36 -21.49 64.38
N SER B 316 50.05 -22.77 64.27
CA SER B 316 50.71 -23.59 63.28
C SER B 316 50.23 -23.44 61.86
N SER B 317 48.91 -23.33 61.70
CA SER B 317 48.28 -23.22 60.38
C SER B 317 47.96 -21.81 59.87
N LYS B 318 48.05 -20.82 60.75
CA LYS B 318 47.78 -19.46 60.36
C LYS B 318 49.07 -18.70 60.13
N ALA B 319 49.47 -18.60 58.87
CA ALA B 319 50.67 -17.88 58.55
C ALA B 319 50.49 -16.40 58.82
N GLY B 320 51.32 -15.87 59.71
CA GLY B 320 51.24 -14.47 60.07
C GLY B 320 50.76 -14.23 61.49
N MET B 321 50.14 -15.24 62.09
CA MET B 321 49.63 -15.14 63.47
C MET B 321 50.79 -14.85 64.39
N CYS B 322 51.69 -15.82 64.51
CA CYS B 322 52.85 -15.64 65.36
C CYS B 322 54.05 -15.58 64.43
N ALA B 323 55.11 -14.92 64.90
CA ALA B 323 56.34 -14.80 64.10
C ALA B 323 57.02 -16.16 64.03
N CYS B 324 57.01 -16.88 65.15
CA CYS B 324 57.64 -18.18 65.21
C CYS B 324 56.82 -19.26 64.52
N HIS B 325 57.38 -19.86 63.48
CA HIS B 325 56.70 -20.94 62.77
C HIS B 325 56.78 -22.17 63.67
N SER B 326 55.62 -22.59 64.19
CA SER B 326 55.56 -23.73 65.08
C SER B 326 55.10 -24.97 64.35
N PRO B 327 55.29 -26.15 64.98
CA PRO B 327 54.91 -27.45 64.42
C PRO B 327 53.43 -27.66 64.57
N LEU B 328 52.91 -28.67 63.90
CA LEU B 328 51.51 -29.00 63.99
C LEU B 328 51.48 -30.11 65.02
N PRO B 329 50.75 -29.89 66.13
CA PRO B 329 50.68 -30.91 67.18
C PRO B 329 50.67 -32.31 66.59
N SER B 330 51.44 -33.19 67.22
CA SER B 330 51.55 -34.57 66.78
C SER B 330 50.47 -35.39 67.48
N ILE B 331 49.28 -35.43 66.90
CA ILE B 331 48.19 -36.20 67.49
C ILE B 331 48.00 -37.48 66.68
N ARG B 332 48.35 -38.62 67.25
CA ARG B 332 48.19 -39.88 66.53
C ARG B 332 47.42 -40.87 67.40
N GLY B 333 46.56 -41.67 66.78
CA GLY B 333 45.79 -42.64 67.53
C GLY B 333 44.36 -42.17 67.71
N ALA B 334 43.60 -42.80 68.61
CA ALA B 334 42.22 -42.41 68.85
C ALA B 334 42.14 -41.18 69.74
N VAL B 335 41.43 -40.17 69.30
CA VAL B 335 41.26 -38.94 70.05
C VAL B 335 39.87 -38.91 70.66
N ILE B 336 39.76 -38.35 71.85
CA ILE B 336 38.45 -38.23 72.50
C ILE B 336 38.22 -36.79 72.90
N VAL B 337 37.21 -36.16 72.31
CA VAL B 337 36.89 -34.78 72.66
C VAL B 337 35.71 -34.84 73.62
N LEU B 338 35.89 -34.33 74.83
CA LEU B 338 34.82 -34.38 75.81
C LEU B 338 33.94 -33.16 75.69
N GLY B 339 32.66 -33.37 75.43
CA GLY B 339 31.75 -32.25 75.29
C GLY B 339 31.12 -32.16 73.92
N ALA B 340 29.99 -31.50 73.82
CA ALA B 340 29.28 -31.35 72.56
C ALA B 340 29.00 -29.90 72.32
N GLY B 341 29.87 -29.05 72.85
CA GLY B 341 29.72 -27.64 72.65
C GLY B 341 30.19 -27.38 71.24
N ASP B 342 29.98 -26.18 70.72
CA ASP B 342 30.42 -25.91 69.37
C ASP B 342 31.95 -25.97 69.30
N THR B 343 32.60 -25.71 70.43
CA THR B 343 34.06 -25.74 70.49
C THR B 343 34.50 -27.16 70.29
N ALA B 344 33.85 -28.06 70.98
CA ALA B 344 34.17 -29.47 70.88
C ALA B 344 34.34 -29.89 69.43
N PHE B 345 33.45 -29.43 68.56
CA PHE B 345 33.52 -29.81 67.16
C PHE B 345 34.70 -29.24 66.38
N ASP B 346 35.15 -28.04 66.74
CA ASP B 346 36.31 -27.48 66.05
C ASP B 346 37.52 -28.31 66.50
N CYS B 347 37.50 -28.78 67.74
CA CYS B 347 38.58 -29.63 68.26
C CYS B 347 38.59 -30.92 67.46
N ALA B 348 37.42 -31.53 67.34
CA ALA B 348 37.28 -32.76 66.61
C ALA B 348 37.84 -32.63 65.19
N THR B 349 37.30 -31.71 64.40
CA THR B 349 37.77 -31.51 63.05
C THR B 349 39.25 -31.09 62.98
N SER B 350 39.67 -30.23 63.91
CA SER B 350 41.07 -29.80 63.94
C SER B 350 41.97 -31.01 64.23
N ALA B 351 41.56 -31.84 65.18
CA ALA B 351 42.33 -33.02 65.54
C ALA B 351 42.69 -33.82 64.28
N LEU B 352 41.73 -33.99 63.40
CA LEU B 352 41.98 -34.75 62.19
C LEU B 352 43.09 -34.12 61.37
N ARG B 353 43.17 -32.80 61.37
CA ARG B 353 44.23 -32.12 60.63
C ARG B 353 45.59 -32.39 61.27
N CYS B 354 45.60 -32.73 62.55
CA CYS B 354 46.83 -33.00 63.27
C CYS B 354 47.33 -34.41 63.05
N GLY B 355 46.52 -35.23 62.38
CA GLY B 355 46.92 -36.59 62.08
C GLY B 355 46.15 -37.66 62.83
N ALA B 356 45.15 -37.24 63.60
CA ALA B 356 44.36 -38.17 64.40
C ALA B 356 43.93 -39.33 63.54
N ARG B 357 43.99 -40.53 64.08
CA ARG B 357 43.58 -41.71 63.34
C ARG B 357 42.08 -41.81 63.41
N ARG B 358 41.55 -41.53 64.59
CA ARG B 358 40.12 -41.55 64.81
C ARG B 358 39.73 -40.56 65.86
N VAL B 359 38.51 -40.04 65.77
CA VAL B 359 38.07 -39.04 66.73
C VAL B 359 36.67 -39.29 67.19
N PHE B 360 36.51 -39.33 68.51
CA PHE B 360 35.21 -39.58 69.14
C PHE B 360 34.77 -38.39 69.95
N LEU B 361 33.54 -37.96 69.71
CA LEU B 361 33.01 -36.85 70.46
C LEU B 361 32.11 -37.54 71.47
N VAL B 362 32.42 -37.34 72.75
CA VAL B 362 31.65 -37.94 73.82
C VAL B 362 31.08 -36.87 74.74
N PHE B 363 29.75 -36.82 74.80
CA PHE B 363 29.05 -35.84 75.61
C PHE B 363 28.23 -36.58 76.64
N ARG B 364 27.91 -35.89 77.74
CA ARG B 364 27.14 -36.47 78.84
C ARG B 364 25.62 -36.51 78.65
N LYS B 365 25.12 -36.03 77.52
CA LYS B 365 23.70 -36.06 77.28
C LYS B 365 23.39 -36.81 76.01
N GLY B 366 22.18 -36.59 75.49
CA GLY B 366 21.81 -37.30 74.27
C GLY B 366 22.10 -36.51 73.02
N PHE B 367 21.83 -37.11 71.87
CA PHE B 367 22.06 -36.43 70.62
C PHE B 367 21.19 -35.20 70.51
N VAL B 368 19.92 -35.36 70.88
CA VAL B 368 18.96 -34.28 70.82
C VAL B 368 19.36 -33.14 71.72
N ASN B 369 20.29 -33.39 72.63
CA ASN B 369 20.75 -32.38 73.59
C ASN B 369 21.96 -31.55 73.12
N ILE B 370 22.52 -31.92 71.99
CA ILE B 370 23.66 -31.19 71.46
C ILE B 370 23.13 -29.81 71.08
N ARG B 371 23.72 -28.76 71.65
CA ARG B 371 23.26 -27.41 71.34
C ARG B 371 24.19 -26.65 70.40
N ALA B 372 25.11 -27.36 69.76
CA ALA B 372 26.00 -26.71 68.82
C ALA B 372 25.20 -26.52 67.55
N VAL B 373 25.45 -25.43 66.83
CA VAL B 373 24.74 -25.16 65.59
C VAL B 373 24.90 -26.36 64.66
N PRO B 374 23.82 -26.76 64.00
CA PRO B 374 23.79 -27.90 63.07
C PRO B 374 24.85 -27.87 62.00
N GLU B 375 25.06 -26.71 61.41
CA GLU B 375 26.05 -26.56 60.35
C GLU B 375 27.43 -26.99 60.84
N GLU B 376 27.72 -26.65 62.10
CA GLU B 376 28.97 -26.97 62.75
C GLU B 376 29.08 -28.48 63.00
N VAL B 377 27.99 -29.08 63.47
CA VAL B 377 27.96 -30.52 63.74
C VAL B 377 28.18 -31.30 62.45
N GLU B 378 27.47 -30.90 61.40
CA GLU B 378 27.57 -31.56 60.10
C GLU B 378 28.99 -31.71 59.58
N LEU B 379 29.83 -30.70 59.78
CA LEU B 379 31.19 -30.79 59.30
C LEU B 379 31.86 -31.99 59.96
N ALA B 380 31.74 -32.07 61.27
CA ALA B 380 32.33 -33.17 62.01
C ALA B 380 31.83 -34.46 61.42
N LYS B 381 30.52 -34.65 61.52
CA LYS B 381 29.87 -35.85 61.02
C LYS B 381 30.28 -36.28 59.63
N GLU B 382 30.48 -35.32 58.72
CA GLU B 382 30.86 -35.67 57.36
C GLU B 382 32.34 -36.05 57.23
N GLU B 383 33.17 -35.55 58.14
CA GLU B 383 34.57 -35.89 58.13
C GLU B 383 34.74 -37.17 58.96
N LYS B 384 33.62 -37.87 59.10
CA LYS B 384 33.54 -39.13 59.81
C LYS B 384 33.87 -39.18 61.29
N CYS B 385 33.63 -38.11 62.02
CA CYS B 385 33.87 -38.15 63.47
C CYS B 385 32.79 -39.04 64.06
N GLU B 386 33.12 -39.81 65.09
CA GLU B 386 32.13 -40.68 65.70
C GLU B 386 31.50 -40.00 66.93
N PHE B 387 30.26 -40.36 67.23
CA PHE B 387 29.56 -39.79 68.38
C PHE B 387 29.18 -40.84 69.43
N LEU B 388 29.36 -40.49 70.69
CA LEU B 388 29.03 -41.38 71.81
C LEU B 388 28.28 -40.56 72.84
N PRO B 389 26.96 -40.74 72.90
CA PRO B 389 26.10 -40.02 73.83
C PRO B 389 25.86 -40.68 75.17
N PHE B 390 25.40 -39.89 76.12
CA PHE B 390 25.10 -40.33 77.47
C PHE B 390 26.31 -40.96 78.16
N LEU B 391 27.39 -40.19 78.27
CA LEU B 391 28.59 -40.66 78.94
C LEU B 391 29.26 -39.50 79.63
N SER B 392 29.45 -39.62 80.93
CA SER B 392 30.10 -38.59 81.72
C SER B 392 31.49 -39.07 82.13
N PRO B 393 32.53 -38.25 81.92
CA PRO B 393 33.91 -38.62 82.28
C PRO B 393 34.05 -38.87 83.77
N ARG B 394 34.98 -39.73 84.16
CA ARG B 394 35.17 -40.07 85.56
C ARG B 394 36.63 -40.26 85.93
N LYS B 395 37.40 -40.80 84.99
CA LYS B 395 38.80 -41.08 85.26
C LYS B 395 39.63 -41.15 83.99
N VAL B 396 40.87 -40.67 84.07
CA VAL B 396 41.76 -40.74 82.92
C VAL B 396 42.86 -41.74 83.27
N ILE B 397 42.69 -42.99 82.84
CA ILE B 397 43.66 -44.03 83.12
C ILE B 397 44.98 -43.76 82.42
N VAL B 398 46.04 -43.56 83.21
CA VAL B 398 47.36 -43.28 82.65
C VAL B 398 48.32 -44.43 82.99
N LYS B 399 48.92 -45.02 81.97
CA LYS B 399 49.86 -46.11 82.16
C LYS B 399 51.06 -45.95 81.25
N GLY B 400 52.23 -45.77 81.87
CA GLY B 400 53.44 -45.59 81.10
C GLY B 400 53.64 -44.12 80.82
N GLY B 401 53.18 -43.31 81.78
CA GLY B 401 53.30 -41.86 81.68
C GLY B 401 52.41 -41.19 80.62
N ARG B 402 51.59 -41.98 79.95
CA ARG B 402 50.69 -41.47 78.91
C ARG B 402 49.30 -42.06 79.08
N ILE B 403 48.29 -41.32 78.63
CA ILE B 403 46.91 -41.78 78.74
C ILE B 403 46.69 -42.91 77.76
N VAL B 404 45.80 -43.84 78.10
CA VAL B 404 45.52 -44.97 77.23
C VAL B 404 44.04 -45.21 77.15
N ALA B 405 43.30 -44.62 78.09
CA ALA B 405 41.87 -44.81 78.12
C ALA B 405 41.21 -43.78 79.03
N VAL B 406 39.90 -43.64 78.89
CA VAL B 406 39.12 -42.72 79.71
C VAL B 406 37.99 -43.54 80.26
N GLN B 407 37.71 -43.39 81.54
CA GLN B 407 36.64 -44.14 82.17
C GLN B 407 35.39 -43.29 82.31
N PHE B 408 34.29 -43.80 81.79
CA PHE B 408 33.03 -43.07 81.84
C PHE B 408 32.01 -43.78 82.68
N VAL B 409 30.86 -43.14 82.80
CA VAL B 409 29.75 -43.65 83.57
C VAL B 409 28.52 -43.18 82.77
N ARG B 410 27.53 -44.06 82.60
CA ARG B 410 26.35 -43.70 81.83
C ARG B 410 25.47 -42.70 82.53
N THR B 411 24.72 -41.95 81.73
CA THR B 411 23.79 -40.96 82.25
C THR B 411 22.44 -41.34 81.69
N GLU B 412 21.37 -40.80 82.28
CA GLU B 412 20.04 -41.11 81.82
C GLU B 412 19.10 -40.08 82.40
N GLN B 413 18.10 -39.69 81.62
CA GLN B 413 17.13 -38.68 82.02
C GLN B 413 15.79 -39.28 82.45
N ASP B 414 15.40 -39.01 83.70
CA ASP B 414 14.16 -39.53 84.25
C ASP B 414 12.94 -38.69 83.93
N GLU B 415 11.81 -39.11 84.47
CA GLU B 415 10.52 -38.46 84.30
C GLU B 415 10.61 -36.94 84.40
N THR B 416 10.90 -36.45 85.60
CA THR B 416 11.00 -35.01 85.85
C THR B 416 11.93 -34.30 84.87
N GLY B 417 12.74 -35.08 84.17
CA GLY B 417 13.65 -34.49 83.21
C GLY B 417 14.98 -34.15 83.86
N LYS B 418 15.36 -34.90 84.90
CA LYS B 418 16.62 -34.66 85.56
C LYS B 418 17.63 -35.69 85.07
N TRP B 419 18.91 -35.36 85.18
CA TRP B 419 19.96 -36.26 84.71
C TRP B 419 20.66 -36.98 85.86
N ASN B 420 20.66 -38.31 85.79
CA ASN B 420 21.30 -39.13 86.81
C ASN B 420 22.49 -39.87 86.20
N GLU B 421 23.49 -40.14 87.02
CA GLU B 421 24.67 -40.83 86.55
C GLU B 421 24.81 -42.12 87.36
N ASP B 422 24.51 -43.26 86.73
CA ASP B 422 24.61 -44.55 87.40
C ASP B 422 26.06 -44.99 87.62
N GLU B 423 26.60 -44.66 88.79
CA GLU B 423 27.99 -44.96 89.14
C GLU B 423 28.36 -46.44 89.12
N ASP B 424 27.40 -47.28 88.76
CA ASP B 424 27.62 -48.73 88.69
C ASP B 424 28.11 -49.14 87.30
N GLN B 425 27.53 -48.54 86.27
CA GLN B 425 27.88 -48.85 84.88
C GLN B 425 29.09 -48.09 84.38
N ILE B 426 30.27 -48.61 84.67
CA ILE B 426 31.50 -47.97 84.22
C ILE B 426 31.68 -48.22 82.73
N VAL B 427 32.55 -47.43 82.10
CA VAL B 427 32.79 -47.57 80.67
C VAL B 427 34.23 -47.28 80.31
N HIS B 428 34.89 -48.24 79.70
CA HIS B 428 36.28 -48.05 79.28
C HIS B 428 36.34 -47.75 77.80
N LEU B 429 36.86 -46.57 77.48
CA LEU B 429 37.02 -46.16 76.09
C LEU B 429 38.50 -45.95 75.84
N LYS B 430 39.04 -46.64 74.83
CA LYS B 430 40.45 -46.49 74.53
C LYS B 430 40.70 -45.06 74.09
N ALA B 431 41.94 -44.59 74.23
CA ALA B 431 42.22 -43.23 73.83
C ALA B 431 43.71 -42.89 73.93
N ASP B 432 44.24 -42.22 72.92
CA ASP B 432 45.64 -41.83 72.91
C ASP B 432 45.75 -40.35 73.24
N VAL B 433 44.65 -39.64 73.07
CA VAL B 433 44.61 -38.21 73.36
C VAL B 433 43.25 -37.83 73.88
N VAL B 434 43.21 -36.82 74.75
CA VAL B 434 41.96 -36.35 75.31
C VAL B 434 41.94 -34.84 75.32
N ILE B 435 40.88 -34.25 74.78
CA ILE B 435 40.74 -32.80 74.72
C ILE B 435 39.40 -32.47 75.37
N SER B 436 39.42 -31.60 76.38
CA SER B 436 38.18 -31.24 77.05
C SER B 436 37.71 -29.90 76.55
N ALA B 437 36.47 -29.86 76.08
CA ALA B 437 35.87 -28.63 75.57
C ALA B 437 34.68 -28.30 76.44
N PHE B 438 34.93 -28.08 77.73
CA PHE B 438 33.86 -27.76 78.68
C PHE B 438 33.55 -26.27 78.76
N GLY B 439 34.34 -25.44 78.09
CA GLY B 439 34.07 -24.02 78.16
C GLY B 439 35.24 -23.16 78.61
N SER B 440 34.97 -21.89 78.82
CA SER B 440 35.99 -20.93 79.24
C SER B 440 35.42 -20.04 80.33
N VAL B 441 36.30 -19.44 81.13
CA VAL B 441 35.87 -18.57 82.21
C VAL B 441 36.93 -17.54 82.58
N LEU B 442 36.62 -16.75 83.59
CA LEU B 442 37.55 -15.75 84.09
C LEU B 442 37.76 -16.10 85.55
N ARG B 443 38.93 -16.65 85.86
CA ARG B 443 39.26 -17.04 87.23
C ARG B 443 40.44 -16.26 87.81
N ASP B 444 41.55 -16.22 87.08
CA ASP B 444 42.76 -15.51 87.48
C ASP B 444 42.43 -14.31 88.36
N PRO B 445 42.67 -14.43 89.68
CA PRO B 445 42.39 -13.33 90.62
C PRO B 445 43.16 -12.06 90.30
N LYS B 446 44.29 -12.21 89.61
CA LYS B 446 45.08 -11.05 89.27
C LYS B 446 44.31 -10.15 88.33
N VAL B 447 43.63 -10.77 87.35
CA VAL B 447 42.84 -10.01 86.39
C VAL B 447 41.60 -9.46 87.09
N LYS B 448 40.85 -10.35 87.73
CA LYS B 448 39.64 -9.98 88.45
C LYS B 448 39.86 -8.75 89.33
N GLU B 449 41.09 -8.60 89.79
CA GLU B 449 41.45 -7.50 90.66
C GLU B 449 41.66 -6.22 89.88
N ALA B 450 42.40 -6.32 88.77
CA ALA B 450 42.69 -5.17 87.93
C ALA B 450 41.42 -4.41 87.55
N LEU B 451 40.28 -5.03 87.77
CA LEU B 451 39.00 -4.42 87.44
C LEU B 451 38.31 -3.74 88.63
N SER B 452 38.94 -3.80 89.80
CA SER B 452 38.37 -3.17 90.98
C SER B 452 38.18 -1.69 90.69
N PRO B 453 37.10 -1.09 91.21
CA PRO B 453 36.10 -1.75 92.04
C PRO B 453 34.78 -2.01 91.29
N ILE B 454 34.87 -2.47 90.05
CA ILE B 454 33.64 -2.72 89.32
C ILE B 454 32.92 -3.88 89.99
N LYS B 455 31.61 -3.75 90.09
CA LYS B 455 30.73 -4.75 90.71
C LYS B 455 30.52 -5.97 89.83
N PHE B 456 30.64 -7.16 90.40
CA PHE B 456 30.46 -8.41 89.65
C PHE B 456 29.14 -9.07 90.03
N ASN B 457 28.48 -9.68 89.05
CA ASN B 457 27.22 -10.36 89.28
C ASN B 457 27.44 -11.76 89.80
N ARG B 458 26.38 -12.56 89.82
CA ARG B 458 26.46 -13.94 90.29
C ARG B 458 27.30 -14.85 89.41
N TRP B 459 27.35 -14.56 88.12
CA TRP B 459 28.12 -15.40 87.21
C TRP B 459 29.61 -15.13 87.33
N ASP B 460 29.97 -14.27 88.28
CA ASP B 460 31.36 -13.91 88.48
C ASP B 460 31.94 -13.22 87.27
N LEU B 461 31.12 -12.40 86.64
CA LEU B 461 31.53 -11.63 85.48
C LEU B 461 31.11 -10.20 85.71
N PRO B 462 31.87 -9.25 85.16
CA PRO B 462 31.45 -7.87 85.40
C PRO B 462 29.99 -7.64 85.04
N GLU B 463 29.32 -6.82 85.83
CA GLU B 463 27.92 -6.51 85.61
C GLU B 463 27.85 -5.20 84.86
N VAL B 464 27.03 -5.16 83.80
CA VAL B 464 26.86 -3.95 83.00
C VAL B 464 25.39 -3.77 82.70
N ASP B 465 24.98 -2.53 82.43
CA ASP B 465 23.59 -2.27 82.10
C ASP B 465 23.45 -2.82 80.69
N PRO B 466 22.59 -3.84 80.51
CA PRO B 466 22.38 -4.46 79.20
C PRO B 466 22.22 -3.49 78.06
N GLU B 467 21.71 -2.29 78.34
CA GLU B 467 21.50 -1.30 77.32
C GLU B 467 22.68 -0.36 77.10
N THR B 468 23.38 0.01 78.17
CA THR B 468 24.52 0.92 78.04
C THR B 468 25.89 0.27 78.08
N MET B 469 25.96 -1.00 78.44
CA MET B 469 27.24 -1.69 78.51
C MET B 469 28.15 -1.02 79.55
N GLN B 470 27.55 -0.21 80.40
CA GLN B 470 28.27 0.51 81.45
C GLN B 470 28.31 -0.28 82.75
N THR B 471 29.50 -0.38 83.34
CA THR B 471 29.72 -1.09 84.59
C THR B 471 29.40 -0.14 85.74
N SER B 472 29.58 -0.62 86.98
CA SER B 472 29.29 0.21 88.15
C SER B 472 30.07 1.54 88.15
N GLU B 473 31.16 1.59 87.40
CA GLU B 473 31.97 2.81 87.33
C GLU B 473 31.74 3.50 85.99
N PRO B 474 31.04 4.65 86.02
CA PRO B 474 30.69 5.48 84.87
C PRO B 474 31.66 5.56 83.69
N TRP B 475 32.96 5.53 83.96
CA TRP B 475 33.92 5.62 82.86
C TRP B 475 34.33 4.27 82.34
N VAL B 476 33.77 3.21 82.93
CA VAL B 476 34.10 1.85 82.55
C VAL B 476 32.97 1.03 81.92
N PHE B 477 33.18 0.54 80.70
CA PHE B 477 32.18 -0.27 80.03
C PHE B 477 32.84 -1.59 79.65
N ALA B 478 32.04 -2.62 79.44
CA ALA B 478 32.57 -3.92 79.05
C ALA B 478 31.67 -4.52 78.00
N GLY B 479 32.07 -5.64 77.42
CA GLY B 479 31.24 -6.26 76.41
C GLY B 479 31.90 -7.46 75.76
N GLY B 480 31.11 -8.24 75.05
CA GLY B 480 31.68 -9.39 74.40
C GLY B 480 31.50 -10.57 75.30
N ASP B 481 32.39 -11.56 75.18
CA ASP B 481 32.31 -12.76 76.00
C ASP B 481 32.43 -12.48 77.48
N ILE B 482 33.27 -11.53 77.84
CA ILE B 482 33.48 -11.21 79.25
C ILE B 482 32.18 -10.94 80.02
N VAL B 483 31.16 -10.44 79.34
CA VAL B 483 29.88 -10.16 79.99
C VAL B 483 28.97 -11.37 80.07
N GLY B 484 29.25 -12.38 79.24
CA GLY B 484 28.47 -13.62 79.27
C GLY B 484 27.16 -13.73 78.51
N MET B 485 26.76 -12.70 77.75
CA MET B 485 25.51 -12.75 76.97
C MET B 485 25.75 -13.22 75.56
N ALA B 486 26.78 -12.67 74.93
CA ALA B 486 27.11 -13.02 73.57
C ALA B 486 27.65 -14.43 73.45
N ASN B 487 27.21 -15.13 72.43
CA ASN B 487 27.67 -16.48 72.16
C ASN B 487 28.21 -16.49 70.73
N THR B 488 28.39 -15.33 70.15
CA THR B 488 28.87 -15.27 68.79
C THR B 488 29.75 -14.05 68.53
N THR B 489 30.45 -14.08 67.41
CA THR B 489 31.30 -12.97 67.05
C THR B 489 30.43 -11.77 66.77
N VAL B 490 29.40 -11.99 65.96
CA VAL B 490 28.48 -10.93 65.59
C VAL B 490 27.87 -10.23 66.80
N GLU B 491 27.60 -11.01 67.86
CA GLU B 491 27.01 -10.46 69.08
C GLU B 491 27.99 -9.63 69.92
N SER B 492 29.25 -10.05 69.91
CA SER B 492 30.27 -9.34 70.65
C SER B 492 30.62 -8.08 69.89
N VAL B 493 30.54 -8.14 68.57
CA VAL B 493 30.82 -6.98 67.76
C VAL B 493 29.75 -5.97 68.08
N ASN B 494 28.51 -6.45 68.17
CA ASN B 494 27.38 -5.60 68.47
C ASN B 494 27.52 -4.99 69.87
N ASP B 495 28.12 -5.76 70.79
CA ASP B 495 28.36 -5.28 72.15
C ASP B 495 29.30 -4.08 72.10
N GLY B 496 30.43 -4.24 71.43
CA GLY B 496 31.38 -3.16 71.30
C GLY B 496 30.68 -1.95 70.71
N LYS B 497 29.90 -2.21 69.66
CA LYS B 497 29.15 -1.17 68.96
C LYS B 497 28.17 -0.49 69.93
N GLN B 498 27.36 -1.31 70.60
CA GLN B 498 26.39 -0.82 71.54
C GLN B 498 27.09 0.10 72.51
N ALA B 499 28.14 -0.41 73.14
CA ALA B 499 28.92 0.35 74.11
C ALA B 499 29.48 1.65 73.56
N SER B 500 29.97 1.61 72.31
CA SER B 500 30.55 2.80 71.71
C SER B 500 29.72 4.06 71.85
N TRP B 501 28.44 3.98 71.50
CA TRP B 501 27.57 5.14 71.59
C TRP B 501 27.55 5.76 72.97
N TYR B 502 27.30 4.92 73.98
CA TYR B 502 27.23 5.37 75.35
C TYR B 502 28.57 5.85 75.92
N ILE B 503 29.66 5.22 75.50
CA ILE B 503 30.97 5.70 75.94
C ILE B 503 31.06 7.13 75.42
N HIS B 504 30.56 7.33 74.20
CA HIS B 504 30.54 8.63 73.54
C HIS B 504 29.69 9.59 74.35
N LYS B 505 28.48 9.17 74.68
CA LYS B 505 27.58 10.00 75.47
C LYS B 505 28.31 10.44 76.73
N TYR B 506 28.90 9.49 77.44
CA TYR B 506 29.64 9.78 78.68
C TYR B 506 30.80 10.76 78.49
N ILE B 507 31.78 10.40 77.67
CA ILE B 507 32.91 11.30 77.46
C ILE B 507 32.45 12.71 77.14
N GLN B 508 31.46 12.86 76.26
CA GLN B 508 30.99 14.19 75.91
C GLN B 508 30.49 14.89 77.17
N ALA B 509 29.66 14.21 77.95
CA ALA B 509 29.13 14.78 79.19
C ALA B 509 30.26 15.34 80.05
N GLN B 510 31.31 14.55 80.23
CA GLN B 510 32.47 14.95 81.03
C GLN B 510 33.05 16.27 80.56
N TYR B 511 32.80 16.64 79.32
CA TYR B 511 33.32 17.91 78.83
C TYR B 511 32.20 18.94 78.73
N GLY B 512 31.11 18.68 79.45
CA GLY B 512 29.98 19.58 79.48
C GLY B 512 29.27 19.70 78.16
N ALA B 513 29.28 18.62 77.39
CA ALA B 513 28.65 18.57 76.07
C ALA B 513 27.62 17.46 76.01
N SER B 514 26.52 17.71 75.32
CA SER B 514 25.49 16.69 75.21
C SER B 514 25.46 16.11 73.80
N VAL B 515 24.81 14.96 73.65
CA VAL B 515 24.69 14.30 72.36
C VAL B 515 23.23 14.18 71.99
N SER B 516 22.96 13.99 70.70
CA SER B 516 21.60 13.85 70.21
C SER B 516 20.80 12.88 71.09
N ALA B 517 19.48 13.02 71.08
CA ALA B 517 18.63 12.14 71.87
C ALA B 517 18.60 10.78 71.21
N LYS B 518 18.57 10.79 69.87
CA LYS B 518 18.54 9.57 69.06
C LYS B 518 19.95 9.18 68.60
N PRO B 519 20.36 7.93 68.86
CA PRO B 519 21.67 7.36 68.52
C PRO B 519 22.08 7.63 67.10
N GLU B 520 23.24 8.27 66.92
CA GLU B 520 23.73 8.58 65.59
C GLU B 520 25.11 8.03 65.29
N LEU B 521 25.27 6.70 65.33
CA LEU B 521 26.57 6.10 65.02
C LEU B 521 26.78 6.22 63.51
N PRO B 522 27.96 6.71 63.09
CA PRO B 522 28.37 6.89 61.70
C PRO B 522 28.37 5.65 60.82
N LEU B 523 28.23 5.86 59.52
CA LEU B 523 28.25 4.74 58.58
C LEU B 523 29.70 4.49 58.21
N PHE B 524 29.92 3.50 57.36
CA PHE B 524 31.25 3.16 56.90
C PHE B 524 31.57 3.99 55.67
N TYR B 525 32.75 4.59 55.60
CA TYR B 525 33.09 5.40 54.44
C TYR B 525 34.46 5.15 53.82
N THR B 526 34.52 5.27 52.50
CA THR B 526 35.76 5.08 51.76
C THR B 526 35.86 6.16 50.69
N PRO B 527 37.07 6.39 50.17
CA PRO B 527 37.32 7.39 49.13
C PRO B 527 36.33 7.32 48.00
N VAL B 528 35.75 6.15 47.78
CA VAL B 528 34.78 5.95 46.71
C VAL B 528 33.62 6.90 46.90
N ASP B 529 33.26 7.11 48.14
CA ASP B 529 32.13 7.95 48.48
C ASP B 529 32.34 9.41 48.16
N LEU B 530 33.56 9.79 47.84
CA LEU B 530 33.86 11.18 47.51
C LEU B 530 33.69 11.47 46.02
N VAL B 531 33.79 10.44 45.18
CA VAL B 531 33.64 10.58 43.73
C VAL B 531 32.42 11.45 43.40
N ASP B 532 32.56 12.33 42.41
CA ASP B 532 31.47 13.21 42.01
C ASP B 532 30.70 12.61 40.85
N ILE B 533 29.40 12.38 41.06
CA ILE B 533 28.58 11.81 40.01
C ILE B 533 27.53 12.76 39.49
N SER B 534 27.82 14.05 39.54
CA SER B 534 26.87 15.05 39.06
C SER B 534 27.08 15.27 37.57
N VAL B 535 26.08 15.85 36.91
CA VAL B 535 26.18 16.10 35.48
C VAL B 535 25.29 17.22 35.01
N GLU B 536 25.77 17.96 34.00
CA GLU B 536 25.00 19.06 33.40
C GLU B 536 24.50 18.65 32.02
N MET B 537 23.24 18.93 31.77
CA MET B 537 22.64 18.57 30.49
C MET B 537 21.60 19.60 30.05
N ALA B 538 21.82 20.22 28.91
CA ALA B 538 20.88 21.21 28.39
C ALA B 538 20.75 22.37 29.37
N GLY B 539 21.85 22.68 30.05
CA GLY B 539 21.86 23.78 31.00
C GLY B 539 21.30 23.47 32.38
N LEU B 540 20.85 22.23 32.57
CA LEU B 540 20.29 21.78 33.83
C LEU B 540 21.40 21.10 34.63
N LYS B 541 21.43 21.34 35.95
CA LYS B 541 22.44 20.72 36.80
C LYS B 541 21.85 19.59 37.62
N PHE B 542 22.21 18.34 37.28
CA PHE B 542 21.72 17.19 38.01
C PHE B 542 22.73 16.77 39.07
N ILE B 543 22.27 16.63 40.31
CA ILE B 543 23.16 16.25 41.39
C ILE B 543 23.69 14.83 41.19
N ASN B 544 22.96 14.02 40.43
CA ASN B 544 23.34 12.65 40.09
C ASN B 544 22.46 12.30 38.89
N PRO B 545 22.96 11.48 37.96
CA PRO B 545 22.21 11.09 36.76
C PRO B 545 20.92 10.29 36.82
N PHE B 546 20.60 9.71 37.97
CA PHE B 546 19.38 8.90 38.05
C PHE B 546 18.08 9.65 38.35
N GLY B 547 17.03 9.26 37.67
CA GLY B 547 15.74 9.90 37.86
C GLY B 547 14.59 8.97 37.58
N LEU B 548 13.44 9.32 38.15
CA LEU B 548 12.21 8.55 37.98
C LEU B 548 11.57 8.96 36.68
N ALA B 549 11.23 7.99 35.85
CA ALA B 549 10.60 8.30 34.56
C ALA B 549 9.11 8.36 34.77
N SER B 550 8.49 9.22 33.95
CA SER B 550 7.07 9.45 33.99
C SER B 550 6.39 8.11 33.87
N ALA B 551 5.90 7.57 34.98
CA ALA B 551 5.23 6.30 34.97
C ALA B 551 4.60 6.05 36.32
N ALA B 552 4.40 4.77 36.67
CA ALA B 552 3.83 4.36 37.97
C ALA B 552 4.57 4.97 39.18
N PRO B 553 5.93 4.81 39.25
CA PRO B 553 6.70 5.37 40.36
C PRO B 553 6.45 6.86 40.57
N THR B 554 5.83 7.53 39.61
CA THR B 554 5.51 8.95 39.78
C THR B 554 4.02 9.24 39.57
N THR B 555 3.18 8.39 40.15
CA THR B 555 1.74 8.54 40.04
C THR B 555 1.23 9.72 40.85
N SER B 556 1.89 9.98 41.98
CA SER B 556 1.52 11.06 42.88
C SER B 556 2.75 11.88 43.17
N SER B 557 2.58 13.20 43.30
CA SER B 557 3.71 14.06 43.61
C SER B 557 4.26 13.67 44.95
N SER B 558 3.41 13.12 45.80
CA SER B 558 3.83 12.69 47.13
C SER B 558 4.97 11.69 46.99
N MET B 559 4.86 10.85 45.97
CA MET B 559 5.86 9.83 45.70
C MET B 559 7.15 10.47 45.27
N ILE B 560 7.07 11.45 44.37
CA ILE B 560 8.28 12.11 43.92
C ILE B 560 9.02 12.72 45.09
N ARG B 561 8.28 13.27 46.04
CA ARG B 561 8.89 13.88 47.21
C ARG B 561 9.72 12.84 47.93
N ARG B 562 9.12 11.70 48.23
CA ARG B 562 9.85 10.65 48.91
C ARG B 562 11.05 10.25 48.07
N ALA B 563 10.87 10.25 46.76
CA ALA B 563 11.91 9.90 45.81
C ALA B 563 13.08 10.84 45.98
N PHE B 564 12.78 12.13 46.11
CA PHE B 564 13.83 13.12 46.27
C PHE B 564 14.47 12.95 47.62
N GLU B 565 13.63 12.68 48.62
CA GLU B 565 14.12 12.48 49.97
C GLU B 565 15.08 11.30 49.99
N ALA B 566 14.80 10.29 49.17
CA ALA B 566 15.64 9.11 49.09
C ALA B 566 16.94 9.49 48.45
N GLY B 567 16.90 10.51 47.61
CA GLY B 567 18.10 11.00 46.96
C GLY B 567 18.13 10.96 45.44
N TRP B 568 16.99 10.74 44.82
CA TRP B 568 16.94 10.68 43.37
C TRP B 568 17.32 12.01 42.73
N GLY B 569 18.18 11.93 41.71
CA GLY B 569 18.63 13.12 41.02
C GLY B 569 17.53 13.96 40.40
N PHE B 570 16.55 13.31 39.82
CA PHE B 570 15.46 14.06 39.20
C PHE B 570 14.25 13.15 38.99
N ALA B 571 13.15 13.74 38.55
CA ALA B 571 11.96 12.93 38.35
C ALA B 571 11.04 13.57 37.34
N LEU B 572 10.19 12.75 36.76
CA LEU B 572 9.22 13.17 35.79
C LEU B 572 7.85 13.05 36.42
N THR B 573 7.00 14.03 36.16
CA THR B 573 5.66 13.95 36.69
C THR B 573 4.96 13.00 35.74
N LYS B 574 4.01 12.23 36.22
CA LYS B 574 3.28 11.35 35.33
C LYS B 574 2.79 12.33 34.25
N THR B 575 2.60 11.87 33.03
CA THR B 575 2.14 12.75 31.96
C THR B 575 0.73 13.29 32.25
N PHE B 576 0.58 14.61 32.17
CA PHE B 576 -0.73 15.22 32.42
C PHE B 576 -1.12 16.09 31.24
N SER B 577 -2.41 16.40 31.17
CA SER B 577 -2.95 17.21 30.08
C SER B 577 -4.01 18.21 30.53
N LEU B 578 -4.52 18.98 29.57
CA LEU B 578 -5.55 19.96 29.84
C LEU B 578 -6.85 19.25 30.23
N ASP B 579 -7.69 19.92 31.03
CA ASP B 579 -8.94 19.32 31.50
C ASP B 579 -9.82 18.62 30.48
N LYS B 580 -9.91 19.16 29.28
CA LYS B 580 -10.76 18.57 28.27
C LYS B 580 -10.29 17.19 27.83
N ASP B 581 -9.03 16.89 28.10
CA ASP B 581 -8.45 15.59 27.72
C ASP B 581 -8.32 14.62 28.89
N ILE B 582 -9.07 14.86 29.95
CA ILE B 582 -9.03 14.01 31.15
C ILE B 582 -9.33 12.57 30.76
N VAL B 583 -8.51 11.64 31.25
CA VAL B 583 -8.67 10.22 30.94
C VAL B 583 -9.13 9.38 32.14
N THR B 584 -9.50 8.13 31.86
CA THR B 584 -9.96 7.23 32.90
C THR B 584 -9.40 5.83 32.61
N ASN B 585 -8.61 5.30 33.55
CA ASN B 585 -7.99 3.99 33.36
C ASN B 585 -8.89 2.79 33.62
N VAL B 586 -8.50 1.66 33.04
CA VAL B 586 -9.21 0.41 33.17
C VAL B 586 -8.41 -0.53 34.09
N SER B 587 -8.94 -1.70 34.42
CA SER B 587 -8.21 -2.62 35.27
C SER B 587 -8.65 -4.07 35.10
N PRO B 588 -7.70 -5.02 35.12
CA PRO B 588 -6.26 -4.85 35.32
C PRO B 588 -5.57 -4.08 34.19
N ARG B 589 -4.43 -3.48 34.49
CA ARG B 589 -3.74 -2.73 33.46
C ARG B 589 -2.22 -2.87 33.45
N ILE B 590 -1.65 -3.44 34.50
CA ILE B 590 -0.20 -3.63 34.56
C ILE B 590 0.10 -5.07 34.89
N VAL B 591 0.78 -5.78 33.99
CA VAL B 591 1.10 -7.18 34.19
C VAL B 591 2.59 -7.54 34.02
N ARG B 592 3.01 -8.62 34.67
CA ARG B 592 4.39 -9.08 34.63
C ARG B 592 4.79 -9.66 33.28
N GLY B 593 6.10 -9.67 33.00
CA GLY B 593 6.58 -10.19 31.74
C GLY B 593 6.82 -11.68 31.69
N THR B 594 6.44 -12.27 30.56
CA THR B 594 6.61 -13.70 30.32
C THR B 594 7.88 -13.91 29.49
N THR B 595 8.65 -12.84 29.37
CA THR B 595 9.88 -12.85 28.60
C THR B 595 11.01 -13.69 29.19
N SER B 596 10.86 -14.11 30.44
CA SER B 596 11.92 -14.88 31.05
C SER B 596 11.44 -16.22 31.62
N GLY B 597 10.28 -16.66 31.16
CA GLY B 597 9.75 -17.93 31.62
C GLY B 597 8.93 -17.78 32.87
N PRO B 598 8.50 -18.89 33.50
CA PRO B 598 7.70 -18.91 34.73
C PRO B 598 8.51 -18.58 35.97
N MET B 599 9.12 -17.39 35.99
CA MET B 599 9.91 -16.95 37.12
C MET B 599 9.17 -15.81 37.82
N TYR B 600 8.64 -16.11 39.00
CA TYR B 600 7.87 -15.15 39.77
C TYR B 600 8.63 -14.52 40.92
N GLY B 601 8.23 -13.32 41.32
CA GLY B 601 8.91 -12.66 42.42
C GLY B 601 9.75 -11.46 42.07
N PRO B 602 10.97 -11.38 42.62
CA PRO B 602 11.86 -10.26 42.34
C PRO B 602 12.48 -10.34 40.96
N GLY B 603 12.88 -9.18 40.45
CA GLY B 603 13.52 -9.10 39.16
C GLY B 603 12.80 -9.61 37.92
N GLN B 604 11.64 -9.03 37.62
CA GLN B 604 10.87 -9.42 36.45
C GLN B 604 11.58 -8.80 35.25
N SER B 605 11.80 -9.61 34.22
CA SER B 605 12.49 -9.17 33.01
C SER B 605 11.70 -8.14 32.20
N SER B 606 10.45 -7.91 32.59
CA SER B 606 9.61 -6.95 31.89
C SER B 606 8.23 -6.83 32.48
N PHE B 607 7.50 -5.85 31.98
CA PHE B 607 6.14 -5.61 32.38
C PHE B 607 5.45 -5.11 31.13
N LEU B 608 4.13 -5.24 31.08
CA LEU B 608 3.38 -4.74 29.96
C LEU B 608 2.25 -3.99 30.61
N ASN B 609 1.87 -2.86 30.04
CA ASN B 609 0.81 -2.09 30.65
C ASN B 609 -0.04 -1.36 29.65
N ILE B 610 -1.33 -1.29 29.94
CA ILE B 610 -2.29 -0.59 29.10
C ILE B 610 -2.83 0.61 29.90
N GLU B 611 -1.94 1.25 30.65
CA GLU B 611 -2.33 2.39 31.45
C GLU B 611 -2.22 3.64 30.60
N LEU B 612 -3.11 4.61 30.84
CA LEU B 612 -3.11 5.86 30.09
C LEU B 612 -2.34 6.90 30.89
N ILE B 613 -2.38 8.15 30.44
CA ILE B 613 -1.69 9.20 31.14
C ILE B 613 -2.22 9.34 32.55
N SER B 614 -1.89 10.45 33.20
CA SER B 614 -2.32 10.71 34.56
C SER B 614 -3.81 10.96 34.65
N GLU B 615 -4.41 10.51 35.74
CA GLU B 615 -5.83 10.74 35.95
C GLU B 615 -5.96 11.96 36.85
N LYS B 616 -4.82 12.51 37.26
CA LYS B 616 -4.78 13.69 38.11
C LYS B 616 -4.70 14.95 37.24
N THR B 617 -5.48 15.96 37.62
CA THR B 617 -5.54 17.21 36.87
C THR B 617 -4.27 18.06 36.78
N ALA B 618 -4.19 18.81 35.69
CA ALA B 618 -3.05 19.68 35.46
C ALA B 618 -2.94 20.65 36.62
N ALA B 619 -4.07 20.91 37.26
CA ALA B 619 -4.11 21.81 38.40
C ALA B 619 -3.26 21.18 39.48
N TYR B 620 -3.56 19.93 39.77
CA TYR B 620 -2.85 19.18 40.78
C TYR B 620 -1.35 19.19 40.54
N TRP B 621 -0.96 18.82 39.32
CA TRP B 621 0.44 18.73 38.95
C TRP B 621 1.22 20.01 39.01
N CYS B 622 0.69 21.08 38.45
CA CYS B 622 1.41 22.34 38.47
C CYS B 622 1.57 22.87 39.89
N GLN B 623 0.60 22.58 40.73
CA GLN B 623 0.69 23.01 42.12
C GLN B 623 1.79 22.15 42.72
N SER B 624 1.66 20.83 42.51
CA SER B 624 2.64 19.87 43.01
C SER B 624 4.05 20.27 42.58
N VAL B 625 4.20 20.73 41.34
CA VAL B 625 5.50 21.12 40.85
C VAL B 625 6.02 22.30 41.65
N THR B 626 5.21 23.33 41.81
CA THR B 626 5.64 24.50 42.57
C THR B 626 6.11 24.07 43.95
N GLU B 627 5.31 23.21 44.59
CA GLU B 627 5.60 22.68 45.91
C GLU B 627 6.94 21.98 45.92
N LEU B 628 7.08 20.99 45.05
CA LEU B 628 8.30 20.24 44.95
C LEU B 628 9.54 21.10 44.76
N LYS B 629 9.53 21.96 43.75
CA LYS B 629 10.68 22.80 43.48
C LYS B 629 10.93 23.77 44.61
N ALA B 630 9.91 23.99 45.42
CA ALA B 630 10.05 24.89 46.56
C ALA B 630 10.84 24.19 47.65
N ASP B 631 10.50 22.93 47.91
CA ASP B 631 11.17 22.16 48.95
C ASP B 631 12.44 21.43 48.49
N PHE B 632 12.56 21.21 47.19
CA PHE B 632 13.73 20.54 46.63
C PHE B 632 14.27 21.28 45.43
N PRO B 633 14.95 22.40 45.67
CA PRO B 633 15.53 23.23 44.62
C PRO B 633 16.69 22.66 43.84
N ASP B 634 17.34 21.62 44.35
CA ASP B 634 18.45 21.08 43.58
C ASP B 634 18.06 19.82 42.84
N ASN B 635 16.84 19.31 43.10
CA ASN B 635 16.38 18.12 42.39
C ASN B 635 15.64 18.62 41.18
N ILE B 636 16.03 18.18 40.00
CA ILE B 636 15.35 18.62 38.79
C ILE B 636 13.97 17.99 38.61
N VAL B 637 12.95 18.81 38.37
CA VAL B 637 11.61 18.27 38.13
C VAL B 637 11.25 18.62 36.70
N ILE B 638 10.84 17.60 35.95
CA ILE B 638 10.48 17.75 34.55
C ILE B 638 9.02 17.37 34.43
N ALA B 639 8.22 18.24 33.83
CA ALA B 639 6.81 17.95 33.68
C ALA B 639 6.54 17.28 32.35
N SER B 640 5.80 16.18 32.37
CA SER B 640 5.45 15.47 31.14
C SER B 640 4.03 15.84 30.76
N ILE B 641 3.91 16.54 29.65
CA ILE B 641 2.62 17.02 29.15
C ILE B 641 2.28 16.42 27.79
N MET B 642 0.99 16.32 27.48
CA MET B 642 0.52 15.78 26.22
C MET B 642 -0.78 16.41 25.71
N CYS B 643 -0.76 16.82 24.44
CA CYS B 643 -1.93 17.43 23.79
C CYS B 643 -2.15 16.85 22.39
N SER B 644 -3.37 16.95 21.87
CA SER B 644 -3.63 16.44 20.53
C SER B 644 -2.84 17.35 19.59
N TYR B 645 -2.96 17.10 18.29
CA TYR B 645 -2.26 17.92 17.32
C TYR B 645 -2.97 19.28 17.25
N ASN B 646 -2.66 20.15 18.21
CA ASN B 646 -3.29 21.47 18.27
C ASN B 646 -2.34 22.49 18.88
N LYS B 647 -1.92 23.45 18.07
CA LYS B 647 -0.97 24.46 18.54
C LYS B 647 -1.38 25.24 19.80
N ASN B 648 -2.61 25.74 19.84
CA ASN B 648 -3.03 26.49 21.01
C ASN B 648 -2.91 25.61 22.27
N ASP B 649 -3.35 24.36 22.17
CA ASP B 649 -3.29 23.44 23.30
C ASP B 649 -1.86 23.22 23.77
N TRP B 650 -1.01 22.80 22.84
CA TRP B 650 0.38 22.57 23.21
C TRP B 650 0.99 23.79 23.88
N MET B 651 0.66 24.98 23.38
CA MET B 651 1.22 26.21 23.94
C MET B 651 0.57 26.56 25.28
N GLU B 652 -0.72 26.31 25.42
CA GLU B 652 -1.44 26.61 26.66
C GLU B 652 -0.81 25.78 27.77
N LEU B 653 -0.88 24.46 27.62
CA LEU B 653 -0.34 23.51 28.58
C LEU B 653 1.15 23.70 28.84
N SER B 654 1.95 23.85 27.81
CA SER B 654 3.40 24.01 28.02
C SER B 654 3.75 25.27 28.81
N ARG B 655 2.92 26.30 28.71
CA ARG B 655 3.17 27.52 29.45
C ARG B 655 2.76 27.32 30.90
N LYS B 656 1.63 26.66 31.08
CA LYS B 656 1.10 26.38 32.40
C LYS B 656 2.15 25.62 33.19
N ALA B 657 2.71 24.58 32.58
CA ALA B 657 3.71 23.78 33.25
C ALA B 657 4.91 24.67 33.60
N GLU B 658 5.47 25.35 32.61
CA GLU B 658 6.61 26.22 32.84
C GLU B 658 6.31 27.19 33.96
N ALA B 659 5.07 27.65 34.00
CA ALA B 659 4.61 28.61 34.99
C ALA B 659 4.69 28.07 36.40
N SER B 660 4.47 26.78 36.56
CA SER B 660 4.50 26.16 37.87
C SER B 660 5.92 26.08 38.39
N GLY B 661 6.89 26.33 37.53
CA GLY B 661 8.27 26.33 37.98
C GLY B 661 9.13 25.17 37.50
N ALA B 662 8.53 24.33 36.68
CA ALA B 662 9.19 23.15 36.11
C ALA B 662 10.58 23.49 35.56
N ASP B 663 11.58 22.67 35.90
CA ASP B 663 12.91 22.93 35.40
C ASP B 663 12.96 22.78 33.89
N ALA B 664 12.14 21.88 33.37
CA ALA B 664 12.10 21.62 31.95
C ALA B 664 10.82 20.86 31.63
N LEU B 665 10.61 20.59 30.34
CA LEU B 665 9.42 19.86 29.90
C LEU B 665 9.76 18.61 29.10
N GLU B 666 8.84 17.65 29.07
CA GLU B 666 9.03 16.44 28.29
C GLU B 666 7.75 16.26 27.53
N LEU B 667 7.86 16.15 26.22
CA LEU B 667 6.72 16.00 25.34
C LEU B 667 6.36 14.56 25.06
N ASN B 668 5.18 14.15 25.52
CA ASN B 668 4.70 12.80 25.36
C ASN B 668 4.01 12.72 24.01
N LEU B 669 4.75 12.25 23.01
CA LEU B 669 4.17 12.15 21.67
C LEU B 669 3.47 10.81 21.44
N SER B 670 2.52 10.44 22.30
CA SER B 670 1.81 9.17 22.09
C SER B 670 0.35 9.36 21.73
N CYS B 671 0.01 10.60 21.42
CA CYS B 671 -1.37 10.96 21.10
C CYS B 671 -1.66 10.62 19.62
N PRO B 672 -2.94 10.42 19.26
CA PRO B 672 -3.31 10.07 17.87
C PRO B 672 -3.38 11.30 16.93
N HIS B 673 -2.90 11.14 15.69
CA HIS B 673 -2.90 12.21 14.69
C HIS B 673 -4.30 12.65 14.29
N GLY B 674 -5.14 11.70 13.92
CA GLY B 674 -6.49 12.02 13.48
C GLY B 674 -6.78 11.63 12.04
N MET B 675 -5.77 11.21 11.31
CA MET B 675 -5.95 10.76 9.92
C MET B 675 -5.08 9.51 9.71
N GLY B 676 -5.44 8.66 8.75
CA GLY B 676 -4.68 7.43 8.52
C GLY B 676 -3.63 7.47 7.43
N MET B 680 3.03 5.80 7.60
CA MET B 680 3.44 6.02 8.98
C MET B 680 2.34 5.66 9.98
N GLY B 681 2.73 5.48 11.23
CA GLY B 681 1.80 5.10 12.26
C GLY B 681 0.66 6.04 12.56
N LEU B 682 -0.10 5.66 13.59
CA LEU B 682 -1.25 6.40 14.08
C LEU B 682 -0.86 7.53 15.04
N ALA B 683 0.19 7.32 15.82
CA ALA B 683 0.64 8.30 16.80
C ALA B 683 1.51 9.43 16.25
N CYS B 684 1.43 10.59 16.89
CA CYS B 684 2.21 11.74 16.47
C CYS B 684 3.70 11.43 16.46
N GLY B 685 4.19 10.81 17.51
CA GLY B 685 5.61 10.50 17.60
C GLY B 685 6.24 9.63 16.51
N GLN B 686 5.41 9.17 15.57
CA GLN B 686 5.86 8.32 14.49
C GLN B 686 6.02 9.07 13.17
N ASP B 687 5.56 10.33 13.14
CA ASP B 687 5.62 11.14 11.92
C ASP B 687 6.56 12.34 12.07
N PRO B 688 7.77 12.27 11.51
CA PRO B 688 8.74 13.37 11.61
C PRO B 688 8.17 14.78 11.45
N GLU B 689 7.32 14.97 10.45
CA GLU B 689 6.75 16.30 10.23
C GLU B 689 6.01 16.76 11.49
N LEU B 690 5.08 15.94 11.97
CA LEU B 690 4.30 16.27 13.16
C LEU B 690 5.19 16.57 14.35
N VAL B 691 6.20 15.72 14.53
CA VAL B 691 7.11 15.89 15.62
C VAL B 691 7.74 17.26 15.53
N ARG B 692 8.32 17.57 14.37
CA ARG B 692 8.96 18.86 14.19
C ARG B 692 8.04 20.02 14.53
N ASN B 693 6.78 19.94 14.08
CA ASN B 693 5.83 21.03 14.33
C ASN B 693 5.48 21.22 15.80
N ILE B 694 5.14 20.11 16.48
CA ILE B 694 4.79 20.16 17.88
C ILE B 694 5.95 20.78 18.61
N CYS B 695 7.17 20.40 18.23
CA CYS B 695 8.36 20.96 18.86
C CYS B 695 8.49 22.47 18.62
N ARG B 696 8.02 22.95 17.47
CA ARG B 696 8.10 24.38 17.20
C ARG B 696 7.13 25.11 18.09
N TRP B 697 5.88 24.64 18.15
CA TRP B 697 4.87 25.28 18.97
C TRP B 697 5.35 25.50 20.39
N VAL B 698 5.85 24.44 21.01
CA VAL B 698 6.36 24.51 22.37
C VAL B 698 7.60 25.40 22.48
N ARG B 699 8.46 25.36 21.48
CA ARG B 699 9.66 26.17 21.52
C ARG B 699 9.34 27.65 21.66
N GLN B 700 8.33 28.06 20.92
CA GLN B 700 7.89 29.44 20.89
C GLN B 700 7.01 29.81 22.08
N ALA B 701 6.48 28.80 22.77
CA ALA B 701 5.61 29.04 23.91
C ALA B 701 6.37 29.27 25.21
N VAL B 702 7.40 28.44 25.47
CA VAL B 702 8.19 28.55 26.71
C VAL B 702 9.69 28.80 26.50
N GLN B 703 10.38 29.13 27.58
CA GLN B 703 11.82 29.43 27.56
C GLN B 703 12.65 28.28 28.13
N ILE B 704 12.08 27.58 29.11
CA ILE B 704 12.76 26.46 29.75
C ILE B 704 13.01 25.33 28.77
N PRO B 705 14.14 24.64 28.92
CA PRO B 705 14.39 23.55 27.97
C PRO B 705 13.30 22.50 28.02
N PHE B 706 13.05 21.86 26.89
CA PHE B 706 12.04 20.81 26.83
C PHE B 706 12.63 19.72 25.95
N PHE B 707 12.18 18.48 26.16
CA PHE B 707 12.68 17.34 25.41
C PHE B 707 11.55 16.53 24.82
N ALA B 708 11.83 15.87 23.71
CA ALA B 708 10.83 15.04 23.07
C ALA B 708 11.05 13.57 23.42
N LYS B 709 10.03 12.93 23.99
CA LYS B 709 10.14 11.53 24.35
C LYS B 709 9.73 10.71 23.14
N LEU B 710 10.73 10.21 22.43
CA LEU B 710 10.55 9.42 21.21
C LEU B 710 10.06 8.01 21.46
N THR B 711 9.28 7.49 20.51
CA THR B 711 8.77 6.13 20.61
C THR B 711 9.70 5.23 19.80
N PRO B 712 9.93 4.01 20.26
CA PRO B 712 10.80 3.08 19.55
C PRO B 712 10.09 2.36 18.40
N ASN B 713 8.75 2.41 18.41
CA ASN B 713 7.95 1.76 17.38
C ASN B 713 7.89 2.51 16.07
N VAL B 714 9.06 2.78 15.48
CA VAL B 714 9.15 3.47 14.21
C VAL B 714 10.27 2.88 13.37
N THR B 715 10.10 2.89 12.05
CA THR B 715 11.12 2.35 11.17
C THR B 715 12.47 3.03 11.32
N ASP B 716 12.47 4.32 11.62
CA ASP B 716 13.71 5.04 11.83
C ASP B 716 13.51 6.04 12.94
N ILE B 717 14.10 5.81 14.10
CA ILE B 717 13.93 6.72 15.22
C ILE B 717 14.79 7.96 15.05
N VAL B 718 15.90 7.81 14.33
CA VAL B 718 16.79 8.93 14.11
C VAL B 718 16.10 10.05 13.35
N SER B 719 15.12 9.69 12.52
CA SER B 719 14.42 10.70 11.74
C SER B 719 13.50 11.54 12.64
N ILE B 720 12.81 10.90 13.58
CA ILE B 720 11.95 11.67 14.45
C ILE B 720 12.81 12.39 15.50
N ALA B 721 13.99 11.85 15.76
CA ALA B 721 14.92 12.45 16.71
C ALA B 721 15.44 13.74 16.11
N ARG B 722 15.72 13.70 14.81
CA ARG B 722 16.22 14.86 14.09
C ARG B 722 15.10 15.90 13.95
N ALA B 723 13.91 15.44 13.55
CA ALA B 723 12.77 16.33 13.39
C ALA B 723 12.45 17.14 14.66
N ALA B 724 12.78 16.59 15.83
CA ALA B 724 12.54 17.29 17.08
C ALA B 724 13.67 18.27 17.34
N LYS B 725 14.87 17.94 16.88
CA LYS B 725 16.00 18.83 17.05
C LYS B 725 15.79 20.02 16.11
N GLU B 726 15.20 19.72 14.95
CA GLU B 726 14.92 20.74 13.96
C GLU B 726 13.77 21.59 14.46
N GLY B 727 12.84 20.96 15.16
CA GLY B 727 11.68 21.65 15.71
C GLY B 727 11.99 22.56 16.87
N GLY B 728 13.22 22.48 17.38
CA GLY B 728 13.61 23.34 18.49
C GLY B 728 13.89 22.66 19.83
N ALA B 729 13.53 21.38 19.94
CA ALA B 729 13.75 20.63 21.17
C ALA B 729 15.21 20.74 21.63
N ASP B 730 15.41 20.70 22.95
CA ASP B 730 16.76 20.80 23.51
C ASP B 730 17.32 19.40 23.77
N GLY B 731 16.52 18.38 23.48
CA GLY B 731 16.98 17.03 23.67
C GLY B 731 15.84 16.06 23.46
N VAL B 732 16.19 14.78 23.36
CA VAL B 732 15.21 13.71 23.18
C VAL B 732 15.37 12.64 24.27
N THR B 733 14.24 12.06 24.66
CA THR B 733 14.18 11.00 25.66
C THR B 733 14.00 9.74 24.85
N ALA B 734 14.87 8.76 25.04
CA ALA B 734 14.80 7.50 24.31
C ALA B 734 14.92 6.30 25.22
N THR B 735 13.94 5.42 25.22
CA THR B 735 12.74 5.55 24.41
C THR B 735 11.57 5.14 25.24
N ASN B 736 10.40 5.19 24.65
CA ASN B 736 9.22 4.81 25.38
C ASN B 736 9.07 3.31 25.23
N THR B 737 8.01 2.74 25.80
CA THR B 737 7.80 1.31 25.75
C THR B 737 7.59 0.76 24.35
N VAL B 738 8.03 -0.48 24.16
CA VAL B 738 7.90 -1.18 22.89
C VAL B 738 6.50 -1.80 22.84
N SER B 739 5.76 -1.56 21.77
CA SER B 739 4.42 -2.10 21.69
C SER B 739 4.47 -3.61 21.50
N GLY B 740 3.59 -4.32 22.18
CA GLY B 740 3.55 -5.75 22.06
C GLY B 740 2.41 -6.36 22.83
N LEU B 741 2.26 -7.67 22.73
CA LEU B 741 1.20 -8.38 23.43
C LEU B 741 1.95 -9.30 24.40
N MET B 742 1.55 -9.33 25.66
CA MET B 742 2.27 -10.14 26.63
C MET B 742 1.82 -11.60 26.77
N GLY B 743 0.85 -12.04 25.97
CA GLY B 743 0.45 -13.43 26.07
C GLY B 743 -1.04 -13.75 26.23
N LEU B 744 -1.33 -15.05 26.18
CA LEU B 744 -2.68 -15.55 26.29
C LEU B 744 -2.69 -16.78 27.18
N LYS B 745 -3.84 -17.11 27.76
CA LYS B 745 -3.97 -18.30 28.59
C LYS B 745 -4.14 -19.44 27.61
N ALA B 746 -4.31 -20.66 28.11
CA ALA B 746 -4.48 -21.78 27.20
C ALA B 746 -5.84 -21.70 26.54
N ASP B 747 -6.76 -21.02 27.20
CA ASP B 747 -8.11 -20.87 26.67
C ASP B 747 -8.22 -19.78 25.62
N GLY B 748 -7.10 -19.16 25.28
CA GLY B 748 -7.11 -18.10 24.28
C GLY B 748 -7.38 -16.70 24.81
N THR B 749 -7.84 -16.60 26.05
CA THR B 749 -8.10 -15.27 26.62
C THR B 749 -6.79 -14.59 26.96
N PRO B 750 -6.74 -13.27 26.78
CA PRO B 750 -5.52 -12.53 27.08
C PRO B 750 -5.26 -12.24 28.56
N TRP B 751 -4.24 -11.43 28.80
CA TRP B 751 -3.85 -10.97 30.12
C TRP B 751 -2.91 -9.79 29.87
N PRO B 752 -3.25 -8.59 30.36
CA PRO B 752 -4.45 -8.22 31.13
C PRO B 752 -5.76 -8.53 30.43
N ALA B 753 -6.77 -8.88 31.21
CA ALA B 753 -8.10 -9.19 30.70
C ALA B 753 -9.10 -8.27 31.40
N VAL B 754 -9.55 -7.25 30.68
CA VAL B 754 -10.50 -6.26 31.19
C VAL B 754 -11.99 -6.61 31.02
N GLY B 755 -12.80 -6.30 32.03
CA GLY B 755 -14.21 -6.58 31.95
C GLY B 755 -14.52 -8.05 31.83
N ALA B 756 -15.80 -8.38 31.77
CA ALA B 756 -16.23 -9.78 31.66
C ALA B 756 -16.01 -10.33 30.24
N GLY B 757 -15.81 -9.43 29.28
CA GLY B 757 -15.57 -9.83 27.91
C GLY B 757 -14.12 -10.22 27.73
N LYS B 758 -13.37 -10.22 28.83
CA LYS B 758 -11.95 -10.58 28.81
C LYS B 758 -11.24 -10.00 27.61
N ARG B 759 -11.36 -8.70 27.43
CA ARG B 759 -10.75 -8.01 26.31
C ARG B 759 -9.46 -7.31 26.70
N THR B 760 -8.69 -6.89 25.71
CA THR B 760 -7.42 -6.22 25.96
C THR B 760 -7.02 -5.51 24.67
N THR B 761 -5.94 -4.74 24.72
CA THR B 761 -5.43 -4.04 23.55
C THR B 761 -3.91 -4.11 23.60
N TYR B 762 -3.25 -3.70 22.51
CA TYR B 762 -1.81 -3.73 22.48
C TYR B 762 -1.25 -2.81 23.55
N GLY B 763 -0.42 -3.35 24.42
CA GLY B 763 0.16 -2.56 25.48
C GLY B 763 1.62 -2.25 25.24
N GLY B 764 2.27 -1.70 26.26
CA GLY B 764 3.67 -1.34 26.14
C GLY B 764 4.58 -2.20 27.01
N VAL B 765 5.63 -2.72 26.39
CA VAL B 765 6.59 -3.56 27.08
C VAL B 765 7.71 -2.72 27.65
N SER B 766 7.96 -2.87 28.94
CA SER B 766 8.99 -2.12 29.63
C SER B 766 9.82 -3.12 30.36
N GLY B 767 10.98 -2.71 30.85
CA GLY B 767 11.82 -3.63 31.59
C GLY B 767 13.13 -3.97 30.91
N THR B 768 13.86 -4.91 31.48
CA THR B 768 15.13 -5.31 30.92
C THR B 768 14.98 -5.96 29.55
N ALA B 769 13.82 -6.51 29.28
CA ALA B 769 13.58 -7.17 28.00
C ALA B 769 13.62 -6.24 26.81
N ILE B 770 13.58 -4.92 27.04
CA ILE B 770 13.61 -3.98 25.94
C ILE B 770 14.86 -3.13 25.95
N ARG B 771 15.81 -3.47 26.81
CA ARG B 771 17.04 -2.69 26.88
C ARG B 771 17.80 -2.70 25.57
N PRO B 772 17.92 -3.87 24.91
CA PRO B 772 18.64 -3.97 23.64
C PRO B 772 18.09 -2.98 22.61
N ILE B 773 16.79 -2.73 22.69
CA ILE B 773 16.15 -1.79 21.78
C ILE B 773 16.45 -0.34 22.15
N ALA B 774 16.24 0.00 23.41
CA ALA B 774 16.50 1.36 23.86
C ALA B 774 17.97 1.69 23.67
N LEU B 775 18.85 0.72 23.92
CA LEU B 775 20.27 0.94 23.75
C LEU B 775 20.62 1.26 22.29
N ARG B 776 20.15 0.45 21.35
CA ARG B 776 20.41 0.73 19.95
C ARG B 776 19.90 2.15 19.67
N ALA B 777 18.63 2.38 19.97
CA ALA B 777 18.04 3.68 19.75
C ALA B 777 18.92 4.82 20.27
N VAL B 778 19.45 4.69 21.48
CA VAL B 778 20.30 5.73 22.05
C VAL B 778 21.63 5.83 21.36
N THR B 779 22.25 4.70 21.07
CA THR B 779 23.52 4.78 20.38
C THR B 779 23.36 5.26 18.94
N THR B 780 22.25 4.96 18.27
CA THR B 780 22.07 5.46 16.88
C THR B 780 21.88 6.97 16.87
N ILE B 781 20.98 7.47 17.72
CA ILE B 781 20.71 8.90 17.80
C ILE B 781 21.97 9.63 18.24
N ALA B 782 22.80 8.96 19.03
CA ALA B 782 24.02 9.54 19.53
C ALA B 782 25.09 9.74 18.46
N ARG B 783 25.07 8.93 17.42
CA ARG B 783 26.08 9.07 16.39
C ARG B 783 25.59 9.98 15.27
N ALA B 784 24.27 10.02 15.09
CA ALA B 784 23.66 10.83 14.05
C ALA B 784 23.66 12.31 14.43
N LEU B 785 23.18 12.63 15.63
CA LEU B 785 23.10 14.00 16.11
C LEU B 785 24.02 14.17 17.30
N PRO B 786 25.34 14.12 17.10
CA PRO B 786 26.31 14.27 18.19
C PRO B 786 26.12 15.49 19.07
N GLY B 787 26.31 15.30 20.37
CA GLY B 787 26.17 16.39 21.31
C GLY B 787 24.73 16.61 21.74
N PHE B 788 23.81 16.21 20.88
CA PHE B 788 22.39 16.39 21.16
C PHE B 788 22.03 15.56 22.38
N PRO B 789 21.45 16.21 23.40
CA PRO B 789 21.01 15.65 24.69
C PRO B 789 20.07 14.45 24.59
N ILE B 790 20.45 13.37 25.28
CA ILE B 790 19.61 12.19 25.30
C ILE B 790 19.36 11.73 26.73
N LEU B 791 18.09 11.69 27.09
CA LEU B 791 17.70 11.22 28.41
C LEU B 791 17.27 9.79 28.12
N ALA B 792 18.07 8.81 28.54
CA ALA B 792 17.75 7.42 28.27
C ALA B 792 16.74 6.82 29.22
N THR B 793 15.96 5.87 28.70
CA THR B 793 14.96 5.14 29.48
C THR B 793 14.63 3.85 28.79
N GLY B 794 14.66 2.76 29.54
CA GLY B 794 14.35 1.47 28.97
C GLY B 794 15.24 0.34 29.45
N GLY B 795 14.93 -0.22 30.60
CA GLY B 795 15.73 -1.31 31.08
C GLY B 795 16.86 -0.93 32.01
N ILE B 796 16.91 0.31 32.49
CA ILE B 796 17.97 0.68 33.44
C ILE B 796 17.54 0.16 34.82
N ASP B 797 18.42 -0.58 35.48
CA ASP B 797 18.10 -1.16 36.77
C ASP B 797 19.29 -1.32 37.68
N SER B 798 20.40 -0.70 37.32
CA SER B 798 21.61 -0.78 38.11
C SER B 798 22.63 0.22 37.63
N ALA B 799 23.57 0.57 38.49
CA ALA B 799 24.57 1.54 38.10
C ALA B 799 25.31 1.07 36.84
N GLU B 800 25.65 -0.21 36.78
CA GLU B 800 26.36 -0.69 35.62
C GLU B 800 25.57 -0.49 34.34
N SER B 801 24.31 -0.90 34.32
CA SER B 801 23.51 -0.74 33.12
C SER B 801 23.40 0.75 32.79
N GLY B 802 23.16 1.56 33.81
CA GLY B 802 23.07 2.99 33.60
C GLY B 802 24.37 3.51 33.01
N LEU B 803 25.50 2.98 33.43
CA LEU B 803 26.77 3.43 32.88
C LEU B 803 26.76 3.10 31.39
N GLN B 804 26.19 1.96 31.04
CA GLN B 804 26.12 1.56 29.64
C GLN B 804 25.43 2.60 28.77
N PHE B 805 24.36 3.20 29.28
CA PHE B 805 23.65 4.23 28.52
C PHE B 805 24.44 5.52 28.48
N LEU B 806 25.23 5.79 29.51
CA LEU B 806 26.06 6.99 29.50
C LEU B 806 27.11 6.79 28.40
N HIS B 807 27.74 5.62 28.41
CA HIS B 807 28.75 5.28 27.42
C HIS B 807 28.17 5.28 26.01
N SER B 808 26.85 5.22 25.91
CA SER B 808 26.17 5.18 24.63
C SER B 808 25.68 6.55 24.18
N GLY B 809 26.04 7.58 24.93
CA GLY B 809 25.61 8.90 24.55
C GLY B 809 24.58 9.59 25.42
N ALA B 810 23.98 8.87 26.36
CA ALA B 810 22.98 9.47 27.24
C ALA B 810 23.68 10.27 28.33
N SER B 811 23.01 11.32 28.83
CA SER B 811 23.55 12.18 29.88
C SER B 811 22.86 11.88 31.21
N VAL B 812 21.58 11.57 31.15
CA VAL B 812 20.83 11.25 32.36
C VAL B 812 20.04 9.97 32.10
N LEU B 813 19.73 9.24 33.17
CA LEU B 813 19.05 7.96 33.05
C LEU B 813 17.70 7.86 33.77
N GLN B 814 16.63 7.56 33.04
CA GLN B 814 15.31 7.45 33.63
C GLN B 814 15.01 6.02 34.09
N VAL B 815 14.32 5.86 35.22
CA VAL B 815 14.02 4.53 35.73
C VAL B 815 12.54 4.33 36.03
N CYS B 816 12.05 3.12 35.83
CA CYS B 816 10.66 2.80 36.13
C CYS B 816 10.49 1.37 36.63
N SER B 817 10.56 0.42 35.70
CA SER B 817 10.38 -1.00 36.01
C SER B 817 11.23 -1.47 37.17
N ALA B 818 12.46 -0.99 37.26
CA ALA B 818 13.37 -1.36 38.33
C ALA B 818 12.81 -0.96 39.71
N VAL B 819 12.04 0.13 39.77
CA VAL B 819 11.44 0.57 41.01
C VAL B 819 10.10 -0.14 41.26
N GLN B 820 9.49 -0.63 40.18
CA GLN B 820 8.23 -1.38 40.27
C GLN B 820 8.58 -2.76 40.81
N ASN B 821 9.80 -3.19 40.51
CA ASN B 821 10.29 -4.49 40.95
C ASN B 821 10.88 -4.38 42.34
N GLN B 822 11.00 -3.15 42.85
CA GLN B 822 11.62 -2.94 44.15
C GLN B 822 11.07 -1.71 44.89
N ASP B 823 11.84 -0.64 45.02
CA ASP B 823 11.38 0.57 45.69
C ASP B 823 12.39 1.71 45.55
N PHE B 824 12.00 2.92 45.96
CA PHE B 824 12.87 4.10 45.82
C PHE B 824 14.31 3.99 46.33
N THR B 825 14.57 3.12 47.30
CA THR B 825 15.91 3.04 47.84
C THR B 825 16.96 2.55 46.88
N VAL B 826 16.56 1.95 45.77
CA VAL B 826 17.56 1.47 44.84
C VAL B 826 18.45 2.61 44.43
N ILE B 827 18.01 3.84 44.69
CA ILE B 827 18.79 5.02 44.34
C ILE B 827 20.14 4.97 45.05
N GLN B 828 20.10 4.54 46.30
CA GLN B 828 21.30 4.41 47.10
C GLN B 828 22.26 3.45 46.38
N ASP B 829 21.74 2.37 45.85
CA ASP B 829 22.57 1.39 45.17
C ASP B 829 23.15 1.98 43.91
N TYR B 830 22.31 2.68 43.16
CA TYR B 830 22.76 3.27 41.92
C TYR B 830 23.91 4.25 42.09
N CYS B 831 23.80 5.15 43.07
CA CYS B 831 24.84 6.14 43.28
C CYS B 831 26.11 5.51 43.81
N THR B 832 26.01 4.72 44.86
CA THR B 832 27.21 4.12 45.40
C THR B 832 27.80 3.24 44.35
N GLY B 833 26.97 2.69 43.47
CA GLY B 833 27.49 1.83 42.43
C GLY B 833 28.23 2.54 41.32
N LEU B 834 27.66 3.65 40.84
CA LEU B 834 28.27 4.43 39.79
C LEU B 834 29.57 5.03 40.32
N LYS B 835 29.57 5.43 41.59
CA LYS B 835 30.76 6.00 42.19
C LYS B 835 31.88 4.97 42.12
N ALA B 836 31.62 3.78 42.65
CA ALA B 836 32.61 2.72 42.64
C ALA B 836 33.15 2.49 41.24
N LEU B 837 32.26 2.45 40.27
CA LEU B 837 32.66 2.22 38.90
C LEU B 837 33.68 3.21 38.44
N LEU B 838 33.36 4.50 38.53
CA LEU B 838 34.27 5.55 38.11
C LEU B 838 35.54 5.54 38.95
N TYR B 839 35.41 5.33 40.25
CA TYR B 839 36.58 5.30 41.09
C TYR B 839 37.57 4.26 40.65
N LEU B 840 37.10 3.05 40.35
CA LEU B 840 37.97 1.95 39.92
C LEU B 840 38.69 2.16 38.59
N LYS B 841 38.17 3.06 37.77
CA LYS B 841 38.78 3.34 36.48
C LYS B 841 40.12 4.05 36.65
N SER B 842 40.42 4.43 37.88
CA SER B 842 41.65 5.13 38.18
C SER B 842 42.66 4.24 38.85
N ILE B 843 42.26 3.03 39.18
CA ILE B 843 43.17 2.10 39.82
C ILE B 843 43.87 1.25 38.76
N GLU B 844 45.18 1.39 38.68
CA GLU B 844 45.96 0.67 37.69
C GLU B 844 46.07 -0.82 37.93
N GLU B 845 46.23 -1.22 39.18
CA GLU B 845 46.37 -2.63 39.51
C GLU B 845 45.07 -3.44 39.39
N LEU B 846 44.00 -2.77 38.99
CA LEU B 846 42.71 -3.44 38.85
C LEU B 846 42.13 -3.31 37.44
N GLN B 847 42.99 -3.38 36.43
CA GLN B 847 42.52 -3.29 35.06
C GLN B 847 42.04 -4.62 34.50
N GLY B 848 42.39 -5.71 35.17
CA GLY B 848 41.98 -7.02 34.69
C GLY B 848 40.52 -7.29 35.00
N TRP B 849 39.95 -6.42 35.83
CA TRP B 849 38.55 -6.51 36.26
C TRP B 849 37.60 -5.91 35.23
N ASP B 850 36.35 -6.36 35.28
CA ASP B 850 35.31 -5.80 34.42
C ASP B 850 34.39 -5.06 35.36
N GLY B 851 34.66 -3.77 35.57
CA GLY B 851 33.83 -3.04 36.49
C GLY B 851 34.21 -3.51 37.88
N GLN B 852 33.25 -3.97 38.66
CA GLN B 852 33.56 -4.44 40.02
C GLN B 852 33.76 -5.95 40.09
N SER B 853 33.73 -6.60 38.94
CA SER B 853 33.92 -8.04 38.88
C SER B 853 35.39 -8.39 38.65
N PRO B 854 36.03 -9.06 39.63
CA PRO B 854 37.43 -9.41 39.45
C PRO B 854 37.55 -10.37 38.26
N GLY B 855 38.76 -10.69 37.86
CA GLY B 855 38.93 -11.61 36.75
C GLY B 855 38.63 -13.00 37.27
N THR B 856 37.81 -13.75 36.55
CA THR B 856 37.44 -15.09 37.02
C THR B 856 38.63 -16.06 37.08
N GLU B 857 38.84 -16.64 38.26
CA GLU B 857 39.93 -17.60 38.49
C GLU B 857 39.34 -19.01 38.49
N SER B 858 40.03 -19.95 37.87
CA SER B 858 39.56 -21.33 37.83
C SER B 858 39.11 -21.77 39.22
N HIS B 859 37.84 -22.12 39.35
CA HIS B 859 37.30 -22.54 40.63
C HIS B 859 36.27 -23.65 40.46
N GLN B 860 35.92 -24.29 41.57
CA GLN B 860 34.89 -25.33 41.58
C GLN B 860 34.10 -25.07 42.85
N LYS B 861 32.80 -24.76 42.69
CA LYS B 861 31.89 -24.44 43.79
C LYS B 861 32.32 -23.14 44.46
N GLY B 862 32.87 -22.23 43.66
CA GLY B 862 33.30 -20.95 44.17
C GLY B 862 34.71 -20.89 44.74
N LYS B 863 35.18 -22.01 45.27
CA LYS B 863 36.51 -22.06 45.86
C LYS B 863 37.48 -22.33 44.72
N PRO B 864 38.66 -21.71 44.77
CA PRO B 864 39.68 -21.89 43.73
C PRO B 864 40.13 -23.33 43.48
N VAL B 865 40.68 -23.55 42.30
CA VAL B 865 41.17 -24.86 41.90
C VAL B 865 42.66 -24.97 42.24
N PRO B 866 43.03 -25.95 43.08
CA PRO B 866 44.42 -26.15 43.48
C PRO B 866 45.37 -26.23 42.30
N ARG B 867 46.44 -25.42 42.35
CA ARG B 867 47.43 -25.39 41.27
C ARG B 867 48.52 -26.45 41.46
N ILE B 868 48.14 -27.68 41.77
CA ILE B 868 49.13 -28.74 41.94
C ILE B 868 49.52 -29.25 40.56
N ALA B 869 50.80 -29.52 40.37
CA ALA B 869 51.30 -30.02 39.09
C ALA B 869 50.72 -31.39 38.74
N GLU B 870 50.63 -32.26 39.74
CA GLU B 870 50.10 -33.61 39.55
C GLU B 870 48.62 -33.64 39.19
N LEU B 871 47.99 -32.47 39.11
CA LEU B 871 46.57 -32.39 38.77
C LEU B 871 46.32 -31.76 37.42
N MET B 872 47.12 -30.74 37.10
CA MET B 872 46.96 -30.03 35.84
C MET B 872 47.12 -30.90 34.59
N GLY B 873 46.22 -30.69 33.64
CA GLY B 873 46.26 -31.45 32.40
C GLY B 873 46.34 -32.95 32.61
N LYS B 874 45.42 -33.48 33.40
CA LYS B 874 45.37 -34.91 33.68
C LYS B 874 43.98 -35.44 33.32
N LYS B 875 43.07 -34.51 33.04
CA LYS B 875 41.71 -34.85 32.68
C LYS B 875 40.99 -35.64 33.75
N LEU B 876 40.97 -35.08 34.95
CA LEU B 876 40.32 -35.70 36.08
C LEU B 876 39.13 -34.85 36.49
N PRO B 877 37.92 -35.18 35.98
CA PRO B 877 36.71 -34.43 36.32
C PRO B 877 36.37 -34.69 37.78
N ASN B 878 35.56 -33.80 38.37
CA ASN B 878 35.18 -33.91 39.78
C ASN B 878 34.04 -34.87 40.11
N PHE B 879 34.19 -36.12 39.69
CA PHE B 879 33.19 -37.12 39.95
C PHE B 879 33.76 -38.53 39.83
N GLY B 880 33.07 -39.50 40.42
CA GLY B 880 33.52 -40.86 40.33
C GLY B 880 34.97 -41.08 40.70
N PRO B 881 35.59 -42.14 40.16
CA PRO B 881 36.98 -42.50 40.41
C PRO B 881 37.97 -41.36 40.21
N TYR B 882 37.62 -40.45 39.32
CA TYR B 882 38.46 -39.29 39.02
C TYR B 882 38.60 -38.40 40.23
N LEU B 883 37.49 -38.21 40.93
CA LEU B 883 37.47 -37.38 42.12
C LEU B 883 38.29 -38.04 43.20
N GLU B 884 38.23 -39.37 43.25
CA GLU B 884 38.98 -40.15 44.22
C GLU B 884 40.48 -39.88 44.01
N GLN B 885 40.90 -39.88 42.75
CA GLN B 885 42.28 -39.62 42.39
C GLN B 885 42.64 -38.21 42.78
N ARG B 886 41.74 -37.28 42.49
CA ARG B 886 42.00 -35.89 42.83
C ARG B 886 42.29 -35.71 44.30
N LYS B 887 41.43 -36.28 45.14
CA LYS B 887 41.59 -36.15 46.59
C LYS B 887 42.91 -36.72 47.09
N LYS B 888 43.31 -37.87 46.54
CA LYS B 888 44.57 -38.50 46.92
C LYS B 888 45.70 -37.56 46.56
N ILE B 889 45.75 -37.15 45.29
CA ILE B 889 46.78 -36.24 44.82
C ILE B 889 46.85 -34.99 45.68
N ILE B 890 45.70 -34.49 46.12
CA ILE B 890 45.66 -33.29 46.93
C ILE B 890 46.20 -33.53 48.34
N ALA B 891 45.88 -34.69 48.90
CA ALA B 891 46.34 -35.04 50.23
C ALA B 891 47.84 -35.28 50.21
N GLU B 892 48.31 -35.88 49.13
CA GLU B 892 49.73 -36.16 48.93
C GLU B 892 50.46 -34.81 48.94
N GLU B 893 49.88 -33.82 48.28
CA GLU B 893 50.46 -32.49 48.21
C GLU B 893 50.53 -31.81 49.57
N LYS B 894 49.49 -31.99 50.39
CA LYS B 894 49.46 -31.39 51.72
C LYS B 894 50.57 -31.95 52.58
N MET B 895 50.80 -33.25 52.47
CA MET B 895 51.85 -33.88 53.26
C MET B 895 53.20 -33.38 52.79
N ARG B 896 53.35 -33.19 51.48
CA ARG B 896 54.61 -32.69 50.95
C ARG B 896 54.87 -31.29 51.50
N LEU B 897 53.83 -30.47 51.56
CA LEU B 897 53.96 -29.10 52.06
C LEU B 897 54.26 -29.08 53.55
N LYS B 898 53.96 -30.19 54.22
CA LYS B 898 54.23 -30.27 55.64
C LYS B 898 55.73 -30.46 55.77
N GLU B 899 56.32 -31.12 54.76
CA GLU B 899 57.74 -31.39 54.75
C GLU B 899 58.47 -30.09 54.33
N GLN B 900 57.71 -29.12 53.82
CA GLN B 900 58.28 -27.86 53.35
C GLN B 900 58.23 -26.66 54.30
N LEU B 907 52.55 -11.28 53.56
CA LEU B 907 52.39 -10.23 52.57
C LEU B 907 51.74 -8.95 53.16
N GLU B 908 52.44 -7.83 53.05
CA GLU B 908 51.95 -6.59 53.57
C GLU B 908 50.69 -6.16 52.80
N ARG B 909 49.72 -5.65 53.55
CA ARG B 909 48.49 -5.18 52.96
C ARG B 909 48.56 -3.66 52.83
N LYS B 910 48.71 -3.23 51.58
CA LYS B 910 48.77 -1.81 51.23
C LYS B 910 47.61 -1.39 50.33
N PRO B 911 47.09 -0.18 50.54
CA PRO B 911 45.98 0.34 49.71
C PRO B 911 46.38 0.75 48.33
N PHE B 912 45.43 0.68 47.41
CA PHE B 912 45.69 1.08 46.04
C PHE B 912 45.40 2.57 45.89
N ILE B 913 46.32 3.27 45.23
CA ILE B 913 46.20 4.70 45.02
C ILE B 913 45.86 5.06 43.58
N PRO B 914 44.86 5.92 43.39
CA PRO B 914 44.45 6.33 42.05
C PRO B 914 45.65 6.94 41.32
N LYS B 915 46.13 6.26 40.27
CA LYS B 915 47.27 6.77 39.50
C LYS B 915 46.76 7.53 38.29
N LYS B 916 45.64 8.22 38.47
CA LYS B 916 45.02 8.98 37.39
C LYS B 916 43.78 9.69 37.95
N PRO B 917 43.36 10.82 37.34
CA PRO B 917 42.17 11.50 37.85
C PRO B 917 40.91 10.66 37.64
N ILE B 918 40.03 10.69 38.64
CA ILE B 918 38.78 9.94 38.58
C ILE B 918 37.89 10.59 37.52
N PRO B 919 37.51 9.85 36.47
CA PRO B 919 36.65 10.43 35.43
C PRO B 919 35.35 10.97 36.00
N ALA B 920 34.73 11.88 35.24
CA ALA B 920 33.47 12.48 35.65
C ALA B 920 32.45 12.09 34.59
N ILE B 921 31.17 12.15 34.93
CA ILE B 921 30.16 11.74 33.97
C ILE B 921 30.43 12.23 32.56
N LYS B 922 30.68 13.53 32.43
CA LYS B 922 30.95 14.10 31.11
C LYS B 922 32.09 13.38 30.39
N ASP B 923 33.11 12.98 31.14
CA ASP B 923 34.25 12.30 30.54
C ASP B 923 33.94 10.90 30.03
N VAL B 924 32.75 10.37 30.32
CA VAL B 924 32.46 9.04 29.85
C VAL B 924 31.28 8.97 28.92
N ILE B 925 30.52 10.04 28.82
CA ILE B 925 29.38 10.01 27.94
C ILE B 925 29.84 9.70 26.53
N GLY B 926 29.16 8.75 25.89
CA GLY B 926 29.48 8.38 24.52
C GLY B 926 30.81 7.71 24.19
N LYS B 927 31.64 7.45 25.18
CA LYS B 927 32.94 6.83 24.92
C LYS B 927 32.85 5.47 24.27
N ALA B 928 31.68 4.86 24.33
CA ALA B 928 31.50 3.54 23.75
C ALA B 928 31.18 3.62 22.26
N LEU B 929 30.80 4.81 21.81
CA LEU B 929 30.42 4.99 20.42
C LEU B 929 31.52 4.65 19.42
N GLN B 930 32.77 4.92 19.80
CA GLN B 930 33.89 4.66 18.90
C GLN B 930 33.90 3.25 18.34
N TYR B 931 33.48 2.28 19.16
CA TYR B 931 33.50 0.89 18.74
C TYR B 931 32.38 0.51 17.80
N LEU B 932 31.35 1.34 17.70
CA LEU B 932 30.25 1.03 16.82
C LEU B 932 30.56 1.41 15.38
N GLY B 933 30.13 0.56 14.45
CA GLY B 933 30.34 0.80 13.04
C GLY B 933 29.41 -0.07 12.24
N THR B 934 29.48 0.01 10.91
CA THR B 934 28.62 -0.84 10.10
C THR B 934 29.21 -2.24 10.11
N PHE B 935 28.61 -3.15 9.36
CA PHE B 935 29.12 -4.51 9.35
C PHE B 935 30.42 -4.62 8.56
N GLY B 936 30.52 -3.83 7.50
CA GLY B 936 31.72 -3.86 6.68
C GLY B 936 32.98 -3.46 7.42
N GLU B 937 32.82 -2.68 8.49
CA GLU B 937 33.97 -2.23 9.26
C GLU B 937 34.44 -3.27 10.28
N LEU B 938 33.77 -4.43 10.28
CA LEU B 938 34.12 -5.54 11.16
C LEU B 938 35.09 -6.45 10.41
N SER B 939 36.25 -6.70 11.00
CA SER B 939 37.29 -7.53 10.39
C SER B 939 36.98 -9.02 10.31
N ASN B 940 36.93 -9.57 9.10
CA ASN B 940 36.63 -10.99 8.95
C ASN B 940 37.89 -11.81 8.76
N ILE B 941 39.01 -11.24 9.16
CA ILE B 941 40.26 -11.96 9.05
C ILE B 941 40.69 -12.30 10.46
N GLU B 942 40.22 -11.49 11.40
CA GLU B 942 40.51 -11.67 12.83
C GLU B 942 39.44 -12.61 13.39
N GLN B 943 39.54 -13.88 13.05
CA GLN B 943 38.57 -14.85 13.51
C GLN B 943 39.02 -15.42 14.84
N VAL B 944 38.07 -16.00 15.58
CA VAL B 944 38.33 -16.59 16.89
C VAL B 944 37.77 -17.98 17.04
N VAL B 945 38.15 -18.66 18.12
CA VAL B 945 37.67 -20.00 18.42
C VAL B 945 37.47 -20.11 19.91
N ALA B 946 36.70 -21.11 20.35
CA ALA B 946 36.44 -21.30 21.76
C ALA B 946 37.49 -22.20 22.42
N VAL B 947 37.83 -21.90 23.66
CA VAL B 947 38.80 -22.70 24.41
C VAL B 947 38.21 -22.97 25.81
N ILE B 948 38.03 -24.24 26.14
CA ILE B 948 37.44 -24.64 27.42
C ILE B 948 38.45 -24.93 28.52
N ASP B 949 38.13 -24.46 29.72
CA ASP B 949 38.94 -24.68 30.92
C ASP B 949 38.37 -25.88 31.68
N GLU B 950 38.88 -27.09 31.40
CA GLU B 950 38.37 -28.30 32.06
C GLU B 950 38.30 -28.20 33.58
N GLU B 951 39.11 -27.34 34.18
CA GLU B 951 39.11 -27.22 35.62
C GLU B 951 37.90 -26.49 36.18
N MET B 952 37.20 -25.75 35.31
CA MET B 952 36.01 -25.00 35.73
C MET B 952 34.72 -25.64 35.25
N CYS B 953 34.86 -26.54 34.28
CA CYS B 953 33.74 -27.24 33.69
C CYS B 953 32.97 -28.16 34.66
N ILE B 954 31.65 -28.20 34.52
CA ILE B 954 30.80 -29.05 35.36
C ILE B 954 30.18 -30.20 34.57
N ASN B 955 30.80 -30.49 33.44
CA ASN B 955 30.43 -31.60 32.54
C ASN B 955 28.98 -31.73 32.04
N CYS B 956 28.24 -30.64 31.98
CA CYS B 956 26.83 -30.72 31.55
C CYS B 956 26.67 -31.11 30.10
N GLY B 957 27.61 -30.67 29.27
CA GLY B 957 27.54 -30.99 27.86
C GLY B 957 26.64 -30.07 27.06
N LYS B 958 26.33 -28.91 27.65
CA LYS B 958 25.49 -27.95 26.96
C LYS B 958 26.16 -27.40 25.72
N CYS B 959 27.44 -27.05 25.82
CA CYS B 959 28.19 -26.50 24.68
C CYS B 959 28.16 -27.49 23.54
N TYR B 960 28.30 -28.77 23.88
CA TYR B 960 28.27 -29.89 22.94
C TYR B 960 26.96 -29.88 22.14
N MET B 961 25.84 -29.87 22.84
CA MET B 961 24.54 -29.86 22.19
C MET B 961 24.26 -28.62 21.33
N THR B 962 24.65 -27.45 21.80
CA THR B 962 24.43 -26.23 21.01
C THR B 962 25.15 -26.41 19.66
N CYS B 963 26.44 -26.67 19.73
CA CYS B 963 27.25 -26.84 18.55
C CYS B 963 26.74 -28.00 17.70
N ASN B 964 26.10 -28.99 18.31
CA ASN B 964 25.59 -30.12 17.54
C ASN B 964 24.33 -29.82 16.76
N ASP B 965 23.37 -29.20 17.42
CA ASP B 965 22.10 -28.89 16.78
C ASP B 965 21.91 -27.42 16.41
N SER B 966 22.92 -26.60 16.68
CA SER B 966 22.87 -25.16 16.34
C SER B 966 24.25 -24.67 15.92
N GLY B 967 25.16 -25.60 15.70
CA GLY B 967 26.50 -25.21 15.32
C GLY B 967 27.19 -25.99 14.21
N TYR B 968 28.46 -26.28 14.43
CA TYR B 968 29.28 -27.00 13.47
C TYR B 968 29.84 -28.36 13.92
N GLN B 969 29.19 -29.00 14.90
CA GLN B 969 29.64 -30.29 15.42
C GLN B 969 31.16 -30.21 15.55
N ALA B 970 31.65 -29.22 16.28
CA ALA B 970 33.08 -29.05 16.45
C ALA B 970 33.56 -29.40 17.84
N ILE B 971 32.69 -29.96 18.67
CA ILE B 971 33.07 -30.32 20.03
C ILE B 971 32.97 -31.80 20.31
N GLN B 972 34.02 -32.34 20.96
CA GLN B 972 34.06 -33.75 21.34
C GLN B 972 33.67 -33.81 22.81
N PHE B 973 32.84 -34.79 23.15
CA PHE B 973 32.39 -34.92 24.52
C PHE B 973 32.77 -36.32 25.00
N ASP B 974 33.90 -36.42 25.70
CA ASP B 974 34.36 -37.73 26.18
C ASP B 974 33.23 -38.48 26.86
N PRO B 975 33.06 -39.76 26.55
CA PRO B 975 32.01 -40.59 27.13
C PRO B 975 32.30 -41.11 28.55
N GLU B 976 33.51 -40.87 29.05
CA GLU B 976 33.86 -41.33 30.38
C GLU B 976 34.07 -40.21 31.37
N THR B 977 34.65 -39.10 30.91
CA THR B 977 34.90 -37.98 31.80
C THR B 977 33.94 -36.82 31.58
N HIS B 978 33.12 -36.94 30.55
CA HIS B 978 32.17 -35.90 30.21
C HIS B 978 32.84 -34.54 30.16
N LEU B 979 34.05 -34.51 29.60
CA LEU B 979 34.80 -33.27 29.43
C LEU B 979 34.78 -32.93 27.94
N PRO B 980 34.50 -31.67 27.60
CA PRO B 980 34.44 -31.23 26.20
C PRO B 980 35.79 -30.77 25.66
N THR B 981 35.96 -30.84 24.36
CA THR B 981 37.19 -30.40 23.70
C THR B 981 36.83 -29.84 22.33
N VAL B 982 36.97 -28.52 22.19
CA VAL B 982 36.68 -27.84 20.94
C VAL B 982 37.73 -28.27 19.91
N THR B 983 37.31 -28.86 18.78
CA THR B 983 38.25 -29.28 17.75
C THR B 983 38.50 -28.11 16.81
N ASP B 984 39.39 -28.26 15.83
CA ASP B 984 39.63 -27.11 14.96
C ASP B 984 38.66 -26.91 13.81
N THR B 985 37.47 -27.53 13.91
CA THR B 985 36.43 -27.32 12.91
C THR B 985 35.59 -26.16 13.41
N CYS B 986 35.86 -25.75 14.64
CA CYS B 986 35.19 -24.64 15.29
C CYS B 986 35.31 -23.37 14.43
N THR B 987 34.25 -22.60 14.38
CA THR B 987 34.21 -21.39 13.58
C THR B 987 34.16 -20.13 14.44
N GLY B 988 33.99 -20.33 15.75
CA GLY B 988 33.93 -19.22 16.69
C GLY B 988 32.60 -18.48 16.73
N CYS B 989 31.51 -19.10 16.28
CA CYS B 989 30.22 -18.47 16.31
C CYS B 989 29.91 -17.90 17.66
N THR B 990 30.42 -18.58 18.67
CA THR B 990 30.29 -18.19 20.11
C THR B 990 28.99 -18.65 20.83
N LEU B 991 28.24 -19.58 20.21
CA LEU B 991 27.03 -20.07 20.87
C LEU B 991 27.36 -20.84 22.13
N CYS B 992 28.26 -21.80 22.03
CA CYS B 992 28.64 -22.59 23.19
C CYS B 992 28.87 -21.69 24.41
N LEU B 993 29.84 -20.79 24.30
CA LEU B 993 30.18 -19.89 25.39
C LEU B 993 28.92 -19.26 25.95
N SER B 994 28.01 -18.91 25.05
CA SER B 994 26.75 -18.28 25.43
C SER B 994 25.84 -19.14 26.31
N VAL B 995 25.87 -20.47 26.12
CA VAL B 995 25.03 -21.35 26.92
C VAL B 995 25.77 -22.06 28.06
N CYS B 996 27.07 -21.85 28.18
CA CYS B 996 27.82 -22.48 29.26
C CYS B 996 27.25 -21.91 30.55
N PRO B 997 26.92 -22.80 31.53
CA PRO B 997 26.37 -22.34 32.80
C PRO B 997 27.43 -21.84 33.75
N ILE B 998 28.70 -21.98 33.36
CA ILE B 998 29.81 -21.54 34.21
C ILE B 998 30.46 -20.32 33.57
N ILE B 999 30.39 -19.20 34.27
CA ILE B 999 30.96 -17.95 33.77
C ILE B 999 32.45 -18.05 33.52
N ASP B 1000 32.87 -17.69 32.32
CA ASP B 1000 34.28 -17.69 31.94
C ASP B 1000 34.96 -19.06 31.88
N CYS B 1001 34.16 -20.12 31.85
CA CYS B 1001 34.72 -21.46 31.72
C CYS B 1001 35.16 -21.56 30.27
N ILE B 1002 34.34 -21.02 29.37
CA ILE B 1002 34.65 -21.01 27.95
C ILE B 1002 35.08 -19.58 27.60
N ARG B 1003 36.07 -19.48 26.74
CA ARG B 1003 36.56 -18.18 26.33
C ARG B 1003 36.91 -18.22 24.85
N MET B 1004 36.81 -17.05 24.20
CA MET B 1004 37.11 -16.94 22.80
C MET B 1004 38.54 -16.42 22.69
N VAL B 1005 39.35 -17.12 21.91
CA VAL B 1005 40.73 -16.74 21.70
C VAL B 1005 41.01 -16.62 20.21
N SER B 1006 42.06 -15.89 19.86
CA SER B 1006 42.44 -15.68 18.47
C SER B 1006 42.78 -17.00 17.80
N ARG B 1007 42.26 -17.18 16.58
CA ARG B 1007 42.52 -18.40 15.83
C ARG B 1007 43.98 -18.36 15.33
N THR B 1008 44.68 -19.47 15.52
CA THR B 1008 46.08 -19.56 15.12
C THR B 1008 46.27 -20.14 13.71
N THR B 1009 45.34 -21.00 13.30
CA THR B 1009 45.38 -21.63 11.97
C THR B 1009 44.59 -20.79 10.96
N PRO B 1010 44.72 -21.09 9.66
CA PRO B 1010 43.96 -20.29 8.68
C PRO B 1010 42.46 -20.58 8.70
N TYR B 1011 41.67 -19.52 8.61
CA TYR B 1011 40.22 -19.68 8.59
C TYR B 1011 39.79 -19.89 7.15
N GLU B 1012 38.85 -20.79 6.94
CA GLU B 1012 38.33 -21.08 5.61
C GLU B 1012 36.87 -21.43 5.69
N PRO B 1013 35.99 -20.51 5.27
CA PRO B 1013 34.54 -20.70 5.30
C PRO B 1013 34.11 -22.05 4.72
N LYS B 1014 33.02 -22.60 5.25
CA LYS B 1014 32.48 -23.86 4.78
C LYS B 1014 31.40 -23.61 3.74
N ARG B 1015 31.75 -23.80 2.47
CA ARG B 1015 30.82 -23.56 1.37
C ARG B 1015 29.98 -24.79 1.02
N GLY B 1016 30.39 -25.95 1.53
CA GLY B 1016 29.68 -27.19 1.24
C GLY B 1016 30.13 -27.71 -0.12
N LEU B 1017 29.80 -26.93 -1.15
CA LEU B 1017 30.17 -27.25 -2.53
C LEU B 1017 31.02 -26.12 -3.12
N PRO B 1018 32.22 -26.44 -3.64
CA PRO B 1018 33.13 -25.45 -4.24
C PRO B 1018 32.40 -24.51 -5.19
N LEU B 1019 33.02 -23.35 -5.44
CA LEU B 1019 32.45 -22.36 -6.35
C LEU B 1019 33.07 -22.36 -7.74
N ALA B 1020 32.26 -21.95 -8.72
CA ALA B 1020 32.69 -21.88 -10.11
C ALA B 1020 33.19 -20.46 -10.40
N ALA C 2 -23.81 73.17 -37.76
CA ALA C 2 -23.38 71.88 -38.38
C ALA C 2 -23.07 70.79 -37.32
N PRO C 3 -23.96 69.79 -37.19
CA PRO C 3 -23.78 68.71 -36.21
C PRO C 3 -22.41 68.08 -36.39
N VAL C 4 -22.04 67.18 -35.49
CA VAL C 4 -20.75 66.51 -35.62
C VAL C 4 -21.01 65.35 -36.60
N LEU C 5 -20.56 65.55 -37.83
CA LEU C 5 -20.77 64.58 -38.89
C LEU C 5 -20.19 63.19 -38.67
N SER C 6 -19.01 63.10 -38.08
CA SER C 6 -18.36 61.82 -37.84
C SER C 6 -18.79 61.16 -36.53
N LYS C 7 -20.04 61.35 -36.15
CA LYS C 7 -20.59 60.80 -34.92
C LYS C 7 -22.00 60.25 -35.12
N ASP C 8 -22.22 59.03 -34.64
CA ASP C 8 -23.52 58.40 -34.77
C ASP C 8 -24.56 59.18 -33.99
N VAL C 9 -25.71 59.44 -34.62
CA VAL C 9 -26.79 60.14 -33.93
C VAL C 9 -27.42 59.15 -32.95
N ALA C 10 -28.15 59.65 -31.95
CA ALA C 10 -28.77 58.77 -30.95
C ALA C 10 -29.48 57.54 -31.55
N ASP C 11 -30.26 57.76 -32.61
CA ASP C 11 -30.98 56.66 -33.28
C ASP C 11 -30.08 55.53 -33.74
N ILE C 12 -28.96 55.90 -34.36
CA ILE C 12 -28.03 54.91 -34.88
C ILE C 12 -27.19 54.25 -33.81
N GLU C 13 -26.90 55.00 -32.76
CA GLU C 13 -26.11 54.51 -31.65
C GLU C 13 -26.93 53.38 -31.02
N SER C 14 -28.24 53.59 -31.02
CA SER C 14 -29.16 52.62 -30.46
C SER C 14 -29.23 51.36 -31.32
N ILE C 15 -29.29 51.55 -32.64
CA ILE C 15 -29.37 50.43 -33.56
C ILE C 15 -28.12 49.56 -33.50
N LEU C 16 -27.00 50.18 -33.11
CA LEU C 16 -25.71 49.50 -33.01
C LEU C 16 -25.51 48.88 -31.63
N ALA C 17 -26.57 48.89 -30.83
CA ALA C 17 -26.54 48.35 -29.47
C ALA C 17 -25.90 46.95 -29.31
N LEU C 18 -26.20 46.04 -30.24
CA LEU C 18 -25.66 44.69 -30.18
C LEU C 18 -24.47 44.46 -31.09
N ASN C 19 -24.00 45.52 -31.76
CA ASN C 19 -22.86 45.39 -32.65
C ASN C 19 -21.65 45.05 -31.80
N PRO C 20 -20.78 44.16 -32.29
CA PRO C 20 -19.57 43.77 -31.54
C PRO C 20 -18.55 44.89 -31.30
N ARG C 21 -18.07 44.97 -30.06
CA ARG C 21 -17.06 45.93 -29.61
C ARG C 21 -16.17 45.21 -28.61
N THR C 22 -14.85 45.25 -28.80
CA THR C 22 -13.96 44.55 -27.88
C THR C 22 -14.00 45.17 -26.48
N GLN C 23 -14.04 44.31 -25.46
CA GLN C 23 -14.09 44.77 -24.08
C GLN C 23 -12.72 45.15 -23.50
N SER C 24 -12.73 46.06 -22.53
CA SER C 24 -11.53 46.53 -21.89
C SER C 24 -11.27 45.80 -20.59
N HIS C 25 -12.30 45.20 -20.03
CA HIS C 25 -12.17 44.47 -18.78
C HIS C 25 -12.91 43.13 -18.80
N ALA C 26 -12.69 42.30 -17.79
CA ALA C 26 -13.35 41.00 -17.69
C ALA C 26 -14.81 41.22 -17.29
N ALA C 27 -15.70 40.44 -17.88
CA ALA C 27 -17.13 40.57 -17.61
C ALA C 27 -17.51 40.06 -16.23
N LEU C 28 -18.51 40.69 -15.64
CA LEU C 28 -18.97 40.28 -14.33
C LEU C 28 -20.44 39.85 -14.46
N HIS C 29 -20.70 38.58 -14.16
CA HIS C 29 -22.05 38.01 -14.23
C HIS C 29 -22.14 36.90 -13.20
N SER C 30 -22.95 37.10 -12.16
CA SER C 30 -23.11 36.11 -11.11
C SER C 30 -23.51 34.75 -11.68
N THR C 31 -23.07 33.68 -11.03
CA THR C 31 -23.39 32.33 -11.49
C THR C 31 -24.90 32.13 -11.60
N LEU C 32 -25.63 32.79 -10.70
CA LEU C 32 -27.09 32.70 -10.67
C LEU C 32 -27.70 33.42 -11.85
N ALA C 33 -27.23 34.63 -12.11
CA ALA C 33 -27.72 35.42 -13.22
C ALA C 33 -27.58 34.58 -14.47
N LYS C 34 -26.46 33.89 -14.57
CA LYS C 34 -26.18 33.03 -15.71
C LYS C 34 -27.25 31.96 -15.82
N LYS C 35 -27.38 31.13 -14.79
CA LYS C 35 -28.36 30.07 -14.76
C LYS C 35 -29.73 30.49 -15.32
N LEU C 36 -30.26 31.61 -14.82
CA LEU C 36 -31.58 32.08 -15.24
C LEU C 36 -31.63 32.45 -16.73
N ASP C 37 -30.51 32.97 -17.22
CA ASP C 37 -30.35 33.42 -18.60
C ASP C 37 -30.16 32.29 -19.63
N LYS C 38 -29.44 31.26 -19.21
CA LYS C 38 -29.12 30.13 -20.07
C LYS C 38 -30.29 29.56 -20.85
N LYS C 39 -31.42 29.39 -20.17
CA LYS C 39 -32.60 28.78 -20.78
C LYS C 39 -33.23 29.55 -21.93
N HIS C 40 -32.87 30.82 -22.07
CA HIS C 40 -33.44 31.63 -23.13
C HIS C 40 -32.89 31.33 -24.52
N TRP C 41 -31.66 30.84 -24.57
CA TRP C 41 -31.00 30.55 -25.84
C TRP C 41 -30.89 29.07 -26.15
N LYS C 42 -31.29 28.23 -25.20
CA LYS C 42 -31.23 26.77 -25.37
C LYS C 42 -31.66 26.37 -26.79
N ARG C 43 -30.77 25.70 -27.51
CA ARG C 43 -31.04 25.24 -28.88
C ARG C 43 -31.36 23.74 -28.93
N ASN C 44 -30.58 22.97 -28.19
CA ASN C 44 -30.69 21.51 -28.12
C ASN C 44 -31.55 21.03 -26.96
N PRO C 45 -31.71 19.72 -26.81
CA PRO C 45 -32.51 19.17 -25.72
C PRO C 45 -31.99 19.47 -24.32
N ASP C 46 -32.92 19.59 -23.37
CA ASP C 46 -32.58 19.88 -21.98
C ASP C 46 -32.39 18.54 -21.24
N LYS C 47 -31.14 18.23 -20.89
CA LYS C 47 -30.82 16.99 -20.19
C LYS C 47 -31.60 16.88 -18.89
N ASN C 48 -32.10 18.03 -18.43
CA ASN C 48 -32.87 18.09 -17.20
C ASN C 48 -34.36 17.89 -17.46
N CYS C 49 -34.77 17.92 -18.72
CA CYS C 49 -36.17 17.70 -19.05
C CYS C 49 -36.40 16.20 -19.25
N PHE C 50 -37.39 15.67 -18.53
CA PHE C 50 -37.74 14.24 -18.57
C PHE C 50 -38.86 13.91 -19.57
N HIS C 51 -39.37 14.92 -20.27
CA HIS C 51 -40.42 14.70 -21.25
C HIS C 51 -40.26 15.58 -22.48
N CYS C 52 -40.56 15.01 -23.64
CA CYS C 52 -40.46 15.74 -24.90
C CYS C 52 -41.86 16.15 -25.38
N GLU C 53 -41.89 17.01 -26.39
CA GLU C 53 -43.14 17.50 -26.97
C GLU C 53 -44.12 16.36 -27.28
N LYS C 54 -45.36 16.72 -27.57
CA LYS C 54 -46.37 15.71 -27.90
C LYS C 54 -46.19 15.30 -29.36
N LEU C 55 -46.25 14.01 -29.64
CA LEU C 55 -46.07 13.54 -31.01
C LEU C 55 -47.29 12.86 -31.60
N GLU C 56 -48.42 12.89 -30.90
CA GLU C 56 -49.63 12.23 -31.39
C GLU C 56 -49.94 12.67 -32.81
N ASN C 57 -50.11 11.70 -33.70
CA ASN C 57 -50.38 11.94 -35.11
C ASN C 57 -49.38 12.87 -35.77
N ASN C 58 -48.13 12.81 -35.33
CA ASN C 58 -47.08 13.64 -35.92
C ASN C 58 -46.13 12.75 -36.72
N PHE C 59 -46.35 12.71 -38.03
CA PHE C 59 -45.52 11.90 -38.90
C PHE C 59 -44.54 12.70 -39.73
N ASP C 60 -44.06 13.80 -39.17
CA ASP C 60 -43.09 14.62 -39.86
C ASP C 60 -41.78 13.85 -39.83
N ASP C 61 -40.96 14.06 -40.86
CA ASP C 61 -39.67 13.38 -40.96
C ASP C 61 -38.77 13.72 -39.78
N ILE C 62 -38.31 12.69 -39.08
CA ILE C 62 -37.46 12.84 -37.90
C ILE C 62 -36.01 12.45 -38.14
N LYS C 63 -35.71 12.01 -39.36
CA LYS C 63 -34.35 11.60 -39.70
C LYS C 63 -33.32 12.70 -39.41
N HIS C 64 -32.22 12.34 -38.76
CA HIS C 64 -31.18 13.30 -38.44
C HIS C 64 -30.31 13.57 -39.65
N THR C 65 -30.31 12.65 -40.60
CA THR C 65 -29.48 12.77 -41.79
C THR C 65 -30.01 13.63 -42.91
N THR C 66 -31.32 13.81 -42.96
CA THR C 66 -31.93 14.62 -44.02
C THR C 66 -31.20 15.95 -44.25
N LEU C 67 -30.83 16.23 -45.50
CA LEU C 67 -30.12 17.45 -45.86
C LEU C 67 -30.85 18.37 -46.82
N GLY C 68 -30.50 19.66 -46.75
CA GLY C 68 -31.05 20.67 -47.65
C GLY C 68 -29.95 20.91 -48.69
N GLU C 69 -30.20 21.71 -49.72
CA GLU C 69 -29.15 21.92 -50.69
C GLU C 69 -27.89 22.54 -50.10
N ARG C 70 -28.07 23.69 -49.42
CA ARG C 70 -26.95 24.37 -48.79
C ARG C 70 -26.09 23.37 -48.05
N GLY C 71 -26.73 22.62 -47.16
CA GLY C 71 -26.01 21.63 -46.38
C GLY C 71 -25.41 20.49 -47.18
N ALA C 72 -26.15 20.03 -48.18
CA ALA C 72 -25.68 18.94 -49.01
C ALA C 72 -24.39 19.35 -49.69
N LEU C 73 -24.36 20.57 -50.18
CA LEU C 73 -23.18 21.05 -50.88
C LEU C 73 -21.95 21.10 -50.00
N ARG C 74 -22.11 21.50 -48.73
CA ARG C 74 -20.96 21.55 -47.83
C ARG C 74 -20.39 20.16 -47.63
N GLU C 75 -21.21 19.23 -47.14
CA GLU C 75 -20.77 17.87 -46.90
C GLU C 75 -20.20 17.27 -48.18
N ALA C 76 -20.88 17.50 -49.29
CA ALA C 76 -20.42 16.99 -50.57
C ALA C 76 -18.98 17.44 -50.77
N MET C 77 -18.72 18.71 -50.43
CA MET C 77 -17.39 19.28 -50.59
C MET C 77 -16.42 18.73 -49.55
N ARG C 78 -16.94 18.31 -48.41
CA ARG C 78 -16.05 17.82 -47.38
C ARG C 78 -15.53 16.44 -47.71
N CYS C 79 -16.34 15.68 -48.43
CA CYS C 79 -15.97 14.33 -48.85
C CYS C 79 -14.62 14.33 -49.57
N LEU C 80 -13.73 13.43 -49.16
CA LEU C 80 -12.40 13.34 -49.78
C LEU C 80 -12.47 12.73 -51.18
N LYS C 81 -13.54 11.98 -51.46
CA LYS C 81 -13.72 11.35 -52.78
C LYS C 81 -12.57 10.37 -53.04
N CYS C 82 -12.30 9.57 -51.99
CA CYS C 82 -11.23 8.58 -51.96
C CYS C 82 -11.12 7.61 -53.12
N ALA C 83 -9.91 7.11 -53.32
CA ALA C 83 -9.59 6.13 -54.36
C ALA C 83 -9.91 4.74 -53.79
N ASP C 84 -10.49 3.85 -54.60
CA ASP C 84 -10.86 2.51 -54.13
C ASP C 84 -11.57 2.70 -52.80
N ALA C 85 -12.44 3.72 -52.74
CA ALA C 85 -13.16 4.05 -51.51
C ALA C 85 -13.74 2.86 -50.73
N PRO C 86 -13.50 2.85 -49.41
CA PRO C 86 -13.98 1.81 -48.50
C PRO C 86 -15.50 1.86 -48.24
N CYS C 87 -16.05 3.05 -48.30
CA CYS C 87 -17.48 3.24 -48.08
C CYS C 87 -18.27 2.43 -49.11
N GLN C 88 -17.77 2.41 -50.34
CA GLN C 88 -18.42 1.68 -51.42
C GLN C 88 -18.28 0.19 -51.18
N LYS C 89 -17.13 -0.20 -50.64
CA LYS C 89 -16.86 -1.60 -50.34
C LYS C 89 -17.81 -2.03 -49.23
N SER C 90 -18.17 -1.06 -48.40
CA SER C 90 -19.05 -1.30 -47.29
C SER C 90 -20.50 -1.18 -47.69
N CYS C 91 -20.73 -0.85 -48.97
CA CYS C 91 -22.09 -0.72 -49.46
C CYS C 91 -22.54 -2.03 -50.14
N PRO C 92 -23.70 -2.57 -49.73
CA PRO C 92 -24.21 -3.82 -50.32
C PRO C 92 -24.43 -3.75 -51.85
N THR C 93 -24.75 -2.58 -52.39
CA THR C 93 -24.96 -2.47 -53.84
C THR C 93 -23.79 -1.84 -54.59
N HIS C 94 -22.66 -1.71 -53.91
CA HIS C 94 -21.44 -1.17 -54.51
C HIS C 94 -21.62 0.22 -55.19
N LEU C 95 -22.48 1.07 -54.63
CA LEU C 95 -22.69 2.40 -55.22
C LEU C 95 -21.39 3.16 -55.31
N ASP C 96 -21.13 3.74 -56.48
CA ASP C 96 -19.92 4.50 -56.65
C ASP C 96 -20.08 5.81 -55.89
N ILE C 97 -19.95 5.72 -54.56
CA ILE C 97 -20.12 6.89 -53.69
C ILE C 97 -19.20 8.04 -54.10
N LYS C 98 -17.91 7.73 -54.30
CA LYS C 98 -16.95 8.76 -54.69
C LYS C 98 -17.53 9.61 -55.81
N SER C 99 -17.93 8.94 -56.89
CA SER C 99 -18.50 9.60 -58.06
C SER C 99 -19.78 10.40 -57.82
N PHE C 100 -20.80 9.77 -57.25
CA PHE C 100 -22.05 10.50 -57.06
C PHE C 100 -21.90 11.66 -56.08
N ILE C 101 -20.94 11.57 -55.15
CA ILE C 101 -20.72 12.66 -54.22
C ILE C 101 -19.94 13.76 -54.93
N THR C 102 -19.06 13.36 -55.85
CA THR C 102 -18.30 14.36 -56.58
C THR C 102 -19.28 15.16 -57.43
N SER C 103 -20.26 14.48 -58.00
CA SER C 103 -21.26 15.14 -58.84
C SER C 103 -22.10 16.13 -58.02
N ILE C 104 -22.35 15.80 -56.76
CA ILE C 104 -23.14 16.68 -55.91
C ILE C 104 -22.37 17.95 -55.59
N SER C 105 -21.10 17.77 -55.21
CA SER C 105 -20.28 18.92 -54.87
C SER C 105 -20.12 19.81 -56.08
N ASN C 106 -20.44 19.28 -57.26
CA ASN C 106 -20.32 20.06 -58.49
C ASN C 106 -21.69 20.52 -58.96
N LYS C 107 -22.67 20.41 -58.09
CA LYS C 107 -24.02 20.83 -58.43
C LYS C 107 -24.66 20.01 -59.56
N ASN C 108 -24.12 18.81 -59.80
CA ASN C 108 -24.64 17.95 -60.85
C ASN C 108 -25.51 16.86 -60.26
N TYR C 109 -26.64 17.27 -59.67
CA TYR C 109 -27.58 16.35 -59.02
C TYR C 109 -28.08 15.23 -59.94
N TYR C 110 -28.30 15.53 -61.22
CA TYR C 110 -28.72 14.51 -62.16
C TYR C 110 -27.63 13.44 -62.19
N GLY C 111 -26.42 13.87 -62.54
CA GLY C 111 -25.31 12.95 -62.60
C GLY C 111 -25.23 12.08 -61.37
N ALA C 112 -25.32 12.70 -60.19
CA ALA C 112 -25.27 11.97 -58.94
C ALA C 112 -26.43 10.99 -58.88
N ALA C 113 -27.62 11.50 -59.13
CA ALA C 113 -28.81 10.69 -59.12
C ALA C 113 -28.68 9.47 -60.04
N LYS C 114 -28.17 9.70 -61.25
CA LYS C 114 -28.01 8.61 -62.21
C LYS C 114 -27.06 7.55 -61.69
N MET C 115 -25.96 8.00 -61.09
CA MET C 115 -24.95 7.12 -60.53
C MET C 115 -25.51 6.20 -59.45
N ILE C 116 -26.32 6.78 -58.58
CA ILE C 116 -26.95 6.06 -57.47
C ILE C 116 -27.93 5.00 -57.97
N PHE C 117 -28.83 5.43 -58.87
CA PHE C 117 -29.79 4.49 -59.42
C PHE C 117 -29.18 3.47 -60.37
N SER C 118 -27.99 3.75 -60.89
CA SER C 118 -27.37 2.78 -61.76
C SER C 118 -27.11 1.51 -60.99
N ASP C 119 -26.73 1.64 -59.72
CA ASP C 119 -26.47 0.45 -58.93
C ASP C 119 -27.56 0.16 -57.88
N ASN C 120 -28.49 1.09 -57.69
CA ASN C 120 -29.55 0.86 -56.73
C ASN C 120 -30.87 1.47 -57.20
N PRO C 121 -31.79 0.63 -57.72
CA PRO C 121 -33.10 1.05 -58.22
C PRO C 121 -33.90 1.75 -57.14
N LEU C 122 -33.55 1.45 -55.89
CA LEU C 122 -34.21 2.06 -54.75
C LEU C 122 -33.31 3.06 -54.05
N GLY C 123 -32.52 3.78 -54.85
CA GLY C 123 -31.61 4.79 -54.32
C GLY C 123 -32.23 5.72 -53.30
N LEU C 124 -33.33 6.39 -53.65
CA LEU C 124 -33.93 7.32 -52.69
C LEU C 124 -34.32 6.68 -51.37
N THR C 125 -34.88 5.48 -51.43
CA THR C 125 -35.29 4.82 -50.21
C THR C 125 -34.08 4.45 -49.37
N CYS C 126 -33.16 3.68 -49.92
CA CYS C 126 -31.97 3.31 -49.16
C CYS C 126 -31.33 4.54 -48.52
N GLY C 127 -31.19 5.62 -49.28
CA GLY C 127 -30.58 6.82 -48.74
C GLY C 127 -31.25 7.35 -47.47
N MET C 128 -32.51 6.96 -47.26
CA MET C 128 -33.28 7.38 -46.10
C MET C 128 -33.29 6.34 -44.99
N VAL C 129 -33.16 5.06 -45.35
CA VAL C 129 -33.21 4.02 -44.33
C VAL C 129 -31.97 3.15 -44.13
N CYS C 130 -31.03 3.16 -45.08
CA CYS C 130 -29.84 2.35 -44.90
C CYS C 130 -29.20 2.70 -43.58
N PRO C 131 -28.91 1.68 -42.77
CA PRO C 131 -28.29 1.83 -41.46
C PRO C 131 -26.81 2.08 -41.69
N THR C 132 -26.52 3.12 -42.45
CA THR C 132 -25.16 3.49 -42.83
C THR C 132 -24.06 3.28 -41.79
N SER C 133 -24.38 3.48 -40.51
CA SER C 133 -23.36 3.32 -39.46
C SER C 133 -22.75 1.93 -39.45
N ASP C 134 -23.50 0.96 -39.96
CA ASP C 134 -23.07 -0.43 -40.00
C ASP C 134 -22.66 -0.81 -41.40
N LEU C 135 -23.00 0.04 -42.36
CA LEU C 135 -22.67 -0.21 -43.77
C LEU C 135 -21.51 0.65 -44.29
N CYS C 136 -21.86 1.53 -45.23
CA CYS C 136 -20.97 2.44 -45.91
C CYS C 136 -20.11 3.28 -44.98
N VAL C 137 -20.86 4.11 -44.25
CA VAL C 137 -20.36 5.09 -43.31
C VAL C 137 -19.44 4.45 -42.30
N GLY C 138 -19.65 3.16 -42.06
CA GLY C 138 -18.80 2.46 -41.12
C GLY C 138 -17.34 2.42 -41.57
N GLY C 139 -17.10 2.47 -42.86
CA GLY C 139 -15.72 2.40 -43.35
C GLY C 139 -15.18 3.72 -43.87
N CYS C 140 -15.98 4.78 -43.75
CA CYS C 140 -15.61 6.11 -44.21
C CYS C 140 -14.27 6.60 -43.66
N ASN C 141 -13.34 6.86 -44.57
CA ASN C 141 -12.00 7.33 -44.21
C ASN C 141 -12.05 8.57 -43.31
N LEU C 142 -12.98 9.48 -43.58
CA LEU C 142 -13.06 10.67 -42.74
C LEU C 142 -13.50 10.38 -41.31
N TYR C 143 -13.66 9.10 -40.96
CA TYR C 143 -14.02 8.76 -39.60
C TYR C 143 -12.75 9.07 -38.83
N ALA C 144 -11.64 9.03 -39.57
CA ALA C 144 -10.31 9.28 -39.03
C ALA C 144 -10.02 10.78 -38.84
N THR C 145 -11.05 11.58 -38.73
CA THR C 145 -10.83 12.99 -38.50
C THR C 145 -11.77 13.42 -37.38
N GLU C 146 -11.43 14.53 -36.74
CA GLU C 146 -12.26 15.02 -35.64
C GLU C 146 -13.69 15.29 -36.11
N GLU C 147 -13.84 15.78 -37.34
CA GLU C 147 -15.15 16.10 -37.87
C GLU C 147 -16.02 14.85 -38.07
N GLY C 148 -15.39 13.74 -38.44
CA GLY C 148 -16.15 12.52 -38.61
C GLY C 148 -16.49 12.12 -40.04
N SER C 149 -17.09 10.94 -40.17
CA SER C 149 -17.46 10.39 -41.46
C SER C 149 -18.53 11.19 -42.18
N ILE C 150 -18.51 11.07 -43.51
CA ILE C 150 -19.45 11.75 -44.40
C ILE C 150 -20.86 11.17 -44.29
N ASN C 151 -21.87 12.05 -44.23
CA ASN C 151 -23.26 11.60 -44.17
C ASN C 151 -23.69 11.13 -45.56
N ILE C 152 -23.13 10.01 -45.99
CA ILE C 152 -23.42 9.46 -47.29
C ILE C 152 -24.92 9.35 -47.51
N GLY C 153 -25.62 8.76 -46.55
CA GLY C 153 -27.05 8.60 -46.69
C GLY C 153 -27.79 9.86 -47.09
N GLY C 154 -27.61 10.93 -46.32
CA GLY C 154 -28.28 12.18 -46.61
C GLY C 154 -27.93 12.68 -47.99
N LEU C 155 -26.64 12.68 -48.31
CA LEU C 155 -26.20 13.14 -49.61
C LEU C 155 -26.91 12.35 -50.70
N GLN C 156 -27.06 11.05 -50.50
CA GLN C 156 -27.74 10.24 -51.51
C GLN C 156 -29.20 10.66 -51.54
N GLN C 157 -29.78 10.80 -50.35
CA GLN C 157 -31.15 11.20 -50.25
C GLN C 157 -31.35 12.44 -51.08
N PHE C 158 -30.58 13.47 -50.76
CA PHE C 158 -30.68 14.74 -51.44
C PHE C 158 -30.67 14.65 -52.98
N ALA C 159 -29.62 14.07 -53.55
CA ALA C 159 -29.51 13.96 -55.00
C ALA C 159 -30.70 13.24 -55.61
N SER C 160 -31.20 12.23 -54.92
CA SER C 160 -32.35 11.50 -55.43
C SER C 160 -33.60 12.34 -55.32
N GLU C 161 -33.73 13.05 -54.22
CA GLU C 161 -34.88 13.92 -54.02
C GLU C 161 -34.95 14.98 -55.11
N VAL C 162 -33.82 15.58 -55.45
CA VAL C 162 -33.85 16.59 -56.49
C VAL C 162 -34.23 15.92 -57.79
N PHE C 163 -33.62 14.77 -58.04
CA PHE C 163 -33.89 14.04 -59.27
C PHE C 163 -35.37 13.74 -59.40
N LYS C 164 -35.98 13.24 -58.32
CA LYS C 164 -37.40 12.94 -58.33
C LYS C 164 -38.24 14.18 -58.67
N ALA C 165 -37.75 15.35 -58.24
CA ALA C 165 -38.43 16.62 -58.47
C ALA C 165 -38.35 17.05 -59.93
N MET C 166 -37.32 16.57 -60.62
CA MET C 166 -37.13 16.90 -62.04
C MET C 166 -38.19 16.22 -62.90
N ASN C 167 -38.79 15.15 -62.37
CA ASN C 167 -39.82 14.40 -63.09
C ASN C 167 -39.35 13.93 -64.46
N ILE C 168 -38.29 13.13 -64.43
CA ILE C 168 -37.71 12.54 -65.61
C ILE C 168 -37.96 11.04 -65.56
N PRO C 169 -38.38 10.46 -66.68
CA PRO C 169 -38.65 9.02 -66.69
C PRO C 169 -37.43 8.19 -67.05
N GLN C 170 -37.51 6.89 -66.79
CA GLN C 170 -36.42 6.01 -67.13
C GLN C 170 -36.67 5.52 -68.56
N ILE C 171 -35.59 5.07 -69.21
CA ILE C 171 -35.67 4.57 -70.58
C ILE C 171 -34.66 3.43 -70.72
N ARG C 172 -34.94 2.48 -71.60
CA ARG C 172 -34.01 1.38 -71.74
C ARG C 172 -32.75 1.90 -72.39
N ASN C 173 -31.63 1.23 -72.15
CA ASN C 173 -30.37 1.68 -72.72
C ASN C 173 -30.55 1.97 -74.21
N PRO C 174 -30.25 3.21 -74.62
CA PRO C 174 -30.37 3.66 -76.02
C PRO C 174 -29.38 2.97 -76.97
N CYS C 175 -28.61 2.02 -76.44
CA CYS C 175 -27.65 1.26 -77.24
C CYS C 175 -28.26 -0.11 -77.61
N LEU C 176 -29.32 -0.49 -76.90
CA LEU C 176 -29.99 -1.74 -77.17
C LEU C 176 -30.71 -1.72 -78.52
N PRO C 177 -30.83 -2.90 -79.14
CA PRO C 177 -31.51 -2.99 -80.44
C PRO C 177 -32.98 -2.66 -80.23
N SER C 178 -33.64 -2.22 -81.30
CA SER C 178 -35.05 -1.86 -81.21
C SER C 178 -35.90 -3.04 -80.75
N GLN C 179 -36.97 -2.73 -80.04
CA GLN C 179 -37.92 -3.72 -79.53
C GLN C 179 -38.09 -4.97 -80.40
N GLU C 180 -38.48 -4.76 -81.65
CA GLU C 180 -38.72 -5.85 -82.61
C GLU C 180 -37.48 -6.61 -83.03
N LYS C 181 -36.31 -5.98 -82.91
CA LYS C 181 -35.07 -6.63 -83.31
C LYS C 181 -34.43 -7.41 -82.17
N MET C 182 -35.16 -7.48 -81.06
CA MET C 182 -34.69 -8.21 -79.88
C MET C 182 -34.91 -9.72 -80.09
N PRO C 183 -33.88 -10.53 -79.83
CA PRO C 183 -34.01 -11.98 -79.98
C PRO C 183 -35.30 -12.50 -79.36
N GLU C 184 -35.66 -13.74 -79.68
CA GLU C 184 -36.88 -14.32 -79.14
C GLU C 184 -36.75 -14.43 -77.60
N ALA C 185 -35.66 -15.06 -77.16
CA ALA C 185 -35.38 -15.26 -75.74
C ALA C 185 -35.96 -14.19 -74.81
N TYR C 186 -35.73 -12.92 -75.16
CA TYR C 186 -36.18 -11.81 -74.34
C TYR C 186 -37.68 -11.62 -74.18
N SER C 187 -38.47 -12.44 -74.86
CA SER C 187 -39.91 -12.32 -74.76
C SER C 187 -40.46 -13.31 -73.75
N ALA C 188 -39.55 -14.10 -73.17
CA ALA C 188 -39.90 -15.09 -72.18
C ALA C 188 -40.78 -14.48 -71.09
N LYS C 189 -41.76 -15.25 -70.62
CA LYS C 189 -42.64 -14.74 -69.56
C LYS C 189 -41.96 -14.91 -68.20
N ILE C 190 -41.66 -13.79 -67.56
CA ILE C 190 -41.01 -13.81 -66.26
C ILE C 190 -42.00 -13.47 -65.17
N ALA C 191 -41.87 -14.15 -64.04
CA ALA C 191 -42.77 -13.91 -62.92
C ALA C 191 -42.03 -13.76 -61.59
N LEU C 192 -42.44 -12.77 -60.82
CA LEU C 192 -41.85 -12.53 -59.52
C LEU C 192 -42.96 -12.47 -58.50
N LEU C 193 -42.73 -13.07 -57.35
CA LEU C 193 -43.71 -13.09 -56.29
C LEU C 193 -43.32 -12.09 -55.22
N GLY C 194 -44.26 -11.21 -54.87
CA GLY C 194 -44.02 -10.20 -53.87
C GLY C 194 -43.45 -8.91 -54.46
N ALA C 195 -44.17 -7.80 -54.31
CA ALA C 195 -43.71 -6.53 -54.84
C ALA C 195 -42.85 -5.77 -53.82
N GLY C 196 -41.79 -6.44 -53.38
CA GLY C 196 -40.88 -5.85 -52.40
C GLY C 196 -39.53 -5.50 -52.99
N PRO C 197 -38.69 -4.80 -52.23
CA PRO C 197 -37.35 -4.37 -52.64
C PRO C 197 -36.64 -5.39 -53.53
N ALA C 198 -36.53 -6.61 -53.03
CA ALA C 198 -35.86 -7.66 -53.78
C ALA C 198 -36.43 -7.77 -55.20
N SER C 199 -37.73 -8.04 -55.30
CA SER C 199 -38.41 -8.19 -56.58
C SER C 199 -38.36 -6.91 -57.41
N ILE C 200 -38.68 -5.77 -56.78
CA ILE C 200 -38.66 -4.49 -57.46
C ILE C 200 -37.28 -4.29 -58.10
N SER C 201 -36.23 -4.55 -57.32
CA SER C 201 -34.87 -4.43 -57.81
C SER C 201 -34.71 -5.38 -58.99
N CYS C 202 -34.88 -6.67 -58.72
CA CYS C 202 -34.74 -7.69 -59.75
C CYS C 202 -35.44 -7.37 -61.05
N ALA C 203 -36.75 -7.21 -61.00
CA ALA C 203 -37.55 -6.92 -62.21
C ALA C 203 -36.91 -5.79 -63.00
N SER C 204 -36.53 -4.73 -62.30
CA SER C 204 -35.91 -3.58 -62.92
C SER C 204 -34.70 -3.97 -63.76
N PHE C 205 -33.71 -4.62 -63.16
CA PHE C 205 -32.55 -5.00 -63.95
C PHE C 205 -32.94 -5.91 -65.09
N LEU C 206 -33.87 -6.83 -64.82
CA LEU C 206 -34.32 -7.73 -65.88
C LEU C 206 -34.82 -6.90 -67.04
N ALA C 207 -35.65 -5.91 -66.72
CA ALA C 207 -36.19 -5.03 -67.74
C ALA C 207 -35.07 -4.24 -68.40
N ARG C 208 -34.03 -3.92 -67.64
CA ARG C 208 -32.92 -3.17 -68.21
C ARG C 208 -32.24 -4.00 -69.27
N LEU C 209 -32.11 -5.29 -69.02
CA LEU C 209 -31.47 -6.20 -69.95
C LEU C 209 -32.21 -6.36 -71.28
N GLY C 210 -33.49 -6.00 -71.29
CA GLY C 210 -34.26 -6.09 -72.51
C GLY C 210 -35.54 -6.88 -72.42
N TYR C 211 -35.63 -7.79 -71.46
CA TYR C 211 -36.83 -8.62 -71.33
C TYR C 211 -38.15 -7.84 -71.30
N SER C 212 -39.06 -8.25 -72.18
CA SER C 212 -40.35 -7.60 -72.36
C SER C 212 -41.58 -8.16 -71.66
N ASP C 213 -41.45 -9.31 -71.00
CA ASP C 213 -42.61 -9.89 -70.30
C ASP C 213 -42.30 -10.20 -68.83
N ILE C 214 -42.36 -9.17 -67.99
CA ILE C 214 -42.09 -9.29 -66.57
C ILE C 214 -43.30 -8.89 -65.75
N THR C 215 -43.81 -9.82 -64.94
CA THR C 215 -44.97 -9.51 -64.11
C THR C 215 -44.71 -9.83 -62.63
N ILE C 216 -45.09 -8.91 -61.76
CA ILE C 216 -44.91 -9.08 -60.32
C ILE C 216 -46.25 -9.36 -59.68
N PHE C 217 -46.32 -10.46 -58.92
CA PHE C 217 -47.55 -10.83 -58.27
C PHE C 217 -47.52 -10.52 -56.79
N GLU C 218 -48.16 -9.40 -56.45
CA GLU C 218 -48.21 -8.98 -55.07
C GLU C 218 -49.47 -9.47 -54.38
N LYS C 219 -49.29 -10.04 -53.20
CA LYS C 219 -50.40 -10.54 -52.41
C LYS C 219 -51.34 -9.39 -51.99
N GLN C 220 -50.82 -8.44 -51.23
CA GLN C 220 -51.64 -7.32 -50.76
C GLN C 220 -52.19 -6.44 -51.87
N GLU C 221 -52.84 -5.35 -51.46
CA GLU C 221 -53.42 -4.39 -52.39
C GLU C 221 -52.50 -3.19 -52.59
N TYR C 222 -51.42 -3.17 -51.81
CA TYR C 222 -50.43 -2.10 -51.88
C TYR C 222 -49.08 -2.64 -52.38
N VAL C 223 -48.23 -1.76 -52.90
CA VAL C 223 -46.93 -2.19 -53.40
C VAL C 223 -45.80 -1.64 -52.54
N GLY C 224 -44.60 -2.18 -52.74
CA GLY C 224 -43.45 -1.72 -52.00
C GLY C 224 -43.02 -2.58 -50.82
N GLY C 225 -43.84 -3.57 -50.46
CA GLY C 225 -43.50 -4.42 -49.35
C GLY C 225 -43.31 -3.69 -48.04
N LEU C 226 -42.51 -4.27 -47.14
CA LEU C 226 -42.20 -3.71 -45.83
C LEU C 226 -42.00 -2.19 -45.83
N SER C 227 -41.28 -1.71 -46.85
CA SER C 227 -41.00 -0.30 -46.99
C SER C 227 -42.30 0.52 -46.97
N THR C 228 -43.41 -0.14 -47.24
CA THR C 228 -44.71 0.53 -47.22
C THR C 228 -45.54 0.07 -46.02
N SER C 229 -45.60 -1.25 -45.81
CA SER C 229 -46.40 -1.81 -44.74
C SER C 229 -45.89 -1.62 -43.33
N GLU C 230 -44.58 -1.43 -43.14
CA GLU C 230 -44.09 -1.24 -41.79
C GLU C 230 -43.15 -0.06 -41.45
N ILE C 231 -42.12 0.20 -42.26
CA ILE C 231 -41.22 1.32 -41.96
C ILE C 231 -42.04 2.60 -41.83
N PRO C 232 -41.94 3.26 -40.68
CA PRO C 232 -42.69 4.49 -40.41
C PRO C 232 -42.66 5.58 -41.45
N GLN C 233 -43.77 6.30 -41.55
CA GLN C 233 -43.88 7.42 -42.48
C GLN C 233 -42.87 8.49 -42.11
N PHE C 234 -42.63 8.66 -40.83
CA PHE C 234 -41.69 9.67 -40.41
C PHE C 234 -40.22 9.33 -40.64
N ARG C 235 -39.94 8.19 -41.27
CA ARG C 235 -38.56 7.82 -41.60
C ARG C 235 -38.48 7.70 -43.11
N LEU C 236 -39.48 7.07 -43.70
CA LEU C 236 -39.54 6.87 -45.14
C LEU C 236 -40.92 7.20 -45.70
N PRO C 237 -41.09 8.37 -46.33
CA PRO C 237 -42.37 8.80 -46.90
C PRO C 237 -42.84 7.84 -47.97
N TYR C 238 -44.12 7.47 -47.89
CA TYR C 238 -44.69 6.54 -48.86
C TYR C 238 -44.52 7.00 -50.29
N ASP C 239 -44.59 8.31 -50.53
CA ASP C 239 -44.47 8.72 -51.91
C ASP C 239 -43.08 8.53 -52.50
N VAL C 240 -42.10 8.19 -51.66
CA VAL C 240 -40.74 7.91 -52.17
C VAL C 240 -40.85 6.56 -52.84
N VAL C 241 -41.56 5.66 -52.16
CA VAL C 241 -41.78 4.31 -52.64
C VAL C 241 -42.42 4.36 -54.01
N ASN C 242 -43.55 5.04 -54.08
CA ASN C 242 -44.27 5.20 -55.33
C ASN C 242 -43.35 5.72 -56.45
N PHE C 243 -42.51 6.70 -56.12
CA PHE C 243 -41.56 7.28 -57.07
C PHE C 243 -40.68 6.22 -57.73
N GLU C 244 -40.07 5.37 -56.93
CA GLU C 244 -39.21 4.35 -57.46
C GLU C 244 -39.99 3.26 -58.17
N ILE C 245 -41.19 2.95 -57.69
CA ILE C 245 -42.00 1.92 -58.34
C ILE C 245 -42.28 2.38 -59.77
N GLU C 246 -42.76 3.61 -59.91
CA GLU C 246 -43.06 4.17 -61.21
C GLU C 246 -41.86 4.07 -62.13
N LEU C 247 -40.70 4.51 -61.64
CA LEU C 247 -39.48 4.44 -62.43
C LEU C 247 -39.30 3.05 -63.01
N MET C 248 -39.69 2.03 -62.25
CA MET C 248 -39.57 0.67 -62.72
C MET C 248 -40.55 0.46 -63.86
N LYS C 249 -41.80 0.84 -63.62
CA LYS C 249 -42.84 0.70 -64.62
C LYS C 249 -42.45 1.34 -65.96
N ASP C 250 -41.69 2.43 -65.91
CA ASP C 250 -41.27 3.08 -67.14
C ASP C 250 -40.57 2.07 -68.05
N LEU C 251 -40.02 1.02 -67.47
CA LEU C 251 -39.36 -0.01 -68.26
C LEU C 251 -40.29 -1.15 -68.63
N GLY C 252 -41.58 -0.92 -68.48
CA GLY C 252 -42.54 -1.95 -68.84
C GLY C 252 -42.93 -3.00 -67.82
N VAL C 253 -42.18 -3.15 -66.73
CA VAL C 253 -42.52 -4.15 -65.73
C VAL C 253 -44.00 -4.02 -65.32
N LYS C 254 -44.66 -5.16 -65.10
CA LYS C 254 -46.06 -5.18 -64.72
C LYS C 254 -46.31 -5.69 -63.31
N ILE C 255 -47.22 -5.03 -62.61
CA ILE C 255 -47.56 -5.41 -61.26
C ILE C 255 -49.05 -5.73 -61.13
N ILE C 256 -49.36 -6.84 -60.47
CA ILE C 256 -50.73 -7.26 -60.27
C ILE C 256 -51.00 -7.58 -58.80
N CYS C 257 -51.78 -6.71 -58.16
CA CYS C 257 -52.11 -6.89 -56.74
C CYS C 257 -53.26 -7.88 -56.64
N GLY C 258 -53.41 -8.51 -55.47
CA GLY C 258 -54.49 -9.46 -55.26
C GLY C 258 -54.17 -10.92 -55.55
N LYS C 259 -52.95 -11.19 -56.02
CA LYS C 259 -52.53 -12.55 -56.34
C LYS C 259 -51.49 -13.02 -55.35
N SER C 260 -51.71 -14.21 -54.79
CA SER C 260 -50.76 -14.73 -53.82
C SER C 260 -50.11 -16.02 -54.25
N LEU C 261 -48.98 -16.32 -53.60
CA LEU C 261 -48.23 -17.53 -53.86
C LEU C 261 -48.67 -18.51 -52.76
N SER C 262 -49.85 -19.09 -52.93
CA SER C 262 -50.39 -20.03 -51.94
C SER C 262 -50.70 -21.41 -52.50
N GLU C 263 -51.22 -22.23 -51.61
CA GLU C 263 -51.61 -23.60 -51.93
C GLU C 263 -52.72 -23.60 -52.99
N ASN C 264 -53.51 -22.54 -53.09
CA ASN C 264 -54.59 -22.57 -54.10
C ASN C 264 -54.48 -21.55 -55.24
N GLU C 265 -53.57 -20.60 -55.08
CA GLU C 265 -53.32 -19.59 -56.07
C GLU C 265 -51.95 -19.89 -56.70
N ILE C 266 -51.36 -18.90 -57.35
CA ILE C 266 -50.04 -19.07 -57.98
C ILE C 266 -49.10 -20.07 -57.30
N THR C 267 -48.64 -21.04 -58.09
CA THR C 267 -47.72 -22.06 -57.63
C THR C 267 -46.65 -22.24 -58.66
N LEU C 268 -45.48 -22.70 -58.25
CA LEU C 268 -44.43 -22.90 -59.24
C LEU C 268 -45.00 -23.78 -60.36
N ASN C 269 -45.92 -24.68 -60.02
CA ASN C 269 -46.52 -25.56 -61.03
C ASN C 269 -47.44 -24.80 -61.97
N THR C 270 -48.37 -24.02 -61.42
CA THR C 270 -49.31 -23.27 -62.25
C THR C 270 -48.52 -22.33 -63.16
N LEU C 271 -47.41 -21.79 -62.64
CA LEU C 271 -46.58 -20.88 -63.42
C LEU C 271 -45.93 -21.64 -64.55
N LYS C 272 -45.29 -22.76 -64.21
CA LYS C 272 -44.63 -23.57 -65.23
C LYS C 272 -45.66 -23.96 -66.27
N GLU C 273 -46.80 -24.48 -65.82
CA GLU C 273 -47.87 -24.89 -66.71
C GLU C 273 -48.36 -23.73 -67.58
N GLU C 274 -48.34 -22.53 -67.02
CA GLU C 274 -48.79 -21.36 -67.77
C GLU C 274 -47.77 -20.87 -68.81
N GLY C 275 -46.57 -21.43 -68.77
CA GLY C 275 -45.57 -21.02 -69.75
C GLY C 275 -44.45 -20.10 -69.30
N TYR C 276 -44.42 -19.71 -68.02
CA TYR C 276 -43.36 -18.84 -67.53
C TYR C 276 -42.04 -19.60 -67.53
N LYS C 277 -41.02 -19.00 -68.11
CA LYS C 277 -39.72 -19.64 -68.22
C LYS C 277 -38.80 -19.49 -67.03
N ALA C 278 -39.10 -18.53 -66.15
CA ALA C 278 -38.29 -18.27 -64.95
C ALA C 278 -39.07 -17.49 -63.90
N ALA C 279 -38.82 -17.78 -62.63
CA ALA C 279 -39.52 -17.08 -61.55
C ALA C 279 -38.61 -16.70 -60.38
N PHE C 280 -38.82 -15.50 -59.86
CA PHE C 280 -38.06 -14.97 -58.73
C PHE C 280 -38.94 -14.89 -57.48
N ILE C 281 -38.55 -15.58 -56.40
CA ILE C 281 -39.33 -15.54 -55.17
C ILE C 281 -38.83 -14.44 -54.27
N GLY C 282 -39.72 -13.52 -53.91
CA GLY C 282 -39.33 -12.42 -53.04
C GLY C 282 -40.50 -12.01 -52.17
N ILE C 283 -40.99 -12.96 -51.39
CA ILE C 283 -42.13 -12.71 -50.52
C ILE C 283 -41.69 -12.39 -49.11
N GLY C 284 -40.38 -12.46 -48.88
CA GLY C 284 -39.86 -12.16 -47.56
C GLY C 284 -40.41 -13.03 -46.45
N LEU C 285 -40.57 -12.47 -45.26
CA LEU C 285 -41.07 -13.21 -44.11
C LEU C 285 -42.35 -12.55 -43.68
N PRO C 286 -43.47 -12.91 -44.32
CA PRO C 286 -44.84 -12.42 -44.12
C PRO C 286 -45.53 -12.64 -42.78
N GLU C 287 -45.01 -13.56 -41.97
CA GLU C 287 -45.63 -13.86 -40.68
C GLU C 287 -44.83 -13.46 -39.44
N PRO C 288 -45.52 -13.01 -38.38
CA PRO C 288 -44.89 -12.62 -37.13
C PRO C 288 -44.44 -13.83 -36.34
N LYS C 289 -43.31 -13.69 -35.65
CA LYS C 289 -42.79 -14.76 -34.84
C LYS C 289 -43.62 -14.69 -33.57
N THR C 290 -44.45 -15.70 -33.35
CA THR C 290 -45.33 -15.75 -32.18
C THR C 290 -44.76 -16.57 -31.02
N ASP C 291 -45.32 -16.40 -29.85
CA ASP C 291 -44.90 -17.16 -28.68
C ASP C 291 -46.14 -17.61 -27.95
N ASP C 292 -46.03 -18.75 -27.30
CA ASP C 292 -47.15 -19.30 -26.56
C ASP C 292 -47.83 -18.28 -25.65
N ILE C 293 -47.07 -17.70 -24.73
CA ILE C 293 -47.63 -16.74 -23.79
C ILE C 293 -48.57 -15.69 -24.31
N PHE C 294 -48.67 -15.56 -25.63
CA PHE C 294 -49.55 -14.56 -26.23
C PHE C 294 -50.77 -15.19 -26.88
N GLN C 295 -50.95 -16.48 -26.65
CA GLN C 295 -52.07 -17.23 -27.20
C GLN C 295 -53.40 -16.69 -26.70
N GLY C 296 -54.34 -16.51 -27.63
CA GLY C 296 -55.66 -16.03 -27.29
C GLY C 296 -55.82 -14.52 -27.21
N LEU C 297 -54.73 -13.81 -26.93
CA LEU C 297 -54.76 -12.35 -26.83
C LEU C 297 -55.20 -11.72 -28.16
N THR C 298 -55.96 -10.63 -28.05
CA THR C 298 -56.47 -9.95 -29.23
C THR C 298 -56.24 -8.44 -29.17
N GLN C 299 -56.33 -7.79 -30.32
CA GLN C 299 -56.14 -6.35 -30.39
C GLN C 299 -57.05 -5.61 -29.42
N ASP C 300 -58.30 -6.02 -29.38
CA ASP C 300 -59.26 -5.36 -28.52
C ASP C 300 -58.79 -5.36 -27.07
N GLN C 301 -58.01 -6.37 -26.71
CA GLN C 301 -57.50 -6.47 -25.35
C GLN C 301 -56.28 -5.58 -25.19
N GLY C 302 -55.62 -5.32 -26.31
CA GLY C 302 -54.44 -4.48 -26.29
C GLY C 302 -53.17 -5.21 -26.66
N PHE C 303 -53.30 -6.24 -27.48
CA PHE C 303 -52.12 -6.99 -27.88
C PHE C 303 -51.91 -6.93 -29.37
N TYR C 304 -50.66 -6.71 -29.76
CA TYR C 304 -50.29 -6.63 -31.17
C TYR C 304 -48.93 -7.28 -31.36
N THR C 305 -48.61 -7.56 -32.61
CA THR C 305 -47.31 -8.10 -32.97
C THR C 305 -46.88 -7.05 -33.95
N SER C 306 -45.59 -6.81 -34.12
CA SER C 306 -45.18 -5.76 -35.05
C SER C 306 -45.99 -5.91 -36.35
N LYS C 307 -46.14 -7.13 -36.84
CA LYS C 307 -46.88 -7.38 -38.08
C LYS C 307 -48.35 -6.96 -38.02
N ASP C 308 -48.90 -6.77 -36.83
CA ASP C 308 -50.30 -6.35 -36.69
C ASP C 308 -50.36 -4.87 -36.57
N PHE C 309 -49.55 -4.35 -35.65
CA PHE C 309 -49.50 -2.93 -35.34
C PHE C 309 -48.98 -2.03 -36.44
N LEU C 310 -47.69 -2.14 -36.73
CA LEU C 310 -47.12 -1.27 -37.74
C LEU C 310 -47.96 -1.10 -38.98
N PRO C 311 -48.37 -2.20 -39.63
CA PRO C 311 -49.20 -2.04 -40.84
C PRO C 311 -50.45 -1.18 -40.65
N LEU C 312 -51.01 -1.19 -39.45
CA LEU C 312 -52.18 -0.38 -39.18
C LEU C 312 -51.81 1.09 -39.22
N VAL C 313 -50.78 1.47 -38.48
CA VAL C 313 -50.37 2.87 -38.45
C VAL C 313 -49.91 3.25 -39.83
N ALA C 314 -49.34 2.29 -40.55
CA ALA C 314 -48.88 2.54 -41.90
C ALA C 314 -50.07 2.98 -42.72
N LYS C 315 -51.01 2.06 -42.93
CA LYS C 315 -52.21 2.36 -43.71
C LYS C 315 -52.83 3.68 -43.30
N SER C 316 -52.78 3.98 -42.02
CA SER C 316 -53.36 5.21 -41.49
C SER C 316 -52.61 6.51 -41.81
N SER C 317 -51.28 6.47 -41.73
CA SER C 317 -50.47 7.66 -41.95
C SER C 317 -49.91 7.83 -43.34
N LYS C 318 -50.00 6.81 -44.17
CA LYS C 318 -49.45 6.92 -45.52
C LYS C 318 -50.52 7.10 -46.58
N ALA C 319 -50.73 8.34 -46.98
CA ALA C 319 -51.71 8.65 -48.00
C ALA C 319 -51.28 8.02 -49.32
N GLY C 320 -52.07 7.09 -49.82
CA GLY C 320 -51.72 6.47 -51.09
C GLY C 320 -51.57 4.96 -50.98
N MET C 321 -51.11 4.48 -49.83
CA MET C 321 -50.93 3.06 -49.60
C MET C 321 -52.28 2.38 -49.88
N CYS C 322 -53.31 2.83 -49.18
CA CYS C 322 -54.66 2.32 -49.36
C CYS C 322 -55.59 3.49 -49.65
N ALA C 323 -56.54 3.29 -50.57
CA ALA C 323 -57.50 4.33 -50.93
C ALA C 323 -58.69 4.29 -49.98
N CYS C 324 -58.71 3.27 -49.12
CA CYS C 324 -59.76 3.10 -48.14
C CYS C 324 -59.34 3.76 -46.83
N HIS C 325 -59.33 5.09 -46.84
CA HIS C 325 -58.95 5.90 -45.69
C HIS C 325 -59.33 5.27 -44.36
N SER C 326 -58.34 5.11 -43.50
CA SER C 326 -58.55 4.50 -42.18
C SER C 326 -58.01 5.33 -41.03
N PRO C 327 -58.57 5.11 -39.81
CA PRO C 327 -58.18 5.80 -38.59
C PRO C 327 -56.94 5.22 -37.91
N LEU C 328 -56.31 6.07 -37.10
CA LEU C 328 -55.10 5.73 -36.38
C LEU C 328 -55.40 4.97 -35.09
N PRO C 329 -54.78 3.80 -34.90
CA PRO C 329 -55.01 2.99 -33.68
C PRO C 329 -55.05 3.85 -32.41
N SER C 330 -56.05 3.60 -31.56
CA SER C 330 -56.20 4.32 -30.29
C SER C 330 -55.36 3.63 -29.24
N ILE C 331 -54.13 4.09 -29.07
CA ILE C 331 -53.24 3.50 -28.09
C ILE C 331 -53.06 4.48 -26.97
N ARG C 332 -53.64 4.17 -25.81
CA ARG C 332 -53.53 5.06 -24.66
C ARG C 332 -53.15 4.31 -23.40
N GLY C 333 -52.30 4.96 -22.60
CA GLY C 333 -51.83 4.34 -21.38
C GLY C 333 -50.39 3.91 -21.60
N ALA C 334 -49.87 3.08 -20.71
CA ALA C 334 -48.49 2.62 -20.86
C ALA C 334 -48.38 1.53 -21.90
N VAL C 335 -47.41 1.68 -22.79
CA VAL C 335 -47.19 0.69 -23.82
C VAL C 335 -45.92 -0.06 -23.51
N ILE C 336 -45.89 -1.35 -23.83
CA ILE C 336 -44.70 -2.14 -23.60
C ILE C 336 -44.37 -2.84 -24.88
N VAL C 337 -43.21 -2.54 -25.43
CA VAL C 337 -42.79 -3.21 -26.63
C VAL C 337 -41.80 -4.28 -26.18
N LEU C 338 -42.09 -5.53 -26.55
CA LEU C 338 -41.22 -6.62 -26.17
C LEU C 338 -40.17 -6.82 -27.23
N GLY C 339 -38.90 -6.73 -26.84
CA GLY C 339 -37.82 -6.94 -27.77
C GLY C 339 -36.97 -5.70 -27.95
N ALA C 340 -35.74 -5.90 -28.41
CA ALA C 340 -34.82 -4.79 -28.66
C ALA C 340 -34.33 -4.88 -30.09
N GLY C 341 -35.14 -5.49 -30.96
CA GLY C 341 -34.76 -5.57 -32.35
C GLY C 341 -34.98 -4.20 -32.92
N ASP C 342 -34.52 -3.94 -34.13
CA ASP C 342 -34.74 -2.61 -34.69
C ASP C 342 -36.23 -2.34 -34.87
N THR C 343 -37.00 -3.39 -35.15
CA THR C 343 -38.45 -3.23 -35.34
C THR C 343 -39.04 -2.74 -34.05
N ALA C 344 -38.66 -3.37 -32.96
CA ALA C 344 -39.19 -2.97 -31.67
C ALA C 344 -39.18 -1.46 -31.56
N PHE C 345 -38.09 -0.85 -32.01
CA PHE C 345 -37.98 0.61 -31.91
C PHE C 345 -38.96 1.36 -32.77
N ASP C 346 -39.25 0.86 -33.97
CA ASP C 346 -40.22 1.55 -34.81
C ASP C 346 -41.58 1.48 -34.12
N CYS C 347 -41.84 0.38 -33.43
CA CYS C 347 -43.09 0.22 -32.72
C CYS C 347 -43.15 1.22 -31.59
N ALA C 348 -42.02 1.37 -30.91
CA ALA C 348 -41.92 2.30 -29.79
C ALA C 348 -42.27 3.71 -30.27
N THR C 349 -41.54 4.18 -31.26
CA THR C 349 -41.77 5.52 -31.78
C THR C 349 -43.14 5.67 -32.43
N SER C 350 -43.59 4.65 -33.14
CA SER C 350 -44.90 4.72 -33.77
C SER C 350 -45.97 4.79 -32.69
N ALA C 351 -45.83 3.98 -31.66
CA ALA C 351 -46.78 3.96 -30.56
C ALA C 351 -47.06 5.38 -30.08
N LEU C 352 -46.00 6.16 -29.89
CA LEU C 352 -46.15 7.54 -29.43
C LEU C 352 -47.07 8.32 -30.34
N ARG C 353 -46.95 8.08 -31.64
CA ARG C 353 -47.78 8.77 -32.61
C ARG C 353 -49.23 8.41 -32.45
N CYS C 354 -49.51 7.21 -31.93
CA CYS C 354 -50.89 6.81 -31.79
C CYS C 354 -51.53 7.35 -30.53
N GLY C 355 -50.75 8.02 -29.70
CA GLY C 355 -51.30 8.59 -28.49
C GLY C 355 -50.81 7.98 -27.19
N ALA C 356 -49.90 7.02 -27.30
CA ALA C 356 -49.33 6.33 -26.14
C ALA C 356 -48.87 7.35 -25.10
N ARG C 357 -49.27 7.13 -23.85
CA ARG C 357 -48.90 8.05 -22.80
C ARG C 357 -47.45 7.81 -22.41
N ARG C 358 -47.05 6.56 -22.43
CA ARG C 358 -45.67 6.24 -22.12
C ARG C 358 -45.30 4.91 -22.75
N VAL C 359 -44.04 4.77 -23.14
CA VAL C 359 -43.62 3.55 -23.79
C VAL C 359 -42.34 2.96 -23.22
N PHE C 360 -42.38 1.67 -22.92
CA PHE C 360 -41.20 1.01 -22.39
C PHE C 360 -40.78 -0.09 -23.32
N LEU C 361 -39.48 -0.14 -23.58
CA LEU C 361 -38.94 -1.18 -24.41
C LEU C 361 -38.30 -2.13 -23.40
N VAL C 362 -38.78 -3.36 -23.38
CA VAL C 362 -38.25 -4.34 -22.45
C VAL C 362 -37.71 -5.54 -23.22
N PHE C 363 -36.41 -5.76 -23.05
CA PHE C 363 -35.71 -6.84 -23.70
C PHE C 363 -35.14 -7.82 -22.68
N ARG C 364 -34.96 -9.06 -23.10
CA ARG C 364 -34.45 -10.11 -22.21
C ARG C 364 -32.96 -10.11 -21.94
N LYS C 365 -32.23 -9.17 -22.54
CA LYS C 365 -30.81 -9.11 -22.33
C LYS C 365 -30.38 -7.75 -21.81
N GLY C 366 -29.08 -7.47 -21.87
CA GLY C 366 -28.58 -6.20 -21.38
C GLY C 366 -28.58 -5.10 -22.41
N PHE C 367 -28.25 -3.89 -21.96
CA PHE C 367 -28.21 -2.75 -22.86
C PHE C 367 -27.17 -2.98 -23.94
N VAL C 368 -26.02 -3.51 -23.54
CA VAL C 368 -24.93 -3.77 -24.47
C VAL C 368 -25.31 -4.84 -25.49
N ASN C 369 -26.37 -5.57 -25.22
CA ASN C 369 -26.84 -6.65 -26.09
C ASN C 369 -27.84 -6.20 -27.16
N ILE C 370 -28.27 -4.94 -27.09
CA ILE C 370 -29.20 -4.42 -28.09
C ILE C 370 -28.45 -4.44 -29.41
N ARG C 371 -29.00 -5.09 -30.41
CA ARG C 371 -28.32 -5.17 -31.71
C ARG C 371 -28.95 -4.30 -32.79
N ALA C 372 -29.85 -3.41 -32.37
CA ALA C 372 -30.49 -2.51 -33.31
C ALA C 372 -29.47 -1.42 -33.62
N VAL C 373 -29.46 -0.93 -34.85
CA VAL C 373 -28.51 0.11 -35.22
C VAL C 373 -28.67 1.28 -34.24
N PRO C 374 -27.54 1.88 -33.84
CA PRO C 374 -27.50 3.01 -32.92
C PRO C 374 -28.42 4.17 -33.27
N GLU C 375 -28.37 4.56 -34.53
CA GLU C 375 -29.18 5.66 -35.05
C GLU C 375 -30.66 5.46 -34.78
N GLU C 376 -31.10 4.22 -34.90
CA GLU C 376 -32.49 3.83 -34.67
C GLU C 376 -32.83 3.89 -33.18
N VAL C 377 -31.90 3.43 -32.36
CA VAL C 377 -32.09 3.45 -30.93
C VAL C 377 -32.22 4.89 -30.44
N GLU C 378 -31.28 5.74 -30.82
CA GLU C 378 -31.33 7.13 -30.39
C GLU C 378 -32.66 7.82 -30.64
N LEU C 379 -33.32 7.49 -31.73
CA LEU C 379 -34.60 8.13 -32.02
C LEU C 379 -35.54 7.87 -30.87
N ALA C 380 -35.66 6.62 -30.47
CA ALA C 380 -36.55 6.28 -29.37
C ALA C 380 -36.09 7.01 -28.13
N LYS C 381 -34.80 6.88 -27.84
CA LYS C 381 -34.21 7.50 -26.67
C LYS C 381 -34.55 8.96 -26.51
N GLU C 382 -34.45 9.73 -27.59
CA GLU C 382 -34.75 11.15 -27.50
C GLU C 382 -36.22 11.48 -27.44
N GLU C 383 -37.09 10.57 -27.90
CA GLU C 383 -38.52 10.83 -27.82
C GLU C 383 -38.98 10.31 -26.46
N LYS C 384 -38.01 10.16 -25.57
CA LYS C 384 -38.21 9.72 -24.19
C LYS C 384 -38.76 8.32 -23.94
N CYS C 385 -38.41 7.34 -24.77
CA CYS C 385 -38.87 5.98 -24.53
C CYS C 385 -38.03 5.46 -23.38
N GLU C 386 -38.62 4.63 -22.52
CA GLU C 386 -37.91 4.09 -21.37
C GLU C 386 -37.38 2.71 -21.71
N PHE C 387 -36.26 2.33 -21.10
CA PHE C 387 -35.69 1.03 -21.35
C PHE C 387 -35.63 0.19 -20.08
N LEU C 388 -35.95 -1.10 -20.21
CA LEU C 388 -35.93 -2.05 -19.11
C LEU C 388 -35.21 -3.28 -19.57
N PRO C 389 -33.96 -3.47 -19.14
CA PRO C 389 -33.12 -4.62 -19.50
C PRO C 389 -33.22 -5.82 -18.56
N PHE C 390 -32.77 -6.97 -19.07
CA PHE C 390 -32.78 -8.22 -18.33
C PHE C 390 -34.14 -8.64 -17.83
N LEU C 391 -35.12 -8.72 -18.73
CA LEU C 391 -36.47 -9.12 -18.37
C LEU C 391 -37.07 -9.98 -19.46
N SER C 392 -37.45 -11.21 -19.14
CA SER C 392 -38.06 -12.09 -20.12
C SER C 392 -39.53 -12.20 -19.78
N PRO C 393 -40.41 -12.09 -20.79
CA PRO C 393 -41.85 -12.18 -20.58
C PRO C 393 -42.29 -13.58 -20.15
N ARG C 394 -43.39 -13.68 -19.41
CA ARG C 394 -43.87 -14.96 -18.95
C ARG C 394 -45.37 -15.09 -18.93
N LYS C 395 -46.06 -13.98 -18.66
CA LYS C 395 -47.51 -14.03 -18.58
C LYS C 395 -48.10 -12.66 -18.85
N VAL C 396 -49.26 -12.62 -19.50
CA VAL C 396 -49.91 -11.35 -19.75
C VAL C 396 -51.24 -11.34 -19.01
N ILE C 397 -51.32 -10.47 -18.01
CA ILE C 397 -52.51 -10.36 -17.18
C ILE C 397 -53.62 -9.55 -17.84
N VAL C 398 -54.77 -10.20 -18.05
CA VAL C 398 -55.92 -9.56 -18.66
C VAL C 398 -57.11 -9.48 -17.73
N LYS C 399 -57.66 -8.27 -17.59
CA LYS C 399 -58.82 -8.00 -16.75
C LYS C 399 -59.82 -7.16 -17.54
N GLY C 400 -61.09 -7.25 -17.16
CA GLY C 400 -62.13 -6.49 -17.84
C GLY C 400 -62.07 -6.55 -19.35
N GLY C 401 -61.31 -7.48 -19.90
CA GLY C 401 -61.19 -7.60 -21.34
C GLY C 401 -60.08 -6.75 -21.93
N ARG C 402 -59.32 -6.11 -21.05
CA ARG C 402 -58.21 -5.24 -21.41
C ARG C 402 -56.93 -5.67 -20.71
N ILE C 403 -55.79 -5.56 -21.39
CA ILE C 403 -54.52 -5.93 -20.79
C ILE C 403 -54.26 -4.91 -19.70
N VAL C 404 -53.53 -5.32 -18.65
CA VAL C 404 -53.26 -4.41 -17.55
C VAL C 404 -51.88 -4.56 -16.96
N ALA C 405 -51.20 -5.65 -17.29
CA ALA C 405 -49.87 -5.87 -16.77
C ALA C 405 -49.20 -7.05 -17.47
N VAL C 406 -47.89 -7.08 -17.39
CA VAL C 406 -47.11 -8.15 -17.99
C VAL C 406 -46.20 -8.70 -16.94
N GLN C 407 -46.14 -10.02 -16.82
CA GLN C 407 -45.28 -10.64 -15.81
C GLN C 407 -43.97 -11.09 -16.43
N PHE C 408 -42.86 -10.68 -15.83
CA PHE C 408 -41.54 -11.05 -16.32
C PHE C 408 -40.74 -11.77 -15.27
N VAL C 409 -39.56 -12.25 -15.69
CA VAL C 409 -38.64 -12.94 -14.80
C VAL C 409 -37.30 -12.36 -15.20
N ARG C 410 -36.42 -12.16 -14.24
CA ARG C 410 -35.13 -11.58 -14.58
C ARG C 410 -34.20 -12.59 -15.23
N THR C 411 -33.28 -12.08 -16.02
CA THR C 411 -32.31 -12.91 -16.71
C THR C 411 -30.94 -12.47 -16.26
N GLU C 412 -29.92 -13.21 -16.67
CA GLU C 412 -28.53 -12.89 -16.32
C GLU C 412 -27.51 -13.82 -16.98
N GLN C 413 -26.29 -13.31 -17.18
CA GLN C 413 -25.20 -14.10 -17.77
C GLN C 413 -24.21 -14.56 -16.71
N ASP C 414 -24.00 -15.86 -16.63
CA ASP C 414 -23.06 -16.41 -15.66
C ASP C 414 -21.63 -16.20 -16.14
N GLU C 415 -20.68 -16.71 -15.36
CA GLU C 415 -19.25 -16.59 -15.70
C GLU C 415 -19.00 -17.11 -17.10
N THR C 416 -19.61 -18.26 -17.41
CA THR C 416 -19.46 -18.90 -18.71
C THR C 416 -19.99 -17.99 -19.82
N GLY C 417 -21.12 -17.34 -19.56
CA GLY C 417 -21.71 -16.44 -20.55
C GLY C 417 -23.12 -16.81 -20.96
N LYS C 418 -23.59 -17.98 -20.55
CA LYS C 418 -24.94 -18.41 -20.89
C LYS C 418 -25.96 -17.53 -20.17
N TRP C 419 -27.17 -17.46 -20.71
CA TRP C 419 -28.22 -16.67 -20.09
C TRP C 419 -29.18 -17.57 -19.31
N ASN C 420 -29.38 -17.25 -18.04
CA ASN C 420 -30.27 -18.01 -17.16
C ASN C 420 -31.46 -17.13 -16.78
N GLU C 421 -32.61 -17.76 -16.58
CA GLU C 421 -33.81 -17.01 -16.20
C GLU C 421 -34.27 -17.50 -14.83
N ASP C 422 -34.03 -16.68 -13.80
CA ASP C 422 -34.42 -17.05 -12.44
C ASP C 422 -35.92 -17.01 -12.22
N GLU C 423 -36.55 -18.17 -12.42
CA GLU C 423 -37.99 -18.33 -12.29
C GLU C 423 -38.55 -17.94 -10.94
N ASP C 424 -37.68 -17.56 -10.00
CA ASP C 424 -38.08 -17.16 -8.66
C ASP C 424 -38.39 -15.66 -8.59
N GLN C 425 -37.59 -14.87 -9.28
CA GLN C 425 -37.73 -13.42 -9.31
C GLN C 425 -38.75 -12.91 -10.32
N ILE C 426 -40.03 -12.92 -9.96
CA ILE C 426 -41.04 -12.44 -10.88
C ILE C 426 -41.09 -10.93 -10.87
N VAL C 427 -41.68 -10.36 -11.91
CA VAL C 427 -41.78 -8.91 -12.02
C VAL C 427 -43.08 -8.49 -12.66
N HIS C 428 -43.80 -7.62 -11.98
CA HIS C 428 -45.05 -7.12 -12.51
C HIS C 428 -44.88 -5.72 -13.04
N LEU C 429 -45.15 -5.55 -14.32
CA LEU C 429 -45.05 -4.26 -15.00
C LEU C 429 -46.44 -3.89 -15.50
N LYS C 430 -46.92 -2.72 -15.11
CA LYS C 430 -48.22 -2.30 -15.55
C LYS C 430 -48.14 -2.11 -17.06
N ALA C 431 -49.29 -2.14 -17.75
CA ALA C 431 -49.31 -1.97 -19.19
C ALA C 431 -50.74 -2.01 -19.72
N ASP C 432 -51.05 -1.10 -20.64
CA ASP C 432 -52.38 -1.02 -21.22
C ASP C 432 -52.33 -1.57 -22.64
N VAL C 433 -51.12 -1.72 -23.15
CA VAL C 433 -50.91 -2.25 -24.49
C VAL C 433 -49.58 -2.98 -24.56
N VAL C 434 -49.55 -4.09 -25.30
CA VAL C 434 -48.34 -4.86 -25.46
C VAL C 434 -48.13 -5.21 -26.93
N ILE C 435 -46.93 -4.93 -27.44
CA ILE C 435 -46.60 -5.22 -28.81
C ILE C 435 -45.33 -6.06 -28.82
N SER C 436 -45.41 -7.22 -29.49
CA SER C 436 -44.27 -8.12 -29.54
C SER C 436 -43.52 -7.94 -30.83
N ALA C 437 -42.24 -7.64 -30.73
CA ALA C 437 -41.39 -7.45 -31.90
C ALA C 437 -40.30 -8.50 -31.87
N PHE C 438 -40.70 -9.76 -31.88
CA PHE C 438 -39.78 -10.90 -31.83
C PHE C 438 -39.25 -11.31 -33.20
N GLY C 439 -39.78 -10.71 -34.27
CA GLY C 439 -39.32 -11.07 -35.60
C GLY C 439 -40.42 -11.53 -36.54
N SER C 440 -40.00 -12.10 -37.67
CA SER C 440 -40.93 -12.57 -38.68
C SER C 440 -40.44 -13.89 -39.24
N VAL C 441 -41.36 -14.65 -39.85
CA VAL C 441 -41.04 -15.97 -40.41
C VAL C 441 -42.00 -16.43 -41.51
N LEU C 442 -41.67 -17.57 -42.12
CA LEU C 442 -42.48 -18.17 -43.15
C LEU C 442 -42.98 -19.49 -42.59
N ARG C 443 -44.26 -19.51 -42.20
CA ARG C 443 -44.87 -20.70 -41.60
C ARG C 443 -45.98 -21.31 -42.45
N ASP C 444 -46.93 -20.46 -42.82
CA ASP C 444 -48.07 -20.84 -43.64
C ASP C 444 -47.73 -22.03 -44.52
N PRO C 445 -48.24 -23.22 -44.19
CA PRO C 445 -47.94 -24.40 -45.01
C PRO C 445 -48.45 -24.26 -46.44
N LYS C 446 -49.51 -23.47 -46.63
CA LYS C 446 -50.07 -23.26 -47.95
C LYS C 446 -49.04 -22.64 -48.88
N VAL C 447 -48.34 -21.63 -48.39
CA VAL C 447 -47.32 -20.95 -49.17
C VAL C 447 -46.11 -21.88 -49.33
N LYS C 448 -45.58 -22.39 -48.21
CA LYS C 448 -44.43 -23.26 -48.26
C LYS C 448 -44.59 -24.36 -49.28
N GLU C 449 -45.84 -24.72 -49.55
CA GLU C 449 -46.07 -25.77 -50.53
C GLU C 449 -46.05 -25.24 -51.94
N ALA C 450 -46.66 -24.07 -52.16
CA ALA C 450 -46.70 -23.46 -53.47
C ALA C 450 -45.29 -23.34 -54.05
N LEU C 451 -44.28 -23.61 -53.23
CA LEU C 451 -42.90 -23.52 -53.67
C LEU C 451 -42.30 -24.88 -54.01
N SER C 452 -43.08 -25.94 -53.84
CA SER C 452 -42.58 -27.28 -54.15
C SER C 452 -42.21 -27.36 -55.63
N PRO C 453 -41.16 -28.11 -55.96
CA PRO C 453 -40.37 -28.88 -55.01
C PRO C 453 -39.02 -28.28 -54.64
N ILE C 454 -38.97 -26.96 -54.47
CA ILE C 454 -37.71 -26.34 -54.13
C ILE C 454 -37.23 -26.83 -52.75
N LYS C 455 -35.93 -27.09 -52.65
CA LYS C 455 -35.27 -27.58 -51.45
C LYS C 455 -35.13 -26.51 -50.38
N PHE C 456 -35.48 -26.84 -49.13
CA PHE C 456 -35.36 -25.90 -48.00
C PHE C 456 -34.19 -26.27 -47.09
N ASN C 457 -33.49 -25.26 -46.60
CA ASN C 457 -32.35 -25.48 -45.70
C ASN C 457 -32.89 -25.71 -44.30
N ARG C 458 -32.00 -25.80 -43.32
CA ARG C 458 -32.47 -26.04 -41.96
C ARG C 458 -33.09 -24.83 -41.28
N TRP C 459 -33.02 -23.66 -41.92
CA TRP C 459 -33.63 -22.46 -41.35
C TRP C 459 -35.08 -22.43 -41.80
N ASP C 460 -35.46 -23.47 -42.52
CA ASP C 460 -36.83 -23.61 -43.01
C ASP C 460 -37.12 -22.50 -44.02
N LEU C 461 -36.10 -22.14 -44.78
CA LEU C 461 -36.21 -21.10 -45.81
C LEU C 461 -35.66 -21.65 -47.11
N PRO C 462 -36.21 -21.20 -48.26
CA PRO C 462 -35.68 -21.74 -49.51
C PRO C 462 -34.16 -21.63 -49.56
N GLU C 463 -33.53 -22.67 -50.08
CA GLU C 463 -32.08 -22.73 -50.19
C GLU C 463 -31.70 -22.23 -51.57
N VAL C 464 -30.72 -21.32 -51.65
CA VAL C 464 -30.25 -20.78 -52.92
C VAL C 464 -28.73 -20.68 -52.96
N ASP C 465 -28.17 -20.76 -54.16
CA ASP C 465 -26.73 -20.63 -54.31
C ASP C 465 -26.44 -19.18 -53.98
N PRO C 466 -25.76 -18.93 -52.84
CA PRO C 466 -25.43 -17.57 -52.42
C PRO C 466 -24.90 -16.67 -53.54
N GLU C 467 -24.30 -17.28 -54.54
CA GLU C 467 -23.76 -16.51 -55.65
C GLU C 467 -24.75 -16.32 -56.80
N THR C 468 -25.59 -17.32 -57.07
CA THR C 468 -26.53 -17.23 -58.18
C THR C 468 -27.97 -16.97 -57.78
N MET C 469 -28.28 -17.12 -56.50
CA MET C 469 -29.65 -16.88 -56.05
C MET C 469 -30.63 -17.88 -56.67
N GLN C 470 -30.07 -18.97 -57.20
CA GLN C 470 -30.82 -20.05 -57.84
C GLN C 470 -31.15 -21.18 -56.84
N THR C 471 -32.43 -21.56 -56.79
CA THR C 471 -32.86 -22.63 -55.88
C THR C 471 -32.56 -23.96 -56.56
N SER C 472 -32.96 -25.05 -55.91
CA SER C 472 -32.73 -26.38 -56.47
C SER C 472 -33.30 -26.51 -57.87
N GLU C 473 -34.33 -25.71 -58.18
CA GLU C 473 -34.97 -25.71 -59.51
C GLU C 473 -34.35 -24.62 -60.41
N PRO C 474 -33.57 -25.03 -61.42
CA PRO C 474 -32.90 -24.11 -62.37
C PRO C 474 -33.66 -22.86 -62.84
N TRP C 475 -34.99 -22.95 -62.97
CA TRP C 475 -35.76 -21.79 -63.42
C TRP C 475 -36.31 -20.96 -62.27
N VAL C 476 -35.95 -21.35 -61.05
CA VAL C 476 -36.43 -20.62 -59.89
C VAL C 476 -35.32 -20.00 -59.05
N PHE C 477 -35.45 -18.71 -58.78
CA PHE C 477 -34.48 -17.98 -57.96
C PHE C 477 -35.27 -17.30 -56.84
N ALA C 478 -34.58 -17.00 -55.75
CA ALA C 478 -35.21 -16.31 -54.62
C ALA C 478 -34.27 -15.23 -54.08
N GLY C 479 -34.80 -14.31 -53.29
CA GLY C 479 -33.98 -13.26 -52.72
C GLY C 479 -34.69 -12.37 -51.72
N GLY C 480 -33.90 -11.58 -51.01
CA GLY C 480 -34.47 -10.69 -50.03
C GLY C 480 -34.58 -11.38 -48.70
N ASP C 481 -35.58 -10.96 -47.91
CA ASP C 481 -35.81 -11.53 -46.59
C ASP C 481 -36.06 -13.04 -46.61
N ILE C 482 -36.83 -13.52 -47.58
CA ILE C 482 -37.15 -14.94 -47.68
C ILE C 482 -35.94 -15.84 -47.58
N VAL C 483 -34.77 -15.36 -48.01
CA VAL C 483 -33.57 -16.19 -47.97
C VAL C 483 -32.88 -16.15 -46.62
N GLY C 484 -33.16 -15.10 -45.86
CA GLY C 484 -32.60 -14.98 -44.53
C GLY C 484 -31.21 -14.41 -44.33
N MET C 485 -30.55 -13.96 -45.39
CA MET C 485 -29.21 -13.38 -45.24
C MET C 485 -29.31 -11.89 -45.09
N ALA C 486 -30.13 -11.28 -45.95
CA ALA C 486 -30.33 -9.84 -45.96
C ALA C 486 -31.03 -9.36 -44.71
N ASN C 487 -30.55 -8.24 -44.17
CA ASN C 487 -31.13 -7.67 -42.97
C ASN C 487 -31.53 -6.22 -43.27
N THR C 488 -31.29 -5.80 -44.51
CA THR C 488 -31.59 -4.42 -44.93
C THR C 488 -32.29 -4.33 -46.27
N THR C 489 -32.78 -3.13 -46.58
CA THR C 489 -33.43 -2.95 -47.85
C THR C 489 -32.37 -2.95 -48.93
N VAL C 490 -31.25 -2.30 -48.67
CA VAL C 490 -30.17 -2.26 -49.65
C VAL C 490 -29.70 -3.67 -50.03
N GLU C 491 -29.65 -4.58 -49.06
CA GLU C 491 -29.20 -5.96 -49.31
C GLU C 491 -30.21 -6.78 -50.08
N SER C 492 -31.49 -6.52 -49.83
CA SER C 492 -32.54 -7.24 -50.49
C SER C 492 -32.56 -6.77 -51.93
N VAL C 493 -32.25 -5.49 -52.10
CA VAL C 493 -32.22 -4.91 -53.44
C VAL C 493 -31.06 -5.58 -54.20
N ASN C 494 -29.92 -5.68 -53.53
CA ASN C 494 -28.75 -6.29 -54.12
C ASN C 494 -29.08 -7.76 -54.47
N ASP C 495 -29.90 -8.41 -53.65
CA ASP C 495 -30.27 -9.79 -53.93
C ASP C 495 -31.01 -9.88 -55.25
N GLY C 496 -32.05 -9.05 -55.40
CA GLY C 496 -32.81 -9.03 -56.63
C GLY C 496 -31.85 -8.81 -57.79
N LYS C 497 -30.96 -7.84 -57.60
CA LYS C 497 -29.96 -7.48 -58.59
C LYS C 497 -29.07 -8.67 -58.90
N GLN C 498 -28.43 -9.24 -57.87
CA GLN C 498 -27.54 -10.38 -58.07
C GLN C 498 -28.27 -11.45 -58.86
N ALA C 499 -29.50 -11.71 -58.42
CA ALA C 499 -30.40 -12.69 -59.02
C ALA C 499 -30.65 -12.44 -60.50
N SER C 500 -31.00 -11.20 -60.83
CA SER C 500 -31.31 -10.82 -62.20
C SER C 500 -30.30 -11.34 -63.22
N TRP C 501 -29.02 -11.07 -62.99
CA TRP C 501 -27.98 -11.50 -63.91
C TRP C 501 -28.10 -12.95 -64.29
N TYR C 502 -28.03 -13.82 -63.29
CA TYR C 502 -28.11 -15.24 -63.55
C TYR C 502 -29.43 -15.73 -64.10
N ILE C 503 -30.54 -15.07 -63.72
CA ILE C 503 -31.84 -15.44 -64.26
C ILE C 503 -31.65 -15.23 -65.75
N HIS C 504 -31.03 -14.10 -66.07
CA HIS C 504 -30.72 -13.72 -67.44
C HIS C 504 -29.91 -14.82 -68.14
N LYS C 505 -28.77 -15.20 -67.56
CA LYS C 505 -27.92 -16.25 -68.13
C LYS C 505 -28.74 -17.52 -68.36
N TYR C 506 -29.55 -17.90 -67.37
CA TYR C 506 -30.38 -19.08 -67.50
C TYR C 506 -31.36 -18.96 -68.66
N ILE C 507 -32.21 -17.94 -68.65
CA ILE C 507 -33.16 -17.79 -69.74
C ILE C 507 -32.50 -17.80 -71.11
N GLN C 508 -31.36 -17.12 -71.24
CA GLN C 508 -30.66 -17.11 -72.51
C GLN C 508 -30.29 -18.54 -72.91
N ALA C 509 -29.64 -19.27 -71.99
CA ALA C 509 -29.25 -20.66 -72.25
C ALA C 509 -30.42 -21.50 -72.77
N GLN C 510 -31.58 -21.36 -72.13
CA GLN C 510 -32.81 -22.07 -72.53
C GLN C 510 -33.18 -21.79 -73.97
N TYR C 511 -32.61 -20.72 -74.53
CA TYR C 511 -32.87 -20.39 -75.91
C TYR C 511 -31.62 -20.64 -76.75
N GLY C 512 -30.72 -21.45 -76.20
CA GLY C 512 -29.50 -21.79 -76.90
C GLY C 512 -28.56 -20.63 -77.13
N ALA C 513 -28.63 -19.64 -76.25
CA ALA C 513 -27.77 -18.47 -76.37
C ALA C 513 -26.94 -18.32 -75.11
N SER C 514 -25.75 -17.79 -75.28
CA SER C 514 -24.85 -17.59 -74.16
C SER C 514 -24.70 -16.11 -73.86
N VAL C 515 -24.21 -15.81 -72.65
CA VAL C 515 -24.00 -14.44 -72.26
C VAL C 515 -22.52 -14.25 -71.94
N SER C 516 -22.07 -12.99 -71.96
CA SER C 516 -20.67 -12.67 -71.68
C SER C 516 -20.20 -13.40 -70.43
N ALA C 517 -18.89 -13.65 -70.35
CA ALA C 517 -18.32 -14.33 -69.18
C ALA C 517 -18.34 -13.38 -67.99
N LYS C 518 -18.11 -12.09 -68.26
CA LYS C 518 -18.10 -11.04 -67.25
C LYS C 518 -19.48 -10.37 -67.16
N PRO C 519 -20.06 -10.31 -65.95
CA PRO C 519 -21.37 -9.70 -65.66
C PRO C 519 -21.54 -8.32 -66.29
N GLU C 520 -22.55 -8.16 -67.13
CA GLU C 520 -22.80 -6.88 -67.77
C GLU C 520 -24.19 -6.33 -67.49
N LEU C 521 -24.48 -6.07 -66.22
CA LEU C 521 -25.77 -5.50 -65.88
C LEU C 521 -25.79 -4.02 -66.31
N PRO C 522 -26.84 -3.60 -67.02
CA PRO C 522 -27.06 -2.24 -67.55
C PRO C 522 -27.07 -1.11 -66.53
N LEU C 523 -26.68 0.08 -66.97
CA LEU C 523 -26.71 1.24 -66.09
C LEU C 523 -28.11 1.82 -66.13
N PHE C 524 -28.32 2.91 -65.42
CA PHE C 524 -29.63 3.58 -65.37
C PHE C 524 -29.63 4.68 -66.43
N TYR C 525 -30.68 4.78 -67.24
CA TYR C 525 -30.73 5.81 -68.29
C TYR C 525 -32.01 6.63 -68.36
N THR C 526 -31.86 7.87 -68.78
CA THR C 526 -33.00 8.75 -68.92
C THR C 526 -32.80 9.60 -70.17
N PRO C 527 -33.87 10.22 -70.65
CA PRO C 527 -33.82 11.06 -71.85
C PRO C 527 -32.66 12.06 -71.84
N VAL C 528 -32.24 12.44 -70.64
CA VAL C 528 -31.15 13.40 -70.49
C VAL C 528 -29.88 12.87 -71.14
N ASP C 529 -29.70 11.55 -71.07
CA ASP C 529 -28.52 10.92 -71.64
C ASP C 529 -28.47 10.98 -73.17
N LEU C 530 -29.59 11.35 -73.79
CA LEU C 530 -29.67 11.45 -75.26
C LEU C 530 -29.22 12.82 -75.77
N VAL C 531 -29.26 13.82 -74.89
CA VAL C 531 -28.84 15.17 -75.21
C VAL C 531 -27.55 15.14 -76.01
N ASP C 532 -27.45 16.00 -77.01
CA ASP C 532 -26.23 16.07 -77.82
C ASP C 532 -25.35 17.23 -77.33
N ILE C 533 -24.15 16.91 -76.85
CA ILE C 533 -23.25 17.93 -76.35
C ILE C 533 -22.00 18.08 -77.18
N SER C 534 -22.13 17.86 -78.47
CA SER C 534 -21.01 17.98 -79.40
C SER C 534 -20.95 19.42 -79.95
N VAL C 535 -19.78 19.84 -80.41
CA VAL C 535 -19.64 21.19 -80.95
C VAL C 535 -18.55 21.34 -82.02
N GLU C 536 -18.83 22.20 -82.99
CA GLU C 536 -17.90 22.49 -84.08
C GLU C 536 -17.23 23.83 -83.84
N MET C 537 -15.90 23.88 -83.98
CA MET C 537 -15.16 25.12 -83.76
C MET C 537 -13.89 25.17 -84.59
N ALA C 538 -13.80 26.18 -85.44
CA ALA C 538 -12.64 26.34 -86.29
C ALA C 538 -12.50 25.10 -87.20
N GLY C 539 -13.63 24.56 -87.65
CA GLY C 539 -13.58 23.40 -88.53
C GLY C 539 -13.27 22.07 -87.85
N LEU C 540 -13.10 22.08 -86.54
CA LEU C 540 -12.83 20.86 -85.81
C LEU C 540 -14.13 20.41 -85.13
N LYS C 541 -14.37 19.09 -85.14
CA LYS C 541 -15.58 18.54 -84.53
C LYS C 541 -15.26 17.91 -83.18
N PHE C 542 -15.76 18.52 -82.10
CA PHE C 542 -15.52 18.01 -80.76
C PHE C 542 -16.71 17.17 -80.30
N ILE C 543 -16.43 15.93 -79.87
CA ILE C 543 -17.50 15.03 -79.41
C ILE C 543 -18.19 15.53 -78.15
N ASN C 544 -17.51 16.42 -77.44
CA ASN C 544 -18.02 17.06 -76.23
C ASN C 544 -17.00 18.18 -75.96
N PRO C 545 -17.47 19.35 -75.48
CA PRO C 545 -16.58 20.48 -75.21
C PRO C 545 -15.45 20.38 -74.18
N PHE C 546 -15.44 19.37 -73.32
CA PHE C 546 -14.37 19.27 -72.31
C PHE C 546 -13.02 18.71 -72.78
N GLY C 547 -11.94 19.34 -72.37
CA GLY C 547 -10.64 18.86 -72.79
C GLY C 547 -9.55 19.12 -71.79
N LEU C 548 -8.49 18.32 -71.87
CA LEU C 548 -7.37 18.53 -70.96
C LEU C 548 -6.48 19.67 -71.46
N ALA C 549 -6.28 20.66 -70.60
CA ALA C 549 -5.45 21.81 -70.90
C ALA C 549 -3.96 21.39 -70.75
N SER C 550 -3.12 21.94 -71.64
CA SER C 550 -1.69 21.66 -71.65
C SER C 550 -1.18 21.90 -70.23
N ALA C 551 -0.87 20.83 -69.50
CA ALA C 551 -0.41 20.98 -68.12
C ALA C 551 -0.02 19.65 -67.48
N ALA C 552 -0.04 19.58 -66.16
CA ALA C 552 0.29 18.36 -65.42
C ALA C 552 -0.56 17.14 -65.82
N PRO C 553 -1.88 17.35 -66.05
CA PRO C 553 -2.68 16.18 -66.42
C PRO C 553 -2.27 15.62 -67.79
N THR C 554 -1.48 16.36 -68.54
CA THR C 554 -1.03 15.88 -69.84
C THR C 554 0.49 15.86 -69.88
N THR C 555 1.08 15.36 -68.80
CA THR C 555 2.53 15.24 -68.67
C THR C 555 3.09 14.19 -69.63
N SER C 556 2.33 13.13 -69.80
CA SER C 556 2.74 12.05 -70.67
C SER C 556 1.58 11.61 -71.55
N SER C 557 1.88 11.33 -72.81
CA SER C 557 0.88 10.90 -73.77
C SER C 557 0.07 9.73 -73.21
N SER C 558 0.71 8.94 -72.36
CA SER C 558 0.03 7.80 -71.77
C SER C 558 -1.21 8.26 -71.02
N MET C 559 -1.08 9.41 -70.37
CA MET C 559 -2.18 9.97 -69.61
C MET C 559 -3.30 10.44 -70.54
N ILE C 560 -2.95 11.17 -71.59
CA ILE C 560 -3.94 11.63 -72.55
C ILE C 560 -4.77 10.44 -73.05
N ARG C 561 -4.11 9.32 -73.29
CA ARG C 561 -4.78 8.13 -73.77
C ARG C 561 -5.86 7.75 -72.77
N ARG C 562 -5.46 7.62 -71.52
CA ARG C 562 -6.41 7.26 -70.48
C ARG C 562 -7.52 8.30 -70.46
N ALA C 563 -7.13 9.55 -70.61
CA ALA C 563 -8.10 10.64 -70.60
C ALA C 563 -9.14 10.39 -71.68
N PHE C 564 -8.68 10.04 -72.88
CA PHE C 564 -9.57 9.76 -74.00
C PHE C 564 -10.42 8.54 -73.68
N GLU C 565 -9.78 7.52 -73.11
CA GLU C 565 -10.52 6.32 -72.76
C GLU C 565 -11.61 6.66 -71.78
N ALA C 566 -11.36 7.65 -70.93
CA ALA C 566 -12.34 8.09 -69.94
C ALA C 566 -13.50 8.79 -70.64
N GLY C 567 -13.21 9.37 -71.80
CA GLY C 567 -14.25 10.04 -72.57
C GLY C 567 -14.06 11.53 -72.79
N TRP C 568 -12.87 12.02 -72.50
CA TRP C 568 -12.61 13.43 -72.68
C TRP C 568 -12.67 13.90 -74.14
N GLY C 569 -13.40 14.97 -74.39
CA GLY C 569 -13.55 15.46 -75.74
C GLY C 569 -12.27 15.78 -76.51
N PHE C 570 -11.24 16.22 -75.80
CA PHE C 570 -10.00 16.57 -76.47
C PHE C 570 -8.88 16.78 -75.47
N ALA C 571 -7.67 17.00 -75.97
CA ALA C 571 -6.58 17.20 -75.06
C ALA C 571 -5.44 17.98 -75.68
N LEU C 572 -4.64 18.61 -74.83
CA LEU C 572 -3.50 19.37 -75.27
C LEU C 572 -2.27 18.64 -74.81
N THR C 573 -1.26 18.60 -75.68
CA THR C 573 0.01 17.97 -75.32
C THR C 573 0.74 18.99 -74.43
N LYS C 574 1.47 18.51 -73.43
CA LYS C 574 2.21 19.42 -72.57
C LYS C 574 3.00 20.22 -73.59
N THR C 575 3.26 21.50 -73.34
CA THR C 575 4.00 22.30 -74.32
C THR C 575 5.39 21.72 -74.54
N PHE C 576 5.72 21.50 -75.82
CA PHE C 576 7.03 20.97 -76.20
C PHE C 576 7.72 21.89 -77.21
N SER C 577 9.05 21.78 -77.28
CA SER C 577 9.86 22.62 -78.17
C SER C 577 11.00 21.86 -78.86
N LEU C 578 11.71 22.56 -79.75
CA LEU C 578 12.86 21.98 -80.47
C LEU C 578 13.95 21.57 -79.46
N ASP C 579 14.78 20.60 -79.85
CA ASP C 579 15.85 20.08 -78.99
C ASP C 579 16.74 21.10 -78.30
N LYS C 580 17.21 22.08 -79.05
CA LYS C 580 18.08 23.10 -78.49
C LYS C 580 17.46 23.89 -77.32
N ASP C 581 16.15 23.83 -77.17
CA ASP C 581 15.45 24.55 -76.11
C ASP C 581 14.97 23.64 -74.98
N ILE C 582 15.54 22.44 -74.91
CA ILE C 582 15.15 21.48 -73.86
C ILE C 582 15.34 22.12 -72.48
N VAL C 583 14.36 21.94 -71.60
CA VAL C 583 14.40 22.52 -70.25
C VAL C 583 14.52 21.47 -69.15
N THR C 584 14.77 21.93 -67.94
CA THR C 584 14.88 21.02 -66.79
C THR C 584 14.19 21.69 -65.61
N ASN C 585 13.22 20.99 -65.01
CA ASN C 585 12.47 21.52 -63.88
C ASN C 585 13.16 21.41 -62.52
N VAL C 586 12.71 22.26 -61.61
CA VAL C 586 13.22 22.32 -60.23
C VAL C 586 12.16 21.73 -59.30
N SER C 587 12.48 21.57 -58.03
CA SER C 587 11.49 21.03 -57.10
C SER C 587 11.74 21.43 -55.64
N PRO C 588 10.65 21.69 -54.88
CA PRO C 588 9.24 21.62 -55.30
C PRO C 588 8.84 22.65 -56.37
N ARG C 589 7.76 22.39 -57.10
CA ARG C 589 7.33 23.34 -58.11
C ARG C 589 5.83 23.58 -58.23
N ILE C 590 5.03 22.72 -57.59
CA ILE C 590 3.57 22.85 -57.62
C ILE C 590 3.01 22.83 -56.20
N VAL C 591 2.43 23.95 -55.77
CA VAL C 591 1.86 24.04 -54.41
C VAL C 591 0.39 24.47 -54.42
N ARG C 592 -0.31 24.13 -53.34
CA ARG C 592 -1.73 24.47 -53.15
C ARG C 592 -1.97 25.94 -52.82
N GLY C 593 -3.17 26.42 -53.12
CA GLY C 593 -3.48 27.80 -52.86
C GLY C 593 -3.92 28.15 -51.45
N THR C 594 -3.53 29.33 -51.02
CA THR C 594 -3.87 29.86 -49.71
C THR C 594 -5.03 30.84 -49.88
N THR C 595 -5.56 30.90 -51.10
CA THR C 595 -6.66 31.79 -51.43
C THR C 595 -7.95 31.53 -50.68
N SER C 596 -8.06 30.36 -50.04
CA SER C 596 -9.27 30.01 -49.32
C SER C 596 -9.07 29.68 -47.85
N GLY C 597 -7.95 30.12 -47.28
CA GLY C 597 -7.69 29.84 -45.88
C GLY C 597 -7.07 28.48 -45.67
N PRO C 598 -6.86 28.06 -44.41
CA PRO C 598 -6.29 26.74 -44.12
C PRO C 598 -7.25 25.57 -44.31
N MET C 599 -7.67 25.39 -45.55
CA MET C 599 -8.57 24.29 -45.90
C MET C 599 -7.74 23.27 -46.71
N TYR C 600 -7.50 22.11 -46.13
CA TYR C 600 -6.71 21.08 -46.80
C TYR C 600 -7.54 19.91 -47.32
N GLY C 601 -7.03 19.21 -48.34
CA GLY C 601 -7.73 18.08 -48.90
C GLY C 601 -8.34 18.30 -50.28
N PRO C 602 -9.63 17.96 -50.45
CA PRO C 602 -10.30 18.12 -51.75
C PRO C 602 -10.69 19.57 -52.04
N GLY C 603 -10.83 19.86 -53.33
CA GLY C 603 -11.24 21.19 -53.76
C GLY C 603 -10.42 22.39 -53.38
N GLN C 604 -9.16 22.42 -53.80
CA GLN C 604 -8.28 23.57 -53.52
C GLN C 604 -8.74 24.73 -54.41
N SER C 605 -8.87 25.91 -53.80
CA SER C 605 -9.30 27.10 -54.52
C SER C 605 -8.33 27.51 -55.63
N SER C 606 -7.11 26.97 -55.55
CA SER C 606 -6.09 27.28 -56.55
C SER C 606 -4.79 26.53 -56.30
N PHE C 607 -3.87 26.69 -57.22
CA PHE C 607 -2.54 26.09 -57.14
C PHE C 607 -1.62 27.14 -57.73
N LEU C 608 -0.34 27.06 -57.36
CA LEU C 608 0.66 27.97 -57.91
C LEU C 608 1.78 27.05 -58.34
N ASN C 609 2.38 27.29 -59.49
CA ASN C 609 3.46 26.41 -59.93
C ASN C 609 4.53 27.16 -60.68
N ILE C 610 5.76 26.70 -60.53
CA ILE C 610 6.89 27.30 -61.22
C ILE C 610 7.46 26.23 -62.15
N GLU C 611 6.58 25.41 -62.72
CA GLU C 611 7.01 24.36 -63.63
C GLU C 611 7.18 24.93 -65.05
N LEU C 612 8.19 24.42 -65.78
CA LEU C 612 8.50 24.85 -67.14
C LEU C 612 7.73 24.00 -68.11
N ILE C 613 8.00 24.17 -69.41
CA ILE C 613 7.32 23.37 -70.42
C ILE C 613 7.65 21.89 -70.18
N SER C 614 7.40 21.06 -71.18
CA SER C 614 7.69 19.64 -70.99
C SER C 614 9.17 19.35 -71.03
N GLU C 615 9.56 18.27 -70.35
CA GLU C 615 10.95 17.84 -70.34
C GLU C 615 11.09 16.69 -71.36
N LYS C 616 9.98 16.31 -71.98
CA LYS C 616 10.00 15.24 -72.96
C LYS C 616 10.21 15.83 -74.35
N THR C 617 11.02 15.15 -75.15
CA THR C 617 11.38 15.59 -76.50
C THR C 617 10.25 15.72 -77.50
N ALA C 618 10.43 16.63 -78.45
CA ALA C 618 9.42 16.84 -79.49
C ALA C 618 9.28 15.52 -80.26
N ALA C 619 10.34 14.73 -80.21
CA ALA C 619 10.39 13.43 -80.86
C ALA C 619 9.27 12.64 -80.22
N TYR C 620 9.38 12.51 -78.91
CA TYR C 620 8.41 11.79 -78.09
C TYR C 620 6.98 12.22 -78.36
N TRP C 621 6.76 13.53 -78.35
CA TRP C 621 5.42 14.03 -78.56
C TRP C 621 4.85 13.79 -79.94
N CYS C 622 5.58 14.18 -80.98
CA CYS C 622 5.09 13.97 -82.32
C CYS C 622 4.72 12.51 -82.58
N GLN C 623 5.55 11.58 -82.09
CA GLN C 623 5.20 10.18 -82.27
C GLN C 623 3.95 9.91 -81.44
N SER C 624 3.97 10.38 -80.19
CA SER C 624 2.83 10.19 -79.30
C SER C 624 1.55 10.66 -79.98
N VAL C 625 1.63 11.82 -80.64
CA VAL C 625 0.47 12.38 -81.35
C VAL C 625 -0.01 11.39 -82.41
N THR C 626 0.91 10.96 -83.26
CA THR C 626 0.56 10.01 -84.31
C THR C 626 -0.19 8.83 -83.75
N GLU C 627 0.35 8.25 -82.68
CA GLU C 627 -0.21 7.10 -81.98
C GLU C 627 -1.59 7.40 -81.46
N LEU C 628 -1.73 8.53 -80.77
CA LEU C 628 -3.02 8.90 -80.21
C LEU C 628 -4.08 9.13 -81.28
N LYS C 629 -3.76 9.90 -82.31
CA LYS C 629 -4.75 10.15 -83.35
C LYS C 629 -5.12 8.87 -84.08
N ALA C 630 -4.21 7.90 -84.07
CA ALA C 630 -4.45 6.63 -84.75
C ALA C 630 -5.49 5.82 -83.99
N ASP C 631 -5.36 5.75 -82.66
CA ASP C 631 -6.30 4.98 -81.86
C ASP C 631 -7.53 5.77 -81.43
N PHE C 632 -7.45 7.09 -81.46
CA PHE C 632 -8.57 7.94 -81.06
C PHE C 632 -8.86 9.00 -82.12
N PRO C 633 -9.41 8.58 -83.25
CA PRO C 633 -9.76 9.38 -84.42
C PRO C 633 -10.77 10.47 -84.18
N ASP C 634 -11.64 10.26 -83.19
CA ASP C 634 -12.65 11.26 -82.92
C ASP C 634 -12.30 12.20 -81.77
N ASN C 635 -11.22 11.90 -81.06
CA ASN C 635 -10.78 12.77 -79.98
C ASN C 635 -9.79 13.77 -80.57
N ILE C 636 -10.12 15.05 -80.51
CA ILE C 636 -9.25 16.09 -81.04
C ILE C 636 -7.99 16.21 -80.20
N VAL C 637 -6.83 16.16 -80.86
CA VAL C 637 -5.55 16.29 -80.15
C VAL C 637 -4.86 17.53 -80.65
N ILE C 638 -4.52 18.41 -79.72
CA ILE C 638 -3.88 19.67 -80.02
C ILE C 638 -2.50 19.73 -79.40
N ALA C 639 -1.48 20.00 -80.22
CA ALA C 639 -0.11 20.08 -79.74
C ALA C 639 0.24 21.52 -79.32
N SER C 640 0.87 21.64 -78.15
CA SER C 640 1.27 22.94 -77.62
C SER C 640 2.77 23.06 -77.88
N ILE C 641 3.13 24.00 -78.74
CA ILE C 641 4.51 24.24 -79.14
C ILE C 641 5.00 25.64 -78.76
N MET C 642 6.31 25.78 -78.50
CA MET C 642 6.87 27.07 -78.15
C MET C 642 8.31 27.26 -78.61
N CYS C 643 8.57 28.42 -79.22
CA CYS C 643 9.89 28.78 -79.72
C CYS C 643 10.21 30.22 -79.34
N SER C 644 11.49 30.58 -79.36
CA SER C 644 11.88 31.95 -79.05
C SER C 644 11.38 32.81 -80.22
N TYR C 645 11.73 34.10 -80.22
CA TYR C 645 11.28 34.94 -81.32
C TYR C 645 12.20 34.64 -82.51
N ASN C 646 11.87 33.55 -83.22
CA ASN C 646 12.65 33.11 -84.38
C ASN C 646 11.74 32.45 -85.43
N LYS C 647 11.60 33.09 -86.59
CA LYS C 647 10.75 32.59 -87.67
C LYS C 647 11.03 31.14 -88.08
N ASN C 648 12.28 30.85 -88.39
CA ASN C 648 12.63 29.50 -88.79
C ASN C 648 12.20 28.48 -87.74
N ASP C 649 12.49 28.78 -86.47
CA ASP C 649 12.13 27.86 -85.40
C ASP C 649 10.62 27.65 -85.28
N TRP C 650 9.87 28.74 -85.23
CA TRP C 650 8.43 28.59 -85.13
C TRP C 650 7.91 27.79 -86.33
N MET C 651 8.45 28.03 -87.51
CA MET C 651 8.01 27.31 -88.69
C MET C 651 8.44 25.85 -88.67
N GLU C 652 9.64 25.57 -88.17
CA GLU C 652 10.14 24.19 -88.11
C GLU C 652 9.25 23.38 -87.19
N LEU C 653 9.24 23.76 -85.91
CA LEU C 653 8.44 23.06 -84.91
C LEU C 653 6.98 22.95 -85.33
N SER C 654 6.40 24.04 -85.82
CA SER C 654 5.00 24.02 -86.22
C SER C 654 4.70 23.01 -87.30
N ARG C 655 5.61 22.84 -88.24
CA ARG C 655 5.37 21.88 -89.31
C ARG C 655 5.52 20.48 -88.76
N LYS C 656 6.56 20.28 -87.97
CA LYS C 656 6.83 18.97 -87.39
C LYS C 656 5.59 18.46 -86.64
N ALA C 657 4.94 19.37 -85.93
CA ALA C 657 3.73 19.05 -85.17
C ALA C 657 2.58 18.66 -86.12
N GLU C 658 2.28 19.53 -87.06
CA GLU C 658 1.23 19.24 -88.01
C GLU C 658 1.53 17.90 -88.69
N ALA C 659 2.82 17.66 -88.90
CA ALA C 659 3.28 16.43 -89.55
C ALA C 659 2.95 15.18 -88.75
N SER C 660 2.93 15.30 -87.42
CA SER C 660 2.62 14.13 -86.59
C SER C 660 1.14 13.81 -86.68
N GLY C 661 0.37 14.71 -87.28
CA GLY C 661 -1.05 14.48 -87.45
C GLY C 661 -1.97 15.24 -86.52
N ALA C 662 -1.41 16.13 -85.71
CA ALA C 662 -2.17 16.95 -84.77
C ALA C 662 -3.38 17.67 -85.40
N ASP C 663 -4.54 17.54 -84.78
CA ASP C 663 -5.75 18.16 -85.29
C ASP C 663 -5.56 19.65 -85.47
N ALA C 664 -4.77 20.24 -84.56
CA ALA C 664 -4.49 21.67 -84.60
C ALA C 664 -3.32 21.98 -83.66
N LEU C 665 -3.02 23.27 -83.51
CA LEU C 665 -1.91 23.66 -82.65
C LEU C 665 -2.27 24.80 -81.69
N GLU C 666 -1.50 24.89 -80.61
CA GLU C 666 -1.71 25.93 -79.63
C GLU C 666 -0.33 26.54 -79.42
N LEU C 667 -0.24 27.85 -79.62
CA LEU C 667 1.01 28.56 -79.49
C LEU C 667 1.18 29.11 -78.08
N ASN C 668 2.21 28.60 -77.40
CA ASN C 668 2.55 28.99 -76.06
C ASN C 668 3.43 30.24 -76.12
N LEU C 669 2.80 31.40 -75.91
CA LEU C 669 3.52 32.66 -75.97
C LEU C 669 4.06 33.12 -74.63
N SER C 670 4.71 32.19 -73.92
CA SER C 670 5.30 32.49 -72.63
C SER C 670 6.80 32.67 -72.71
N CYS C 671 7.33 32.69 -73.92
CA CYS C 671 8.75 32.85 -74.11
C CYS C 671 9.17 34.32 -73.98
N PRO C 672 10.32 34.59 -73.35
CA PRO C 672 10.77 35.97 -73.21
C PRO C 672 11.12 36.71 -74.51
N LEU C 682 7.81 41.36 -70.42
CA LEU C 682 9.01 40.69 -70.91
C LEU C 682 8.70 39.52 -71.86
N ALA C 683 7.53 38.91 -71.68
CA ALA C 683 7.12 37.77 -72.51
C ALA C 683 6.52 38.20 -73.85
N CYS C 684 6.62 37.31 -74.83
CA CYS C 684 6.11 37.57 -76.16
C CYS C 684 4.61 37.83 -76.16
N GLY C 685 3.89 37.01 -75.41
CA GLY C 685 2.44 37.14 -75.36
C GLY C 685 1.88 38.44 -74.80
N GLN C 686 2.76 39.35 -74.41
CA GLN C 686 2.36 40.62 -73.86
C GLN C 686 2.50 41.76 -74.86
N ASP C 687 3.15 41.49 -75.99
CA ASP C 687 3.39 42.50 -77.04
C ASP C 687 2.59 42.23 -78.33
N PRO C 688 1.51 42.99 -78.59
CA PRO C 688 0.71 42.77 -79.80
C PRO C 688 1.51 42.56 -81.07
N GLU C 689 2.55 43.38 -81.25
CA GLU C 689 3.42 43.30 -82.42
C GLU C 689 4.01 41.90 -82.56
N LEU C 690 4.67 41.43 -81.51
CA LEU C 690 5.29 40.11 -81.54
C LEU C 690 4.25 39.01 -81.70
N VAL C 691 3.09 39.17 -81.08
CA VAL C 691 2.04 38.17 -81.19
C VAL C 691 1.62 38.04 -82.66
N ARG C 692 1.23 39.15 -83.25
CA ARG C 692 0.80 39.14 -84.63
C ARG C 692 1.83 38.48 -85.55
N ASN C 693 3.10 38.77 -85.30
CA ASN C 693 4.18 38.23 -86.12
C ASN C 693 4.37 36.72 -86.00
N ILE C 694 4.40 36.23 -84.77
CA ILE C 694 4.56 34.79 -84.56
C ILE C 694 3.38 34.08 -85.20
N CYS C 695 2.21 34.69 -85.11
CA CYS C 695 1.02 34.11 -85.72
C CYS C 695 1.18 34.04 -87.24
N ARG C 696 1.81 35.05 -87.85
CA ARG C 696 2.02 35.03 -89.30
C ARG C 696 2.97 33.92 -89.74
N TRP C 697 4.07 33.76 -89.00
CA TRP C 697 5.04 32.71 -89.31
C TRP C 697 4.35 31.35 -89.36
N VAL C 698 3.66 30.99 -88.28
CA VAL C 698 2.97 29.71 -88.23
C VAL C 698 1.83 29.60 -89.25
N ARG C 699 1.17 30.72 -89.55
CA ARG C 699 0.10 30.69 -90.53
C ARG C 699 0.61 30.23 -91.88
N GLN C 700 1.78 30.75 -92.26
CA GLN C 700 2.38 30.37 -93.56
C GLN C 700 3.13 29.04 -93.52
N ALA C 701 3.38 28.52 -92.32
CA ALA C 701 4.09 27.25 -92.20
C ALA C 701 3.18 26.02 -92.30
N VAL C 702 2.02 26.07 -91.61
CA VAL C 702 1.09 24.93 -91.61
C VAL C 702 -0.29 25.25 -92.18
N GLN C 703 -1.10 24.21 -92.32
CA GLN C 703 -2.45 24.30 -92.89
C GLN C 703 -3.56 24.13 -91.85
N ILE C 704 -3.28 23.25 -90.89
CA ILE C 704 -4.23 22.96 -89.81
C ILE C 704 -4.45 24.19 -88.94
N PRO C 705 -5.66 24.33 -88.39
CA PRO C 705 -5.91 25.49 -87.55
C PRO C 705 -5.00 25.50 -86.32
N PHE C 706 -4.62 26.69 -85.88
CA PHE C 706 -3.78 26.83 -84.69
C PHE C 706 -4.36 28.00 -83.90
N PHE C 707 -4.12 27.99 -82.60
CA PHE C 707 -4.65 29.03 -81.73
C PHE C 707 -3.57 29.66 -80.87
N ALA C 708 -3.79 30.91 -80.47
CA ALA C 708 -2.82 31.61 -79.63
C ALA C 708 -3.33 31.59 -78.19
N LYS C 709 -2.53 31.02 -77.29
CA LYS C 709 -2.90 30.95 -75.89
C LYS C 709 -2.43 32.23 -75.23
N LEU C 710 -3.37 33.15 -75.06
CA LEU C 710 -3.15 34.47 -74.47
C LEU C 710 -2.86 34.43 -72.98
N THR C 711 -2.07 35.40 -72.53
CA THR C 711 -1.73 35.53 -71.11
C THR C 711 -2.63 36.63 -70.53
N PRO C 712 -3.11 36.42 -69.28
CA PRO C 712 -3.98 37.37 -68.57
C PRO C 712 -3.23 38.58 -68.01
N ASN C 713 -1.92 38.39 -67.85
CA ASN C 713 -1.03 39.40 -67.30
C ASN C 713 -0.72 40.53 -68.28
N VAL C 714 -1.76 41.13 -68.86
CA VAL C 714 -1.57 42.23 -69.81
C VAL C 714 -2.56 43.34 -69.50
N THR C 715 -2.19 44.59 -69.81
CA THR C 715 -3.08 45.71 -69.53
C THR C 715 -4.35 45.64 -70.38
N ASP C 716 -4.25 45.01 -71.55
CA ASP C 716 -5.41 44.86 -72.43
C ASP C 716 -5.23 43.56 -73.18
N ILE C 717 -5.99 42.54 -72.83
CA ILE C 717 -5.85 41.27 -73.53
C ILE C 717 -6.50 41.29 -74.91
N VAL C 718 -7.56 42.08 -75.08
CA VAL C 718 -8.21 42.12 -76.38
C VAL C 718 -7.24 42.57 -77.44
N SER C 719 -6.22 43.35 -77.07
CA SER C 719 -5.26 43.81 -78.06
C SER C 719 -4.39 42.68 -78.56
N ILE C 720 -3.88 41.83 -77.67
CA ILE C 720 -3.07 40.74 -78.18
C ILE C 720 -3.97 39.67 -78.78
N ALA C 721 -5.27 39.71 -78.48
CA ALA C 721 -6.21 38.75 -79.05
C ALA C 721 -6.45 39.18 -80.49
N ARG C 722 -6.60 40.47 -80.70
CA ARG C 722 -6.81 40.93 -82.07
C ARG C 722 -5.52 40.71 -82.83
N ALA C 723 -4.38 41.08 -82.24
CA ALA C 723 -3.10 40.91 -82.91
C ALA C 723 -2.89 39.50 -83.48
N ALA C 724 -3.44 38.50 -82.80
CA ALA C 724 -3.31 37.11 -83.26
C ALA C 724 -4.29 36.81 -84.38
N LYS C 725 -5.47 37.43 -84.30
CA LYS C 725 -6.48 37.23 -85.34
C LYS C 725 -5.95 37.87 -86.60
N GLU C 726 -5.27 39.01 -86.44
CA GLU C 726 -4.69 39.70 -87.58
C GLU C 726 -3.48 38.91 -88.08
N GLY C 727 -2.78 38.26 -87.15
CA GLY C 727 -1.62 37.47 -87.51
C GLY C 727 -1.98 36.19 -88.23
N GLY C 728 -3.28 35.89 -88.31
CA GLY C 728 -3.74 34.70 -89.00
C GLY C 728 -4.29 33.55 -88.18
N ALA C 729 -4.18 33.62 -86.86
CA ALA C 729 -4.68 32.56 -85.99
C ALA C 729 -6.18 32.27 -86.20
N ASP C 730 -6.56 31.03 -85.94
CA ASP C 730 -7.94 30.60 -86.10
C ASP C 730 -8.74 30.70 -84.81
N GLY C 731 -8.08 31.20 -83.77
CA GLY C 731 -8.72 31.36 -82.47
C GLY C 731 -7.69 31.55 -81.39
N VAL C 732 -8.15 31.97 -80.22
CA VAL C 732 -7.27 32.16 -79.07
C VAL C 732 -7.75 31.41 -77.84
N THR C 733 -6.77 31.00 -77.04
CA THR C 733 -7.01 30.29 -75.80
C THR C 733 -6.92 31.32 -74.69
N ALA C 734 -7.97 31.43 -73.88
CA ALA C 734 -8.02 32.39 -72.80
C ALA C 734 -8.45 31.71 -71.50
N THR C 735 -7.62 31.78 -70.46
CA THR C 735 -6.34 32.46 -70.49
C THR C 735 -5.36 31.57 -69.75
N ASN C 736 -4.09 31.95 -69.76
CA ASN C 736 -3.08 31.19 -69.05
C ASN C 736 -3.12 31.59 -67.56
N THR C 737 -2.21 31.04 -66.77
CA THR C 737 -2.18 31.34 -65.34
C THR C 737 -1.87 32.79 -65.07
N VAL C 738 -2.41 33.29 -63.95
CA VAL C 738 -2.20 34.66 -63.51
C VAL C 738 -0.94 34.66 -62.68
N SER C 739 -0.06 35.63 -62.94
CA SER C 739 1.20 35.70 -62.23
C SER C 739 0.98 36.17 -60.79
N GLY C 740 1.65 35.48 -59.86
CA GLY C 740 1.52 35.85 -58.47
C GLY C 740 2.43 35.08 -57.54
N LEU C 741 2.43 35.47 -56.27
CA LEU C 741 3.23 34.81 -55.25
C LEU C 741 2.21 34.16 -54.31
N MET C 742 2.41 32.90 -53.96
CA MET C 742 1.42 32.25 -53.12
C MET C 742 1.65 32.33 -51.62
N GLY C 743 2.70 33.04 -51.19
CA GLY C 743 2.89 33.15 -49.76
C GLY C 743 4.26 32.88 -49.14
N LEU C 744 4.37 33.19 -47.86
CA LEU C 744 5.61 33.02 -47.10
C LEU C 744 5.31 32.39 -45.74
N LYS C 745 6.32 31.78 -45.14
CA LYS C 745 6.17 31.17 -43.81
C LYS C 745 6.33 32.33 -42.82
N ALA C 746 6.26 32.01 -41.54
CA ALA C 746 6.41 33.05 -40.53
C ALA C 746 7.83 33.59 -40.60
N ASP C 747 8.77 32.72 -40.93
CA ASP C 747 10.15 33.16 -40.99
C ASP C 747 10.54 33.88 -42.28
N GLY C 748 9.55 34.26 -43.07
CA GLY C 748 9.86 34.97 -44.30
C GLY C 748 10.28 34.14 -45.50
N THR C 749 10.50 32.83 -45.31
CA THR C 749 10.91 31.98 -46.42
C THR C 749 9.67 31.70 -47.26
N PRO C 750 9.84 31.56 -48.58
CA PRO C 750 8.69 31.29 -49.44
C PRO C 750 8.28 29.83 -49.50
N TRP C 751 7.36 29.57 -50.42
CA TRP C 751 6.83 28.26 -50.70
C TRP C 751 6.10 28.36 -52.05
N PRO C 752 6.52 27.55 -53.04
CA PRO C 752 7.60 26.55 -52.98
C PRO C 752 8.99 27.16 -52.70
N ALA C 753 9.81 26.41 -51.99
CA ALA C 753 11.17 26.85 -51.65
C ALA C 753 12.18 25.83 -52.18
N VAL C 754 12.93 26.24 -53.21
CA VAL C 754 13.93 25.39 -53.86
C VAL C 754 15.37 25.55 -53.33
N GLY C 755 16.05 24.43 -53.13
CA GLY C 755 17.43 24.43 -52.66
C GLY C 755 17.63 24.89 -51.22
N ALA C 756 18.82 24.62 -50.68
CA ALA C 756 19.15 25.01 -49.31
C ALA C 756 19.18 26.54 -49.17
N GLY C 757 18.89 27.22 -50.27
CA GLY C 757 18.86 28.66 -50.26
C GLY C 757 17.43 29.16 -50.10
N LYS C 758 16.49 28.20 -50.11
CA LYS C 758 15.06 28.48 -49.96
C LYS C 758 14.60 29.62 -50.86
N ARG C 759 14.95 29.50 -52.13
CA ARG C 759 14.60 30.51 -53.11
C ARG C 759 13.38 30.11 -53.94
N THR C 760 12.85 31.07 -54.69
CA THR C 760 11.67 30.85 -55.51
C THR C 760 11.56 32.02 -56.48
N THR C 761 10.56 31.98 -57.35
CA THR C 761 10.33 33.04 -58.31
C THR C 761 8.83 33.17 -58.52
N TYR C 762 8.42 34.22 -59.20
CA TYR C 762 7.00 34.44 -59.45
C TYR C 762 6.41 33.29 -60.24
N GLY C 763 5.42 32.62 -59.66
CA GLY C 763 4.78 31.51 -60.33
C GLY C 763 3.43 31.85 -60.94
N GLY C 764 2.73 30.81 -61.41
CA GLY C 764 1.43 31.00 -62.01
C GLY C 764 0.31 30.44 -61.16
N VAL C 765 -0.70 31.28 -60.92
CA VAL C 765 -1.85 30.89 -60.12
C VAL C 765 -2.93 30.30 -61.03
N SER C 766 -3.36 29.09 -60.70
CA SER C 766 -4.39 28.41 -61.45
C SER C 766 -5.47 27.98 -60.48
N GLY C 767 -6.63 27.60 -60.99
CA GLY C 767 -7.70 27.17 -60.10
C GLY C 767 -8.91 28.08 -60.12
N THR C 768 -9.84 27.80 -59.22
CA THR C 768 -11.07 28.57 -59.09
C THR C 768 -10.82 30.04 -58.74
N ALA C 769 -9.73 30.29 -58.04
CA ALA C 769 -9.40 31.65 -57.63
C ALA C 769 -9.13 32.62 -58.78
N ILE C 770 -8.91 32.08 -60.00
CA ILE C 770 -8.64 32.93 -61.14
C ILE C 770 -9.77 32.91 -62.15
N ARG C 771 -10.88 32.28 -61.79
CA ARG C 771 -11.97 32.21 -62.72
C ARG C 771 -12.55 33.57 -63.09
N PRO C 772 -12.73 34.47 -62.10
CA PRO C 772 -13.28 35.81 -62.36
C PRO C 772 -12.44 36.58 -63.36
N ILE C 773 -11.16 36.25 -63.40
CA ILE C 773 -10.21 36.87 -64.31
C ILE C 773 -10.38 36.28 -65.72
N ALA C 774 -10.29 34.96 -65.81
CA ALA C 774 -10.45 34.28 -67.09
C ALA C 774 -11.84 34.57 -67.69
N LEU C 775 -12.88 34.59 -66.86
CA LEU C 775 -14.20 34.88 -67.38
C LEU C 775 -14.24 36.25 -68.03
N ARG C 776 -13.74 37.25 -67.31
CA ARG C 776 -13.72 38.60 -67.86
C ARG C 776 -13.01 38.52 -69.21
N ALA C 777 -11.78 38.01 -69.18
CA ALA C 777 -10.95 37.87 -70.38
C ALA C 777 -11.74 37.29 -71.55
N VAL C 778 -12.44 36.19 -71.30
CA VAL C 778 -13.23 35.54 -72.33
C VAL C 778 -14.40 36.42 -72.78
N THR C 779 -15.14 36.98 -71.83
CA THR C 779 -16.29 37.81 -72.18
C THR C 779 -15.90 39.06 -72.94
N THR C 780 -14.74 39.62 -72.61
CA THR C 780 -14.31 40.84 -73.27
C THR C 780 -13.80 40.59 -74.71
N ILE C 781 -13.07 39.50 -74.89
CA ILE C 781 -12.57 39.11 -76.21
C ILE C 781 -13.77 38.73 -77.07
N ALA C 782 -14.79 38.18 -76.42
CA ALA C 782 -15.99 37.74 -77.09
C ALA C 782 -16.87 38.85 -77.64
N ARG C 783 -16.76 40.03 -77.03
CA ARG C 783 -17.56 41.16 -77.48
C ARG C 783 -16.80 41.98 -78.51
N ALA C 784 -15.48 41.97 -78.40
CA ALA C 784 -14.60 42.71 -79.30
C ALA C 784 -14.47 42.05 -80.68
N LEU C 785 -14.14 40.76 -80.67
CA LEU C 785 -13.96 40.00 -81.91
C LEU C 785 -15.02 38.91 -81.98
N PRO C 786 -16.29 39.28 -82.14
CA PRO C 786 -17.36 38.28 -82.21
C PRO C 786 -17.11 37.19 -83.25
N GLY C 787 -17.59 35.99 -82.97
CA GLY C 787 -17.39 34.89 -83.89
C GLY C 787 -16.01 34.28 -83.80
N PHE C 788 -15.04 35.08 -83.37
CA PHE C 788 -13.67 34.59 -83.24
C PHE C 788 -13.59 33.55 -82.12
N PRO C 789 -13.18 32.31 -82.47
CA PRO C 789 -13.03 31.12 -81.61
C PRO C 789 -12.26 31.29 -80.32
N ILE C 790 -12.87 30.92 -79.20
CA ILE C 790 -12.19 31.01 -77.92
C ILE C 790 -12.21 29.69 -77.15
N LEU C 791 -11.01 29.19 -76.85
CA LEU C 791 -10.86 27.96 -76.06
C LEU C 791 -10.63 28.48 -74.66
N ALA C 792 -11.67 28.46 -73.82
CA ALA C 792 -11.53 28.97 -72.46
C ALA C 792 -10.70 28.06 -71.55
N THR C 793 -10.06 28.65 -70.55
CA THR C 793 -9.25 27.93 -69.56
C THR C 793 -9.02 28.80 -68.34
N GLY C 794 -9.31 28.25 -67.16
CA GLY C 794 -9.12 29.02 -65.94
C GLY C 794 -10.26 28.88 -64.95
N GLY C 795 -10.16 27.88 -64.09
CA GLY C 795 -11.19 27.71 -63.08
C GLY C 795 -12.37 26.81 -63.45
N ILE C 796 -12.30 26.11 -64.59
CA ILE C 796 -13.40 25.22 -64.97
C ILE C 796 -13.23 23.95 -64.16
N ASP C 797 -14.29 23.57 -63.43
CA ASP C 797 -14.26 22.41 -62.55
C ASP C 797 -15.60 21.69 -62.50
N SER C 798 -16.53 22.07 -63.37
CA SER C 798 -17.84 21.45 -63.34
C SER C 798 -18.66 21.82 -64.55
N ALA C 799 -19.70 21.03 -64.82
CA ALA C 799 -20.56 21.29 -65.95
C ALA C 799 -21.12 22.71 -65.90
N GLU C 800 -21.60 23.12 -64.73
CA GLU C 800 -22.17 24.45 -64.55
C GLU C 800 -21.19 25.58 -64.91
N SER C 801 -20.00 25.54 -64.32
CA SER C 801 -18.98 26.56 -64.57
C SER C 801 -18.63 26.58 -66.06
N GLY C 802 -18.41 25.39 -66.64
CA GLY C 802 -18.09 25.30 -68.05
C GLY C 802 -19.17 25.96 -68.91
N LEU C 803 -20.44 25.76 -68.54
CA LEU C 803 -21.54 26.37 -69.27
C LEU C 803 -21.41 27.88 -69.21
N GLN C 804 -20.94 28.39 -68.08
CA GLN C 804 -20.77 29.83 -67.93
C GLN C 804 -19.79 30.38 -68.95
N PHE C 805 -18.75 29.60 -69.25
CA PHE C 805 -17.76 30.03 -70.24
C PHE C 805 -18.31 29.93 -71.65
N LEU C 806 -19.19 28.96 -71.87
CA LEU C 806 -19.81 28.81 -73.18
C LEU C 806 -20.72 30.02 -73.35
N HIS C 807 -21.45 30.32 -72.29
CA HIS C 807 -22.35 31.47 -72.26
C HIS C 807 -21.58 32.76 -72.51
N SER C 808 -20.30 32.76 -72.15
CA SER C 808 -19.44 33.93 -72.29
C SER C 808 -18.73 34.01 -73.64
N GLY C 809 -19.07 33.09 -74.55
CA GLY C 809 -18.45 33.11 -75.85
C GLY C 809 -17.46 31.99 -76.17
N ALA C 810 -17.12 31.17 -75.19
CA ALA C 810 -16.18 30.10 -75.48
C ALA C 810 -16.92 28.97 -76.16
N SER C 811 -16.21 28.15 -76.93
CA SER C 811 -16.85 27.04 -77.60
C SER C 811 -16.35 25.71 -77.04
N VAL C 812 -15.15 25.70 -76.48
CA VAL C 812 -14.62 24.50 -75.85
C VAL C 812 -13.95 24.89 -74.53
N LEU C 813 -13.92 23.97 -73.57
CA LEU C 813 -13.39 24.28 -72.26
C LEU C 813 -12.21 23.42 -71.85
N GLN C 814 -11.07 24.04 -71.53
CA GLN C 814 -9.90 23.29 -71.10
C GLN C 814 -9.89 23.16 -69.59
N VAL C 815 -9.34 22.05 -69.08
CA VAL C 815 -9.33 21.79 -67.63
C VAL C 815 -7.95 21.35 -67.10
N CYS C 816 -7.61 21.72 -65.87
CA CYS C 816 -6.34 21.31 -65.26
C CYS C 816 -6.42 21.12 -63.76
N SER C 817 -6.50 22.25 -63.05
CA SER C 817 -6.56 22.24 -61.60
C SER C 817 -7.64 21.27 -61.09
N ALA C 818 -8.81 21.30 -61.72
CA ALA C 818 -9.91 20.40 -61.32
C ALA C 818 -9.47 18.94 -61.35
N VAL C 819 -8.61 18.59 -62.30
CA VAL C 819 -8.13 17.23 -62.43
C VAL C 819 -7.02 16.99 -61.44
N GLN C 820 -6.27 18.03 -61.11
CA GLN C 820 -5.19 17.85 -60.15
C GLN C 820 -5.85 17.66 -58.78
N ASN C 821 -7.02 18.23 -58.62
CA ASN C 821 -7.79 18.14 -57.38
C ASN C 821 -8.47 16.75 -57.30
N GLN C 822 -8.58 16.08 -58.45
CA GLN C 822 -9.25 14.80 -58.50
C GLN C 822 -8.62 13.77 -59.43
N ASP C 823 -9.21 13.57 -60.61
CA ASP C 823 -8.71 12.61 -61.61
C ASP C 823 -9.54 12.66 -62.88
N PHE C 824 -9.09 11.93 -63.88
CA PHE C 824 -9.73 11.88 -65.19
C PHE C 824 -11.24 11.60 -65.26
N THR C 825 -11.77 10.86 -64.30
CA THR C 825 -13.19 10.53 -64.29
C THR C 825 -14.14 11.73 -64.21
N VAL C 826 -13.69 12.87 -63.72
CA VAL C 826 -14.57 14.03 -63.63
C VAL C 826 -15.28 14.29 -64.97
N ILE C 827 -14.71 13.81 -66.06
CA ILE C 827 -15.30 14.01 -67.38
C ILE C 827 -16.73 13.48 -67.40
N GLN C 828 -16.90 12.31 -66.81
CA GLN C 828 -18.20 11.66 -66.70
C GLN C 828 -19.19 12.66 -66.08
N ASP C 829 -18.75 13.30 -65.00
CA ASP C 829 -19.58 14.27 -64.31
C ASP C 829 -19.88 15.49 -65.17
N TYR C 830 -18.87 15.94 -65.92
CA TYR C 830 -19.04 17.12 -66.77
C TYR C 830 -20.03 16.89 -67.91
N CYS C 831 -19.95 15.72 -68.52
CA CYS C 831 -20.84 15.39 -69.63
C CYS C 831 -22.26 15.22 -69.15
N THR C 832 -22.45 14.31 -68.19
CA THR C 832 -23.76 14.04 -67.64
C THR C 832 -24.35 15.33 -67.09
N GLY C 833 -23.47 16.19 -66.59
CA GLY C 833 -23.95 17.45 -66.04
C GLY C 833 -24.40 18.44 -67.11
N LEU C 834 -23.58 18.63 -68.13
CA LEU C 834 -23.93 19.58 -69.19
C LEU C 834 -25.22 19.11 -69.82
N LYS C 835 -25.35 17.79 -69.98
CA LYS C 835 -26.54 17.23 -70.59
C LYS C 835 -27.77 17.68 -69.82
N ALA C 836 -27.79 17.35 -68.54
CA ALA C 836 -28.91 17.73 -67.69
C ALA C 836 -29.25 19.21 -67.85
N LEU C 837 -28.25 20.07 -67.74
CA LEU C 837 -28.48 21.51 -67.86
C LEU C 837 -29.26 21.89 -69.11
N LEU C 838 -28.77 21.44 -70.27
CA LEU C 838 -29.38 21.71 -71.55
C LEU C 838 -30.74 21.08 -71.59
N TYR C 839 -30.84 19.83 -71.15
CA TYR C 839 -32.13 19.14 -71.14
C TYR C 839 -33.17 19.94 -70.35
N LEU C 840 -32.81 20.40 -69.16
CA LEU C 840 -33.75 21.16 -68.32
C LEU C 840 -34.24 22.49 -68.90
N LYS C 841 -33.47 23.09 -69.81
CA LYS C 841 -33.86 24.36 -70.39
C LYS C 841 -35.12 24.19 -71.24
N SER C 842 -35.48 22.94 -71.51
CA SER C 842 -36.66 22.67 -72.33
C SER C 842 -37.91 22.33 -71.53
N ILE C 843 -37.76 22.22 -70.20
CA ILE C 843 -38.88 21.89 -69.34
C ILE C 843 -39.53 23.17 -68.87
N GLU C 844 -40.79 23.34 -69.22
CA GLU C 844 -41.53 24.54 -68.85
C GLU C 844 -41.84 24.65 -67.36
N GLU C 845 -42.26 23.55 -66.75
CA GLU C 845 -42.61 23.53 -65.34
C GLU C 845 -41.43 23.67 -64.36
N LEU C 846 -40.21 23.75 -64.88
CA LEU C 846 -39.03 23.89 -64.03
C LEU C 846 -38.26 25.16 -64.35
N GLN C 847 -38.97 26.25 -64.59
CA GLN C 847 -38.32 27.52 -64.91
C GLN C 847 -37.89 28.29 -63.66
N GLY C 848 -38.51 27.98 -62.53
CA GLY C 848 -38.14 28.66 -61.30
C GLY C 848 -36.80 28.17 -60.76
N TRP C 849 -36.30 27.08 -61.34
CA TRP C 849 -35.03 26.52 -60.91
C TRP C 849 -33.87 27.30 -61.50
N ASP C 850 -32.70 27.14 -60.89
CA ASP C 850 -31.49 27.76 -61.37
C ASP C 850 -30.61 26.59 -61.74
N GLY C 851 -30.72 26.15 -62.98
CA GLY C 851 -29.93 25.01 -63.39
C GLY C 851 -30.58 23.80 -62.75
N GLN C 852 -29.80 22.96 -62.07
CA GLN C 852 -30.36 21.79 -61.42
C GLN C 852 -30.78 22.06 -59.98
N SER C 853 -30.69 23.32 -59.55
CA SER C 853 -31.06 23.71 -58.17
C SER C 853 -32.51 24.20 -58.12
N PRO C 854 -33.38 23.47 -57.41
CA PRO C 854 -34.77 23.90 -57.32
C PRO C 854 -34.84 25.24 -56.63
N GLY C 855 -36.03 25.84 -56.61
CA GLY C 855 -36.18 27.13 -55.94
C GLY C 855 -36.16 26.88 -54.44
N THR C 856 -35.35 27.63 -53.70
CA THR C 856 -35.25 27.44 -52.24
C THR C 856 -36.58 27.66 -51.52
N GLU C 857 -37.01 26.65 -50.76
CA GLU C 857 -38.25 26.74 -50.00
C GLU C 857 -37.88 26.94 -48.55
N SER C 858 -38.63 27.79 -47.84
CA SER C 858 -38.35 28.03 -46.42
C SER C 858 -38.13 26.73 -45.66
N HIS C 859 -36.96 26.61 -45.02
CA HIS C 859 -36.64 25.39 -44.29
C HIS C 859 -35.77 25.67 -43.09
N GLN C 860 -35.57 24.62 -42.29
CA GLN C 860 -34.74 24.67 -41.10
C GLN C 860 -34.01 23.32 -41.02
N LYS C 861 -32.70 23.35 -41.22
CA LYS C 861 -31.89 22.14 -41.16
C LYS C 861 -32.24 21.24 -42.34
N GLY C 862 -32.64 21.86 -43.44
CA GLY C 862 -32.97 21.09 -44.63
C GLY C 862 -34.43 20.72 -44.74
N LYS C 863 -35.12 20.62 -43.60
CA LYS C 863 -36.53 20.27 -43.61
C LYS C 863 -37.42 21.51 -43.79
N PRO C 864 -38.33 21.45 -44.77
CA PRO C 864 -39.22 22.59 -45.02
C PRO C 864 -39.98 22.98 -43.75
N VAL C 865 -40.25 24.28 -43.62
CA VAL C 865 -40.98 24.81 -42.47
C VAL C 865 -42.47 24.57 -42.63
N PRO C 866 -43.17 24.15 -41.57
CA PRO C 866 -44.61 23.94 -41.75
C PRO C 866 -45.27 25.31 -42.00
N ARG C 867 -46.21 25.36 -42.94
CA ARG C 867 -46.88 26.61 -43.29
C ARG C 867 -48.13 26.90 -42.47
N ILE C 868 -48.03 26.70 -41.16
CA ILE C 868 -49.16 26.92 -40.26
C ILE C 868 -49.43 28.39 -39.93
N ALA C 869 -50.64 28.84 -40.27
CA ALA C 869 -51.06 30.22 -40.04
C ALA C 869 -50.72 30.73 -38.63
N GLU C 870 -50.96 29.91 -37.61
CA GLU C 870 -50.68 30.31 -36.23
C GLU C 870 -49.20 30.60 -36.01
N LEU C 871 -48.36 30.15 -36.94
CA LEU C 871 -46.91 30.34 -36.86
C LEU C 871 -46.33 31.53 -37.63
N MET C 872 -46.87 31.80 -38.82
CA MET C 872 -46.37 32.89 -39.65
C MET C 872 -46.46 34.30 -39.08
N GLY C 873 -45.34 35.01 -39.15
CA GLY C 873 -45.25 36.37 -38.68
C GLY C 873 -45.47 36.54 -37.20
N LYS C 874 -45.04 35.55 -36.42
CA LYS C 874 -45.19 35.60 -34.96
C LYS C 874 -43.85 35.92 -34.29
N LYS C 875 -42.78 35.90 -35.10
CA LYS C 875 -41.44 36.20 -34.60
C LYS C 875 -41.02 35.21 -33.52
N LEU C 876 -41.11 33.92 -33.84
CA LEU C 876 -40.74 32.85 -32.93
C LEU C 876 -39.51 32.12 -33.46
N PRO C 877 -38.32 32.51 -32.99
CA PRO C 877 -37.03 31.93 -33.37
C PRO C 877 -36.99 30.49 -32.91
N ASN C 878 -36.12 29.68 -33.50
CA ASN C 878 -36.02 28.28 -33.11
C ASN C 878 -35.11 27.97 -31.93
N PHE C 879 -35.34 28.68 -30.82
CA PHE C 879 -34.56 28.48 -29.63
C PHE C 879 -35.31 28.99 -28.42
N GLY C 880 -34.85 28.57 -27.23
CA GLY C 880 -35.46 28.99 -25.99
C GLY C 880 -36.97 28.82 -25.95
N PRO C 881 -37.67 29.62 -25.13
CA PRO C 881 -39.13 29.57 -24.98
C PRO C 881 -39.87 29.69 -26.30
N TYR C 882 -39.21 30.30 -27.28
CA TYR C 882 -39.80 30.47 -28.60
C TYR C 882 -40.00 29.13 -29.26
N LEU C 883 -38.98 28.28 -29.16
CA LEU C 883 -39.05 26.96 -29.74
C LEU C 883 -40.12 26.14 -29.02
N GLU C 884 -40.27 26.38 -27.71
CA GLU C 884 -41.28 25.68 -26.93
C GLU C 884 -42.66 26.01 -27.51
N GLN C 885 -42.90 27.30 -27.78
CA GLN C 885 -44.16 27.77 -28.34
C GLN C 885 -44.37 27.16 -29.71
N ARG C 886 -43.31 27.13 -30.50
CA ARG C 886 -43.41 26.56 -31.83
C ARG C 886 -43.89 25.12 -31.78
N LYS C 887 -43.27 24.33 -30.91
CA LYS C 887 -43.62 22.91 -30.76
C LYS C 887 -45.08 22.71 -30.38
N LYS C 888 -45.55 23.52 -29.43
CA LYS C 888 -46.93 23.44 -28.98
C LYS C 888 -47.84 23.73 -30.17
N ILE C 889 -47.64 24.87 -30.80
CA ILE C 889 -48.42 25.29 -31.95
C ILE C 889 -48.49 24.22 -33.04
N ILE C 890 -47.39 23.51 -33.23
CA ILE C 890 -47.34 22.46 -34.25
C ILE C 890 -48.08 21.20 -33.81
N ALA C 891 -48.05 20.90 -32.52
CA ALA C 891 -48.73 19.73 -32.01
C ALA C 891 -50.23 19.96 -32.05
N GLU C 892 -50.65 21.19 -31.74
CA GLU C 892 -52.06 21.53 -31.77
C GLU C 892 -52.56 21.36 -33.20
N GLU C 893 -51.73 21.73 -34.17
CA GLU C 893 -52.09 21.63 -35.58
C GLU C 893 -52.26 20.19 -36.02
N LYS C 894 -51.43 19.30 -35.50
CA LYS C 894 -51.49 17.89 -35.84
C LYS C 894 -52.78 17.29 -35.30
N MET C 895 -53.16 17.69 -34.09
CA MET C 895 -54.41 17.21 -33.48
C MET C 895 -55.58 17.75 -34.30
N ARG C 896 -55.46 18.98 -34.77
CA ARG C 896 -56.51 19.59 -35.57
C ARG C 896 -56.68 18.79 -36.87
N LEU C 897 -55.56 18.42 -37.49
CA LEU C 897 -55.59 17.68 -38.73
C LEU C 897 -56.11 16.25 -38.54
N LYS C 898 -56.04 15.76 -37.32
CA LYS C 898 -56.54 14.43 -37.00
C LYS C 898 -58.05 14.50 -36.97
N GLU C 899 -58.62 15.60 -36.48
CA GLU C 899 -60.10 15.83 -36.43
C GLU C 899 -60.78 15.93 -37.82
N GLN C 900 -60.22 16.71 -38.74
CA GLN C 900 -60.80 16.88 -40.08
C GLN C 900 -60.91 15.56 -40.87
N ASN C 901 -59.99 14.64 -40.57
CA ASN C 901 -59.94 13.33 -41.24
C ASN C 901 -59.84 13.47 -42.72
N ALA C 902 -59.55 14.68 -43.13
CA ALA C 902 -59.41 15.02 -44.51
C ALA C 902 -58.64 13.98 -45.29
N ALA C 903 -59.39 13.20 -46.08
CA ALA C 903 -58.81 12.17 -46.96
C ALA C 903 -57.63 12.84 -47.67
N PHE C 904 -56.53 12.09 -47.81
CA PHE C 904 -55.34 12.62 -48.45
C PHE C 904 -55.29 12.27 -49.94
N PRO C 905 -55.36 13.34 -50.78
CA PRO C 905 -55.38 13.38 -52.26
C PRO C 905 -54.44 12.44 -53.08
N PRO C 906 -55.01 11.68 -54.06
CA PRO C 906 -54.15 10.80 -54.89
C PRO C 906 -53.64 11.64 -56.04
N LEU C 907 -52.39 12.00 -55.91
CA LEU C 907 -51.73 12.87 -56.88
C LEU C 907 -50.86 12.04 -57.82
N GLU C 908 -51.27 12.04 -59.10
CA GLU C 908 -50.58 11.29 -60.12
C GLU C 908 -49.17 11.75 -60.41
N ARG C 909 -48.25 10.80 -60.62
CA ARG C 909 -46.88 11.17 -60.95
C ARG C 909 -46.71 11.12 -62.47
N LYS C 910 -46.78 12.30 -63.09
CA LYS C 910 -46.64 12.42 -64.53
C LYS C 910 -45.33 13.08 -64.93
N PRO C 911 -44.63 12.45 -65.89
CA PRO C 911 -43.34 12.93 -66.41
C PRO C 911 -43.48 14.27 -67.10
N PHE C 912 -42.42 15.06 -67.02
CA PHE C 912 -42.41 16.35 -67.65
C PHE C 912 -41.91 16.13 -69.08
N ILE C 913 -42.58 16.78 -70.03
CA ILE C 913 -42.21 16.66 -71.44
C ILE C 913 -41.62 17.95 -71.99
N PRO C 914 -40.48 17.85 -72.69
CA PRO C 914 -39.83 19.03 -73.26
C PRO C 914 -40.81 19.74 -74.18
N LYS C 915 -41.18 20.96 -73.81
CA LYS C 915 -42.12 21.76 -74.59
C LYS C 915 -41.37 22.70 -75.53
N LYS C 916 -40.20 22.25 -75.98
CA LYS C 916 -39.38 23.00 -76.92
C LYS C 916 -38.12 22.20 -77.21
N PRO C 917 -37.49 22.44 -78.37
CA PRO C 917 -36.28 21.71 -78.72
C PRO C 917 -35.17 21.97 -77.71
N ILE C 918 -34.40 20.92 -77.42
CA ILE C 918 -33.31 21.04 -76.47
C ILE C 918 -32.15 21.73 -77.14
N PRO C 919 -31.71 22.86 -76.58
CA PRO C 919 -30.59 23.61 -77.15
C PRO C 919 -29.33 22.78 -77.32
N ALA C 920 -28.49 23.20 -78.26
CA ALA C 920 -27.23 22.53 -78.53
C ALA C 920 -26.14 23.55 -78.17
N ILE C 921 -24.92 23.10 -77.96
CA ILE C 921 -23.87 24.01 -77.58
C ILE C 921 -23.86 25.31 -78.39
N LYS C 922 -23.89 25.22 -79.71
CA LYS C 922 -23.87 26.43 -80.55
C LYS C 922 -24.97 27.37 -80.14
N ASP C 923 -26.14 26.82 -79.83
CA ASP C 923 -27.29 27.63 -79.43
C ASP C 923 -27.13 28.41 -78.13
N VAL C 924 -26.10 28.10 -77.37
CA VAL C 924 -25.91 28.80 -76.11
C VAL C 924 -24.63 29.61 -76.03
N ILE C 925 -23.70 29.37 -76.94
CA ILE C 925 -22.46 30.11 -76.85
C ILE C 925 -22.72 31.62 -76.94
N GLY C 926 -22.06 32.35 -76.03
CA GLY C 926 -22.18 33.80 -75.97
C GLY C 926 -23.53 34.38 -75.61
N LYS C 927 -24.53 33.55 -75.31
CA LYS C 927 -25.86 34.04 -74.96
C LYS C 927 -25.91 34.97 -73.76
N ALA C 928 -24.87 34.94 -72.95
CA ALA C 928 -24.83 35.77 -71.76
C ALA C 928 -24.27 37.15 -72.04
N LEU C 929 -23.65 37.32 -73.20
CA LEU C 929 -23.04 38.59 -73.53
C LEU C 929 -24.00 39.75 -73.64
N GLN C 930 -25.25 39.47 -73.99
CA GLN C 930 -26.25 40.52 -74.14
C GLN C 930 -26.44 41.35 -72.87
N TYR C 931 -26.21 40.72 -71.72
CA TYR C 931 -26.38 41.43 -70.46
C TYR C 931 -25.20 42.30 -70.05
N LEU C 932 -24.03 42.05 -70.64
CA LEU C 932 -22.86 42.84 -70.32
C LEU C 932 -22.93 44.21 -71.01
N GLY C 933 -22.52 45.25 -70.28
CA GLY C 933 -22.53 46.60 -70.82
C GLY C 933 -21.58 47.47 -70.02
N THR C 934 -21.51 48.75 -70.36
CA THR C 934 -20.65 49.67 -69.63
C THR C 934 -21.37 49.92 -68.32
N PHE C 935 -20.82 50.73 -67.43
CA PHE C 935 -21.50 51.01 -66.17
C PHE C 935 -22.64 51.98 -66.44
N GLY C 936 -22.43 52.86 -67.42
CA GLY C 936 -23.45 53.85 -67.76
C GLY C 936 -24.73 53.22 -68.25
N GLU C 937 -24.64 52.01 -68.79
CA GLU C 937 -25.82 51.31 -69.30
C GLU C 937 -26.61 50.66 -68.17
N LEU C 938 -26.10 50.78 -66.94
CA LEU C 938 -26.74 50.21 -65.77
C LEU C 938 -27.69 51.25 -65.15
N SER C 939 -28.95 50.84 -64.96
CA SER C 939 -30.01 51.68 -64.41
C SER C 939 -29.89 52.01 -62.93
N ASN C 940 -29.74 53.30 -62.61
CA ASN C 940 -29.63 53.71 -61.22
C ASN C 940 -30.95 54.21 -60.68
N ILE C 941 -32.04 53.86 -61.37
CA ILE C 941 -33.38 54.26 -60.93
C ILE C 941 -34.04 53.00 -60.38
N GLU C 942 -33.63 51.87 -60.93
CA GLU C 942 -34.13 50.56 -60.49
C GLU C 942 -33.26 50.07 -59.33
N GLN C 943 -33.50 50.65 -58.15
CA GLN C 943 -32.75 50.28 -56.96
C GLN C 943 -33.50 49.16 -56.24
N VAL C 944 -32.79 48.46 -55.38
CA VAL C 944 -33.38 47.35 -54.64
C VAL C 944 -32.97 47.42 -53.18
N VAL C 945 -33.63 46.59 -52.38
CA VAL C 945 -33.36 46.51 -50.95
C VAL C 945 -33.38 45.06 -50.55
N ALA C 946 -32.81 44.77 -49.39
CA ALA C 946 -32.77 43.41 -48.89
C ALA C 946 -34.02 43.10 -48.07
N VAL C 947 -34.50 41.87 -48.15
CA VAL C 947 -35.64 41.44 -47.36
C VAL C 947 -35.33 40.04 -46.81
N ILE C 948 -35.39 39.91 -45.49
CA ILE C 948 -35.08 38.66 -44.82
C ILE C 948 -36.28 37.76 -44.47
N ASP C 949 -36.06 36.45 -44.61
CA ASP C 949 -37.07 35.43 -44.33
C ASP C 949 -36.78 34.91 -42.93
N GLU C 950 -37.46 35.47 -41.94
CA GLU C 950 -37.25 35.08 -40.54
C GLU C 950 -37.36 33.56 -40.31
N GLU C 951 -38.09 32.88 -41.19
CA GLU C 951 -38.30 31.44 -41.09
C GLU C 951 -37.06 30.63 -41.48
N MET C 952 -36.18 31.21 -42.28
CA MET C 952 -34.97 30.51 -42.71
C MET C 952 -33.73 30.95 -41.91
N CYS C 953 -33.83 32.10 -41.28
CA CYS C 953 -32.76 32.70 -40.48
C CYS C 953 -32.28 31.83 -39.31
N ILE C 954 -30.97 31.78 -39.11
CA ILE C 954 -30.38 31.02 -38.00
C ILE C 954 -29.78 31.97 -36.93
N ASN C 955 -30.30 33.20 -36.93
CA ASN C 955 -29.97 34.25 -35.97
C ASN C 955 -28.51 34.55 -35.64
N CYS C 956 -27.58 34.26 -36.55
CA CYS C 956 -26.18 34.52 -36.26
C CYS C 956 -25.87 36.03 -36.17
N GLY C 957 -26.58 36.84 -36.95
CA GLY C 957 -26.37 38.27 -36.92
C GLY C 957 -25.23 38.75 -37.82
N LYS C 958 -24.86 37.93 -38.79
CA LYS C 958 -23.79 38.31 -39.68
C LYS C 958 -24.18 39.49 -40.56
N CYS C 959 -25.41 39.49 -41.07
CA CYS C 959 -25.89 40.57 -41.93
C CYS C 959 -25.80 41.88 -41.16
N TYR C 960 -26.23 41.81 -39.91
CA TYR C 960 -26.22 42.94 -39.01
C TYR C 960 -24.81 43.58 -38.95
N MET C 961 -23.78 42.77 -38.70
CA MET C 961 -22.39 43.24 -38.58
C MET C 961 -21.82 43.79 -39.88
N THR C 962 -22.12 43.15 -40.99
CA THR C 962 -21.64 43.62 -42.28
C THR C 962 -22.14 45.05 -42.46
N CYS C 963 -23.45 45.19 -42.41
CA CYS C 963 -24.08 46.48 -42.58
C CYS C 963 -23.62 47.50 -41.53
N ASN C 964 -23.21 47.02 -40.34
CA ASN C 964 -22.77 47.93 -39.30
C ASN C 964 -21.38 48.47 -39.54
N ASP C 965 -20.42 47.60 -39.82
CA ASP C 965 -19.05 48.06 -40.04
C ASP C 965 -18.59 48.11 -41.52
N SER C 966 -19.49 47.77 -42.43
CA SER C 966 -19.18 47.79 -43.86
C SER C 966 -20.44 48.19 -44.65
N GLY C 967 -21.43 48.73 -43.94
CA GLY C 967 -22.65 49.12 -44.60
C GLY C 967 -23.27 50.45 -44.18
N TYR C 968 -24.60 50.47 -44.09
CA TYR C 968 -25.32 51.68 -43.72
C TYR C 968 -26.11 51.61 -42.41
N GLN C 969 -25.72 50.70 -41.51
CA GLN C 969 -26.42 50.54 -40.22
C GLN C 969 -27.93 50.59 -40.53
N ALA C 970 -28.35 49.68 -41.41
CA ALA C 970 -29.75 49.63 -41.81
C ALA C 970 -30.50 48.43 -41.26
N ILE C 971 -29.82 47.62 -40.44
CA ILE C 971 -30.46 46.43 -39.87
C ILE C 971 -30.64 46.45 -38.37
N GLN C 972 -31.83 46.08 -37.91
CA GLN C 972 -32.13 46.01 -36.47
C GLN C 972 -32.01 44.56 -36.06
N PHE C 973 -31.30 44.32 -34.96
CA PHE C 973 -31.11 42.96 -34.50
C PHE C 973 -31.75 42.86 -33.12
N ASP C 974 -32.94 42.25 -33.05
CA ASP C 974 -33.65 42.10 -31.79
C ASP C 974 -32.76 41.44 -30.73
N PRO C 975 -32.75 41.99 -29.50
CA PRO C 975 -31.95 41.48 -28.41
C PRO C 975 -32.51 40.27 -27.73
N GLU C 976 -33.73 39.90 -28.07
CA GLU C 976 -34.36 38.75 -27.44
C GLU C 976 -34.57 37.56 -28.38
N THR C 977 -34.89 37.86 -29.65
CA THR C 977 -35.13 36.84 -30.66
C THR C 977 -33.99 36.70 -31.64
N HIS C 978 -33.02 37.61 -31.56
CA HIS C 978 -31.88 37.59 -32.46
C HIS C 978 -32.33 37.47 -33.91
N LEU C 979 -33.44 38.14 -34.22
CA LEU C 979 -33.97 38.13 -35.57
C LEU C 979 -33.71 39.52 -36.18
N PRO C 980 -33.20 39.57 -37.42
CA PRO C 980 -32.89 40.82 -38.11
C PRO C 980 -34.08 41.38 -38.88
N THR C 981 -34.07 42.68 -39.11
CA THR C 981 -35.12 43.37 -39.87
C THR C 981 -34.52 44.56 -40.62
N VAL C 982 -34.42 44.43 -41.93
CA VAL C 982 -33.85 45.48 -42.76
C VAL C 982 -34.76 46.70 -42.71
N THR C 983 -34.24 47.85 -42.27
CA THR C 983 -35.06 49.04 -42.20
C THR C 983 -35.02 49.80 -43.53
N ASP C 984 -35.74 50.90 -43.58
CA ASP C 984 -35.84 51.75 -44.77
C ASP C 984 -34.56 52.53 -45.14
N THR C 985 -33.53 52.44 -44.32
CA THR C 985 -32.27 53.14 -44.59
C THR C 985 -31.39 52.33 -45.55
N CYS C 986 -31.83 51.11 -45.79
CA CYS C 986 -31.19 50.14 -46.68
C CYS C 986 -30.92 50.74 -48.06
N THR C 987 -29.75 50.46 -48.60
CA THR C 987 -29.36 51.01 -49.89
C THR C 987 -29.31 49.95 -50.99
N GLY C 988 -29.37 48.68 -50.57
CA GLY C 988 -29.31 47.58 -51.50
C GLY C 988 -27.90 47.21 -51.92
N CYS C 989 -26.89 47.66 -51.18
CA CYS C 989 -25.52 47.33 -51.55
C CYS C 989 -25.37 45.81 -51.75
N THR C 990 -26.16 45.04 -51.01
CA THR C 990 -26.17 43.58 -51.09
C THR C 990 -25.10 42.83 -50.29
N LEU C 991 -24.33 43.55 -49.48
CA LEU C 991 -23.29 42.86 -48.73
C LEU C 991 -23.87 41.85 -47.73
N CYS C 992 -24.96 42.20 -47.04
CA CYS C 992 -25.55 41.28 -46.07
C CYS C 992 -25.89 39.95 -46.76
N LEU C 993 -26.66 40.02 -47.84
CA LEU C 993 -27.03 38.83 -48.59
C LEU C 993 -25.76 38.01 -48.85
N SER C 994 -24.68 38.68 -49.23
CA SER C 994 -23.43 37.99 -49.52
C SER C 994 -22.80 37.25 -48.36
N VAL C 995 -23.04 37.71 -47.14
CA VAL C 995 -22.47 37.07 -45.95
C VAL C 995 -23.42 36.15 -45.21
N CYS C 996 -24.69 36.15 -45.61
CA CYS C 996 -25.65 35.27 -44.96
C CYS C 996 -25.23 33.83 -45.18
N PRO C 997 -25.19 33.04 -44.10
CA PRO C 997 -24.80 31.63 -44.17
C PRO C 997 -25.90 30.71 -44.71
N ILE C 998 -27.11 31.27 -44.80
CA ILE C 998 -28.30 30.53 -45.27
C ILE C 998 -28.63 30.95 -46.72
N ILE C 999 -28.56 29.99 -47.65
CA ILE C 999 -28.81 30.29 -49.05
C ILE C 999 -30.24 30.76 -49.26
N ASP C 1000 -30.39 31.92 -49.87
CA ASP C 1000 -31.71 32.48 -50.15
C ASP C 1000 -32.49 32.96 -48.95
N CYS C 1001 -31.83 33.08 -47.79
CA CYS C 1001 -32.55 33.56 -46.61
C CYS C 1001 -32.82 35.03 -46.87
N ILE C 1002 -31.82 35.68 -47.44
CA ILE C 1002 -31.94 37.11 -47.77
C ILE C 1002 -32.11 37.22 -49.28
N ARG C 1003 -32.95 38.14 -49.70
CA ARG C 1003 -33.20 38.33 -51.11
C ARG C 1003 -33.29 39.81 -51.42
N MET C 1004 -32.90 40.19 -52.63
CA MET C 1004 -32.97 41.58 -53.03
C MET C 1004 -34.29 41.78 -53.78
N VAL C 1005 -35.07 42.75 -53.34
CA VAL C 1005 -36.35 43.04 -53.99
C VAL C 1005 -36.36 44.47 -54.49
N SER C 1006 -37.26 44.76 -55.43
CA SER C 1006 -37.34 46.11 -55.97
C SER C 1006 -37.80 47.08 -54.90
N ARG C 1007 -37.14 48.24 -54.85
CA ARG C 1007 -37.48 49.27 -53.87
C ARG C 1007 -38.79 49.96 -54.31
N THR C 1008 -39.73 50.15 -53.38
CA THR C 1008 -40.98 50.83 -53.72
C THR C 1008 -40.95 52.26 -53.18
N THR C 1009 -40.15 52.46 -52.14
CA THR C 1009 -39.99 53.77 -51.52
C THR C 1009 -38.99 54.54 -52.41
N PRO C 1010 -39.15 55.87 -52.51
CA PRO C 1010 -38.21 56.62 -53.34
C PRO C 1010 -36.79 56.60 -52.79
N TYR C 1011 -35.83 56.20 -53.63
CA TYR C 1011 -34.43 56.16 -53.23
C TYR C 1011 -33.89 57.59 -53.20
N GLU C 1012 -32.80 57.79 -52.46
CA GLU C 1012 -32.15 59.09 -52.35
C GLU C 1012 -30.77 58.96 -51.72
N PRO C 1013 -29.72 59.03 -52.55
CA PRO C 1013 -28.33 58.91 -52.11
C PRO C 1013 -28.02 59.76 -50.88
N LYS C 1014 -27.14 59.23 -50.02
CA LYS C 1014 -26.73 59.94 -48.81
C LYS C 1014 -25.46 60.75 -49.08
N ARG C 1015 -25.64 62.07 -49.19
CA ARG C 1015 -24.55 63.00 -49.49
C ARG C 1015 -23.82 63.46 -48.22
N GLY C 1016 -24.44 63.22 -47.07
CA GLY C 1016 -23.86 63.64 -45.81
C GLY C 1016 -24.19 65.10 -45.61
N LEU C 1017 -23.66 65.94 -46.50
CA LEU C 1017 -23.94 67.38 -46.46
C LEU C 1017 -24.52 67.83 -47.80
N PRO C 1018 -25.60 68.65 -47.75
CA PRO C 1018 -26.27 69.17 -48.95
C PRO C 1018 -25.30 69.78 -49.98
N LEU C 1019 -25.73 69.82 -51.24
CA LEU C 1019 -24.91 70.35 -52.33
C LEU C 1019 -25.16 71.82 -52.64
N ALA C 1020 -24.25 72.41 -53.43
CA ALA C 1020 -24.36 73.81 -53.83
C ALA C 1020 -24.24 73.96 -55.35
N ALA D 2 10.78 1.09 -81.82
CA ALA D 2 10.13 2.08 -80.90
C ALA D 2 8.83 1.56 -80.24
N PRO D 3 8.89 1.24 -78.92
CA PRO D 3 7.70 0.73 -78.22
C PRO D 3 6.54 1.72 -78.40
N VAL D 4 5.35 1.39 -77.90
CA VAL D 4 4.24 2.33 -78.03
C VAL D 4 4.38 3.33 -76.89
N LEU D 5 4.84 4.53 -77.22
CA LEU D 5 5.07 5.59 -76.24
C LEU D 5 3.88 6.05 -75.41
N SER D 6 2.71 6.16 -76.05
CA SER D 6 1.51 6.61 -75.35
C SER D 6 0.72 5.49 -74.67
N LYS D 7 1.43 4.48 -74.17
CA LYS D 7 0.81 3.35 -73.51
C LYS D 7 1.60 2.96 -72.27
N ASP D 8 0.90 2.73 -71.16
CA ASP D 8 1.58 2.37 -69.93
C ASP D 8 2.16 0.98 -70.04
N VAL D 9 3.40 0.80 -69.57
CA VAL D 9 4.06 -0.49 -69.59
C VAL D 9 3.40 -1.36 -68.51
N ALA D 10 3.61 -2.67 -68.57
CA ALA D 10 3.02 -3.59 -67.60
C ALA D 10 3.18 -3.13 -66.14
N ASP D 11 4.38 -2.71 -65.79
CA ASP D 11 4.63 -2.28 -64.43
C ASP D 11 3.74 -1.12 -63.99
N ILE D 12 3.61 -0.13 -64.86
CA ILE D 12 2.82 1.06 -64.57
C ILE D 12 1.32 0.75 -64.52
N GLU D 13 0.89 -0.11 -65.43
CA GLU D 13 -0.51 -0.47 -65.48
C GLU D 13 -0.87 -1.14 -64.16
N SER D 14 0.07 -1.89 -63.61
CA SER D 14 -0.19 -2.58 -62.36
C SER D 14 -0.20 -1.59 -61.19
N ILE D 15 0.58 -0.52 -61.31
CA ILE D 15 0.62 0.46 -60.23
C ILE D 15 -0.67 1.27 -60.23
N LEU D 16 -1.31 1.36 -61.39
CA LEU D 16 -2.56 2.09 -61.54
C LEU D 16 -3.77 1.21 -61.26
N ALA D 17 -3.53 0.00 -60.74
CA ALA D 17 -4.59 -0.96 -60.44
C ALA D 17 -5.78 -0.40 -59.66
N LEU D 18 -5.50 0.42 -58.63
CA LEU D 18 -6.56 1.00 -57.81
C LEU D 18 -6.98 2.40 -58.23
N ASN D 19 -6.34 2.93 -59.27
CA ASN D 19 -6.67 4.26 -59.75
C ASN D 19 -8.12 4.24 -60.22
N PRO D 20 -8.86 5.32 -59.97
CA PRO D 20 -10.27 5.45 -60.38
C PRO D 20 -10.53 5.47 -61.89
N ARG D 21 -11.50 4.66 -62.31
CA ARG D 21 -11.93 4.55 -63.70
C ARG D 21 -13.45 4.33 -63.69
N THR D 22 -14.20 5.14 -64.44
CA THR D 22 -15.64 4.98 -64.43
C THR D 22 -16.08 3.68 -65.09
N GLN D 23 -17.05 3.02 -64.44
CA GLN D 23 -17.59 1.75 -64.91
C GLN D 23 -18.60 1.89 -66.03
N SER D 24 -18.66 0.85 -66.86
CA SER D 24 -19.56 0.77 -68.00
C SER D 24 -20.86 0.01 -67.69
N HIS D 25 -20.84 -0.79 -66.63
CA HIS D 25 -22.02 -1.55 -66.22
C HIS D 25 -22.14 -1.53 -64.70
N ALA D 26 -23.26 -2.06 -64.20
CA ALA D 26 -23.51 -2.15 -62.76
C ALA D 26 -22.65 -3.25 -62.15
N ALA D 27 -22.22 -3.05 -60.90
CA ALA D 27 -21.39 -4.03 -60.21
C ALA D 27 -22.15 -5.25 -59.73
N LEU D 28 -21.48 -6.40 -59.79
CA LEU D 28 -22.07 -7.65 -59.36
C LEU D 28 -21.28 -8.17 -58.17
N HIS D 29 -21.93 -8.18 -57.00
CA HIS D 29 -21.29 -8.66 -55.77
C HIS D 29 -22.36 -9.28 -54.89
N SER D 30 -22.28 -10.60 -54.70
CA SER D 30 -23.26 -11.30 -53.87
C SER D 30 -23.36 -10.66 -52.50
N THR D 31 -24.55 -10.71 -51.91
CA THR D 31 -24.76 -10.13 -50.59
C THR D 31 -23.83 -10.79 -49.58
N LEU D 32 -23.52 -12.07 -49.82
CA LEU D 32 -22.62 -12.82 -48.94
C LEU D 32 -21.19 -12.29 -49.04
N ALA D 33 -20.72 -12.13 -50.27
CA ALA D 33 -19.39 -11.63 -50.54
C ALA D 33 -19.20 -10.31 -49.82
N LYS D 34 -20.22 -9.46 -49.89
CA LYS D 34 -20.16 -8.17 -49.23
C LYS D 34 -19.97 -8.36 -47.74
N LYS D 35 -20.87 -9.13 -47.11
CA LYS D 35 -20.78 -9.37 -45.67
C LYS D 35 -19.37 -9.73 -45.19
N LEU D 36 -18.74 -10.69 -45.87
CA LEU D 36 -17.39 -11.12 -45.48
C LEU D 36 -16.36 -10.01 -45.63
N ASP D 37 -16.54 -9.15 -46.62
CA ASP D 37 -15.63 -8.06 -46.93
C ASP D 37 -15.78 -6.78 -46.11
N LYS D 38 -16.98 -6.55 -45.59
CA LYS D 38 -17.28 -5.37 -44.80
C LYS D 38 -16.37 -5.18 -43.59
N LYS D 39 -16.06 -6.28 -42.91
CA LYS D 39 -15.23 -6.25 -41.70
C LYS D 39 -13.79 -5.82 -41.88
N HIS D 40 -13.33 -5.82 -43.13
CA HIS D 40 -11.96 -5.43 -43.41
C HIS D 40 -11.73 -3.94 -43.31
N TRP D 41 -12.75 -3.15 -43.62
CA TRP D 41 -12.62 -1.70 -43.59
C TRP D 41 -13.32 -1.03 -42.40
N LYS D 42 -13.98 -1.80 -41.55
CA LYS D 42 -14.66 -1.23 -40.39
C LYS D 42 -13.79 -0.19 -39.69
N ARG D 43 -14.32 1.03 -39.56
CA ARG D 43 -13.59 2.14 -38.92
C ARG D 43 -14.10 2.47 -37.51
N ASN D 44 -15.41 2.35 -37.34
CA ASN D 44 -16.10 2.65 -36.08
C ASN D 44 -16.47 1.37 -35.34
N PRO D 45 -17.11 1.50 -34.15
CA PRO D 45 -17.52 0.35 -33.33
C PRO D 45 -18.47 -0.61 -34.04
N ASP D 46 -18.34 -1.89 -33.70
CA ASP D 46 -19.18 -2.94 -34.27
C ASP D 46 -20.38 -3.13 -33.35
N LYS D 47 -21.57 -2.73 -33.81
CA LYS D 47 -22.78 -2.84 -32.99
C LYS D 47 -23.05 -4.27 -32.51
N ASN D 48 -22.36 -5.23 -33.11
CA ASN D 48 -22.55 -6.64 -32.74
C ASN D 48 -21.47 -7.17 -31.81
N CYS D 49 -20.44 -6.36 -31.58
CA CYS D 49 -19.36 -6.75 -30.68
C CYS D 49 -19.66 -6.23 -29.27
N PHE D 50 -19.99 -7.16 -28.37
CA PHE D 50 -20.33 -6.85 -26.99
C PHE D 50 -19.12 -6.52 -26.10
N HIS D 51 -17.92 -6.53 -26.66
CA HIS D 51 -16.70 -6.27 -25.89
C HIS D 51 -15.97 -4.99 -26.28
N CYS D 52 -15.30 -4.39 -25.29
CA CYS D 52 -14.51 -3.18 -25.49
C CYS D 52 -13.06 -3.57 -25.23
N GLU D 53 -12.13 -3.02 -26.00
CA GLU D 53 -10.71 -3.32 -25.82
C GLU D 53 -10.32 -3.22 -24.34
N LYS D 54 -9.31 -3.99 -23.92
CA LYS D 54 -8.88 -3.96 -22.53
C LYS D 54 -8.36 -2.57 -22.17
N LEU D 55 -8.88 -2.01 -21.07
CA LEU D 55 -8.48 -0.69 -20.64
C LEU D 55 -7.73 -0.64 -19.32
N GLU D 56 -7.32 -1.78 -18.81
CA GLU D 56 -6.62 -1.77 -17.54
C GLU D 56 -5.38 -0.88 -17.62
N ASN D 57 -5.25 0.02 -16.66
CA ASN D 57 -4.14 0.99 -16.58
C ASN D 57 -3.94 1.76 -17.89
N ASN D 58 -5.06 2.10 -18.53
CA ASN D 58 -5.01 2.84 -19.79
C ASN D 58 -5.59 4.22 -19.52
N PHE D 59 -4.71 5.17 -19.27
CA PHE D 59 -5.16 6.50 -18.97
C PHE D 59 -5.00 7.51 -20.09
N ASP D 60 -5.10 7.02 -21.33
CA ASP D 60 -4.98 7.89 -22.48
C ASP D 60 -6.25 8.72 -22.59
N ASP D 61 -6.11 9.90 -23.17
CA ASP D 61 -7.20 10.86 -23.36
C ASP D 61 -8.32 10.25 -24.20
N ILE D 62 -9.53 10.17 -23.63
CA ILE D 62 -10.65 9.60 -24.37
C ILE D 62 -11.68 10.64 -24.82
N LYS D 63 -11.45 11.90 -24.48
CA LYS D 63 -12.37 12.95 -24.87
C LYS D 63 -12.60 12.89 -26.38
N HIS D 64 -13.86 13.06 -26.78
CA HIS D 64 -14.21 13.03 -28.21
C HIS D 64 -14.00 14.42 -28.83
N THR D 65 -13.90 15.42 -27.98
CA THR D 65 -13.74 16.79 -28.43
C THR D 65 -12.33 17.22 -28.78
N THR D 66 -11.32 16.61 -28.16
CA THR D 66 -9.93 16.97 -28.41
C THR D 66 -9.62 17.18 -29.88
N LEU D 67 -9.04 18.33 -30.22
CA LEU D 67 -8.70 18.67 -31.60
C LEU D 67 -7.22 18.87 -31.89
N GLY D 68 -6.82 18.62 -33.14
CA GLY D 68 -5.44 18.82 -33.54
C GLY D 68 -5.46 20.17 -34.25
N GLU D 69 -4.32 20.71 -34.67
CA GLU D 69 -4.32 22.02 -35.35
C GLU D 69 -5.15 22.01 -36.63
N ARG D 70 -4.89 21.04 -37.51
CA ARG D 70 -5.64 20.90 -38.76
C ARG D 70 -7.15 20.97 -38.47
N GLY D 71 -7.59 20.10 -37.56
CA GLY D 71 -9.00 20.05 -37.19
C GLY D 71 -9.53 21.31 -36.56
N ALA D 72 -8.74 21.91 -35.67
CA ALA D 72 -9.16 23.13 -35.00
C ALA D 72 -9.38 24.20 -36.05
N LEU D 73 -8.47 24.29 -37.03
CA LEU D 73 -8.59 25.29 -38.07
C LEU D 73 -9.87 25.18 -38.87
N ARG D 74 -10.33 23.96 -39.13
CA ARG D 74 -11.58 23.79 -39.87
C ARG D 74 -12.77 24.29 -39.05
N GLU D 75 -12.95 23.70 -37.89
CA GLU D 75 -14.04 24.07 -37.01
C GLU D 75 -13.99 25.57 -36.77
N ALA D 76 -12.80 26.10 -36.50
CA ALA D 76 -12.66 27.53 -36.24
C ALA D 76 -13.26 28.38 -37.36
N MET D 77 -13.05 27.90 -38.59
CA MET D 77 -13.57 28.59 -39.76
C MET D 77 -15.05 28.30 -39.95
N ARG D 78 -15.52 27.18 -39.45
CA ARG D 78 -16.91 26.84 -39.60
C ARG D 78 -17.79 27.72 -38.70
N CYS D 79 -17.23 28.17 -37.58
CA CYS D 79 -17.96 29.00 -36.64
C CYS D 79 -18.43 30.28 -37.31
N LEU D 80 -19.70 30.64 -37.11
CA LEU D 80 -20.26 31.84 -37.73
C LEU D 80 -19.76 33.13 -37.06
N LYS D 81 -19.23 32.99 -35.84
CA LYS D 81 -18.69 34.12 -35.09
C LYS D 81 -19.79 35.17 -34.93
N CYS D 82 -20.94 34.69 -34.50
CA CYS D 82 -22.15 35.48 -34.33
C CYS D 82 -22.08 36.73 -33.46
N ALA D 83 -23.03 37.64 -33.71
CA ALA D 83 -23.14 38.87 -32.96
C ALA D 83 -23.94 38.55 -31.70
N ASP D 84 -23.61 39.21 -30.60
CA ASP D 84 -24.31 38.94 -29.33
C ASP D 84 -24.48 37.44 -29.21
N ALA D 85 -23.40 36.71 -29.47
CA ALA D 85 -23.40 35.24 -29.44
C ALA D 85 -24.08 34.63 -28.22
N PRO D 86 -24.97 33.65 -28.47
CA PRO D 86 -25.74 32.91 -27.48
C PRO D 86 -24.90 31.92 -26.69
N CYS D 87 -23.85 31.43 -27.33
CA CYS D 87 -22.91 30.48 -26.74
C CYS D 87 -22.26 31.10 -25.50
N GLN D 88 -21.84 32.35 -25.65
CA GLN D 88 -21.20 33.07 -24.58
C GLN D 88 -22.21 33.41 -23.49
N LYS D 89 -23.47 33.59 -23.89
CA LYS D 89 -24.53 33.87 -22.94
C LYS D 89 -24.78 32.58 -22.17
N SER D 90 -24.48 31.46 -22.83
CA SER D 90 -24.63 30.14 -22.23
C SER D 90 -23.37 29.70 -21.45
N CYS D 91 -22.33 30.53 -21.50
CA CYS D 91 -21.10 30.22 -20.78
C CYS D 91 -21.10 30.95 -19.44
N PRO D 92 -20.87 30.21 -18.35
CA PRO D 92 -20.86 30.78 -16.99
C PRO D 92 -19.81 31.87 -16.75
N THR D 93 -18.74 31.88 -17.52
CA THR D 93 -17.72 32.89 -17.33
C THR D 93 -17.71 33.91 -18.45
N HIS D 94 -18.79 33.93 -19.22
CA HIS D 94 -18.96 34.88 -20.32
C HIS D 94 -17.78 34.99 -21.30
N LEU D 95 -17.09 33.88 -21.56
CA LEU D 95 -15.96 33.91 -22.49
C LEU D 95 -16.37 34.46 -23.83
N ASP D 96 -15.60 35.39 -24.36
CA ASP D 96 -15.91 35.98 -25.65
C ASP D 96 -15.53 34.93 -26.71
N ILE D 97 -16.38 33.92 -26.84
CA ILE D 97 -16.14 32.84 -27.81
C ILE D 97 -15.98 33.36 -29.24
N LYS D 98 -16.91 34.19 -29.70
CA LYS D 98 -16.81 34.74 -31.06
C LYS D 98 -15.39 35.19 -31.30
N SER D 99 -14.90 36.04 -30.41
CA SER D 99 -13.55 36.58 -30.52
C SER D 99 -12.44 35.55 -30.52
N PHE D 100 -12.39 34.71 -29.49
CA PHE D 100 -11.32 33.72 -29.41
C PHE D 100 -11.37 32.68 -30.51
N ILE D 101 -12.55 32.40 -31.06
CA ILE D 101 -12.63 31.45 -32.14
C ILE D 101 -12.22 32.16 -33.43
N THR D 102 -12.46 33.45 -33.51
CA THR D 102 -12.07 34.20 -34.71
C THR D 102 -10.55 34.13 -34.77
N SER D 103 -9.93 34.37 -33.63
CA SER D 103 -8.48 34.37 -33.50
C SER D 103 -7.90 33.03 -33.94
N ILE D 104 -8.55 31.95 -33.55
CA ILE D 104 -8.09 30.61 -33.92
C ILE D 104 -8.12 30.44 -35.43
N SER D 105 -9.25 30.80 -36.05
CA SER D 105 -9.39 30.66 -37.48
C SER D 105 -8.35 31.51 -38.20
N ASN D 106 -7.79 32.49 -37.52
CA ASN D 106 -6.77 33.32 -38.15
C ASN D 106 -5.40 32.90 -37.67
N LYS D 107 -5.31 31.70 -37.10
CA LYS D 107 -4.05 31.17 -36.60
C LYS D 107 -3.37 31.99 -35.51
N ASN D 108 -4.11 32.86 -34.83
CA ASN D 108 -3.54 33.66 -33.75
C ASN D 108 -3.88 33.07 -32.40
N TYR D 109 -3.36 31.88 -32.16
CA TYR D 109 -3.60 31.14 -30.94
C TYR D 109 -3.37 31.90 -29.63
N TYR D 110 -2.33 32.72 -29.59
CA TYR D 110 -2.06 33.52 -28.40
C TYR D 110 -3.29 34.35 -28.13
N GLY D 111 -3.66 35.17 -29.12
CA GLY D 111 -4.83 36.02 -29.00
C GLY D 111 -6.02 35.26 -28.44
N ALA D 112 -6.29 34.10 -29.03
CA ALA D 112 -7.39 33.28 -28.59
C ALA D 112 -7.16 32.89 -27.13
N ALA D 113 -5.95 32.42 -26.84
CA ALA D 113 -5.62 32.00 -25.48
C ALA D 113 -5.74 33.14 -24.48
N LYS D 114 -5.38 34.34 -24.92
CA LYS D 114 -5.47 35.50 -24.06
C LYS D 114 -6.93 35.76 -23.74
N MET D 115 -7.76 35.82 -24.79
CA MET D 115 -9.19 36.07 -24.65
C MET D 115 -9.86 35.10 -23.70
N ILE D 116 -9.51 33.82 -23.82
CA ILE D 116 -10.05 32.76 -22.98
C ILE D 116 -9.67 32.93 -21.49
N PHE D 117 -8.38 33.11 -21.24
CA PHE D 117 -7.93 33.27 -19.86
C PHE D 117 -8.28 34.62 -19.31
N SER D 118 -8.70 35.55 -20.15
CA SER D 118 -9.07 36.85 -19.63
C SER D 118 -10.33 36.69 -18.82
N ASP D 119 -11.18 35.77 -19.23
CA ASP D 119 -12.42 35.54 -18.49
C ASP D 119 -12.44 34.22 -17.74
N ASN D 120 -11.43 33.38 -17.96
CA ASN D 120 -11.39 32.09 -17.27
C ASN D 120 -9.95 31.67 -16.95
N PRO D 121 -9.52 31.90 -15.70
CA PRO D 121 -8.17 31.55 -15.26
C PRO D 121 -7.92 30.07 -15.52
N LEU D 122 -8.98 29.28 -15.55
CA LEU D 122 -8.86 27.86 -15.78
C LEU D 122 -9.33 27.48 -17.18
N GLY D 123 -8.97 28.32 -18.15
CA GLY D 123 -9.36 28.08 -19.52
C GLY D 123 -9.08 26.68 -20.03
N LEU D 124 -7.83 26.25 -19.99
CA LEU D 124 -7.46 24.93 -20.48
C LEU D 124 -8.24 23.80 -19.84
N THR D 125 -8.48 23.90 -18.54
CA THR D 125 -9.22 22.87 -17.82
C THR D 125 -10.67 22.82 -18.28
N CYS D 126 -11.35 23.95 -18.18
CA CYS D 126 -12.74 24.04 -18.59
C CYS D 126 -12.92 23.50 -20.00
N GLY D 127 -12.12 23.99 -20.94
CA GLY D 127 -12.22 23.53 -22.31
C GLY D 127 -12.18 22.02 -22.46
N MET D 128 -11.73 21.34 -21.40
CA MET D 128 -11.62 19.88 -21.43
C MET D 128 -12.72 19.19 -20.65
N VAL D 129 -13.25 19.88 -19.65
CA VAL D 129 -14.27 19.28 -18.82
C VAL D 129 -15.65 19.89 -18.89
N CYS D 130 -15.75 21.17 -19.22
CA CYS D 130 -17.08 21.77 -19.29
C CYS D 130 -18.04 20.92 -20.09
N PRO D 131 -19.21 20.62 -19.49
CA PRO D 131 -20.28 19.81 -20.07
C PRO D 131 -20.97 20.74 -21.07
N THR D 132 -20.19 21.19 -22.05
CA THR D 132 -20.63 22.10 -23.09
C THR D 132 -22.06 21.92 -23.62
N SER D 133 -22.52 20.67 -23.75
CA SER D 133 -23.86 20.41 -24.27
C SER D 133 -24.99 21.03 -23.44
N ASP D 134 -24.78 21.25 -22.15
CA ASP D 134 -25.80 21.86 -21.31
C ASP D 134 -25.43 23.33 -21.08
N LEU D 135 -24.26 23.72 -21.59
CA LEU D 135 -23.77 25.09 -21.45
C LEU D 135 -23.72 25.88 -22.77
N CYS D 136 -22.55 26.43 -23.08
CA CYS D 136 -22.35 27.22 -24.29
C CYS D 136 -22.82 26.57 -25.59
N VAL D 137 -22.35 25.36 -25.87
CA VAL D 137 -22.74 24.65 -27.07
C VAL D 137 -24.26 24.45 -27.13
N GLY D 138 -24.90 24.49 -25.96
CA GLY D 138 -26.33 24.32 -25.90
C GLY D 138 -27.05 25.43 -26.65
N GLY D 139 -26.42 26.60 -26.72
CA GLY D 139 -27.03 27.72 -27.41
C GLY D 139 -26.44 28.08 -28.76
N CYS D 140 -25.49 27.28 -29.23
CA CYS D 140 -24.82 27.51 -30.51
C CYS D 140 -25.79 27.62 -31.69
N ASN D 141 -25.80 28.77 -32.34
CA ASN D 141 -26.67 28.97 -33.48
C ASN D 141 -26.48 27.88 -34.55
N LEU D 142 -25.25 27.40 -34.72
CA LEU D 142 -25.02 26.37 -35.71
C LEU D 142 -25.70 25.06 -35.40
N TYR D 143 -26.44 25.01 -34.30
CA TYR D 143 -27.15 23.79 -33.94
C TYR D 143 -28.28 23.70 -34.98
N ALA D 144 -28.65 24.86 -35.53
CA ALA D 144 -29.72 24.94 -36.52
C ALA D 144 -29.24 24.65 -37.96
N THR D 145 -28.19 23.85 -38.06
CA THR D 145 -27.67 23.45 -39.35
C THR D 145 -27.51 21.94 -39.27
N GLU D 146 -27.55 21.27 -40.42
CA GLU D 146 -27.41 19.83 -40.46
C GLU D 146 -26.07 19.40 -39.87
N GLU D 147 -25.03 20.19 -40.10
CA GLU D 147 -23.71 19.87 -39.57
C GLU D 147 -23.63 19.96 -38.04
N GLY D 148 -24.38 20.86 -37.43
CA GLY D 148 -24.37 20.95 -35.97
C GLY D 148 -23.58 22.07 -35.29
N SER D 149 -23.68 22.14 -33.97
CA SER D 149 -23.01 23.13 -33.16
C SER D 149 -21.50 23.02 -33.21
N ILE D 150 -20.84 24.15 -32.95
CA ILE D 150 -19.39 24.22 -32.95
C ILE D 150 -18.76 23.66 -31.68
N ASN D 151 -17.75 22.81 -31.84
CA ASN D 151 -17.03 22.16 -30.74
C ASN D 151 -16.25 23.23 -29.95
N ILE D 152 -16.97 24.15 -29.34
CA ILE D 152 -16.32 25.23 -28.62
C ILE D 152 -15.28 24.68 -27.68
N GLY D 153 -15.68 23.73 -26.84
CA GLY D 153 -14.76 23.13 -25.87
C GLY D 153 -13.39 22.76 -26.43
N GLY D 154 -13.38 21.94 -27.47
CA GLY D 154 -12.13 21.54 -28.08
C GLY D 154 -11.36 22.74 -28.63
N LEU D 155 -12.06 23.67 -29.28
CA LEU D 155 -11.41 24.86 -29.82
C LEU D 155 -10.71 25.62 -28.70
N GLN D 156 -11.33 25.62 -27.53
CA GLN D 156 -10.75 26.29 -26.37
C GLN D 156 -9.53 25.50 -25.92
N GLN D 157 -9.71 24.20 -25.79
CA GLN D 157 -8.63 23.32 -25.36
C GLN D 157 -7.40 23.56 -26.23
N PHE D 158 -7.57 23.44 -27.54
CA PHE D 158 -6.47 23.65 -28.49
C PHE D 158 -5.71 24.95 -28.30
N ALA D 159 -6.40 26.09 -28.40
CA ALA D 159 -5.75 27.39 -28.25
C ALA D 159 -5.02 27.48 -26.92
N SER D 160 -5.62 26.89 -25.89
CA SER D 160 -5.01 26.89 -24.58
C SER D 160 -3.77 26.00 -24.59
N GLU D 161 -3.89 24.82 -25.19
CA GLU D 161 -2.77 23.88 -25.26
C GLU D 161 -1.59 24.48 -26.02
N VAL D 162 -1.87 25.19 -27.11
CA VAL D 162 -0.81 25.80 -27.88
C VAL D 162 -0.15 26.89 -27.05
N PHE D 163 -0.94 27.65 -26.31
CA PHE D 163 -0.41 28.73 -25.49
C PHE D 163 0.48 28.20 -24.37
N LYS D 164 0.04 27.09 -23.76
CA LYS D 164 0.77 26.45 -22.68
C LYS D 164 2.14 26.00 -23.21
N ALA D 165 2.16 25.51 -24.45
CA ALA D 165 3.40 25.06 -25.05
C ALA D 165 4.37 26.19 -25.30
N MET D 166 3.86 27.40 -25.48
CA MET D 166 4.72 28.55 -25.74
C MET D 166 5.52 28.93 -24.50
N ASN D 167 5.10 28.43 -23.36
CA ASN D 167 5.77 28.72 -22.09
C ASN D 167 5.99 30.20 -21.85
N ILE D 168 4.90 30.94 -21.76
CA ILE D 168 4.95 32.38 -21.52
C ILE D 168 4.27 32.61 -20.16
N PRO D 169 4.86 33.47 -19.33
CA PRO D 169 4.28 33.75 -18.02
C PRO D 169 3.25 34.87 -18.02
N GLN D 170 2.49 34.95 -16.93
CA GLN D 170 1.48 35.98 -16.79
C GLN D 170 2.19 37.12 -16.07
N ILE D 171 1.69 38.34 -16.29
CA ILE D 171 2.25 39.53 -15.69
C ILE D 171 1.08 40.42 -15.29
N ARG D 172 1.30 41.31 -14.32
CA ARG D 172 0.21 42.19 -13.90
C ARG D 172 0.00 43.22 -15.00
N ASN D 173 -1.23 43.67 -15.15
CA ASN D 173 -1.56 44.64 -16.19
C ASN D 173 -0.47 45.70 -16.25
N PRO D 174 0.03 46.01 -17.47
CA PRO D 174 1.07 47.01 -17.63
C PRO D 174 0.61 48.45 -17.42
N CYS D 175 -0.66 48.64 -17.07
CA CYS D 175 -1.18 49.98 -16.84
C CYS D 175 -1.12 50.30 -15.33
N LEU D 176 -1.08 49.26 -14.51
CA LEU D 176 -1.04 49.42 -13.06
C LEU D 176 0.19 50.14 -12.58
N PRO D 177 0.05 50.92 -11.49
CA PRO D 177 1.15 51.69 -10.90
C PRO D 177 2.21 50.71 -10.41
N SER D 178 3.45 51.17 -10.28
CA SER D 178 4.51 50.29 -9.82
C SER D 178 4.22 49.79 -8.41
N GLN D 179 4.68 48.58 -8.13
CA GLN D 179 4.46 47.96 -6.84
C GLN D 179 4.44 48.90 -5.64
N GLU D 180 5.52 49.64 -5.45
CA GLU D 180 5.59 50.54 -4.30
C GLU D 180 4.66 51.76 -4.37
N LYS D 181 4.17 52.10 -5.55
CA LYS D 181 3.27 53.26 -5.70
C LYS D 181 1.84 52.84 -5.52
N MET D 182 1.64 51.59 -5.11
CA MET D 182 0.32 51.04 -4.89
C MET D 182 -0.17 51.48 -3.52
N PRO D 183 -1.43 51.93 -3.42
CA PRO D 183 -1.98 52.36 -2.14
C PRO D 183 -1.77 51.32 -1.05
N GLU D 184 -1.95 51.72 0.21
CA GLU D 184 -1.75 50.78 1.31
C GLU D 184 -2.77 49.66 1.20
N ALA D 185 -4.03 50.03 1.06
CA ALA D 185 -5.12 49.06 0.93
C ALA D 185 -4.75 47.73 0.29
N TYR D 186 -4.00 47.77 -0.81
CA TYR D 186 -3.63 46.56 -1.54
C TYR D 186 -2.63 45.59 -0.88
N SER D 187 -2.11 45.98 0.28
CA SER D 187 -1.17 45.11 0.96
C SER D 187 -1.87 44.31 2.05
N ALA D 188 -3.19 44.48 2.14
CA ALA D 188 -4.00 43.76 3.12
C ALA D 188 -3.81 42.26 2.95
N LYS D 189 -3.77 41.55 4.08
CA LYS D 189 -3.60 40.09 4.08
C LYS D 189 -4.89 39.37 3.71
N ILE D 190 -4.87 38.72 2.55
CA ILE D 190 -6.03 37.99 2.08
C ILE D 190 -5.79 36.49 2.23
N ALA D 191 -6.82 35.80 2.70
CA ALA D 191 -6.75 34.37 2.92
C ALA D 191 -7.89 33.63 2.23
N LEU D 192 -7.55 32.51 1.61
CA LEU D 192 -8.53 31.69 0.92
C LEU D 192 -8.36 30.23 1.36
N LEU D 193 -9.47 29.58 1.67
CA LEU D 193 -9.42 28.20 2.10
C LEU D 193 -9.77 27.25 0.97
N GLY D 194 -8.89 26.28 0.74
CA GLY D 194 -9.09 25.30 -0.32
C GLY D 194 -8.48 25.75 -1.65
N ALA D 195 -7.52 24.99 -2.17
CA ALA D 195 -6.89 25.36 -3.44
C ALA D 195 -7.68 24.75 -4.59
N GLY D 196 -8.96 25.06 -4.62
CA GLY D 196 -9.84 24.55 -5.66
C GLY D 196 -10.22 25.63 -6.64
N PRO D 197 -10.74 25.26 -7.81
CA PRO D 197 -11.15 26.16 -8.89
C PRO D 197 -11.64 27.50 -8.39
N ALA D 198 -12.62 27.48 -7.49
CA ALA D 198 -13.19 28.71 -6.95
C ALA D 198 -12.08 29.61 -6.41
N SER D 199 -11.33 29.08 -5.47
CA SER D 199 -10.23 29.82 -4.85
C SER D 199 -9.14 30.22 -5.85
N ILE D 200 -8.77 29.31 -6.73
CA ILE D 200 -7.74 29.59 -7.72
C ILE D 200 -8.18 30.72 -8.62
N SER D 201 -9.45 30.72 -8.97
CA SER D 201 -10.02 31.75 -9.82
C SER D 201 -9.93 33.04 -9.05
N CYS D 202 -10.60 33.04 -7.90
CA CYS D 202 -10.67 34.17 -6.98
C CYS D 202 -9.34 34.89 -6.75
N ALA D 203 -8.39 34.19 -6.13
CA ALA D 203 -7.06 34.71 -5.85
C ALA D 203 -6.42 35.34 -7.07
N SER D 204 -6.60 34.68 -8.22
CA SER D 204 -6.05 35.18 -9.48
C SER D 204 -6.56 36.57 -9.80
N PHE D 205 -7.88 36.74 -9.82
CA PHE D 205 -8.42 38.06 -10.12
C PHE D 205 -7.99 39.09 -9.06
N LEU D 206 -8.01 38.67 -7.80
CA LEU D 206 -7.59 39.56 -6.73
C LEU D 206 -6.16 40.01 -7.03
N ALA D 207 -5.32 39.06 -7.42
CA ALA D 207 -3.93 39.37 -7.76
C ALA D 207 -3.89 40.33 -8.95
N ARG D 208 -4.76 40.11 -9.93
CA ARG D 208 -4.79 40.96 -11.12
C ARG D 208 -5.06 42.40 -10.70
N LEU D 209 -5.93 42.53 -9.69
CA LEU D 209 -6.33 43.84 -9.16
C LEU D 209 -5.18 44.61 -8.54
N GLY D 210 -4.16 43.87 -8.09
CA GLY D 210 -3.01 44.52 -7.50
C GLY D 210 -2.62 44.03 -6.13
N TYR D 211 -3.56 43.39 -5.43
CA TYR D 211 -3.32 42.86 -4.09
C TYR D 211 -2.06 42.00 -3.95
N SER D 212 -1.15 42.42 -3.07
CA SER D 212 0.11 41.71 -2.89
C SER D 212 0.27 40.65 -1.80
N ASP D 213 -0.75 40.48 -0.97
CA ASP D 213 -0.67 39.47 0.10
C ASP D 213 -1.85 38.50 0.01
N ILE D 214 -1.74 37.51 -0.87
CA ILE D 214 -2.80 36.54 -1.05
C ILE D 214 -2.28 35.13 -0.76
N THR D 215 -2.88 34.48 0.24
CA THR D 215 -2.44 33.14 0.62
C THR D 215 -3.58 32.13 0.58
N ILE D 216 -3.34 30.99 -0.08
CA ILE D 216 -4.34 29.94 -0.18
C ILE D 216 -3.96 28.82 0.78
N PHE D 217 -4.89 28.44 1.65
CA PHE D 217 -4.63 27.37 2.61
C PHE D 217 -5.31 26.07 2.23
N GLU D 218 -4.52 25.19 1.61
CA GLU D 218 -5.00 23.89 1.16
C GLU D 218 -4.81 22.79 2.20
N LYS D 219 -5.89 22.09 2.50
CA LYS D 219 -5.84 21.01 3.47
C LYS D 219 -4.89 19.90 3.03
N GLN D 220 -5.14 19.30 1.87
CA GLN D 220 -4.29 18.21 1.39
C GLN D 220 -2.89 18.63 1.00
N GLU D 221 -2.11 17.68 0.48
CA GLU D 221 -0.74 17.94 0.08
C GLU D 221 -0.66 18.26 -1.41
N TYR D 222 -1.79 18.16 -2.08
CA TYR D 222 -1.87 18.43 -3.52
C TYR D 222 -2.79 19.64 -3.79
N VAL D 223 -2.55 20.31 -4.91
CA VAL D 223 -3.37 21.46 -5.26
C VAL D 223 -4.29 21.17 -6.45
N GLY D 224 -5.28 22.03 -6.66
CA GLY D 224 -6.18 21.86 -7.77
C GLY D 224 -7.55 21.34 -7.42
N GLY D 225 -7.75 20.93 -6.18
CA GLY D 225 -9.05 20.43 -5.79
C GLY D 225 -9.55 19.27 -6.64
N LEU D 226 -10.86 19.06 -6.64
CA LEU D 226 -11.50 17.97 -7.38
C LEU D 226 -10.82 17.70 -8.70
N SER D 227 -10.51 18.77 -9.41
CA SER D 227 -9.90 18.68 -10.72
C SER D 227 -8.67 17.79 -10.69
N THR D 228 -8.15 17.56 -9.50
CA THR D 228 -6.99 16.69 -9.34
C THR D 228 -7.31 15.44 -8.56
N SER D 229 -8.05 15.60 -7.47
CA SER D 229 -8.41 14.49 -6.60
C SER D 229 -9.36 13.47 -7.19
N GLU D 230 -10.25 13.89 -8.09
CA GLU D 230 -11.23 12.96 -8.65
C GLU D 230 -11.41 12.86 -10.19
N ILE D 231 -11.51 14.00 -10.88
CA ILE D 231 -11.67 13.95 -12.33
C ILE D 231 -10.56 13.10 -12.93
N PRO D 232 -10.95 12.06 -13.69
CA PRO D 232 -10.01 11.13 -14.35
C PRO D 232 -8.90 11.72 -15.22
N GLN D 233 -7.74 11.09 -15.14
CA GLN D 233 -6.58 11.48 -15.91
C GLN D 233 -6.92 11.43 -17.39
N PHE D 234 -7.66 10.40 -17.80
CA PHE D 234 -8.04 10.25 -19.19
C PHE D 234 -9.08 11.25 -19.69
N ARG D 235 -9.47 12.19 -18.83
CA ARG D 235 -10.40 13.26 -19.22
C ARG D 235 -9.66 14.57 -19.05
N LEU D 236 -8.96 14.71 -17.94
CA LEU D 236 -8.22 15.93 -17.63
C LEU D 236 -6.84 15.63 -17.06
N PRO D 237 -5.78 15.80 -17.87
CA PRO D 237 -4.39 15.54 -17.42
C PRO D 237 -4.01 16.45 -16.26
N TYR D 238 -3.43 15.87 -15.20
CA TYR D 238 -3.02 16.64 -14.04
C TYR D 238 -2.04 17.73 -14.45
N ASP D 239 -1.34 17.49 -15.54
CA ASP D 239 -0.38 18.41 -16.11
C ASP D 239 -1.03 19.76 -16.41
N VAL D 240 -2.29 19.72 -16.81
CA VAL D 240 -3.05 20.94 -17.12
C VAL D 240 -3.24 21.76 -15.85
N VAL D 241 -3.67 21.08 -14.79
CA VAL D 241 -3.90 21.74 -13.52
C VAL D 241 -2.66 22.53 -13.15
N ASN D 242 -1.54 21.83 -13.03
CA ASN D 242 -0.29 22.47 -12.68
C ASN D 242 -0.06 23.71 -13.54
N PHE D 243 -0.26 23.57 -14.84
CA PHE D 243 -0.06 24.69 -15.76
C PHE D 243 -0.79 25.95 -15.33
N GLU D 244 -2.08 25.81 -15.04
CA GLU D 244 -2.87 26.95 -14.65
C GLU D 244 -2.50 27.43 -13.27
N ILE D 245 -2.11 26.50 -12.39
CA ILE D 245 -1.71 26.87 -11.05
C ILE D 245 -0.51 27.78 -11.12
N GLU D 246 0.49 27.39 -11.90
CA GLU D 246 1.68 28.21 -12.06
C GLU D 246 1.33 29.60 -12.58
N LEU D 247 0.44 29.66 -13.55
CA LEU D 247 0.03 30.95 -14.10
C LEU D 247 -0.39 31.89 -12.99
N MET D 248 -1.10 31.35 -12.01
CA MET D 248 -1.58 32.13 -10.89
C MET D 248 -0.41 32.64 -10.08
N LYS D 249 0.49 31.73 -9.73
CA LYS D 249 1.67 32.08 -8.95
C LYS D 249 2.50 33.18 -9.64
N ASP D 250 2.52 33.20 -10.96
CA ASP D 250 3.27 34.25 -11.62
C ASP D 250 2.82 35.61 -11.09
N LEU D 251 1.58 35.68 -10.62
CA LEU D 251 1.05 36.92 -10.06
C LEU D 251 1.28 37.07 -8.58
N GLY D 252 2.16 36.24 -8.04
CA GLY D 252 2.48 36.32 -6.63
C GLY D 252 1.64 35.54 -5.65
N VAL D 253 0.48 35.04 -6.04
CA VAL D 253 -0.35 34.28 -5.10
C VAL D 253 0.48 33.21 -4.39
N LYS D 254 0.16 32.97 -3.13
CA LYS D 254 0.88 31.98 -2.32
C LYS D 254 -0.01 30.83 -1.86
N ILE D 255 0.51 29.62 -1.97
CA ILE D 255 -0.23 28.45 -1.55
C ILE D 255 0.55 27.71 -0.46
N ILE D 256 -0.18 27.24 0.54
CA ILE D 256 0.41 26.48 1.65
C ILE D 256 -0.40 25.22 1.92
N CYS D 257 0.16 24.07 1.55
CA CYS D 257 -0.50 22.78 1.77
C CYS D 257 -0.33 22.40 3.23
N GLY D 258 -1.18 21.50 3.71
CA GLY D 258 -1.06 21.05 5.08
C GLY D 258 -1.85 21.82 6.10
N LYS D 259 -2.48 22.90 5.67
CA LYS D 259 -3.28 23.72 6.59
C LYS D 259 -4.77 23.51 6.33
N SER D 260 -5.55 23.29 7.39
CA SER D 260 -6.98 23.06 7.21
C SER D 260 -7.85 24.08 7.91
N LEU D 261 -9.10 24.14 7.48
CA LEU D 261 -10.07 25.05 8.06
C LEU D 261 -10.94 24.23 9.02
N SER D 262 -10.51 24.13 10.27
CA SER D 262 -11.23 23.39 11.29
C SER D 262 -10.84 23.90 12.69
N GLU D 263 -11.66 23.55 13.68
CA GLU D 263 -11.51 23.95 15.09
C GLU D 263 -10.07 23.92 15.64
N ASN D 264 -9.34 22.86 15.31
CA ASN D 264 -7.98 22.71 15.80
C ASN D 264 -6.94 23.42 14.97
N GLU D 265 -7.33 23.91 13.81
CA GLU D 265 -6.39 24.57 12.97
C GLU D 265 -6.75 26.01 12.74
N ILE D 266 -7.08 26.31 11.50
CA ILE D 266 -7.44 27.65 11.12
C ILE D 266 -8.92 27.89 11.21
N THR D 267 -9.27 29.11 11.61
CA THR D 267 -10.66 29.51 11.73
C THR D 267 -10.80 30.98 11.45
N LEU D 268 -12.03 31.42 11.23
CA LEU D 268 -12.31 32.83 10.95
C LEU D 268 -11.67 33.72 12.02
N ASN D 269 -11.76 33.28 13.27
CA ASN D 269 -11.20 34.03 14.39
C ASN D 269 -9.69 34.08 14.34
N THR D 270 -9.05 32.92 14.20
CA THR D 270 -7.59 32.86 14.13
C THR D 270 -7.11 33.81 13.04
N LEU D 271 -7.84 33.83 11.93
CA LEU D 271 -7.49 34.67 10.80
C LEU D 271 -7.65 36.13 11.15
N LYS D 272 -8.80 36.47 11.71
CA LYS D 272 -9.09 37.84 12.09
C LYS D 272 -8.00 38.29 13.05
N GLU D 273 -7.76 37.46 14.07
CA GLU D 273 -6.75 37.74 15.07
C GLU D 273 -5.37 37.92 14.46
N GLU D 274 -5.09 37.17 13.40
CA GLU D 274 -3.78 37.27 12.77
C GLU D 274 -3.62 38.49 11.88
N GLY D 275 -4.72 39.21 11.66
CA GLY D 275 -4.64 40.41 10.84
C GLY D 275 -5.17 40.34 9.41
N TYR D 276 -5.79 39.22 9.04
CA TYR D 276 -6.33 39.09 7.70
C TYR D 276 -7.57 39.97 7.57
N LYS D 277 -7.59 40.80 6.53
CA LYS D 277 -8.71 41.72 6.32
C LYS D 277 -9.91 41.13 5.60
N ALA D 278 -9.70 40.03 4.89
CA ALA D 278 -10.80 39.39 4.18
C ALA D 278 -10.46 37.94 3.86
N ALA D 279 -11.49 37.09 3.83
CA ALA D 279 -11.28 35.69 3.56
C ALA D 279 -12.33 35.09 2.65
N PHE D 280 -11.86 34.23 1.75
CA PHE D 280 -12.72 33.55 0.79
C PHE D 280 -12.74 32.04 1.11
N ILE D 281 -13.94 31.51 1.37
CA ILE D 281 -14.07 30.09 1.67
C ILE D 281 -14.36 29.33 0.38
N GLY D 282 -13.51 28.36 0.06
CA GLY D 282 -13.71 27.59 -1.15
C GLY D 282 -13.19 26.19 -0.95
N ILE D 283 -13.78 25.50 0.04
CA ILE D 283 -13.37 24.14 0.37
C ILE D 283 -14.25 23.09 -0.29
N GLY D 284 -15.34 23.54 -0.92
CA GLY D 284 -16.25 22.61 -1.57
C GLY D 284 -17.01 21.71 -0.62
N LEU D 285 -17.30 20.50 -1.08
CA LEU D 285 -18.03 19.52 -0.28
C LEU D 285 -17.11 18.30 -0.10
N PRO D 286 -16.18 18.41 0.87
CA PRO D 286 -15.15 17.45 1.28
C PRO D 286 -15.54 16.02 1.64
N GLU D 287 -16.76 15.83 2.13
CA GLU D 287 -17.18 14.51 2.57
C GLU D 287 -18.23 13.83 1.70
N PRO D 288 -18.15 12.49 1.61
CA PRO D 288 -19.08 11.68 0.81
C PRO D 288 -20.43 11.59 1.46
N LYS D 289 -21.48 11.49 0.65
CA LYS D 289 -22.82 11.36 1.19
C LYS D 289 -22.94 9.86 1.48
N THR D 290 -23.02 9.51 2.76
CA THR D 290 -23.11 8.11 3.17
C THR D 290 -24.54 7.64 3.41
N ASP D 291 -24.72 6.33 3.43
CA ASP D 291 -26.02 5.74 3.71
C ASP D 291 -25.83 4.63 4.73
N ASP D 292 -26.86 4.45 5.54
CA ASP D 292 -26.87 3.44 6.59
C ASP D 292 -26.40 2.08 6.06
N ILE D 293 -27.09 1.59 5.05
CA ILE D 293 -26.76 0.28 4.47
C ILE D 293 -25.29 -0.02 4.27
N PHE D 294 -24.45 1.00 4.25
CA PHE D 294 -23.03 0.77 4.02
C PHE D 294 -22.19 0.87 5.29
N GLN D 295 -22.88 0.95 6.41
CA GLN D 295 -22.22 1.05 7.71
C GLN D 295 -21.30 -0.13 7.97
N GLY D 296 -20.08 0.16 8.42
CA GLY D 296 -19.13 -0.90 8.74
C GLY D 296 -18.34 -1.49 7.60
N LEU D 297 -18.84 -1.35 6.38
CA LEU D 297 -18.13 -1.90 5.22
C LEU D 297 -16.82 -1.17 4.97
N THR D 298 -15.81 -1.89 4.51
CA THR D 298 -14.50 -1.28 4.28
C THR D 298 -13.92 -1.64 2.92
N GLN D 299 -12.85 -0.94 2.54
CA GLN D 299 -12.22 -1.19 1.25
C GLN D 299 -11.79 -2.63 1.06
N ASP D 300 -11.23 -3.21 2.12
CA ASP D 300 -10.77 -4.60 2.07
C ASP D 300 -11.88 -5.53 1.65
N GLN D 301 -13.10 -5.22 2.08
CA GLN D 301 -14.27 -6.02 1.74
C GLN D 301 -14.67 -5.79 0.29
N GLY D 302 -14.40 -4.57 -0.19
CA GLY D 302 -14.74 -4.22 -1.56
C GLY D 302 -15.78 -3.11 -1.62
N PHE D 303 -15.73 -2.18 -0.67
CA PHE D 303 -16.67 -1.06 -0.66
C PHE D 303 -15.95 0.26 -0.65
N TYR D 304 -16.42 1.18 -1.47
CA TYR D 304 -15.84 2.52 -1.57
C TYR D 304 -16.94 3.53 -1.76
N THR D 305 -16.58 4.80 -1.69
CA THR D 305 -17.51 5.88 -1.95
C THR D 305 -16.69 6.69 -2.94
N SER D 306 -17.35 7.37 -3.88
CA SER D 306 -16.63 8.16 -4.87
C SER D 306 -15.41 8.79 -4.21
N LYS D 307 -15.64 9.38 -3.03
CA LYS D 307 -14.61 10.05 -2.24
C LYS D 307 -13.44 9.15 -1.80
N ASP D 308 -13.67 7.85 -1.78
CA ASP D 308 -12.64 6.92 -1.39
C ASP D 308 -11.89 6.41 -2.61
N PHE D 309 -12.67 5.91 -3.57
CA PHE D 309 -12.14 5.32 -4.78
C PHE D 309 -11.41 6.27 -5.74
N LEU D 310 -12.13 7.20 -6.34
CA LEU D 310 -11.52 8.11 -7.31
C LEU D 310 -10.20 8.74 -6.87
N PRO D 311 -10.11 9.14 -5.59
CA PRO D 311 -8.85 9.75 -5.14
C PRO D 311 -7.68 8.76 -5.23
N LEU D 312 -7.97 7.49 -5.04
CA LEU D 312 -6.92 6.49 -5.11
C LEU D 312 -6.41 6.39 -6.54
N VAL D 313 -7.33 6.22 -7.48
CA VAL D 313 -6.96 6.10 -8.88
C VAL D 313 -6.24 7.37 -9.33
N ALA D 314 -6.67 8.50 -8.81
CA ALA D 314 -6.07 9.79 -9.13
C ALA D 314 -4.60 9.68 -8.77
N LYS D 315 -4.36 9.64 -7.46
CA LYS D 315 -3.02 9.54 -6.89
C LYS D 315 -2.15 8.56 -7.65
N SER D 316 -2.76 7.49 -8.13
CA SER D 316 -2.05 6.45 -8.84
C SER D 316 -1.69 6.78 -10.30
N SER D 317 -2.63 7.38 -11.02
CA SER D 317 -2.42 7.66 -12.43
C SER D 317 -1.92 9.07 -12.75
N LYS D 318 -1.96 9.94 -11.76
CA LYS D 318 -1.55 11.33 -11.93
C LYS D 318 -0.12 11.59 -11.46
N ALA D 319 0.82 11.50 -12.39
CA ALA D 319 2.23 11.71 -12.11
C ALA D 319 2.45 13.14 -11.64
N GLY D 320 2.93 13.28 -10.41
CA GLY D 320 3.21 14.60 -9.86
C GLY D 320 2.21 15.05 -8.82
N MET D 321 1.17 14.25 -8.60
CA MET D 321 0.13 14.56 -7.63
C MET D 321 0.64 14.38 -6.21
N CYS D 322 0.88 13.12 -5.85
CA CYS D 322 1.39 12.81 -4.52
C CYS D 322 2.90 12.69 -4.55
N ALA D 323 3.53 13.05 -3.44
CA ALA D 323 4.99 12.99 -3.32
C ALA D 323 5.49 11.57 -3.58
N CYS D 324 4.90 10.62 -2.86
CA CYS D 324 5.25 9.20 -2.96
C CYS D 324 4.49 8.51 -4.11
N HIS D 325 4.98 7.35 -4.54
CA HIS D 325 4.30 6.64 -5.61
C HIS D 325 3.31 5.61 -5.07
N SER D 326 2.05 5.76 -5.47
CA SER D 326 0.96 4.89 -5.04
C SER D 326 0.61 3.82 -6.07
N PRO D 327 -0.01 2.73 -5.62
CA PRO D 327 -0.43 1.60 -6.47
C PRO D 327 -1.88 1.75 -6.95
N LEU D 328 -2.14 1.27 -8.16
CA LEU D 328 -3.49 1.34 -8.72
C LEU D 328 -4.37 0.27 -8.07
N PRO D 329 -5.45 0.68 -7.39
CA PRO D 329 -6.38 -0.22 -6.72
C PRO D 329 -6.64 -1.50 -7.50
N SER D 330 -6.61 -2.63 -6.80
CA SER D 330 -6.85 -3.89 -7.47
C SER D 330 -8.32 -4.21 -7.41
N ILE D 331 -9.03 -3.88 -8.48
CA ILE D 331 -10.45 -4.15 -8.55
C ILE D 331 -10.71 -5.21 -9.62
N ARG D 332 -11.10 -6.39 -9.17
CA ARG D 332 -11.37 -7.48 -10.10
C ARG D 332 -12.72 -8.11 -9.81
N GLY D 333 -13.38 -8.56 -10.88
CA GLY D 333 -14.69 -9.16 -10.74
C GLY D 333 -15.74 -8.14 -11.15
N ALA D 334 -17.00 -8.43 -10.89
CA ALA D 334 -18.07 -7.50 -11.24
C ALA D 334 -18.15 -6.31 -10.29
N VAL D 335 -18.13 -5.10 -10.84
CA VAL D 335 -18.22 -3.90 -10.04
C VAL D 335 -19.63 -3.32 -10.19
N ILE D 336 -20.13 -2.74 -9.11
CA ILE D 336 -21.45 -2.12 -9.12
C ILE D 336 -21.35 -0.71 -8.61
N VAL D 337 -21.63 0.26 -9.48
CA VAL D 337 -21.58 1.66 -9.08
C VAL D 337 -23.02 2.08 -8.79
N LEU D 338 -23.27 2.50 -7.56
CA LEU D 338 -24.60 2.91 -7.17
C LEU D 338 -24.78 4.37 -7.48
N GLY D 339 -25.77 4.67 -8.30
CA GLY D 339 -26.03 6.06 -8.68
C GLY D 339 -25.87 6.31 -10.18
N ALA D 340 -26.50 7.39 -10.65
CA ALA D 340 -26.46 7.76 -12.06
C ALA D 340 -26.00 9.20 -12.17
N GLY D 341 -25.31 9.67 -11.14
CA GLY D 341 -24.79 11.03 -11.15
C GLY D 341 -23.64 11.05 -12.12
N ASP D 342 -23.13 12.23 -12.45
CA ASP D 342 -22.03 12.29 -13.40
C ASP D 342 -20.81 11.61 -12.76
N THR D 343 -20.71 11.67 -11.44
CA THR D 343 -19.60 11.05 -10.71
C THR D 343 -19.62 9.54 -10.90
N ALA D 344 -20.80 8.98 -10.73
CA ALA D 344 -20.99 7.55 -10.90
C ALA D 344 -20.28 7.09 -12.17
N PHE D 345 -20.45 7.85 -13.25
CA PHE D 345 -19.84 7.49 -14.52
C PHE D 345 -18.31 7.51 -14.55
N ASP D 346 -17.70 8.42 -13.80
CA ASP D 346 -16.24 8.46 -13.75
C ASP D 346 -15.77 7.22 -12.99
N CYS D 347 -16.58 6.82 -12.00
CA CYS D 347 -16.27 5.63 -11.21
C CYS D 347 -16.28 4.44 -12.15
N ALA D 348 -17.39 4.32 -12.89
CA ALA D 348 -17.54 3.24 -13.84
C ALA D 348 -16.31 3.14 -14.75
N THR D 349 -16.05 4.19 -15.53
CA THR D 349 -14.91 4.17 -16.45
C THR D 349 -13.57 3.96 -15.73
N SER D 350 -13.41 4.59 -14.56
CA SER D 350 -12.18 4.45 -13.79
C SER D 350 -11.99 2.98 -13.41
N ALA D 351 -13.04 2.42 -12.80
CA ALA D 351 -13.04 1.03 -12.37
C ALA D 351 -12.41 0.12 -13.44
N LEU D 352 -12.84 0.28 -14.69
CA LEU D 352 -12.32 -0.56 -15.76
C LEU D 352 -10.82 -0.43 -15.85
N ARG D 353 -10.31 0.76 -15.57
CA ARG D 353 -8.87 0.99 -15.62
C ARG D 353 -8.20 0.26 -14.46
N CYS D 354 -8.96 -0.02 -13.41
CA CYS D 354 -8.42 -0.75 -12.26
C CYS D 354 -8.36 -2.25 -12.49
N GLY D 355 -8.91 -2.71 -13.61
CA GLY D 355 -8.89 -4.12 -13.93
C GLY D 355 -10.24 -4.80 -13.82
N ALA D 356 -11.27 -3.99 -13.49
CA ALA D 356 -12.63 -4.50 -13.35
C ALA D 356 -13.04 -5.39 -14.53
N ARG D 357 -13.56 -6.57 -14.20
CA ARG D 357 -13.97 -7.51 -15.23
C ARG D 357 -15.26 -7.04 -15.88
N ARG D 358 -16.19 -6.53 -15.07
CA ARG D 358 -17.46 -6.05 -15.57
C ARG D 358 -17.95 -4.93 -14.66
N VAL D 359 -18.70 -3.96 -15.21
CA VAL D 359 -19.19 -2.87 -14.38
C VAL D 359 -20.65 -2.55 -14.67
N PHE D 360 -21.45 -2.51 -13.60
CA PHE D 360 -22.87 -2.20 -13.72
C PHE D 360 -23.20 -0.90 -13.01
N LEU D 361 -23.89 -0.01 -13.72
CA LEU D 361 -24.31 1.23 -13.10
C LEU D 361 -25.77 0.96 -12.78
N VAL D 362 -26.09 1.03 -11.48
CA VAL D 362 -27.46 0.79 -11.03
C VAL D 362 -27.99 2.02 -10.32
N PHE D 363 -29.04 2.61 -10.88
CA PHE D 363 -29.65 3.80 -10.30
C PHE D 363 -31.07 3.47 -9.91
N ARG D 364 -31.60 4.24 -8.96
CA ARG D 364 -32.95 4.02 -8.44
C ARG D 364 -34.08 4.54 -9.30
N LYS D 365 -33.75 5.17 -10.41
CA LYS D 365 -34.76 5.69 -11.31
C LYS D 365 -34.68 5.11 -12.71
N GLY D 366 -35.29 5.80 -13.66
CA GLY D 366 -35.26 5.30 -15.02
C GLY D 366 -34.12 5.86 -15.84
N PHE D 367 -34.00 5.36 -17.08
CA PHE D 367 -32.95 5.82 -17.97
C PHE D 367 -33.17 7.29 -18.27
N VAL D 368 -34.43 7.65 -18.48
CA VAL D 368 -34.81 9.01 -18.80
C VAL D 368 -34.50 9.94 -17.64
N ASN D 369 -34.32 9.36 -16.45
CA ASN D 369 -34.05 10.15 -15.24
C ASN D 369 -32.57 10.43 -14.97
N ILE D 370 -31.69 9.84 -15.76
CA ILE D 370 -30.26 10.05 -15.59
C ILE D 370 -30.02 11.52 -15.90
N ARG D 371 -29.47 12.28 -14.96
CA ARG D 371 -29.23 13.70 -15.22
C ARG D 371 -27.76 14.02 -15.41
N ALA D 372 -26.97 12.99 -15.68
CA ALA D 372 -25.56 13.19 -15.93
C ALA D 372 -25.48 13.66 -17.39
N VAL D 373 -24.55 14.57 -17.70
CA VAL D 373 -24.43 15.06 -19.06
C VAL D 373 -24.28 13.89 -20.04
N PRO D 374 -24.98 13.94 -21.18
CA PRO D 374 -24.93 12.90 -22.19
C PRO D 374 -23.53 12.51 -22.65
N GLU D 375 -22.65 13.48 -22.80
CA GLU D 375 -21.28 13.21 -23.24
C GLU D 375 -20.63 12.21 -22.28
N GLU D 376 -20.84 12.45 -20.98
CA GLU D 376 -20.30 11.61 -19.91
C GLU D 376 -20.87 10.21 -19.98
N VAL D 377 -22.19 10.13 -20.12
CA VAL D 377 -22.84 8.84 -20.19
C VAL D 377 -22.32 8.01 -21.35
N GLU D 378 -22.23 8.61 -22.53
CA GLU D 378 -21.74 7.91 -23.71
C GLU D 378 -20.37 7.25 -23.54
N LEU D 379 -19.46 7.89 -22.79
CA LEU D 379 -18.14 7.31 -22.58
C LEU D 379 -18.30 5.96 -21.93
N ALA D 380 -19.07 5.91 -20.86
CA ALA D 380 -19.31 4.66 -20.15
C ALA D 380 -19.90 3.65 -21.12
N LYS D 381 -21.05 4.01 -21.68
CA LYS D 381 -21.78 3.17 -22.63
C LYS D 381 -20.89 2.57 -23.70
N GLU D 382 -19.95 3.36 -24.23
CA GLU D 382 -19.10 2.85 -25.27
C GLU D 382 -17.99 1.95 -24.72
N GLU D 383 -17.66 2.12 -23.45
CA GLU D 383 -16.64 1.26 -22.85
C GLU D 383 -17.35 0.01 -22.32
N LYS D 384 -18.55 -0.19 -22.85
CA LYS D 384 -19.40 -1.32 -22.54
C LYS D 384 -19.88 -1.47 -21.10
N CYS D 385 -20.12 -0.37 -20.40
CA CYS D 385 -20.63 -0.48 -19.05
C CYS D 385 -22.12 -0.78 -19.14
N GLU D 386 -22.59 -1.68 -18.30
CA GLU D 386 -23.99 -2.06 -18.35
C GLU D 386 -24.83 -1.16 -17.44
N PHE D 387 -26.11 -1.01 -17.77
CA PHE D 387 -27.00 -0.19 -16.97
C PHE D 387 -28.19 -0.98 -16.44
N LEU D 388 -28.55 -0.71 -15.18
CA LEU D 388 -29.69 -1.37 -14.54
C LEU D 388 -30.51 -0.29 -13.86
N PRO D 389 -31.67 0.06 -14.45
CA PRO D 389 -32.56 1.08 -13.91
C PRO D 389 -33.64 0.56 -12.97
N PHE D 390 -34.24 1.48 -12.22
CA PHE D 390 -35.30 1.17 -11.27
C PHE D 390 -34.89 0.17 -10.19
N LEU D 391 -33.78 0.47 -9.52
CA LEU D 391 -33.29 -0.40 -8.46
C LEU D 391 -32.71 0.42 -7.32
N SER D 392 -33.27 0.24 -6.13
CA SER D 392 -32.81 0.95 -4.94
C SER D 392 -32.05 -0.04 -4.06
N PRO D 393 -30.84 0.33 -3.62
CA PRO D 393 -30.05 -0.56 -2.76
C PRO D 393 -30.75 -0.80 -1.41
N ARG D 394 -30.48 -1.95 -0.78
CA ARG D 394 -31.10 -2.27 0.50
C ARG D 394 -30.21 -3.05 1.45
N LYS D 395 -29.32 -3.86 0.89
CA LYS D 395 -28.45 -4.67 1.71
C LYS D 395 -27.17 -5.05 0.98
N VAL D 396 -26.07 -5.09 1.72
CA VAL D 396 -24.79 -5.47 1.14
C VAL D 396 -24.45 -6.85 1.72
N ILE D 397 -24.82 -7.90 0.99
CA ILE D 397 -24.57 -9.28 1.40
C ILE D 397 -23.08 -9.59 1.47
N VAL D 398 -22.64 -10.15 2.59
CA VAL D 398 -21.23 -10.49 2.76
C VAL D 398 -21.02 -11.92 3.26
N LYS D 399 -20.27 -12.71 2.49
CA LYS D 399 -19.95 -14.10 2.87
C LYS D 399 -18.44 -14.24 2.95
N GLY D 400 -17.91 -14.19 4.16
CA GLY D 400 -16.49 -14.28 4.35
C GLY D 400 -16.04 -12.86 4.63
N GLY D 401 -14.73 -12.61 4.56
CA GLY D 401 -14.23 -11.26 4.83
C GLY D 401 -14.37 -10.25 3.70
N ARG D 402 -15.31 -10.48 2.79
CA ARG D 402 -15.52 -9.56 1.67
C ARG D 402 -16.97 -9.60 1.15
N ILE D 403 -17.39 -8.50 0.54
CA ILE D 403 -18.73 -8.38 -0.02
C ILE D 403 -18.90 -9.26 -1.26
N VAL D 404 -20.08 -9.85 -1.45
CA VAL D 404 -20.31 -10.74 -2.59
C VAL D 404 -21.66 -10.67 -3.31
N ALA D 405 -22.37 -9.56 -3.14
CA ALA D 405 -23.67 -9.36 -3.79
C ALA D 405 -24.35 -8.17 -3.13
N VAL D 406 -25.28 -7.54 -3.84
CA VAL D 406 -26.00 -6.40 -3.27
C VAL D 406 -27.48 -6.65 -3.46
N GLN D 407 -28.25 -6.33 -2.44
CA GLN D 407 -29.69 -6.56 -2.47
C GLN D 407 -30.47 -5.31 -2.82
N PHE D 408 -31.28 -5.38 -3.87
CA PHE D 408 -32.09 -4.23 -4.26
C PHE D 408 -33.58 -4.50 -4.17
N VAL D 409 -34.35 -3.45 -4.40
CA VAL D 409 -35.81 -3.51 -4.42
C VAL D 409 -36.17 -2.65 -5.60
N ARG D 410 -37.19 -3.07 -6.34
CA ARG D 410 -37.62 -2.32 -7.52
C ARG D 410 -38.32 -1.02 -7.17
N THR D 411 -38.20 -0.06 -8.06
CA THR D 411 -38.82 1.24 -7.88
C THR D 411 -39.76 1.45 -9.06
N GLU D 412 -40.70 2.37 -8.91
CA GLU D 412 -41.64 2.69 -9.98
C GLU D 412 -42.16 4.10 -9.77
N GLN D 413 -43.00 4.54 -10.70
CA GLN D 413 -43.58 5.86 -10.62
C GLN D 413 -45.09 5.71 -10.82
N ASP D 414 -45.89 6.30 -9.92
CA ASP D 414 -47.34 6.21 -10.04
C ASP D 414 -47.86 7.33 -10.93
N GLU D 415 -49.10 7.14 -11.38
CA GLU D 415 -49.79 8.09 -12.26
C GLU D 415 -49.68 9.55 -11.84
N THR D 416 -49.36 9.79 -10.56
CA THR D 416 -49.23 11.15 -10.05
C THR D 416 -47.86 11.75 -10.30
N GLY D 417 -46.81 11.01 -9.96
CA GLY D 417 -45.46 11.50 -10.16
C GLY D 417 -44.51 11.18 -9.02
N LYS D 418 -44.91 10.26 -8.15
CA LYS D 418 -44.10 9.88 -7.01
C LYS D 418 -43.36 8.58 -7.31
N TRP D 419 -42.32 8.29 -6.53
CA TRP D 419 -41.56 7.07 -6.70
C TRP D 419 -41.76 6.17 -5.48
N ASN D 420 -42.23 4.94 -5.73
CA ASN D 420 -42.46 3.98 -4.66
C ASN D 420 -41.49 2.83 -4.79
N GLU D 421 -41.15 2.22 -3.65
CA GLU D 421 -40.23 1.09 -3.63
C GLU D 421 -40.96 -0.14 -3.09
N ASP D 422 -41.27 -1.07 -4.00
CA ASP D 422 -41.99 -2.29 -3.62
C ASP D 422 -41.08 -3.24 -2.83
N GLU D 423 -41.13 -3.11 -1.50
CA GLU D 423 -40.31 -3.91 -0.59
C GLU D 423 -40.49 -5.42 -0.70
N ASP D 424 -41.41 -5.84 -1.56
CA ASP D 424 -41.69 -7.26 -1.77
C ASP D 424 -40.77 -7.86 -2.84
N GLN D 425 -40.53 -7.09 -3.88
CA GLN D 425 -39.69 -7.51 -4.99
C GLN D 425 -38.19 -7.29 -4.74
N ILE D 426 -37.55 -8.22 -4.06
CA ILE D 426 -36.13 -8.08 -3.80
C ILE D 426 -35.31 -8.47 -5.02
N VAL D 427 -34.07 -8.02 -5.05
CA VAL D 427 -33.17 -8.25 -6.17
C VAL D 427 -31.75 -8.62 -5.75
N HIS D 428 -31.30 -9.79 -6.16
CA HIS D 428 -29.95 -10.25 -5.84
C HIS D 428 -29.04 -10.01 -7.03
N LEU D 429 -28.06 -9.13 -6.84
CA LEU D 429 -27.12 -8.80 -7.89
C LEU D 429 -25.71 -9.14 -7.43
N LYS D 430 -25.03 -10.01 -8.18
CA LYS D 430 -23.68 -10.40 -7.79
C LYS D 430 -22.78 -9.16 -7.83
N ALA D 431 -21.69 -9.18 -7.08
CA ALA D 431 -20.77 -8.05 -7.04
C ALA D 431 -19.53 -8.39 -6.23
N ASP D 432 -18.37 -7.98 -6.74
CA ASP D 432 -17.12 -8.21 -6.04
C ASP D 432 -16.65 -6.87 -5.47
N VAL D 433 -17.23 -5.79 -5.99
CA VAL D 433 -16.88 -4.46 -5.54
C VAL D 433 -18.10 -3.55 -5.64
N VAL D 434 -18.22 -2.61 -4.73
CA VAL D 434 -19.33 -1.69 -4.74
C VAL D 434 -18.85 -0.29 -4.46
N ILE D 435 -19.24 0.64 -5.33
CA ILE D 435 -18.86 2.03 -5.21
C ILE D 435 -20.09 2.87 -5.15
N SER D 436 -20.22 3.69 -4.12
CA SER D 436 -21.39 4.56 -3.93
C SER D 436 -21.10 5.97 -4.41
N ALA D 437 -21.89 6.43 -5.37
CA ALA D 437 -21.71 7.78 -5.90
C ALA D 437 -23.01 8.54 -5.66
N PHE D 438 -23.33 8.74 -4.39
CA PHE D 438 -24.54 9.45 -3.98
C PHE D 438 -24.31 10.94 -3.80
N GLY D 439 -23.04 11.35 -3.87
CA GLY D 439 -22.74 12.76 -3.70
C GLY D 439 -21.73 13.09 -2.62
N SER D 440 -21.64 14.38 -2.28
CA SER D 440 -20.71 14.88 -1.28
C SER D 440 -21.40 15.96 -0.48
N VAL D 441 -20.90 16.19 0.73
CA VAL D 441 -21.45 17.20 1.64
C VAL D 441 -20.41 17.75 2.61
N LEU D 442 -20.89 18.65 3.46
CA LEU D 442 -20.06 19.24 4.50
C LEU D 442 -20.74 18.87 5.82
N ARG D 443 -20.16 17.92 6.54
CA ARG D 443 -20.71 17.45 7.82
C ARG D 443 -19.81 17.76 9.00
N ASP D 444 -18.55 17.35 8.89
CA ASP D 444 -17.54 17.53 9.93
C ASP D 444 -17.82 18.79 10.75
N PRO D 445 -18.32 18.63 11.99
CA PRO D 445 -18.63 19.78 12.84
C PRO D 445 -17.39 20.62 13.16
N LYS D 446 -16.21 20.01 13.05
CA LYS D 446 -14.98 20.73 13.33
C LYS D 446 -14.82 21.85 12.32
N VAL D 447 -15.11 21.53 11.06
CA VAL D 447 -15.03 22.51 9.98
C VAL D 447 -16.17 23.50 10.12
N LYS D 448 -17.40 23.00 10.11
CA LYS D 448 -18.58 23.83 10.22
C LYS D 448 -18.44 24.87 11.30
N GLU D 449 -17.63 24.56 12.30
CA GLU D 449 -17.43 25.52 13.38
C GLU D 449 -16.39 26.57 13.06
N ALA D 450 -15.27 26.14 12.47
CA ALA D 450 -14.21 27.06 12.11
C ALA D 450 -14.76 28.22 11.29
N LEU D 451 -16.03 28.11 10.89
CA LEU D 451 -16.70 29.13 10.07
C LEU D 451 -17.57 30.06 10.90
N SER D 452 -17.69 29.79 12.19
CA SER D 452 -18.50 30.65 13.04
C SER D 452 -17.96 32.08 12.96
N PRO D 453 -18.85 33.08 13.03
CA PRO D 453 -20.30 32.97 13.18
C PRO D 453 -21.10 33.15 11.88
N ILE D 454 -20.58 32.69 10.74
CA ILE D 454 -21.30 32.87 9.48
C ILE D 454 -22.60 32.09 9.51
N LYS D 455 -23.65 32.72 8.99
CA LYS D 455 -24.99 32.14 8.95
C LYS D 455 -25.11 31.04 7.89
N PHE D 456 -25.72 29.92 8.25
CA PHE D 456 -25.92 28.83 7.31
C PHE D 456 -27.40 28.73 6.92
N ASN D 457 -27.65 28.42 5.65
CA ASN D 457 -29.02 28.30 5.16
C ASN D 457 -29.58 26.92 5.47
N ARG D 458 -30.74 26.65 4.90
CA ARG D 458 -31.46 25.41 5.08
C ARG D 458 -30.70 24.17 4.58
N TRP D 459 -29.85 24.34 3.57
CA TRP D 459 -29.11 23.21 3.00
C TRP D 459 -27.88 22.89 3.84
N ASP D 460 -27.76 23.57 4.96
CA ASP D 460 -26.61 23.34 5.83
C ASP D 460 -25.31 23.77 5.16
N LEU D 461 -25.39 24.83 4.36
CA LEU D 461 -24.24 25.36 3.66
C LEU D 461 -24.15 26.85 3.92
N PRO D 462 -22.93 27.39 3.93
CA PRO D 462 -22.83 28.83 4.17
C PRO D 462 -23.75 29.60 3.24
N GLU D 463 -24.40 30.61 3.78
CA GLU D 463 -25.31 31.42 3.00
C GLU D 463 -24.52 32.64 2.53
N VAL D 464 -24.65 32.98 1.25
CA VAL D 464 -23.97 34.14 0.69
C VAL D 464 -24.92 34.87 -0.24
N ASP D 465 -24.72 36.18 -0.40
CA ASP D 465 -25.58 36.94 -1.30
C ASP D 465 -25.20 36.47 -2.72
N PRO D 466 -26.13 35.83 -3.45
CA PRO D 466 -25.85 35.34 -4.80
C PRO D 466 -25.12 36.30 -5.74
N GLU D 467 -25.19 37.59 -5.47
CA GLU D 467 -24.52 38.56 -6.32
C GLU D 467 -23.16 38.96 -5.80
N THR D 468 -23.02 39.09 -4.48
CA THR D 468 -21.75 39.50 -3.91
C THR D 468 -20.89 38.37 -3.38
N MET D 469 -21.48 37.21 -3.17
CA MET D 469 -20.75 36.05 -2.65
C MET D 469 -20.31 36.32 -1.22
N GLN D 470 -20.90 37.35 -0.62
CA GLN D 470 -20.59 37.76 0.75
C GLN D 470 -21.49 37.03 1.76
N THR D 471 -20.86 36.47 2.79
CA THR D 471 -21.57 35.76 3.83
C THR D 471 -22.06 36.77 4.85
N SER D 472 -22.69 36.28 5.90
CA SER D 472 -23.21 37.13 6.97
C SER D 472 -22.14 38.08 7.51
N GLU D 473 -20.89 37.66 7.40
CA GLU D 473 -19.73 38.44 7.86
C GLU D 473 -19.07 39.23 6.70
N PRO D 474 -19.25 40.56 6.69
CA PRO D 474 -18.69 41.42 5.66
C PRO D 474 -17.29 41.10 5.10
N TRP D 475 -16.36 40.62 5.93
CA TRP D 475 -15.02 40.31 5.44
C TRP D 475 -14.89 38.86 4.94
N VAL D 476 -15.99 38.12 5.05
CA VAL D 476 -16.02 36.70 4.65
C VAL D 476 -16.88 36.42 3.42
N PHE D 477 -16.28 35.80 2.42
CA PHE D 477 -16.98 35.41 1.20
C PHE D 477 -16.72 33.94 0.94
N ALA D 478 -17.61 33.30 0.19
CA ALA D 478 -17.44 31.90 -0.13
C ALA D 478 -17.85 31.68 -1.59
N GLY D 479 -17.65 30.46 -2.09
CA GLY D 479 -18.00 30.18 -3.47
C GLY D 479 -17.60 28.80 -3.91
N GLY D 480 -18.07 28.39 -5.07
CA GLY D 480 -17.75 27.07 -5.53
C GLY D 480 -18.78 26.07 -5.03
N ASP D 481 -18.37 24.81 -4.88
CA ASP D 481 -19.28 23.76 -4.42
C ASP D 481 -19.83 24.00 -3.02
N ILE D 482 -19.00 24.56 -2.15
CA ILE D 482 -19.39 24.82 -0.77
C ILE D 482 -20.70 25.61 -0.65
N VAL D 483 -21.03 26.43 -1.64
CA VAL D 483 -22.25 27.23 -1.61
C VAL D 483 -23.44 26.46 -2.17
N GLY D 484 -23.15 25.44 -2.96
CA GLY D 484 -24.23 24.60 -3.49
C GLY D 484 -24.95 24.98 -4.77
N MET D 485 -24.49 26.04 -5.45
CA MET D 485 -25.13 26.44 -6.71
C MET D 485 -24.41 25.90 -7.92
N ALA D 486 -23.08 26.02 -7.89
CA ALA D 486 -22.24 25.55 -8.98
C ALA D 486 -22.25 24.03 -9.08
N ASN D 487 -22.34 23.53 -10.30
CA ASN D 487 -22.34 22.10 -10.55
C ASN D 487 -21.18 21.81 -11.49
N THR D 488 -20.41 22.84 -11.82
CA THR D 488 -19.30 22.69 -12.75
C THR D 488 -18.05 23.43 -12.35
N THR D 489 -16.95 23.07 -13.00
CA THR D 489 -15.70 23.72 -12.74
C THR D 489 -15.83 25.17 -13.17
N VAL D 490 -16.36 25.38 -14.37
CA VAL D 490 -16.52 26.72 -14.93
C VAL D 490 -17.37 27.62 -14.04
N GLU D 491 -18.37 27.05 -13.41
CA GLU D 491 -19.26 27.82 -12.54
C GLU D 491 -18.58 28.22 -11.25
N SER D 492 -17.73 27.33 -10.76
CA SER D 492 -17.00 27.58 -9.53
C SER D 492 -15.94 28.65 -9.78
N VAL D 493 -15.34 28.62 -10.96
CA VAL D 493 -14.34 29.62 -11.28
C VAL D 493 -15.05 30.95 -11.28
N ASN D 494 -16.25 30.95 -11.87
CA ASN D 494 -17.05 32.16 -11.98
C ASN D 494 -17.38 32.68 -10.59
N ASP D 495 -17.60 31.77 -9.64
CA ASP D 495 -17.90 32.21 -8.28
C ASP D 495 -16.71 32.96 -7.70
N GLY D 496 -15.54 32.35 -7.80
CA GLY D 496 -14.34 33.00 -7.30
C GLY D 496 -14.22 34.37 -7.93
N LYS D 497 -14.31 34.41 -9.25
CA LYS D 497 -14.23 35.65 -10.00
C LYS D 497 -15.28 36.64 -9.50
N GLN D 498 -16.53 36.20 -9.48
CA GLN D 498 -17.62 37.05 -9.02
C GLN D 498 -17.24 37.65 -7.67
N ALA D 499 -16.91 36.79 -6.70
CA ALA D 499 -16.54 37.21 -5.36
C ALA D 499 -15.34 38.16 -5.37
N SER D 500 -14.35 37.88 -6.21
CA SER D 500 -13.15 38.71 -6.29
C SER D 500 -13.49 40.18 -6.30
N TRP D 501 -14.33 40.61 -7.24
CA TRP D 501 -14.67 42.02 -7.35
C TRP D 501 -15.18 42.65 -6.06
N TYR D 502 -16.16 42.01 -5.44
CA TYR D 502 -16.73 42.52 -4.22
C TYR D 502 -15.76 42.47 -3.05
N ILE D 503 -14.92 41.44 -2.99
CA ILE D 503 -13.93 41.39 -1.91
C ILE D 503 -13.12 42.68 -2.05
N HIS D 504 -12.76 42.99 -3.30
CA HIS D 504 -12.03 44.19 -3.64
C HIS D 504 -12.79 45.40 -3.11
N LYS D 505 -14.03 45.56 -3.54
CA LYS D 505 -14.85 46.67 -3.09
C LYS D 505 -14.74 46.81 -1.58
N TYR D 506 -14.99 45.71 -0.86
CA TYR D 506 -14.93 45.72 0.59
C TYR D 506 -13.56 46.17 1.09
N ILE D 507 -12.50 45.46 0.71
CA ILE D 507 -11.17 45.81 1.16
C ILE D 507 -10.88 47.28 0.96
N GLN D 508 -11.18 47.80 -0.22
CA GLN D 508 -10.93 49.21 -0.46
C GLN D 508 -11.70 50.04 0.55
N ALA D 509 -12.99 49.78 0.69
CA ALA D 509 -13.85 50.49 1.63
C ALA D 509 -13.22 50.60 3.01
N GLN D 510 -12.73 49.46 3.51
CA GLN D 510 -12.09 49.39 4.82
C GLN D 510 -10.92 50.36 4.92
N TYR D 511 -10.40 50.80 3.78
CA TYR D 511 -9.29 51.74 3.79
C TYR D 511 -9.74 53.13 3.36
N GLY D 512 -11.06 53.37 3.47
CA GLY D 512 -11.64 54.64 3.12
C GLY D 512 -11.54 54.99 1.64
N ALA D 513 -11.48 53.96 0.81
CA ALA D 513 -11.37 54.13 -0.63
C ALA D 513 -12.56 53.51 -1.35
N SER D 514 -12.99 54.15 -2.43
CA SER D 514 -14.12 53.67 -3.20
C SER D 514 -13.63 53.07 -4.51
N VAL D 515 -14.48 52.27 -5.14
CA VAL D 515 -14.15 51.63 -6.41
C VAL D 515 -15.19 52.07 -7.43
N SER D 516 -14.83 51.97 -8.71
CA SER D 516 -15.73 52.37 -9.77
C SER D 516 -17.12 51.78 -9.55
N ALA D 517 -18.14 52.42 -10.12
CA ALA D 517 -19.51 51.92 -9.96
C ALA D 517 -19.68 50.69 -10.84
N LYS D 518 -19.02 50.72 -12.00
CA LYS D 518 -19.07 49.62 -12.97
C LYS D 518 -17.87 48.70 -12.77
N PRO D 519 -18.13 47.40 -12.51
CA PRO D 519 -17.11 46.37 -12.31
C PRO D 519 -15.99 46.44 -13.33
N GLU D 520 -14.76 46.52 -12.86
CA GLU D 520 -13.61 46.59 -13.74
C GLU D 520 -12.56 45.53 -13.43
N LEU D 521 -12.92 44.26 -13.59
CA LEU D 521 -11.97 43.18 -13.35
C LEU D 521 -11.01 43.16 -14.54
N PRO D 522 -9.70 43.17 -14.27
CA PRO D 522 -8.60 43.17 -15.24
C PRO D 522 -8.57 42.00 -16.22
N LEU D 523 -8.00 42.24 -17.40
CA LEU D 523 -7.86 41.18 -18.40
C LEU D 523 -6.62 40.36 -18.07
N PHE D 524 -6.33 39.38 -18.91
CA PHE D 524 -5.15 38.52 -18.73
C PHE D 524 -4.01 39.15 -19.52
N TYR D 525 -2.82 39.27 -18.93
CA TYR D 525 -1.71 39.88 -19.65
C TYR D 525 -0.44 39.07 -19.61
N THR D 526 0.33 39.17 -20.68
CA THR D 526 1.60 38.47 -20.80
C THR D 526 2.59 39.40 -21.50
N PRO D 527 3.89 39.10 -21.36
CA PRO D 527 4.96 39.90 -21.97
C PRO D 527 4.70 40.21 -23.45
N VAL D 528 3.99 39.31 -24.11
CA VAL D 528 3.68 39.46 -25.52
C VAL D 528 2.98 40.78 -25.70
N ASP D 529 2.14 41.11 -24.73
CA ASP D 529 1.37 42.34 -24.77
C ASP D 529 2.20 43.62 -24.77
N LEU D 530 3.46 43.49 -24.37
CA LEU D 530 4.35 44.66 -24.31
C LEU D 530 5.05 44.96 -25.64
N VAL D 531 5.10 43.96 -26.53
CA VAL D 531 5.71 44.12 -27.84
C VAL D 531 5.26 45.42 -28.48
N ASP D 532 6.18 46.11 -29.15
CA ASP D 532 5.86 47.35 -29.81
C ASP D 532 5.61 47.06 -31.28
N ILE D 533 4.40 47.35 -31.76
CA ILE D 533 4.06 47.10 -33.17
C ILE D 533 3.80 48.40 -33.94
N SER D 534 4.46 49.48 -33.51
CA SER D 534 4.33 50.77 -34.16
C SER D 534 5.24 50.83 -35.38
N VAL D 535 4.97 51.78 -36.29
CA VAL D 535 5.79 51.93 -37.49
C VAL D 535 5.70 53.30 -38.14
N GLU D 536 6.84 53.79 -38.62
CA GLU D 536 6.93 55.07 -39.32
C GLU D 536 7.06 54.83 -40.82
N MET D 537 6.30 55.60 -41.59
CA MET D 537 6.35 55.47 -43.05
C MET D 537 6.04 56.82 -43.71
N ALA D 538 6.97 57.29 -44.54
CA ALA D 538 6.79 58.57 -45.22
C ALA D 538 6.60 59.70 -44.21
N GLY D 539 7.30 59.60 -43.08
CA GLY D 539 7.20 60.64 -42.06
C GLY D 539 5.96 60.62 -41.19
N LEU D 540 5.13 59.59 -41.39
CA LEU D 540 3.91 59.42 -40.62
C LEU D 540 4.14 58.34 -39.58
N LYS D 541 3.66 58.58 -38.35
CA LYS D 541 3.81 57.61 -37.28
C LYS D 541 2.51 56.86 -37.05
N PHE D 542 2.54 55.56 -37.34
CA PHE D 542 1.37 54.70 -37.16
C PHE D 542 1.49 53.93 -35.85
N ILE D 543 0.47 54.03 -34.99
CA ILE D 543 0.52 53.32 -33.70
C ILE D 543 0.60 51.81 -33.89
N ASN D 544 0.06 51.34 -35.01
CA ASN D 544 0.12 49.92 -35.40
C ASN D 544 -0.16 49.95 -36.89
N PRO D 545 0.42 49.01 -37.63
CA PRO D 545 0.29 48.89 -39.08
C PRO D 545 -1.05 48.68 -39.75
N PHE D 546 -2.06 48.20 -39.02
CA PHE D 546 -3.35 47.94 -39.66
C PHE D 546 -4.22 49.16 -39.88
N GLY D 547 -4.93 49.16 -41.01
CA GLY D 547 -5.82 50.27 -41.31
C GLY D 547 -6.95 49.90 -42.24
N LEU D 548 -8.02 50.67 -42.19
CA LEU D 548 -9.17 50.41 -43.05
C LEU D 548 -8.91 50.99 -44.43
N ALA D 549 -9.09 50.15 -45.43
CA ALA D 549 -8.86 50.55 -46.81
C ALA D 549 -10.06 51.31 -47.31
N SER D 550 -9.80 52.28 -48.21
CA SER D 550 -10.86 53.08 -48.81
C SER D 550 -11.86 52.13 -49.43
N ALA D 551 -12.98 51.89 -48.74
CA ALA D 551 -13.99 50.97 -49.26
C ALA D 551 -15.23 51.02 -48.36
N ALA D 552 -16.08 50.01 -48.49
CA ALA D 552 -17.31 49.93 -47.74
C ALA D 552 -17.14 50.11 -46.23
N PRO D 553 -16.06 49.54 -45.63
CA PRO D 553 -15.87 49.69 -44.20
C PRO D 553 -15.59 51.14 -43.78
N THR D 554 -15.48 52.02 -44.77
CA THR D 554 -15.26 53.43 -44.51
C THR D 554 -16.27 54.23 -45.32
N THR D 555 -17.51 53.78 -45.32
CA THR D 555 -18.58 54.46 -46.04
C THR D 555 -18.96 55.81 -45.43
N SER D 556 -18.87 55.87 -44.11
CA SER D 556 -19.19 57.08 -43.37
C SER D 556 -18.12 57.33 -42.32
N SER D 557 -17.80 58.60 -42.09
CA SER D 557 -16.78 58.95 -41.11
C SER D 557 -17.15 58.38 -39.76
N SER D 558 -18.45 58.21 -39.53
CA SER D 558 -18.99 57.66 -38.28
C SER D 558 -18.37 56.28 -38.02
N MET D 559 -18.24 55.52 -39.10
CA MET D 559 -17.65 54.21 -39.02
C MET D 559 -16.15 54.31 -38.70
N ILE D 560 -15.44 55.20 -39.40
CA ILE D 560 -14.00 55.38 -39.15
C ILE D 560 -13.79 55.63 -37.66
N ARG D 561 -14.63 56.48 -37.08
CA ARG D 561 -14.51 56.79 -35.67
C ARG D 561 -14.56 55.51 -34.83
N ARG D 562 -15.62 54.73 -34.99
CA ARG D 562 -15.74 53.49 -34.22
C ARG D 562 -14.52 52.65 -34.47
N ALA D 563 -14.05 52.70 -35.71
CA ALA D 563 -12.87 51.97 -36.12
C ALA D 563 -11.71 52.38 -35.24
N PHE D 564 -11.53 53.68 -35.12
CA PHE D 564 -10.47 54.21 -34.31
C PHE D 564 -10.67 53.84 -32.86
N GLU D 565 -11.91 53.97 -32.40
CA GLU D 565 -12.20 53.60 -31.02
C GLU D 565 -11.84 52.13 -30.82
N ALA D 566 -12.04 51.31 -31.86
CA ALA D 566 -11.73 49.88 -31.80
C ALA D 566 -10.24 49.67 -31.64
N GLY D 567 -9.47 50.62 -32.17
CA GLY D 567 -8.01 50.54 -32.05
C GLY D 567 -7.25 50.47 -33.35
N TRP D 568 -7.94 50.63 -34.47
CA TRP D 568 -7.28 50.58 -35.77
C TRP D 568 -6.23 51.65 -35.94
N GLY D 569 -5.06 51.24 -36.42
CA GLY D 569 -3.95 52.16 -36.65
C GLY D 569 -4.20 53.37 -37.58
N PHE D 570 -4.97 53.18 -38.64
CA PHE D 570 -5.26 54.26 -39.57
C PHE D 570 -6.44 53.87 -40.43
N ALA D 571 -6.96 54.84 -41.18
CA ALA D 571 -8.12 54.60 -42.03
C ALA D 571 -8.12 55.50 -43.26
N LEU D 572 -8.76 55.06 -44.32
CA LEU D 572 -8.83 55.85 -45.53
C LEU D 572 -10.27 56.26 -45.69
N THR D 573 -10.49 57.50 -46.09
CA THR D 573 -11.86 57.92 -46.29
C THR D 573 -12.29 57.27 -47.60
N LYS D 574 -13.58 57.00 -47.74
CA LYS D 574 -14.07 56.45 -49.00
C LYS D 574 -13.63 57.50 -50.01
N THR D 575 -13.33 57.09 -51.24
CA THR D 575 -12.89 58.04 -52.26
C THR D 575 -13.96 59.08 -52.52
N PHE D 576 -13.58 60.36 -52.46
CA PHE D 576 -14.51 61.44 -52.72
C PHE D 576 -13.94 62.40 -53.77
N SER D 577 -14.80 63.16 -54.43
CA SER D 577 -14.33 64.08 -55.46
C SER D 577 -15.09 65.39 -55.43
N LEU D 578 -14.76 66.30 -56.33
CA LEU D 578 -15.43 67.60 -56.39
C LEU D 578 -16.91 67.43 -56.72
N ASP D 579 -17.70 68.43 -56.36
CA ASP D 579 -19.15 68.41 -56.59
C ASP D 579 -19.58 68.06 -58.00
N LYS D 580 -18.92 68.64 -58.99
CA LYS D 580 -19.29 68.36 -60.37
C LYS D 580 -19.14 66.89 -60.78
N ASP D 581 -18.40 66.12 -60.00
CA ASP D 581 -18.20 64.71 -60.31
C ASP D 581 -18.99 63.77 -59.38
N ILE D 582 -20.03 64.29 -58.76
CA ILE D 582 -20.87 63.50 -57.85
C ILE D 582 -21.42 62.27 -58.58
N VAL D 583 -21.34 61.11 -57.94
CA VAL D 583 -21.81 59.86 -58.53
C VAL D 583 -23.06 59.31 -57.86
N THR D 584 -23.70 58.34 -58.52
CA THR D 584 -24.90 57.68 -57.98
C THR D 584 -24.77 56.16 -58.21
N ASN D 585 -24.74 55.40 -57.12
CA ASN D 585 -24.60 53.95 -57.20
C ASN D 585 -25.84 53.18 -57.64
N VAL D 586 -25.60 51.95 -58.07
CA VAL D 586 -26.66 51.04 -58.51
C VAL D 586 -26.78 49.89 -57.51
N SER D 587 -27.81 49.06 -57.70
CA SER D 587 -28.03 47.92 -56.81
C SER D 587 -28.77 46.76 -57.47
N PRO D 588 -28.35 45.52 -57.20
CA PRO D 588 -27.24 45.11 -56.32
C PRO D 588 -25.86 45.52 -56.82
N ARG D 589 -24.88 45.66 -55.92
CA ARG D 589 -23.54 46.05 -56.35
C ARG D 589 -22.39 45.33 -55.67
N ILE D 590 -22.66 44.63 -54.57
CA ILE D 590 -21.58 43.92 -53.89
C ILE D 590 -22.00 42.47 -53.70
N VAL D 591 -21.27 41.55 -54.32
CA VAL D 591 -21.60 40.13 -54.24
C VAL D 591 -20.46 39.23 -53.73
N ARG D 592 -20.83 38.07 -53.18
CA ARG D 592 -19.86 37.12 -52.64
C ARG D 592 -19.07 36.41 -53.75
N GLY D 593 -17.91 35.88 -53.37
CA GLY D 593 -17.06 35.20 -54.33
C GLY D 593 -17.35 33.72 -54.52
N THR D 594 -17.28 33.31 -55.77
CA THR D 594 -17.51 31.93 -56.17
C THR D 594 -16.16 31.21 -56.28
N THR D 595 -15.10 31.94 -55.98
CA THR D 595 -13.74 31.38 -56.06
C THR D 595 -13.46 30.19 -55.15
N SER D 596 -14.34 29.89 -54.21
CA SER D 596 -14.06 28.78 -53.31
C SER D 596 -15.21 27.76 -53.24
N GLY D 597 -16.05 27.77 -54.27
CA GLY D 597 -17.17 26.83 -54.30
C GLY D 597 -18.39 27.32 -53.55
N PRO D 598 -19.43 26.47 -53.43
CA PRO D 598 -20.66 26.81 -52.73
C PRO D 598 -20.50 26.83 -51.21
N MET D 599 -19.63 27.72 -50.74
CA MET D 599 -19.37 27.86 -49.31
C MET D 599 -20.01 29.17 -48.87
N TYR D 600 -21.06 29.08 -48.06
CA TYR D 600 -21.75 30.26 -47.61
C TYR D 600 -21.47 30.57 -46.14
N GLY D 601 -21.60 31.85 -45.78
CA GLY D 601 -21.38 32.25 -44.40
C GLY D 601 -20.11 33.00 -44.13
N PRO D 602 -19.39 32.62 -43.06
CA PRO D 602 -18.13 33.26 -42.68
C PRO D 602 -17.00 32.96 -43.64
N GLY D 603 -16.04 33.87 -43.69
CA GLY D 603 -14.87 33.68 -44.53
C GLY D 603 -15.01 33.50 -46.02
N GLN D 604 -15.54 34.51 -46.69
CA GLN D 604 -15.68 34.46 -48.15
C GLN D 604 -14.28 34.66 -48.76
N SER D 605 -13.91 33.78 -49.70
CA SER D 605 -12.62 33.86 -50.37
C SER D 605 -12.47 35.15 -51.16
N SER D 606 -13.59 35.82 -51.41
CA SER D 606 -13.57 37.08 -52.14
C SER D 606 -14.96 37.69 -52.31
N PHE D 607 -14.97 38.89 -52.89
CA PHE D 607 -16.20 39.62 -53.13
C PHE D 607 -15.95 40.31 -54.46
N LEU D 608 -17.03 40.69 -55.13
CA LEU D 608 -16.91 41.41 -56.38
C LEU D 608 -17.88 42.57 -56.22
N ASN D 609 -17.48 43.75 -56.68
CA ASN D 609 -18.35 44.90 -56.53
C ASN D 609 -18.27 45.90 -57.68
N ILE D 610 -19.41 46.46 -58.04
CA ILE D 610 -19.47 47.45 -59.11
C ILE D 610 -19.86 48.76 -58.44
N GLU D 611 -19.31 49.00 -57.25
CA GLU D 611 -19.60 50.23 -56.51
C GLU D 611 -18.66 51.34 -56.96
N LEU D 612 -19.21 52.54 -57.09
CA LEU D 612 -18.45 53.71 -57.49
C LEU D 612 -17.81 54.33 -56.26
N ILE D 613 -17.24 55.51 -56.42
CA ILE D 613 -16.62 56.20 -55.30
C ILE D 613 -17.72 56.53 -54.27
N SER D 614 -17.44 57.47 -53.37
CA SER D 614 -18.44 57.86 -52.37
C SER D 614 -19.53 58.74 -52.96
N GLU D 615 -20.72 58.65 -52.37
CA GLU D 615 -21.86 59.46 -52.82
C GLU D 615 -21.95 60.65 -51.86
N LYS D 616 -21.04 60.65 -50.87
CA LYS D 616 -20.99 61.70 -49.87
C LYS D 616 -20.05 62.83 -50.33
N THR D 617 -20.55 64.06 -50.24
CA THR D 617 -19.81 65.24 -50.67
C THR D 617 -18.44 65.44 -50.07
N ALA D 618 -17.58 66.14 -50.80
CA ALA D 618 -16.23 66.41 -50.32
C ALA D 618 -16.35 67.37 -49.13
N ALA D 619 -17.49 68.06 -49.07
CA ALA D 619 -17.76 68.97 -47.97
C ALA D 619 -17.85 68.10 -46.70
N TYR D 620 -18.70 67.08 -46.79
CA TYR D 620 -18.92 66.13 -45.72
C TYR D 620 -17.62 65.50 -45.24
N TRP D 621 -16.82 64.99 -46.18
CA TRP D 621 -15.55 64.35 -45.83
C TRP D 621 -14.50 65.26 -45.21
N CYS D 622 -14.26 66.41 -45.83
CA CYS D 622 -13.29 67.34 -45.28
C CYS D 622 -13.65 67.72 -43.85
N GLN D 623 -14.93 67.98 -43.61
CA GLN D 623 -15.31 68.32 -42.26
C GLN D 623 -15.07 67.08 -41.41
N SER D 624 -15.54 65.94 -41.91
CA SER D 624 -15.40 64.68 -41.18
C SER D 624 -13.95 64.43 -40.82
N VAL D 625 -13.05 64.79 -41.73
CA VAL D 625 -11.61 64.61 -41.48
C VAL D 625 -11.18 65.51 -40.33
N THR D 626 -11.57 66.78 -40.39
CA THR D 626 -11.22 67.73 -39.35
C THR D 626 -11.65 67.23 -37.97
N GLU D 627 -12.87 66.74 -37.90
CA GLU D 627 -13.43 66.21 -36.66
C GLU D 627 -12.63 64.99 -36.20
N LEU D 628 -12.43 64.05 -37.12
CA LEU D 628 -11.69 62.84 -36.80
C LEU D 628 -10.31 63.14 -36.25
N LYS D 629 -9.53 63.92 -37.00
CA LYS D 629 -8.19 64.28 -36.57
C LYS D 629 -8.21 65.04 -35.23
N ALA D 630 -9.31 65.74 -34.97
CA ALA D 630 -9.48 66.49 -33.74
C ALA D 630 -9.61 65.54 -32.54
N ASP D 631 -10.44 64.51 -32.70
CA ASP D 631 -10.66 63.54 -31.64
C ASP D 631 -9.65 62.41 -31.56
N PHE D 632 -9.01 62.11 -32.68
CA PHE D 632 -8.01 61.04 -32.72
C PHE D 632 -6.72 61.52 -33.39
N PRO D 633 -5.90 62.28 -32.64
CA PRO D 633 -4.62 62.84 -33.09
C PRO D 633 -3.53 61.83 -33.40
N ASP D 634 -3.63 60.63 -32.83
CA ASP D 634 -2.57 59.66 -33.09
C ASP D 634 -2.99 58.64 -34.14
N ASN D 635 -4.24 58.71 -34.58
CA ASN D 635 -4.70 57.81 -35.61
C ASN D 635 -4.53 58.51 -36.94
N ILE D 636 -3.79 57.89 -37.84
CA ILE D 636 -3.53 58.45 -39.15
C ILE D 636 -4.78 58.39 -40.03
N VAL D 637 -5.18 59.54 -40.57
CA VAL D 637 -6.33 59.63 -41.46
C VAL D 637 -5.85 60.07 -42.82
N ILE D 638 -6.13 59.26 -43.83
CA ILE D 638 -5.73 59.55 -45.21
C ILE D 638 -6.97 59.72 -46.06
N ALA D 639 -7.06 60.82 -46.81
CA ALA D 639 -8.22 61.04 -47.65
C ALA D 639 -7.95 60.51 -49.04
N SER D 640 -8.93 59.79 -49.60
CA SER D 640 -8.80 59.25 -50.95
C SER D 640 -9.60 60.16 -51.86
N ILE D 641 -8.93 60.81 -52.79
CA ILE D 641 -9.59 61.72 -53.74
C ILE D 641 -9.40 61.26 -55.16
N MET D 642 -10.31 61.70 -56.04
CA MET D 642 -10.26 61.32 -57.46
C MET D 642 -10.85 62.38 -58.38
N CYS D 643 -10.10 62.76 -59.41
CA CYS D 643 -10.52 63.76 -60.39
C CYS D 643 -10.16 63.29 -61.77
N SER D 644 -10.81 63.86 -62.78
CA SER D 644 -10.50 63.49 -64.14
C SER D 644 -9.08 63.97 -64.43
N TYR D 645 -8.64 63.82 -65.68
CA TYR D 645 -7.31 64.26 -66.04
C TYR D 645 -7.41 65.77 -66.21
N ASN D 646 -7.25 66.47 -65.11
CA ASN D 646 -7.36 67.92 -65.12
C ASN D 646 -6.54 68.48 -63.97
N LYS D 647 -5.48 69.21 -64.31
CA LYS D 647 -4.59 69.79 -63.32
C LYS D 647 -5.31 70.65 -62.26
N ASN D 648 -6.14 71.60 -62.71
CA ASN D 648 -6.86 72.48 -61.77
C ASN D 648 -7.65 71.67 -60.74
N ASP D 649 -8.41 70.70 -61.23
CA ASP D 649 -9.22 69.83 -60.38
C ASP D 649 -8.38 69.07 -59.37
N TRP D 650 -7.39 68.35 -59.85
CA TRP D 650 -6.56 67.60 -58.93
C TRP D 650 -5.90 68.50 -57.89
N MET D 651 -5.55 69.71 -58.28
CA MET D 651 -4.93 70.63 -57.33
C MET D 651 -5.97 71.20 -56.38
N GLU D 652 -7.17 71.48 -56.88
CA GLU D 652 -8.25 72.05 -56.06
C GLU D 652 -8.57 71.08 -54.93
N LEU D 653 -9.09 69.92 -55.32
CA LEU D 653 -9.45 68.90 -54.37
C LEU D 653 -8.29 68.49 -53.45
N SER D 654 -7.10 68.24 -54.00
CA SER D 654 -6.02 67.83 -53.12
C SER D 654 -5.66 68.87 -52.07
N ARG D 655 -5.92 70.15 -52.36
CA ARG D 655 -5.63 71.19 -51.40
C ARG D 655 -6.74 71.21 -50.36
N LYS D 656 -7.96 71.09 -50.85
CA LYS D 656 -9.12 71.06 -49.99
C LYS D 656 -8.90 69.99 -48.91
N ALA D 657 -8.52 68.80 -49.37
CA ALA D 657 -8.29 67.66 -48.48
C ALA D 657 -7.22 67.97 -47.46
N GLU D 658 -6.07 68.43 -47.92
CA GLU D 658 -4.97 68.77 -47.02
C GLU D 658 -5.45 69.81 -46.02
N ALA D 659 -6.30 70.70 -46.52
CA ALA D 659 -6.88 71.79 -45.73
C ALA D 659 -7.67 71.28 -44.53
N SER D 660 -8.38 70.17 -44.72
CA SER D 660 -9.19 69.56 -43.68
C SER D 660 -8.33 69.06 -42.54
N GLY D 661 -7.06 68.82 -42.84
CA GLY D 661 -6.16 68.35 -41.80
C GLY D 661 -5.68 66.93 -42.02
N ALA D 662 -6.01 66.36 -43.17
CA ALA D 662 -5.62 64.99 -43.54
C ALA D 662 -4.13 64.71 -43.33
N ASP D 663 -3.82 63.61 -42.64
CA ASP D 663 -2.41 63.27 -42.40
C ASP D 663 -1.67 63.08 -43.70
N ALA D 664 -2.41 62.67 -44.72
CA ALA D 664 -1.85 62.42 -46.05
C ALA D 664 -2.96 62.18 -47.09
N LEU D 665 -2.58 61.95 -48.36
CA LEU D 665 -3.56 61.70 -49.40
C LEU D 665 -3.31 60.41 -50.14
N GLU D 666 -4.36 59.85 -50.73
CA GLU D 666 -4.26 58.64 -51.53
C GLU D 666 -4.95 59.02 -52.83
N LEU D 667 -4.28 58.78 -53.94
CA LEU D 667 -4.84 59.11 -55.25
C LEU D 667 -5.47 57.90 -55.93
N ASN D 668 -6.78 58.01 -56.16
CA ASN D 668 -7.57 56.96 -56.80
C ASN D 668 -7.48 57.14 -58.31
N LEU D 669 -6.52 56.43 -58.89
CA LEU D 669 -6.29 56.49 -60.32
C LEU D 669 -7.18 55.52 -61.07
N SER D 670 -8.48 55.59 -60.81
CA SER D 670 -9.42 54.70 -61.52
C SER D 670 -10.29 55.49 -62.47
N CYS D 671 -10.02 56.78 -62.63
CA CYS D 671 -10.81 57.57 -63.55
C CYS D 671 -10.46 57.32 -65.04
N PRO D 672 -11.44 57.34 -65.95
CA PRO D 672 -11.23 57.16 -67.40
C PRO D 672 -10.20 58.10 -68.07
N HIS D 673 -9.59 57.62 -69.17
CA HIS D 673 -8.63 58.40 -70.01
C HIS D 673 -9.44 58.82 -71.25
N GLY D 674 -9.92 60.06 -71.17
CA GLY D 674 -10.78 60.66 -72.17
C GLY D 674 -10.67 60.16 -73.61
N MET D 675 -9.46 60.12 -74.19
CA MET D 675 -9.21 59.70 -75.58
C MET D 675 -9.09 58.22 -75.97
N GLY D 676 -7.96 57.58 -75.62
CA GLY D 676 -7.74 56.16 -75.92
C GLY D 676 -6.69 55.90 -76.98
N MET D 680 -1.98 52.63 -73.19
CA MET D 680 -2.06 51.36 -72.51
C MET D 680 -3.29 51.41 -71.58
N GLY D 681 -4.37 50.75 -71.97
CA GLY D 681 -5.59 50.72 -71.16
C GLY D 681 -6.55 51.89 -71.31
N LEU D 682 -7.62 51.84 -70.50
CA LEU D 682 -8.66 52.89 -70.49
C LEU D 682 -8.62 53.79 -69.23
N ALA D 683 -8.12 53.28 -68.09
CA ALA D 683 -8.06 54.10 -66.88
C ALA D 683 -6.72 54.84 -66.79
N CYS D 684 -6.71 55.94 -66.06
CA CYS D 684 -5.50 56.72 -65.92
C CYS D 684 -4.40 55.89 -65.24
N GLY D 685 -4.77 55.12 -64.23
CA GLY D 685 -3.80 54.31 -63.52
C GLY D 685 -3.06 53.24 -64.33
N GLN D 686 -3.39 53.14 -65.62
CA GLN D 686 -2.76 52.16 -66.48
C GLN D 686 -1.71 52.75 -67.43
N ASP D 687 -1.63 54.06 -67.48
CA ASP D 687 -0.70 54.77 -68.35
C ASP D 687 0.35 55.49 -67.53
N PRO D 688 1.58 54.95 -67.46
CA PRO D 688 2.62 55.62 -66.68
C PRO D 688 2.79 57.13 -66.90
N GLU D 689 2.62 57.60 -68.14
CA GLU D 689 2.75 59.03 -68.42
C GLU D 689 1.72 59.83 -67.60
N LEU D 690 0.46 59.42 -67.68
CA LEU D 690 -0.60 60.10 -66.94
C LEU D 690 -0.42 60.02 -65.44
N VAL D 691 0.04 58.86 -64.97
CA VAL D 691 0.29 58.68 -63.57
C VAL D 691 1.33 59.70 -63.11
N ARG D 692 2.49 59.72 -63.77
CA ARG D 692 3.54 60.68 -63.41
C ARG D 692 2.99 62.12 -63.39
N ASN D 693 2.20 62.48 -64.40
CA ASN D 693 1.61 63.81 -64.50
C ASN D 693 0.72 64.19 -63.32
N ILE D 694 -0.28 63.36 -63.05
CA ILE D 694 -1.19 63.61 -61.93
C ILE D 694 -0.39 63.75 -60.66
N CYS D 695 0.58 62.85 -60.47
CA CYS D 695 1.41 62.90 -59.28
C CYS D 695 2.17 64.23 -59.19
N ARG D 696 2.50 64.83 -60.33
CA ARG D 696 3.19 66.11 -60.31
C ARG D 696 2.27 67.22 -59.88
N TRP D 697 1.06 67.23 -60.42
CA TRP D 697 0.08 68.24 -60.08
C TRP D 697 -0.15 68.33 -58.59
N VAL D 698 -0.42 67.17 -57.99
CA VAL D 698 -0.67 67.07 -56.57
C VAL D 698 0.56 67.45 -55.76
N ARG D 699 1.73 67.03 -56.23
CA ARG D 699 2.97 67.33 -55.53
C ARG D 699 3.12 68.82 -55.31
N GLN D 700 2.86 69.59 -56.36
CA GLN D 700 2.99 71.04 -56.27
C GLN D 700 1.80 71.73 -55.61
N ALA D 701 0.71 71.00 -55.41
CA ALA D 701 -0.47 71.61 -54.79
C ALA D 701 -0.43 71.54 -53.26
N VAL D 702 -0.03 70.40 -52.71
CA VAL D 702 0.01 70.24 -51.26
C VAL D 702 1.38 69.86 -50.73
N GLN D 703 1.54 69.87 -49.41
CA GLN D 703 2.82 69.52 -48.81
C GLN D 703 2.82 68.21 -48.03
N ILE D 704 1.64 67.78 -47.59
CA ILE D 704 1.49 66.54 -46.86
C ILE D 704 1.77 65.39 -47.82
N PRO D 705 2.37 64.32 -47.32
CA PRO D 705 2.67 63.21 -48.21
C PRO D 705 1.42 62.65 -48.83
N PHE D 706 1.55 62.12 -50.04
CA PHE D 706 0.43 61.53 -50.73
C PHE D 706 0.93 60.26 -51.40
N PHE D 707 0.02 59.33 -51.64
CA PHE D 707 0.37 58.07 -52.26
C PHE D 707 -0.49 57.77 -53.47
N ALA D 708 0.06 57.00 -54.41
CA ALA D 708 -0.68 56.61 -55.60
C ALA D 708 -1.12 55.15 -55.42
N LYS D 709 -2.43 54.94 -55.46
CA LYS D 709 -2.97 53.60 -55.30
C LYS D 709 -3.04 53.01 -56.70
N LEU D 710 -2.06 52.16 -56.97
CA LEU D 710 -1.92 51.51 -58.28
C LEU D 710 -2.93 50.40 -58.54
N THR D 711 -3.25 50.23 -59.82
CA THR D 711 -4.17 49.19 -60.26
C THR D 711 -3.36 47.97 -60.66
N PRO D 712 -3.89 46.78 -60.36
CA PRO D 712 -3.22 45.52 -60.68
C PRO D 712 -3.44 45.09 -62.12
N ASN D 713 -4.46 45.68 -62.76
CA ASN D 713 -4.80 45.35 -64.14
C ASN D 713 -3.89 46.00 -65.15
N VAL D 714 -2.57 45.81 -64.98
CA VAL D 714 -1.60 46.39 -65.90
C VAL D 714 -0.53 45.37 -66.28
N THR D 715 0.02 45.50 -67.48
CA THR D 715 1.04 44.57 -67.96
C THR D 715 2.29 44.63 -67.08
N ASP D 716 2.60 45.81 -66.57
CA ASP D 716 3.76 45.99 -65.69
C ASP D 716 3.40 47.04 -64.63
N ILE D 717 3.18 46.60 -63.40
CA ILE D 717 2.81 47.54 -62.36
C ILE D 717 4.01 48.36 -61.90
N VAL D 718 5.20 47.78 -62.00
CA VAL D 718 6.41 48.48 -61.59
C VAL D 718 6.58 49.75 -62.41
N SER D 719 6.05 49.75 -63.63
CA SER D 719 6.15 50.90 -64.51
C SER D 719 5.33 52.06 -63.98
N ILE D 720 4.11 51.78 -63.55
CA ILE D 720 3.28 52.87 -63.03
C ILE D 720 3.69 53.26 -61.62
N ALA D 721 4.34 52.32 -60.92
CA ALA D 721 4.83 52.55 -59.56
C ALA D 721 5.99 53.53 -59.65
N ARG D 722 6.84 53.32 -60.66
CA ARG D 722 7.98 54.19 -60.92
C ARG D 722 7.45 55.57 -61.37
N ALA D 723 6.52 55.56 -62.33
CA ALA D 723 5.95 56.80 -62.85
C ALA D 723 5.39 57.68 -61.73
N ALA D 724 5.02 57.04 -60.64
CA ALA D 724 4.46 57.77 -59.50
C ALA D 724 5.58 58.33 -58.63
N LYS D 725 6.65 57.56 -58.49
CA LYS D 725 7.80 58.01 -57.70
C LYS D 725 8.44 59.18 -58.43
N GLU D 726 8.42 59.10 -59.77
CA GLU D 726 8.99 60.15 -60.60
C GLU D 726 8.08 61.36 -60.56
N GLY D 727 6.78 61.12 -60.45
CA GLY D 727 5.84 62.21 -60.40
C GLY D 727 5.85 62.96 -59.07
N GLY D 728 6.55 62.43 -58.09
CA GLY D 728 6.64 63.09 -56.80
C GLY D 728 5.94 62.42 -55.64
N ALA D 729 5.20 61.36 -55.90
CA ALA D 729 4.49 60.66 -54.83
C ALA D 729 5.48 60.20 -53.75
N ASP D 730 4.99 60.09 -52.53
CA ASP D 730 5.84 59.67 -51.41
C ASP D 730 5.71 58.18 -51.15
N GLY D 731 4.90 57.51 -51.97
CA GLY D 731 4.71 56.08 -51.82
C GLY D 731 3.54 55.62 -52.66
N VAL D 732 3.37 54.31 -52.82
CA VAL D 732 2.26 53.76 -53.58
C VAL D 732 1.52 52.70 -52.80
N THR D 733 0.22 52.64 -53.06
CA THR D 733 -0.68 51.69 -52.42
C THR D 733 -0.90 50.54 -53.42
N ALA D 734 -0.59 49.33 -53.01
CA ALA D 734 -0.72 48.16 -53.88
C ALA D 734 -1.50 47.06 -53.21
N THR D 735 -2.59 46.59 -53.83
CA THR D 735 -3.07 47.10 -55.12
C THR D 735 -4.57 47.23 -55.00
N ASN D 736 -5.18 47.75 -56.06
CA ASN D 736 -6.62 47.89 -56.07
C ASN D 736 -7.20 46.55 -56.50
N THR D 737 -8.53 46.46 -56.57
CA THR D 737 -9.20 45.22 -56.95
C THR D 737 -8.86 44.72 -58.37
N VAL D 738 -8.84 43.40 -58.52
CA VAL D 738 -8.56 42.76 -59.81
C VAL D 738 -9.84 42.77 -60.66
N SER D 739 -9.75 43.21 -61.90
CA SER D 739 -10.92 43.25 -62.77
C SER D 739 -11.34 41.84 -63.15
N GLY D 740 -12.65 41.57 -63.07
CA GLY D 740 -13.14 40.25 -63.41
C GLY D 740 -14.64 40.14 -63.35
N LEU D 741 -15.16 38.98 -63.73
CA LEU D 741 -16.59 38.73 -63.70
C LEU D 741 -16.78 37.62 -62.67
N MET D 742 -17.77 37.75 -61.81
CA MET D 742 -17.96 36.74 -60.76
C MET D 742 -18.87 35.55 -61.09
N GLY D 743 -19.42 35.50 -62.30
CA GLY D 743 -20.24 34.36 -62.63
C GLY D 743 -21.60 34.64 -63.25
N LEU D 744 -22.28 33.56 -63.61
CA LEU D 744 -23.58 33.65 -64.22
C LEU D 744 -24.47 32.53 -63.71
N LYS D 745 -25.78 32.72 -63.80
CA LYS D 745 -26.74 31.71 -63.36
C LYS D 745 -26.80 30.70 -64.50
N ALA D 746 -27.63 29.68 -64.31
CA ALA D 746 -27.77 28.66 -65.33
C ALA D 746 -28.42 29.27 -66.57
N ASP D 747 -29.29 30.24 -66.35
CA ASP D 747 -30.01 30.89 -67.46
C ASP D 747 -29.16 31.92 -68.18
N GLY D 748 -27.89 32.02 -67.80
CA GLY D 748 -27.02 32.98 -68.46
C GLY D 748 -27.01 34.38 -67.90
N THR D 749 -27.99 34.72 -67.06
CA THR D 749 -28.00 36.07 -66.50
C THR D 749 -26.88 36.20 -65.48
N PRO D 750 -26.34 37.41 -65.33
CA PRO D 750 -25.27 37.61 -64.35
C PRO D 750 -25.70 37.83 -62.92
N TRP D 751 -24.71 38.16 -62.09
CA TRP D 751 -24.87 38.48 -60.68
C TRP D 751 -23.57 39.19 -60.23
N PRO D 752 -23.69 40.45 -59.76
CA PRO D 752 -24.94 41.21 -59.60
C PRO D 752 -25.72 41.47 -60.88
N ALA D 753 -27.04 41.49 -60.77
CA ALA D 753 -27.91 41.76 -61.90
C ALA D 753 -28.77 43.00 -61.58
N VAL D 754 -28.47 44.11 -62.27
CA VAL D 754 -29.17 45.38 -62.06
C VAL D 754 -30.34 45.62 -63.00
N GLY D 755 -31.45 46.12 -62.44
CA GLY D 755 -32.66 46.41 -63.22
C GLY D 755 -33.45 45.19 -63.69
N ALA D 756 -34.57 45.45 -64.39
CA ALA D 756 -35.41 44.39 -64.93
C ALA D 756 -34.74 43.80 -66.16
N GLY D 757 -33.67 44.46 -66.61
CA GLY D 757 -32.93 44.00 -67.76
C GLY D 757 -31.76 43.11 -67.37
N LYS D 758 -31.66 42.80 -66.08
CA LYS D 758 -30.59 41.95 -65.54
C LYS D 758 -29.21 42.18 -66.16
N ARG D 759 -28.78 43.44 -66.18
CA ARG D 759 -27.47 43.81 -66.74
C ARG D 759 -26.40 43.97 -65.67
N THR D 760 -25.15 44.06 -66.10
CA THR D 760 -24.04 44.25 -65.18
C THR D 760 -22.83 44.72 -65.98
N THR D 761 -21.72 44.96 -65.28
CA THR D 761 -20.50 45.40 -65.92
C THR D 761 -19.31 44.74 -65.21
N TYR D 762 -18.13 44.79 -65.81
CA TYR D 762 -16.96 44.19 -65.17
C TYR D 762 -16.75 44.86 -63.80
N GLY D 763 -16.68 44.03 -62.76
CA GLY D 763 -16.48 44.55 -61.42
C GLY D 763 -15.09 44.29 -60.89
N GLY D 764 -14.91 44.55 -59.60
CA GLY D 764 -13.63 44.35 -58.98
C GLY D 764 -13.62 43.24 -57.96
N VAL D 765 -12.69 42.30 -58.13
CA VAL D 765 -12.54 41.19 -57.23
C VAL D 765 -11.60 41.53 -56.10
N SER D 766 -12.09 41.37 -54.87
CA SER D 766 -11.31 41.66 -53.68
C SER D 766 -11.38 40.43 -52.79
N GLY D 767 -10.55 40.39 -51.76
CA GLY D 767 -10.55 39.25 -50.85
C GLY D 767 -9.29 38.39 -50.93
N THR D 768 -9.32 37.26 -50.26
CA THR D 768 -8.18 36.34 -50.24
C THR D 768 -7.84 35.78 -51.61
N ALA D 769 -8.84 35.70 -52.48
CA ALA D 769 -8.63 35.17 -53.82
C ALA D 769 -7.65 36.00 -54.68
N ILE D 770 -7.36 37.24 -54.27
CA ILE D 770 -6.45 38.07 -55.03
C ILE D 770 -5.17 38.39 -54.28
N ARG D 771 -4.92 37.67 -53.19
CA ARG D 771 -3.71 37.92 -52.42
C ARG D 771 -2.43 37.58 -53.21
N PRO D 772 -2.44 36.45 -53.95
CA PRO D 772 -1.26 36.06 -54.73
C PRO D 772 -0.84 37.14 -55.73
N ILE D 773 -1.82 37.89 -56.20
CA ILE D 773 -1.61 38.97 -57.14
C ILE D 773 -1.02 40.16 -56.38
N ALA D 774 -1.72 40.62 -55.36
CA ALA D 774 -1.26 41.74 -54.57
C ALA D 774 0.13 41.45 -54.06
N LEU D 775 0.35 40.26 -53.51
CA LEU D 775 1.67 39.96 -52.98
C LEU D 775 2.78 40.14 -54.02
N ARG D 776 2.62 39.53 -55.18
CA ARG D 776 3.60 39.67 -56.23
C ARG D 776 3.80 41.17 -56.46
N ALA D 777 2.71 41.88 -56.78
CA ALA D 777 2.77 43.32 -57.02
C ALA D 777 3.61 44.04 -55.95
N VAL D 778 3.40 43.71 -54.69
CA VAL D 778 4.16 44.34 -53.60
C VAL D 778 5.63 43.95 -53.63
N THR D 779 5.91 42.65 -53.71
CA THR D 779 7.30 42.18 -53.75
C THR D 779 8.04 42.64 -54.99
N THR D 780 7.35 42.81 -56.13
CA THR D 780 8.07 43.26 -57.32
C THR D 780 8.42 44.75 -57.19
N ILE D 781 7.46 45.56 -56.76
CA ILE D 781 7.69 46.98 -56.59
C ILE D 781 8.74 47.21 -55.52
N ALA D 782 8.81 46.29 -54.56
CA ALA D 782 9.76 46.36 -53.45
C ALA D 782 11.21 46.09 -53.86
N ARG D 783 11.40 45.33 -54.92
CA ARG D 783 12.75 45.03 -55.38
C ARG D 783 13.19 46.03 -56.41
N ALA D 784 12.22 46.60 -57.11
CA ALA D 784 12.50 47.59 -58.14
C ALA D 784 12.86 48.95 -57.57
N LEU D 785 12.02 49.47 -56.69
CA LEU D 785 12.23 50.79 -56.07
C LEU D 785 12.43 50.62 -54.57
N PRO D 786 13.53 49.98 -54.16
CA PRO D 786 13.82 49.75 -52.72
C PRO D 786 13.67 51.01 -51.85
N GLY D 787 13.15 50.82 -50.64
CA GLY D 787 12.96 51.94 -49.72
C GLY D 787 11.69 52.72 -49.98
N PHE D 788 11.23 52.68 -51.23
CA PHE D 788 10.01 53.37 -51.63
C PHE D 788 8.80 52.79 -50.88
N PRO D 789 8.10 53.63 -50.11
CA PRO D 789 6.91 53.31 -49.29
C PRO D 789 5.79 52.55 -50.01
N ILE D 790 5.40 51.42 -49.44
CA ILE D 790 4.32 50.60 -49.99
C ILE D 790 3.22 50.32 -48.97
N LEU D 791 2.02 50.82 -49.24
CA LEU D 791 0.85 50.59 -48.40
C LEU D 791 0.16 49.42 -49.09
N ALA D 792 0.28 48.24 -48.48
CA ALA D 792 -0.30 47.02 -49.06
C ALA D 792 -1.78 46.88 -48.84
N THR D 793 -2.46 46.28 -49.83
CA THR D 793 -3.90 46.03 -49.77
C THR D 793 -4.28 44.95 -50.77
N GLY D 794 -4.97 43.92 -50.28
CA GLY D 794 -5.40 42.83 -51.13
C GLY D 794 -5.32 41.46 -50.48
N GLY D 795 -6.36 41.10 -49.73
CA GLY D 795 -6.35 39.81 -49.11
C GLY D 795 -5.80 39.73 -47.70
N ILE D 796 -5.57 40.89 -47.05
CA ILE D 796 -5.06 40.85 -45.69
C ILE D 796 -6.27 40.58 -44.79
N ASP D 797 -6.14 39.59 -43.91
CA ASP D 797 -7.25 39.19 -43.05
C ASP D 797 -6.80 38.64 -41.73
N SER D 798 -5.49 38.68 -41.48
CA SER D 798 -4.91 38.16 -40.24
C SER D 798 -3.54 38.72 -39.96
N ALA D 799 -3.12 38.62 -38.72
CA ALA D 799 -1.81 39.09 -38.34
C ALA D 799 -0.79 38.39 -39.23
N GLU D 800 -0.86 37.07 -39.32
CA GLU D 800 0.07 36.32 -40.15
C GLU D 800 0.13 36.85 -41.60
N SER D 801 -1.02 36.96 -42.23
CA SER D 801 -1.09 37.43 -43.62
C SER D 801 -0.45 38.81 -43.72
N GLY D 802 -0.81 39.67 -42.77
CA GLY D 802 -0.26 41.01 -42.76
C GLY D 802 1.26 40.98 -42.68
N LEU D 803 1.79 40.12 -41.81
CA LEU D 803 3.24 40.00 -41.66
C LEU D 803 3.87 39.65 -42.98
N GLN D 804 3.17 38.83 -43.74
CA GLN D 804 3.63 38.41 -45.06
C GLN D 804 3.86 39.62 -45.97
N PHE D 805 2.97 40.62 -45.87
CA PHE D 805 3.14 41.82 -46.70
C PHE D 805 4.26 42.73 -46.19
N LEU D 806 4.48 42.71 -44.88
CA LEU D 806 5.55 43.52 -44.30
C LEU D 806 6.84 42.86 -44.81
N HIS D 807 6.89 41.53 -44.70
CA HIS D 807 8.03 40.77 -45.18
C HIS D 807 8.25 40.97 -46.68
N SER D 808 7.23 41.42 -47.39
CA SER D 808 7.36 41.64 -48.82
C SER D 808 7.68 43.08 -49.19
N GLY D 809 7.94 43.90 -48.18
CA GLY D 809 8.29 45.30 -48.43
C GLY D 809 7.25 46.37 -48.10
N ALA D 810 6.09 45.96 -47.62
CA ALA D 810 5.03 46.92 -47.26
C ALA D 810 5.27 47.38 -45.81
N SER D 811 4.96 48.64 -45.54
CA SER D 811 5.14 49.17 -44.19
C SER D 811 3.82 49.17 -43.42
N VAL D 812 2.74 49.41 -44.15
CA VAL D 812 1.40 49.44 -43.56
C VAL D 812 0.43 48.58 -44.38
N LEU D 813 -0.55 47.99 -43.70
CA LEU D 813 -1.52 47.11 -44.35
C LEU D 813 -2.97 47.62 -44.33
N GLN D 814 -3.57 47.78 -45.52
CA GLN D 814 -4.96 48.22 -45.64
C GLN D 814 -5.86 46.99 -45.62
N VAL D 815 -7.06 47.11 -45.06
CA VAL D 815 -7.98 45.98 -45.00
C VAL D 815 -9.38 46.34 -45.47
N CYS D 816 -10.13 45.37 -45.96
CA CYS D 816 -11.48 45.67 -46.39
C CYS D 816 -12.41 44.48 -46.38
N SER D 817 -12.09 43.48 -47.20
CA SER D 817 -12.91 42.28 -47.31
C SER D 817 -13.00 41.58 -45.97
N ALA D 818 -11.88 41.55 -45.24
CA ALA D 818 -11.85 40.91 -43.92
C ALA D 818 -12.84 41.52 -42.91
N VAL D 819 -13.17 42.79 -43.08
CA VAL D 819 -14.10 43.45 -42.15
C VAL D 819 -15.50 43.31 -42.70
N GLN D 820 -15.58 43.07 -43.99
CA GLN D 820 -16.87 42.87 -44.61
C GLN D 820 -17.35 41.47 -44.23
N ASN D 821 -16.39 40.58 -44.01
CA ASN D 821 -16.68 39.22 -43.63
C ASN D 821 -16.91 39.15 -42.12
N GLN D 822 -16.53 40.22 -41.42
CA GLN D 822 -16.67 40.26 -39.95
C GLN D 822 -17.08 41.63 -39.38
N ASP D 823 -16.16 42.29 -38.69
CA ASP D 823 -16.44 43.62 -38.13
C ASP D 823 -15.15 44.26 -37.59
N PHE D 824 -15.22 45.54 -37.23
CA PHE D 824 -14.05 46.28 -36.73
C PHE D 824 -13.20 45.64 -35.61
N THR D 825 -13.79 44.75 -34.81
CA THR D 825 -13.05 44.14 -33.71
C THR D 825 -11.89 43.26 -34.16
N VAL D 826 -11.87 42.86 -35.43
CA VAL D 826 -10.79 42.02 -35.92
C VAL D 826 -9.46 42.68 -35.59
N ILE D 827 -9.49 43.99 -35.45
CA ILE D 827 -8.28 44.74 -35.13
C ILE D 827 -7.57 44.19 -33.91
N GLN D 828 -8.34 43.84 -32.88
CA GLN D 828 -7.80 43.28 -31.64
C GLN D 828 -7.02 42.02 -31.98
N ASP D 829 -7.58 41.20 -32.86
CA ASP D 829 -6.94 39.95 -33.27
C ASP D 829 -5.63 40.22 -33.98
N TYR D 830 -5.68 41.18 -34.89
CA TYR D 830 -4.52 41.55 -35.65
C TYR D 830 -3.37 41.98 -34.77
N CYS D 831 -3.61 42.93 -33.87
CA CYS D 831 -2.55 43.42 -33.02
C CYS D 831 -2.04 42.36 -32.07
N THR D 832 -2.92 41.74 -31.31
CA THR D 832 -2.45 40.71 -30.39
C THR D 832 -1.73 39.61 -31.16
N GLY D 833 -2.08 39.46 -32.44
CA GLY D 833 -1.45 38.43 -33.25
C GLY D 833 -0.03 38.79 -33.70
N LEU D 834 0.09 39.95 -34.34
CA LEU D 834 1.39 40.40 -34.81
C LEU D 834 2.32 40.44 -33.61
N LYS D 835 1.80 40.87 -32.47
CA LYS D 835 2.62 40.91 -31.26
C LYS D 835 3.20 39.54 -31.00
N ALA D 836 2.32 38.56 -30.84
CA ALA D 836 2.72 37.18 -30.59
C ALA D 836 3.80 36.74 -31.57
N LEU D 837 3.57 37.03 -32.85
CA LEU D 837 4.53 36.63 -33.86
C LEU D 837 5.94 37.17 -33.60
N LEU D 838 6.06 38.49 -33.54
CA LEU D 838 7.36 39.11 -33.30
C LEU D 838 7.95 38.62 -31.99
N TYR D 839 7.14 38.57 -30.94
CA TYR D 839 7.67 38.11 -29.66
C TYR D 839 8.28 36.74 -29.79
N LEU D 840 7.60 35.82 -30.45
CA LEU D 840 8.12 34.46 -30.59
C LEU D 840 9.46 34.36 -31.34
N LYS D 841 9.74 35.31 -32.24
CA LYS D 841 10.99 35.29 -32.99
C LYS D 841 12.20 35.44 -32.08
N SER D 842 11.95 35.71 -30.81
CA SER D 842 13.03 35.89 -29.85
C SER D 842 13.18 34.68 -28.94
N ILE D 843 12.29 33.70 -29.07
CA ILE D 843 12.38 32.50 -28.24
C ILE D 843 13.20 31.45 -28.99
N GLU D 844 14.31 31.08 -28.38
CA GLU D 844 15.20 30.11 -28.98
C GLU D 844 14.62 28.71 -29.04
N GLU D 845 14.00 28.28 -27.93
CA GLU D 845 13.42 26.94 -27.84
C GLU D 845 12.17 26.68 -28.70
N LEU D 846 11.71 27.70 -29.41
CA LEU D 846 10.53 27.55 -30.28
C LEU D 846 10.84 27.87 -31.74
N GLN D 847 12.00 27.42 -32.19
CA GLN D 847 12.43 27.66 -33.56
C GLN D 847 11.79 26.67 -34.53
N GLY D 848 11.42 25.50 -34.02
CA GLY D 848 10.81 24.49 -34.86
C GLY D 848 9.40 24.86 -35.30
N TRP D 849 8.84 25.89 -34.67
CA TRP D 849 7.49 26.35 -34.98
C TRP D 849 7.45 27.22 -36.21
N ASP D 850 6.27 27.30 -36.81
CA ASP D 850 6.08 28.16 -37.97
C ASP D 850 5.10 29.21 -37.47
N GLY D 851 5.63 30.27 -36.88
CA GLY D 851 4.76 31.29 -36.35
C GLY D 851 4.22 30.71 -35.07
N GLN D 852 2.91 30.75 -34.90
CA GLN D 852 2.28 30.23 -33.67
C GLN D 852 1.89 28.78 -33.77
N SER D 853 2.24 28.13 -34.88
CA SER D 853 1.91 26.72 -35.09
C SER D 853 3.07 25.83 -34.69
N PRO D 854 2.90 25.01 -33.65
CA PRO D 854 4.00 24.14 -33.23
C PRO D 854 4.34 23.18 -34.37
N GLY D 855 5.41 22.43 -34.21
CA GLY D 855 5.78 21.48 -35.24
C GLY D 855 4.77 20.33 -35.19
N THR D 856 4.25 19.94 -36.35
CA THR D 856 3.27 18.86 -36.38
C THR D 856 3.84 17.52 -35.87
N GLU D 857 3.06 16.84 -35.03
CA GLU D 857 3.46 15.54 -34.47
C GLU D 857 2.56 14.43 -35.04
N SER D 858 3.01 13.19 -34.96
CA SER D 858 2.23 12.06 -35.45
C SER D 858 0.96 11.94 -34.63
N HIS D 859 -0.18 11.95 -35.30
CA HIS D 859 -1.46 11.87 -34.63
C HIS D 859 -2.51 11.22 -35.51
N GLN D 860 -3.68 11.02 -34.91
CA GLN D 860 -4.85 10.46 -35.57
C GLN D 860 -6.04 11.07 -34.82
N LYS D 861 -6.75 11.97 -35.49
CA LYS D 861 -7.88 12.67 -34.89
C LYS D 861 -7.39 13.75 -33.94
N GLY D 862 -6.09 14.06 -34.04
CA GLY D 862 -5.52 15.09 -33.18
C GLY D 862 -4.76 14.57 -31.98
N LYS D 863 -5.02 13.33 -31.59
CA LYS D 863 -4.34 12.73 -30.46
C LYS D 863 -2.98 12.19 -30.93
N PRO D 864 -1.90 12.50 -30.19
CA PRO D 864 -0.54 12.05 -30.54
C PRO D 864 -0.40 10.53 -30.61
N VAL D 865 0.26 10.05 -31.65
CA VAL D 865 0.47 8.62 -31.85
C VAL D 865 1.49 8.05 -30.85
N PRO D 866 1.06 7.05 -30.04
CA PRO D 866 1.93 6.42 -29.04
C PRO D 866 3.18 5.94 -29.76
N ARG D 867 4.33 6.03 -29.09
CA ARG D 867 5.60 5.59 -29.68
C ARG D 867 6.05 4.22 -29.18
N ILE D 868 5.19 3.22 -29.31
CA ILE D 868 5.52 1.87 -28.88
C ILE D 868 6.34 1.20 -29.98
N ALA D 869 7.46 0.59 -29.59
CA ALA D 869 8.35 -0.09 -30.53
C ALA D 869 7.57 -1.03 -31.45
N GLU D 870 6.91 -2.00 -30.81
CA GLU D 870 6.12 -3.01 -31.50
C GLU D 870 5.11 -2.44 -32.48
N LEU D 871 4.95 -1.11 -32.46
CA LEU D 871 4.02 -0.43 -33.33
C LEU D 871 4.70 0.30 -34.49
N MET D 872 5.96 0.70 -34.29
CA MET D 872 6.70 1.42 -35.33
C MET D 872 7.07 0.51 -36.50
N GLY D 873 6.73 0.96 -37.70
CA GLY D 873 7.04 0.19 -38.89
C GLY D 873 6.44 -1.20 -38.89
N LYS D 874 5.11 -1.27 -38.96
CA LYS D 874 4.40 -2.54 -38.98
C LYS D 874 3.28 -2.50 -40.03
N LYS D 875 3.05 -1.32 -40.58
CA LYS D 875 2.02 -1.11 -41.60
C LYS D 875 0.65 -1.53 -41.09
N LEU D 876 0.26 -0.97 -39.95
CA LEU D 876 -1.03 -1.26 -39.38
C LEU D 876 -1.92 -0.03 -39.44
N PRO D 877 -2.72 0.11 -40.51
CA PRO D 877 -3.62 1.28 -40.63
C PRO D 877 -4.68 1.20 -39.54
N ASN D 878 -5.35 2.32 -39.29
CA ASN D 878 -6.37 2.38 -38.23
C ASN D 878 -7.78 1.95 -38.63
N PHE D 879 -7.88 0.74 -39.18
CA PHE D 879 -9.18 0.21 -39.59
C PHE D 879 -9.14 -1.31 -39.70
N GLY D 880 -10.32 -1.92 -39.64
CA GLY D 880 -10.43 -3.36 -39.74
C GLY D 880 -9.57 -4.12 -38.76
N PRO D 881 -9.16 -5.35 -39.12
CA PRO D 881 -8.32 -6.18 -38.26
C PRO D 881 -7.00 -5.50 -37.85
N TYR D 882 -6.54 -4.55 -38.67
CA TYR D 882 -5.32 -3.85 -38.35
C TYR D 882 -5.52 -3.07 -37.06
N LEU D 883 -6.65 -2.41 -36.95
CA LEU D 883 -6.95 -1.61 -35.76
C LEU D 883 -7.04 -2.53 -34.55
N GLU D 884 -7.61 -3.70 -34.73
CA GLU D 884 -7.74 -4.67 -33.64
C GLU D 884 -6.35 -5.01 -33.11
N GLN D 885 -5.40 -5.20 -34.01
CA GLN D 885 -4.02 -5.51 -33.65
C GLN D 885 -3.41 -4.33 -32.92
N ARG D 886 -3.67 -3.13 -33.43
CA ARG D 886 -3.12 -1.93 -32.82
C ARG D 886 -3.56 -1.81 -31.38
N LYS D 887 -4.84 -2.06 -31.13
CA LYS D 887 -5.43 -1.96 -29.79
C LYS D 887 -4.83 -2.99 -28.81
N LYS D 888 -4.63 -4.22 -29.30
CA LYS D 888 -4.04 -5.29 -28.49
C LYS D 888 -2.62 -4.85 -28.12
N ILE D 889 -1.82 -4.52 -29.14
CA ILE D 889 -0.44 -4.08 -28.94
C ILE D 889 -0.37 -2.94 -27.91
N ILE D 890 -1.35 -2.04 -27.97
CA ILE D 890 -1.39 -0.90 -27.06
C ILE D 890 -1.76 -1.30 -25.64
N ALA D 891 -2.65 -2.27 -25.51
CA ALA D 891 -3.06 -2.75 -24.18
C ALA D 891 -1.91 -3.52 -23.56
N GLU D 892 -1.20 -4.26 -24.40
CA GLU D 892 -0.05 -5.05 -23.98
C GLU D 892 0.99 -4.10 -23.40
N GLU D 893 1.21 -2.97 -24.06
CA GLU D 893 2.17 -1.99 -23.61
C GLU D 893 1.78 -1.37 -22.27
N LYS D 894 0.49 -1.15 -22.09
CA LYS D 894 -0.02 -0.56 -20.85
C LYS D 894 0.22 -1.49 -19.66
N MET D 895 0.04 -2.78 -19.88
CA MET D 895 0.26 -3.76 -18.82
C MET D 895 1.76 -3.84 -18.52
N ARG D 896 2.58 -3.69 -19.55
CA ARG D 896 4.03 -3.71 -19.38
C ARG D 896 4.45 -2.51 -18.55
N LEU D 897 3.87 -1.35 -18.85
CA LEU D 897 4.19 -0.11 -18.12
C LEU D 897 3.68 -0.15 -16.67
N LYS D 898 2.77 -1.07 -16.40
CA LYS D 898 2.21 -1.24 -15.09
C LYS D 898 3.12 -2.09 -14.22
N GLU D 899 3.55 -3.23 -14.76
CA GLU D 899 4.43 -4.15 -14.04
C GLU D 899 5.71 -3.45 -13.55
N GLN D 900 6.40 -2.77 -14.47
CA GLN D 900 7.63 -2.04 -14.17
C GLN D 900 7.37 -1.06 -13.05
N ASN D 901 6.22 -0.42 -13.18
CA ASN D 901 5.71 0.56 -12.25
C ASN D 901 6.66 1.71 -11.96
N PRO D 906 8.05 14.17 -12.93
CA PRO D 906 7.54 15.26 -13.76
C PRO D 906 8.50 16.43 -13.92
N LEU D 907 8.59 16.97 -15.13
CA LEU D 907 9.47 18.11 -15.42
C LEU D 907 8.85 19.38 -14.85
N GLU D 908 9.68 20.23 -14.26
CA GLU D 908 9.17 21.47 -13.71
C GLU D 908 8.87 22.40 -14.89
N ARG D 909 7.81 23.18 -14.78
CA ARG D 909 7.47 24.11 -15.85
C ARG D 909 8.42 25.29 -15.64
N LYS D 910 9.05 25.74 -16.72
CA LYS D 910 10.00 26.85 -16.64
C LYS D 910 9.82 27.80 -17.84
N PRO D 911 9.48 29.08 -17.57
CA PRO D 911 9.26 30.09 -18.61
C PRO D 911 10.40 30.23 -19.62
N PHE D 912 10.04 30.52 -20.85
CA PHE D 912 11.02 30.73 -21.91
C PHE D 912 11.36 32.21 -21.91
N ILE D 913 12.64 32.50 -21.95
CA ILE D 913 13.09 33.89 -21.92
C ILE D 913 13.68 34.33 -23.25
N PRO D 914 13.28 35.52 -23.73
CA PRO D 914 13.80 36.03 -25.01
C PRO D 914 15.32 36.09 -24.97
N LYS D 915 15.98 35.28 -25.79
CA LYS D 915 17.43 35.27 -25.84
C LYS D 915 17.91 36.17 -26.96
N LYS D 916 17.12 37.20 -27.26
CA LYS D 916 17.45 38.17 -28.28
C LYS D 916 16.40 39.26 -28.30
N PRO D 917 16.78 40.46 -28.75
CA PRO D 917 15.81 41.56 -28.80
C PRO D 917 14.62 41.23 -29.69
N ILE D 918 13.43 41.64 -29.26
CA ILE D 918 12.20 41.41 -30.03
C ILE D 918 12.18 42.36 -31.22
N PRO D 919 12.18 41.82 -32.44
CA PRO D 919 12.17 42.66 -33.64
C PRO D 919 11.04 43.68 -33.65
N ALA D 920 11.22 44.71 -34.46
CA ALA D 920 10.21 45.75 -34.60
C ALA D 920 9.84 45.77 -36.07
N ILE D 921 8.67 46.31 -36.38
CA ILE D 921 8.20 46.34 -37.77
C ILE D 921 9.31 46.67 -38.75
N LYS D 922 10.05 47.74 -38.49
CA LYS D 922 11.12 48.13 -39.39
C LYS D 922 12.11 46.99 -39.60
N ASP D 923 12.40 46.28 -38.52
CA ASP D 923 13.33 45.17 -38.58
C ASP D 923 12.89 43.99 -39.46
N VAL D 924 11.62 43.99 -39.86
CA VAL D 924 11.13 42.88 -40.67
C VAL D 924 10.67 43.24 -42.06
N ILE D 925 10.43 44.51 -42.31
CA ILE D 925 9.96 44.89 -43.63
C ILE D 925 10.94 44.37 -44.68
N GLY D 926 10.38 43.83 -45.76
CA GLY D 926 11.18 43.32 -46.87
C GLY D 926 12.17 42.20 -46.60
N LYS D 927 12.25 41.71 -45.38
CA LYS D 927 13.20 40.65 -45.07
C LYS D 927 13.08 39.41 -45.95
N ALA D 928 11.91 39.18 -46.54
CA ALA D 928 11.71 37.99 -47.36
C ALA D 928 12.12 38.20 -48.79
N LEU D 929 12.43 39.44 -49.15
CA LEU D 929 12.82 39.75 -50.51
C LEU D 929 14.07 39.04 -50.97
N GLN D 930 14.93 38.72 -50.01
CA GLN D 930 16.20 38.05 -50.29
C GLN D 930 16.01 36.73 -51.02
N TYR D 931 14.98 35.97 -50.64
CA TYR D 931 14.75 34.68 -51.26
C TYR D 931 14.15 34.77 -52.66
N LEU D 932 13.67 35.94 -53.05
CA LEU D 932 13.10 36.10 -54.37
C LEU D 932 14.20 36.23 -55.42
N GLY D 933 13.97 35.60 -56.57
CA GLY D 933 14.92 35.65 -57.66
C GLY D 933 14.26 35.22 -58.96
N THR D 934 15.04 35.21 -60.03
CA THR D 934 14.57 34.81 -61.36
C THR D 934 14.46 33.29 -61.29
N PHE D 935 14.01 32.66 -62.36
CA PHE D 935 13.91 31.20 -62.32
C PHE D 935 15.31 30.59 -62.43
N GLY D 936 16.19 31.28 -63.17
CA GLY D 936 17.55 30.81 -63.36
C GLY D 936 18.33 30.69 -62.08
N GLU D 937 17.97 31.53 -61.09
CA GLU D 937 18.64 31.51 -59.80
C GLU D 937 18.19 30.34 -58.91
N LEU D 938 17.25 29.56 -59.42
CA LEU D 938 16.71 28.39 -58.71
C LEU D 938 17.54 27.15 -59.08
N SER D 939 18.08 26.47 -58.08
CA SER D 939 18.92 25.28 -58.29
C SER D 939 18.19 24.02 -58.74
N ASN D 940 18.54 23.52 -59.92
CA ASN D 940 17.92 22.30 -60.44
C ASN D 940 18.73 21.05 -60.14
N ILE D 941 19.67 21.18 -59.21
CA ILE D 941 20.49 20.05 -58.81
C ILE D 941 20.04 19.59 -57.43
N GLU D 942 19.45 20.51 -56.66
CA GLU D 942 18.92 20.22 -55.33
C GLU D 942 17.45 19.85 -55.51
N GLN D 943 17.23 18.61 -55.92
CA GLN D 943 15.89 18.07 -56.16
C GLN D 943 15.39 17.40 -54.88
N VAL D 944 14.07 17.28 -54.78
CA VAL D 944 13.44 16.66 -53.62
C VAL D 944 12.39 15.63 -54.03
N VAL D 945 11.93 14.87 -53.05
CA VAL D 945 10.91 13.87 -53.30
C VAL D 945 10.02 13.85 -52.07
N ALA D 946 8.83 13.28 -52.21
CA ALA D 946 7.89 13.20 -51.11
C ALA D 946 8.09 11.96 -50.25
N VAL D 947 7.83 12.11 -48.94
CA VAL D 947 7.95 11.00 -48.00
C VAL D 947 6.71 11.03 -47.10
N ILE D 948 5.95 9.94 -47.10
CA ILE D 948 4.73 9.87 -46.31
C ILE D 948 4.88 9.20 -44.95
N ASP D 949 4.17 9.77 -43.97
CA ASP D 949 4.15 9.31 -42.59
C ASP D 949 2.91 8.42 -42.39
N GLU D 950 3.06 7.12 -42.62
CA GLU D 950 1.94 6.19 -42.50
C GLU D 950 1.12 6.33 -41.22
N GLU D 951 1.77 6.84 -40.17
CA GLU D 951 1.09 7.02 -38.89
C GLU D 951 0.05 8.14 -38.89
N MET D 952 0.24 9.13 -39.76
CA MET D 952 -0.65 10.29 -39.88
C MET D 952 -1.65 10.14 -41.02
N CYS D 953 -1.35 9.22 -41.92
CA CYS D 953 -2.19 8.96 -43.09
C CYS D 953 -3.60 8.48 -42.72
N ILE D 954 -4.61 8.92 -43.48
CA ILE D 954 -5.98 8.48 -43.25
C ILE D 954 -6.51 7.66 -44.45
N ASN D 955 -5.57 7.16 -45.23
CA ASN D 955 -5.81 6.28 -46.38
C ASN D 955 -6.79 6.69 -47.48
N CYS D 956 -7.02 7.99 -47.63
CA CYS D 956 -7.96 8.46 -48.64
C CYS D 956 -7.48 8.14 -50.07
N GLY D 957 -6.17 8.12 -50.27
CA GLY D 957 -5.64 7.82 -51.58
C GLY D 957 -5.65 9.00 -52.52
N LYS D 958 -5.72 10.20 -51.96
CA LYS D 958 -5.74 11.39 -52.79
C LYS D 958 -4.41 11.63 -53.51
N CYS D 959 -3.30 11.43 -52.78
CA CYS D 959 -1.97 11.62 -53.34
C CYS D 959 -1.79 10.71 -54.53
N TYR D 960 -2.25 9.48 -54.35
CA TYR D 960 -2.18 8.44 -55.37
C TYR D 960 -2.84 8.95 -56.65
N MET D 961 -4.06 9.44 -56.53
CA MET D 961 -4.79 9.93 -57.70
C MET D 961 -4.17 11.13 -58.39
N THR D 962 -3.65 12.09 -57.63
CA THR D 962 -3.03 13.26 -58.26
C THR D 962 -1.80 12.84 -59.08
N CYS D 963 -0.97 12.03 -58.45
CA CYS D 963 0.23 11.53 -59.10
C CYS D 963 -0.14 10.65 -60.31
N ASN D 964 -1.31 10.01 -60.25
CA ASN D 964 -1.74 9.14 -61.35
C ASN D 964 -2.26 9.90 -62.57
N ASP D 965 -3.16 10.86 -62.34
CA ASP D 965 -3.73 11.60 -63.45
C ASP D 965 -3.20 13.04 -63.62
N SER D 966 -2.27 13.43 -62.75
CA SER D 966 -1.66 14.76 -62.81
C SER D 966 -0.18 14.65 -62.44
N GLY D 967 0.31 13.43 -62.32
CA GLY D 967 1.71 13.25 -61.95
C GLY D 967 2.54 12.25 -62.73
N TYR D 968 3.35 11.50 -61.99
CA TYR D 968 4.25 10.54 -62.59
C TYR D 968 4.02 9.08 -62.22
N GLN D 969 2.79 8.75 -61.78
CA GLN D 969 2.46 7.38 -61.40
C GLN D 969 3.64 6.85 -60.57
N ALA D 970 3.95 7.56 -59.49
CA ALA D 970 5.07 7.23 -58.63
C ALA D 970 4.65 6.73 -57.24
N ILE D 971 3.36 6.54 -57.03
CA ILE D 971 2.95 6.06 -55.72
C ILE D 971 2.22 4.73 -55.78
N GLN D 972 2.54 3.87 -54.81
CA GLN D 972 1.90 2.58 -54.69
C GLN D 972 0.84 2.72 -53.61
N PHE D 973 -0.35 2.20 -53.88
CA PHE D 973 -1.46 2.25 -52.93
C PHE D 973 -1.88 0.82 -52.63
N ASP D 974 -1.36 0.28 -51.53
CA ASP D 974 -1.66 -1.09 -51.13
C ASP D 974 -3.17 -1.30 -51.14
N PRO D 975 -3.62 -2.42 -51.74
CA PRO D 975 -5.03 -2.80 -51.85
C PRO D 975 -5.66 -3.33 -50.58
N GLU D 976 -4.84 -3.57 -49.56
CA GLU D 976 -5.35 -4.10 -48.30
C GLU D 976 -5.29 -3.13 -47.13
N THR D 977 -4.22 -2.34 -47.07
CA THR D 977 -4.03 -1.37 -46.00
C THR D 977 -4.28 0.06 -46.45
N HIS D 978 -4.50 0.24 -47.75
CA HIS D 978 -4.75 1.57 -48.31
C HIS D 978 -3.71 2.58 -47.83
N LEU D 979 -2.47 2.11 -47.69
CA LEU D 979 -1.35 2.95 -47.29
C LEU D 979 -0.50 3.24 -48.52
N PRO D 980 -0.21 4.52 -48.78
CA PRO D 980 0.59 4.90 -49.94
C PRO D 980 2.10 4.82 -49.66
N THR D 981 2.88 4.66 -50.73
CA THR D 981 4.34 4.64 -50.63
C THR D 981 4.90 5.23 -51.91
N VAL D 982 5.56 6.38 -51.77
CA VAL D 982 6.17 7.07 -52.91
C VAL D 982 7.37 6.24 -53.39
N THR D 983 7.40 5.87 -54.67
CA THR D 983 8.54 5.09 -55.17
C THR D 983 9.60 6.02 -55.73
N ASP D 984 10.69 5.41 -56.19
CA ASP D 984 11.85 6.11 -56.74
C ASP D 984 11.58 6.88 -58.05
N THR D 985 10.39 6.75 -58.61
CA THR D 985 10.03 7.45 -59.85
C THR D 985 9.61 8.88 -59.58
N CYS D 986 9.42 9.16 -58.30
CA CYS D 986 9.02 10.48 -57.79
C CYS D 986 9.93 11.59 -58.36
N THR D 987 9.33 12.71 -58.75
CA THR D 987 10.12 13.81 -59.29
C THR D 987 10.07 15.00 -58.35
N GLY D 988 9.24 14.90 -57.32
CA GLY D 988 9.12 15.98 -56.37
C GLY D 988 8.27 17.15 -56.82
N CYS D 989 7.40 16.95 -57.82
CA CYS D 989 6.56 18.05 -58.29
C CYS D 989 5.81 18.69 -57.12
N THR D 990 5.52 17.85 -56.12
CA THR D 990 4.86 18.24 -54.87
C THR D 990 3.32 18.33 -54.91
N LEU D 991 2.69 17.83 -55.98
CA LEU D 991 1.24 17.90 -56.03
C LEU D 991 0.58 17.05 -54.97
N CYS D 992 1.11 15.85 -54.74
CA CYS D 992 0.52 14.98 -53.73
C CYS D 992 0.38 15.75 -52.42
N LEU D 993 1.52 16.17 -51.86
CA LEU D 993 1.56 16.90 -50.61
C LEU D 993 0.53 18.03 -50.62
N SER D 994 0.35 18.67 -51.77
CA SER D 994 -0.61 19.77 -51.89
C SER D 994 -2.08 19.35 -51.74
N VAL D 995 -2.38 18.11 -52.13
CA VAL D 995 -3.75 17.62 -52.04
C VAL D 995 -4.00 16.74 -50.82
N CYS D 996 -2.95 16.43 -50.07
CA CYS D 996 -3.10 15.62 -48.87
C CYS D 996 -4.00 16.37 -47.89
N PRO D 997 -4.98 15.65 -47.29
CA PRO D 997 -5.94 16.21 -46.33
C PRO D 997 -5.38 16.36 -44.92
N ILE D 998 -4.26 15.69 -44.67
CA ILE D 998 -3.58 15.70 -43.38
C ILE D 998 -2.38 16.65 -43.45
N ILE D 999 -2.40 17.72 -42.64
CA ILE D 999 -1.30 18.66 -42.65
C ILE D 999 -0.01 17.98 -42.20
N ASP D 1000 1.04 18.17 -43.00
CA ASP D 1000 2.36 17.61 -42.73
C ASP D 1000 2.39 16.09 -42.67
N CYS D 1001 1.45 15.44 -43.35
CA CYS D 1001 1.45 13.98 -43.40
C CYS D 1001 2.49 13.66 -44.46
N ILE D 1002 2.50 14.49 -45.49
CA ILE D 1002 3.47 14.34 -46.57
C ILE D 1002 4.49 15.48 -46.44
N ARG D 1003 5.77 15.14 -46.63
CA ARG D 1003 6.84 16.13 -46.54
C ARG D 1003 7.81 15.94 -47.70
N MET D 1004 8.42 17.03 -48.14
CA MET D 1004 9.38 16.93 -49.22
C MET D 1004 10.76 16.87 -48.59
N VAL D 1005 11.55 15.90 -48.98
CA VAL D 1005 12.90 15.77 -48.45
C VAL D 1005 13.90 15.77 -49.59
N SER D 1006 15.18 15.97 -49.25
CA SER D 1006 16.24 16.01 -50.24
C SER D 1006 16.40 14.67 -50.94
N ARG D 1007 16.47 14.71 -52.27
CA ARG D 1007 16.65 13.50 -53.07
C ARG D 1007 18.02 12.89 -52.77
N THR D 1008 18.04 11.63 -52.39
CA THR D 1008 19.31 10.95 -52.09
C THR D 1008 19.96 10.35 -53.34
N THR D 1009 19.13 9.88 -54.26
CA THR D 1009 19.61 9.30 -55.51
C THR D 1009 19.78 10.43 -56.54
N PRO D 1010 20.60 10.21 -57.57
CA PRO D 1010 20.79 11.26 -58.58
C PRO D 1010 19.54 11.45 -59.46
N TYR D 1011 19.13 12.71 -59.63
CA TYR D 1011 17.95 13.03 -60.43
C TYR D 1011 18.26 12.91 -61.92
N GLU D 1012 17.25 12.50 -62.70
CA GLU D 1012 17.41 12.35 -64.14
C GLU D 1012 16.07 12.57 -64.87
N PRO D 1013 15.89 13.74 -65.51
CA PRO D 1013 14.68 14.12 -66.25
C PRO D 1013 14.17 13.04 -67.19
N LYS D 1014 12.86 12.95 -67.34
CA LYS D 1014 12.25 11.98 -68.23
C LYS D 1014 11.96 12.62 -69.59
N ARG D 1015 12.80 12.29 -70.57
CA ARG D 1015 12.69 12.83 -71.93
C ARG D 1015 11.75 12.02 -72.80
N GLY D 1016 11.42 10.81 -72.35
CA GLY D 1016 10.55 9.93 -73.12
C GLY D 1016 11.39 9.25 -74.18
N LEU D 1017 11.92 10.05 -75.10
CA LEU D 1017 12.79 9.54 -76.17
C LEU D 1017 14.16 10.20 -76.03
N PRO D 1018 15.25 9.41 -76.02
CA PRO D 1018 16.60 9.95 -75.90
C PRO D 1018 16.83 11.16 -76.80
N LEU D 1019 17.92 11.87 -76.56
CA LEU D 1019 18.23 13.04 -77.38
C LEU D 1019 19.33 12.75 -78.40
N ALA D 1020 19.30 13.50 -79.51
CA ALA D 1020 20.29 13.36 -80.57
C ALA D 1020 21.26 14.54 -80.51
#